data_6GIY
#
_entry.id   6GIY
#
_cell.length_a   1.000
_cell.length_b   1.000
_cell.length_c   1.000
_cell.angle_alpha   90.00
_cell.angle_beta   90.00
_cell.angle_gamma   90.00
#
_symmetry.space_group_name_H-M   'P 1'
#
loop_
_entity.id
_entity.type
_entity.pdbx_description
1 polymer TssF
2 polymer TssG
3 polymer TssK
#
loop_
_entity_poly.entity_id
_entity_poly.type
_entity_poly.pdbx_seq_one_letter_code
_entity_poly.pdbx_strand_id
1 'polypeptide(L)'
;MDDLTLRYFDAEMRYLREAGKAFAQAHPDRAAMLDLDKAGTPDPCVERLFEGFAFSMGRLRQKIDDDLPELTESLVSMLW
PHYLRTIPSLSVVALTPRLSVMKMAETVPAGLEVTSRPVGPGNTVCRYRTTRAIPLNPLAVEKVVMTTEPDGRSVLKIGF
ACSELADWSQVDLHRLSLYLAAEAPVSSTLHLMMTKRLAALYLRLPGNDERIRIDGWFSPGGFAEEDRLWPKGDSAFSGY
QLLLEYFTFREKFMFVHLNGLENVSLPAGISGFDLEVVLSQPWPADLPVTDDALCLHCVPVINLFTLEADPLIINGLESE
YLLRPKRLQDGYTEIYSVDAVTGSGRTGSAEYVPFTSFRHRGGMLRHDAPERYYHTRVKRGVTGMYDTWLILGGQRWEAD
RMPERETLSLRITGTNGQLPRRALQSTLLDRCEQVLQAPVSVRNLCKPTLPVYPPTEDRFHWRVMSHLGTGFLNMLSSAE
VLRGTLALYNWRDDELNHRRLDAILAVQHHRIQRFEKGFLLRGLDVEVTLDGNGFAGEGDIHLFGEMLNRFLALYADMNQ
FNQLTLIVQPEGKCIRWKENHNPRLPG
;
A,B
2 'polypeptide(L)'
;MHPVERKSQSAPARLITRYRKQLPYINFYRFCQLLEQSQPDQPPIGSGWQARQEAVRFCPYPGMGFPASEIKDAVIPEES
HLPPIVHVTFMGLYGVTSPLPAHYISDIAQQREGHEAAADFLDIFSHRLITQYYRIWRKYSYPATFEAGGQDKTSQYLLG
LARLGIPGCAQNIATPVSRFLALLPLMLLPGRTAEGLTSLVTLLAPGTQARVWHHDRRRIPLKTPLTMRVHHPVSLKSRP
VMGDHATDVNGQVLLQLSTQTGSEVQGWLPGGHLYSDLLALLHVYLGSRLDVRLQLCVERSLLPDARLSCRPAAGSPQLG
RTAVMRTQAKIATSAARVMTISLGRYQRVQEHYQRKETQENGDYRW
;
C
3 'polypeptide(L)'
;MKIYRPLWEDGAFLMPQQFQQQAAWDVHLADSVARMGLAHPWGVVAAEFDDSLLPLSRLNATRLIVRFPDGTLIDTERAD
NLPPVCDLSTVSDRSLVDIVLALPLLNANGGNLDNGSESERPRRWKSERVNVQELAGHEQSEVAVLRHNLTLRMAHQENA
AWLTCPVTRLVRDAQGQWCRDPRFIPPLLTLSASPSLMTELLELLHHLQARRQRLMSMRRENNARLADFAVADVSLFWLL
NALNSAEPVLKELLDMPYRHPELLYRELARLAGSLLTFSLEHNVDAVPAYHHETPENVFPPLLSLLNRLLEASLPSRVVF
IELKQKGVMWEGALHDARLREGADFWLSVRSSMPGHELQTKFPQLCKAGSPDDVSEVVNVALSGVIIRPVTHVPAAIPLR
LENQYFALDLSTDAARAMLDAGRCTFYTPASLGDVKLELFAVLR
;
D,E,F,G,H,I
#
# COMPACT_ATOMS: atom_id res chain seq x y z
N LEU A 4 28.50 75.04 -19.62
CA LEU A 4 29.85 75.08 -20.13
C LEU A 4 30.81 75.80 -19.19
N THR A 5 30.87 77.12 -19.35
CA THR A 5 31.99 77.92 -18.83
C THR A 5 31.69 78.60 -17.49
N LEU A 6 30.42 78.73 -17.11
CA LEU A 6 30.10 79.29 -15.80
C LEU A 6 30.34 78.28 -14.70
N ARG A 7 29.96 77.01 -14.93
CA ARG A 7 30.23 75.97 -13.96
C ARG A 7 31.67 75.49 -14.01
N TYR A 8 32.46 75.94 -14.99
CA TYR A 8 33.91 75.91 -14.86
C TYR A 8 34.35 76.84 -13.74
N PHE A 9 33.73 78.03 -13.68
CA PHE A 9 34.10 79.02 -12.69
C PHE A 9 33.60 78.65 -11.31
N ASP A 10 32.57 77.81 -11.24
CA ASP A 10 31.96 77.46 -9.96
C ASP A 10 32.90 76.60 -9.10
N ALA A 11 33.65 75.69 -9.74
CA ALA A 11 34.58 74.86 -9.00
C ALA A 11 35.76 75.67 -8.48
N GLU A 12 36.06 76.79 -9.14
CA GLU A 12 37.11 77.68 -8.65
C GLU A 12 36.67 78.37 -7.37
N MET A 13 35.48 78.97 -7.38
CA MET A 13 35.00 79.68 -6.20
C MET A 13 34.54 78.73 -5.11
N ARG A 14 34.20 77.49 -5.45
CA ARG A 14 33.88 76.53 -4.42
C ARG A 14 35.12 76.14 -3.63
N TYR A 15 36.19 75.78 -4.33
CA TYR A 15 37.34 75.18 -3.65
C TYR A 15 38.18 76.25 -2.98
N LEU A 16 38.18 77.47 -3.51
CA LEU A 16 38.87 78.58 -2.88
C LEU A 16 38.23 78.91 -1.53
N ARG A 17 36.91 78.81 -1.46
CA ARG A 17 36.25 78.93 -0.17
C ARG A 17 36.46 77.68 0.67
N GLU A 18 36.57 76.52 0.00
CA GLU A 18 36.72 75.27 0.74
C GLU A 18 38.12 75.12 1.28
N ALA A 19 39.13 75.26 0.43
CA ALA A 19 40.51 75.15 0.90
C ALA A 19 40.97 76.39 1.65
N GLY A 20 40.29 77.52 1.48
CA GLY A 20 40.72 78.74 2.13
C GLY A 20 40.25 78.89 3.56
N LYS A 21 39.00 78.55 3.83
CA LYS A 21 38.41 78.75 5.15
C LYS A 21 38.00 77.44 5.82
N ALA A 22 37.38 76.53 5.09
CA ALA A 22 36.97 75.25 5.66
C ALA A 22 38.13 74.29 5.85
N PHE A 23 39.30 74.61 5.30
CA PHE A 23 40.51 73.84 5.54
C PHE A 23 41.39 74.52 6.58
N ALA A 24 41.14 75.79 6.87
CA ALA A 24 41.98 76.57 7.78
C ALA A 24 41.56 76.45 9.23
N GLN A 25 40.25 76.51 9.52
CA GLN A 25 39.78 76.57 10.90
C GLN A 25 38.92 75.39 11.30
N ALA A 26 38.32 74.69 10.35
CA ALA A 26 37.43 73.57 10.65
C ALA A 26 38.18 72.29 11.00
N HIS A 27 39.50 72.33 11.10
CA HIS A 27 40.28 71.17 11.53
C HIS A 27 41.28 71.63 12.58
N PRO A 28 40.83 72.00 13.78
CA PRO A 28 41.67 72.80 14.69
C PRO A 28 42.82 72.01 15.32
N ASP A 29 42.75 70.69 15.22
CA ASP A 29 43.74 69.81 15.81
C ASP A 29 45.06 69.94 15.06
N ARG A 30 44.98 69.82 13.73
CA ARG A 30 46.13 70.05 12.89
C ARG A 30 46.17 71.46 12.31
N ALA A 31 45.17 72.30 12.63
CA ALA A 31 45.35 73.74 12.52
C ALA A 31 46.07 74.30 13.74
N ALA A 32 46.39 73.46 14.72
CA ALA A 32 47.45 73.78 15.66
C ALA A 32 48.83 73.57 15.04
N MET A 33 48.89 72.88 13.90
CA MET A 33 50.14 72.75 13.15
C MET A 33 50.18 73.64 11.92
N LEU A 34 49.11 74.37 11.63
CA LEU A 34 49.08 75.31 10.51
C LEU A 34 48.14 76.46 10.82
N ASP A 35 48.68 77.68 10.88
CA ASP A 35 47.87 78.89 11.08
C ASP A 35 47.81 79.63 9.75
N LEU A 36 46.67 79.50 9.08
CA LEU A 36 46.60 79.89 7.67
C LEU A 36 46.19 81.35 7.51
N ASP A 37 45.37 81.85 8.43
CA ASP A 37 44.91 83.24 8.31
C ASP A 37 45.97 84.23 8.76
N LYS A 38 46.49 84.08 9.98
CA LYS A 38 47.32 85.08 10.64
C LYS A 38 48.71 85.20 10.03
N ALA A 39 49.19 84.17 9.34
CA ALA A 39 50.59 84.14 8.92
C ALA A 39 50.83 85.07 7.73
N GLY A 40 49.76 85.46 7.03
CA GLY A 40 49.92 86.40 5.94
C GLY A 40 50.35 85.77 4.63
N THR A 41 50.07 86.44 3.54
CA THR A 41 50.41 85.92 2.22
C THR A 41 51.92 85.96 2.01
N PRO A 42 52.47 85.07 1.18
CA PRO A 42 53.90 85.18 0.85
C PRO A 42 54.19 86.41 0.01
N ASP A 43 55.47 86.77 -0.03
CA ASP A 43 55.89 87.90 -0.87
C ASP A 43 55.63 87.69 -2.38
N PRO A 44 55.97 86.58 -3.04
CA PRO A 44 55.80 86.53 -4.50
C PRO A 44 54.36 86.33 -4.93
N CYS A 45 54.18 86.39 -6.26
CA CYS A 45 52.94 85.97 -6.91
C CYS A 45 52.99 84.45 -7.05
N VAL A 46 52.79 83.78 -5.92
CA VAL A 46 52.98 82.35 -5.82
C VAL A 46 51.67 81.73 -5.37
N GLU A 47 50.83 82.53 -4.72
CA GLU A 47 49.49 82.10 -4.37
C GLU A 47 48.51 82.29 -5.52
N ARG A 48 48.75 83.26 -6.41
CA ARG A 48 47.80 83.53 -7.48
C ARG A 48 47.99 82.60 -8.66
N LEU A 49 49.19 82.04 -8.81
CA LEU A 49 49.41 81.04 -9.84
C LEU A 49 48.81 79.69 -9.46
N PHE A 50 49.03 79.27 -8.22
CA PHE A 50 48.74 77.89 -7.86
C PHE A 50 47.26 77.69 -7.54
N GLU A 51 46.57 78.78 -7.20
CA GLU A 51 45.11 78.74 -7.16
C GLU A 51 44.54 78.68 -8.58
N GLY A 52 45.30 79.16 -9.55
CA GLY A 52 44.91 78.95 -10.94
C GLY A 52 45.41 77.63 -11.50
N PHE A 53 46.20 76.90 -10.70
CA PHE A 53 46.78 75.64 -11.18
C PHE A 53 46.21 74.45 -10.43
N ALA A 54 46.25 74.49 -9.09
CA ALA A 54 45.77 73.34 -8.31
C ALA A 54 44.25 73.28 -8.24
N PHE A 55 43.58 74.38 -8.56
CA PHE A 55 42.11 74.35 -8.61
C PHE A 55 41.62 74.08 -10.03
N SER A 56 42.44 74.38 -11.03
CA SER A 56 42.05 74.12 -12.41
C SER A 56 42.02 72.64 -12.72
N MET A 57 42.91 71.86 -12.10
CA MET A 57 42.86 70.43 -12.29
C MET A 57 41.73 69.82 -11.48
N GLY A 58 41.28 70.52 -10.45
CA GLY A 58 40.07 70.11 -9.75
C GLY A 58 38.82 70.25 -10.60
N ARG A 59 38.88 71.07 -11.64
CA ARG A 59 37.74 71.23 -12.53
C ARG A 59 37.53 69.98 -13.38
N LEU A 60 38.54 69.61 -14.17
CA LEU A 60 38.34 68.62 -15.21
C LEU A 60 38.22 67.21 -14.61
N ARG A 61 38.77 67.01 -13.42
CA ARG A 61 38.64 65.71 -12.77
C ARG A 61 37.20 65.46 -12.31
N GLN A 62 36.54 66.50 -11.78
CA GLN A 62 35.13 66.33 -11.44
C GLN A 62 34.27 66.26 -12.68
N LYS A 63 34.68 66.93 -13.76
CA LYS A 63 33.88 66.88 -14.98
C LYS A 63 34.03 65.53 -15.67
N ILE A 64 35.11 64.80 -15.37
CA ILE A 64 35.14 63.37 -15.71
C ILE A 64 34.18 62.60 -14.82
N ASP A 65 34.12 62.95 -13.52
CA ASP A 65 33.24 62.25 -12.59
C ASP A 65 31.77 62.48 -12.89
N ASP A 66 31.44 63.51 -13.65
CA ASP A 66 30.07 63.73 -14.10
C ASP A 66 29.85 63.26 -15.53
N ASP A 67 30.62 62.27 -15.97
CA ASP A 67 30.44 61.66 -17.29
C ASP A 67 30.19 60.16 -17.21
N LEU A 68 31.01 59.44 -16.46
CA LEU A 68 30.90 57.98 -16.40
C LEU A 68 29.67 57.43 -15.66
N PRO A 69 29.15 58.03 -14.57
CA PRO A 69 27.86 57.55 -14.06
C PRO A 69 26.68 57.82 -15.00
N GLU A 70 26.87 58.64 -16.02
CA GLU A 70 25.86 58.74 -17.06
C GLU A 70 25.98 57.60 -18.06
N LEU A 71 27.10 56.87 -18.04
CA LEU A 71 27.28 55.74 -18.95
C LEU A 71 27.18 54.41 -18.19
N THR A 72 27.81 54.33 -17.02
CA THR A 72 27.85 53.08 -16.27
C THR A 72 26.48 52.67 -15.78
N GLU A 73 25.70 53.64 -15.29
CA GLU A 73 24.35 53.35 -14.85
C GLU A 73 23.44 53.01 -16.02
N SER A 74 23.79 53.48 -17.21
CA SER A 74 23.06 53.03 -18.39
C SER A 74 23.46 51.62 -18.78
N LEU A 75 24.67 51.23 -18.45
CA LEU A 75 25.23 49.96 -18.93
C LEU A 75 24.90 48.80 -18.00
N VAL A 76 25.03 48.99 -16.70
CA VAL A 76 24.72 47.92 -15.75
C VAL A 76 23.20 47.74 -15.63
N SER A 77 22.42 48.77 -15.97
CA SER A 77 20.97 48.61 -15.96
C SER A 77 20.46 48.10 -17.30
N MET A 78 21.35 47.65 -18.18
CA MET A 78 20.92 47.01 -19.41
C MET A 78 21.01 45.49 -19.23
N LEU A 79 21.17 45.03 -18.00
CA LEU A 79 21.33 43.60 -17.79
C LEU A 79 20.02 42.81 -17.88
N TRP A 80 19.06 42.99 -16.95
CA TRP A 80 17.82 42.21 -17.08
C TRP A 80 16.88 42.77 -18.14
N PRO A 81 16.51 44.06 -18.13
CA PRO A 81 15.85 44.58 -19.33
C PRO A 81 16.88 44.76 -20.43
N HIS A 82 16.38 44.90 -21.65
CA HIS A 82 17.25 44.99 -22.81
C HIS A 82 16.80 46.14 -23.68
N TYR A 83 16.61 47.30 -23.07
CA TYR A 83 15.88 48.38 -23.72
C TYR A 83 16.64 49.68 -23.79
N LEU A 84 17.94 49.64 -24.06
CA LEU A 84 18.61 50.75 -24.73
C LEU A 84 18.61 50.56 -26.24
N ARG A 85 17.87 49.57 -26.73
CA ARG A 85 17.77 49.30 -28.15
C ARG A 85 16.79 50.26 -28.83
N THR A 86 16.43 49.91 -30.05
CA THR A 86 15.42 50.62 -30.81
C THR A 86 14.56 49.59 -31.53
N ILE A 87 13.43 50.04 -32.06
CA ILE A 87 12.50 49.16 -32.76
C ILE A 87 12.42 49.62 -34.21
N PRO A 88 12.52 48.73 -35.19
CA PRO A 88 12.34 49.15 -36.59
C PRO A 88 10.88 49.31 -36.97
N SER A 89 10.64 49.57 -38.26
CA SER A 89 9.31 49.71 -38.83
C SER A 89 8.88 48.41 -39.49
N LEU A 90 7.57 48.28 -39.72
CA LEU A 90 6.96 47.02 -40.16
C LEU A 90 5.52 47.28 -40.57
N SER A 91 5.06 46.54 -41.58
CA SER A 91 3.70 46.63 -42.09
C SER A 91 3.36 45.34 -42.80
N VAL A 92 2.08 44.96 -42.74
CA VAL A 92 1.67 43.62 -43.13
C VAL A 92 1.76 43.43 -44.65
N VAL A 93 2.31 42.29 -45.05
CA VAL A 93 2.48 41.93 -46.46
C VAL A 93 1.56 40.75 -46.75
N ALA A 94 0.85 40.83 -47.88
CA ALA A 94 0.00 39.74 -48.34
C ALA A 94 0.60 39.12 -49.60
N LEU A 95 0.46 37.80 -49.72
CA LEU A 95 1.09 37.06 -50.79
C LEU A 95 0.08 36.09 -51.40
N THR A 96 0.15 35.96 -52.73
CA THR A 96 -0.77 35.07 -53.44
C THR A 96 -0.07 34.44 -54.65
N PRO A 97 0.07 33.12 -54.69
CA PRO A 97 0.61 32.47 -55.88
C PRO A 97 -0.37 32.49 -57.03
N ARG A 98 0.13 32.19 -58.22
CA ARG A 98 -0.75 32.11 -59.38
C ARG A 98 -1.46 30.76 -59.41
N LEU A 99 -2.53 30.70 -60.20
CA LEU A 99 -3.48 29.60 -60.13
C LEU A 99 -3.17 28.45 -61.07
N SER A 100 -2.51 28.71 -62.21
CA SER A 100 -2.19 27.64 -63.14
C SER A 100 -1.06 26.74 -62.63
N VAL A 101 -0.29 27.21 -61.65
CA VAL A 101 0.82 26.47 -61.11
C VAL A 101 0.44 25.82 -59.77
N MET A 102 -0.85 25.52 -59.60
CA MET A 102 -1.39 24.88 -58.41
C MET A 102 -0.98 23.40 -58.32
N LYS A 103 -0.37 22.86 -59.37
CA LYS A 103 0.00 21.43 -59.46
C LYS A 103 1.12 21.15 -58.48
N MET A 104 0.74 20.56 -57.34
CA MET A 104 1.55 20.40 -56.14
C MET A 104 2.12 21.76 -55.70
N ALA A 105 1.19 22.62 -55.29
CA ALA A 105 1.52 23.99 -54.89
C ALA A 105 2.02 24.05 -53.46
N GLU A 106 3.16 23.41 -53.18
CA GLU A 106 3.75 23.49 -51.85
C GLU A 106 4.52 24.79 -51.70
N THR A 107 4.32 25.48 -50.58
CA THR A 107 5.03 26.72 -50.31
C THR A 107 6.47 26.38 -49.95
N VAL A 108 7.42 27.13 -50.50
CA VAL A 108 8.84 26.90 -50.26
C VAL A 108 9.40 28.12 -49.53
N PRO A 109 9.43 28.14 -48.19
CA PRO A 109 9.98 29.27 -47.43
C PRO A 109 11.47 29.12 -47.11
N ALA A 110 12.28 28.84 -48.14
CA ALA A 110 13.70 28.61 -47.90
C ALA A 110 14.47 29.92 -47.87
N GLY A 111 14.49 30.63 -48.99
CA GLY A 111 15.14 31.91 -49.06
C GLY A 111 14.38 32.83 -49.99
N LEU A 112 13.97 33.99 -49.48
CA LEU A 112 13.10 34.89 -50.23
C LEU A 112 13.73 36.26 -50.34
N GLU A 113 12.96 37.20 -50.87
CA GLU A 113 13.31 38.61 -50.85
C GLU A 113 12.16 39.38 -50.22
N VAL A 114 12.21 40.69 -50.36
CA VAL A 114 11.07 41.56 -50.08
C VAL A 114 10.85 42.44 -51.30
N THR A 115 9.79 43.23 -51.24
CA THR A 115 9.58 44.29 -52.20
C THR A 115 9.79 45.63 -51.49
N SER A 116 9.99 46.69 -52.27
CA SER A 116 10.52 47.93 -51.74
C SER A 116 9.88 49.09 -52.50
N ARG A 117 10.29 50.31 -52.15
CA ARG A 117 9.72 51.51 -52.76
C ARG A 117 10.70 52.65 -52.61
N PRO A 118 11.07 53.32 -53.70
CA PRO A 118 11.92 54.51 -53.60
C PRO A 118 11.20 55.68 -52.95
N VAL A 119 11.95 56.43 -52.14
CA VAL A 119 11.36 57.47 -51.28
C VAL A 119 12.43 58.49 -50.91
N GLY A 120 12.03 59.77 -50.80
CA GLY A 120 12.87 60.81 -50.27
C GLY A 120 13.99 61.19 -51.20
N PRO A 121 15.23 61.23 -50.68
CA PRO A 121 16.39 61.47 -51.53
C PRO A 121 16.82 60.25 -52.33
N GLY A 122 15.92 59.71 -53.15
CA GLY A 122 16.17 58.49 -53.90
C GLY A 122 16.35 57.24 -53.07
N ASN A 123 16.05 57.29 -51.78
CA ASN A 123 16.33 56.17 -50.88
C ASN A 123 15.29 55.07 -51.09
N THR A 124 15.76 53.82 -50.97
CA THR A 124 14.88 52.68 -51.16
C THR A 124 14.76 51.90 -49.86
N VAL A 125 13.98 50.82 -49.91
CA VAL A 125 13.68 50.03 -48.72
C VAL A 125 14.45 48.71 -48.80
N CYS A 126 14.96 48.26 -47.66
CA CYS A 126 15.50 46.92 -47.52
C CYS A 126 14.83 46.26 -46.32
N ARG A 127 13.65 45.69 -46.54
CA ARG A 127 13.03 44.88 -45.50
C ARG A 127 13.71 43.52 -45.45
N TYR A 128 13.49 42.81 -44.35
CA TYR A 128 14.10 41.49 -44.15
C TYR A 128 13.19 40.44 -44.74
N ARG A 129 13.76 39.48 -45.45
CA ARG A 129 12.94 38.49 -46.13
C ARG A 129 12.35 37.50 -45.13
N THR A 130 11.41 36.71 -45.60
CA THR A 130 10.68 35.84 -44.71
C THR A 130 11.09 34.39 -44.89
N THR A 131 11.38 33.75 -43.76
CA THR A 131 11.45 32.29 -43.68
C THR A 131 10.38 31.72 -42.77
N ARG A 132 9.39 32.52 -42.36
CA ARG A 132 8.23 32.03 -41.62
C ARG A 132 7.41 31.17 -42.57
N ALA A 133 7.25 29.92 -42.20
CA ALA A 133 6.77 28.87 -43.10
C ALA A 133 5.27 28.94 -43.30
N ILE A 134 4.86 28.55 -44.50
CA ILE A 134 3.45 28.30 -44.83
C ILE A 134 3.36 26.84 -45.20
N PRO A 135 2.47 26.05 -44.56
CA PRO A 135 2.40 24.62 -44.85
C PRO A 135 1.89 24.32 -46.25
N LEU A 136 0.74 24.90 -46.59
CA LEU A 136 0.17 24.78 -47.92
C LEU A 136 -0.33 26.14 -48.37
N ASN A 137 -0.19 26.43 -49.65
CA ASN A 137 -0.83 27.58 -50.24
C ASN A 137 -2.35 27.43 -50.15
N PRO A 138 -3.08 28.54 -50.10
CA PRO A 138 -4.54 28.43 -50.19
C PRO A 138 -4.97 28.05 -51.60
N LEU A 139 -6.22 27.62 -51.72
CA LEU A 139 -6.77 27.49 -53.06
C LEU A 139 -6.99 28.86 -53.67
N ALA A 140 -7.92 29.63 -53.10
CA ALA A 140 -8.18 31.02 -53.42
C ALA A 140 -9.09 31.59 -52.35
N VAL A 141 -9.31 32.90 -52.40
CA VAL A 141 -10.38 33.55 -51.66
C VAL A 141 -11.51 33.85 -52.63
N GLU A 142 -12.63 33.13 -52.48
CA GLU A 142 -13.79 33.44 -53.28
C GLU A 142 -14.48 34.65 -52.68
N LYS A 143 -15.45 35.21 -53.40
CA LYS A 143 -15.99 36.54 -53.11
C LYS A 143 -16.87 36.45 -51.86
N VAL A 144 -16.21 36.59 -50.70
CA VAL A 144 -16.84 36.40 -49.42
C VAL A 144 -17.80 37.55 -49.13
N VAL A 145 -19.05 37.18 -48.89
CA VAL A 145 -20.09 38.12 -48.49
C VAL A 145 -20.68 37.60 -47.19
N MET A 146 -20.74 38.47 -46.19
CA MET A 146 -21.21 38.09 -44.86
C MET A 146 -22.71 37.85 -44.95
N THR A 147 -23.09 36.59 -45.16
CA THR A 147 -24.47 36.21 -45.41
C THR A 147 -25.22 36.20 -44.08
N THR A 148 -25.95 37.29 -43.84
CA THR A 148 -26.72 37.45 -42.61
C THR A 148 -27.86 36.46 -42.56
N GLU A 149 -28.05 35.85 -41.40
CA GLU A 149 -28.97 34.75 -41.18
C GLU A 149 -29.74 34.98 -39.89
N PRO A 150 -30.88 34.30 -39.70
CA PRO A 150 -31.66 34.52 -38.47
C PRO A 150 -30.99 34.07 -37.17
N ASP A 151 -29.85 33.39 -37.22
CA ASP A 151 -29.07 33.13 -36.01
C ASP A 151 -27.89 34.08 -35.85
N GLY A 152 -27.79 35.08 -36.72
CA GLY A 152 -26.63 35.96 -36.67
C GLY A 152 -25.42 35.46 -37.41
N ARG A 153 -25.60 34.47 -38.30
CA ARG A 153 -24.49 33.92 -39.06
C ARG A 153 -24.04 34.90 -40.15
N SER A 154 -22.81 34.71 -40.62
CA SER A 154 -22.25 35.50 -41.71
C SER A 154 -21.07 34.72 -42.28
N VAL A 155 -21.21 34.22 -43.52
CA VAL A 155 -20.42 33.10 -44.00
C VAL A 155 -19.34 33.56 -44.97
N LEU A 156 -18.26 32.79 -45.02
CA LEU A 156 -17.24 32.82 -46.05
C LEU A 156 -17.46 31.71 -47.08
N LYS A 157 -16.87 31.90 -48.26
CA LYS A 157 -16.75 30.84 -49.25
C LYS A 157 -15.38 30.94 -49.91
N ILE A 158 -14.74 29.79 -50.12
CA ILE A 158 -13.45 29.70 -50.79
C ILE A 158 -13.46 28.48 -51.71
N GLY A 159 -12.57 28.48 -52.69
CA GLY A 159 -12.39 27.31 -53.52
C GLY A 159 -11.73 27.55 -54.86
N PHE A 160 -10.83 26.64 -55.26
CA PHE A 160 -10.24 26.63 -56.59
C PHE A 160 -9.66 25.24 -56.86
N ALA A 161 -9.75 24.82 -58.12
CA ALA A 161 -9.17 23.55 -58.55
C ALA A 161 -8.83 23.62 -60.03
N CYS A 162 -7.55 23.52 -60.34
CA CYS A 162 -7.10 23.31 -61.71
C CYS A 162 -5.96 22.31 -61.76
N SER A 163 -5.86 21.42 -60.77
CA SER A 163 -4.62 20.69 -60.54
C SER A 163 -4.82 19.33 -59.88
N GLU A 164 -3.72 18.83 -59.29
CA GLU A 164 -3.60 17.50 -58.71
C GLU A 164 -3.92 17.49 -57.22
N LEU A 165 -4.92 18.30 -56.82
CA LEU A 165 -5.17 18.62 -55.41
C LEU A 165 -5.47 17.41 -54.54
N ALA A 166 -5.86 16.27 -55.14
CA ALA A 166 -6.14 15.06 -54.37
C ALA A 166 -4.90 14.54 -53.67
N ASP A 167 -3.75 14.61 -54.36
CA ASP A 167 -2.50 14.17 -53.75
C ASP A 167 -1.82 15.28 -52.96
N TRP A 168 -1.91 16.52 -53.44
CA TRP A 168 -1.23 17.63 -52.79
C TRP A 168 -1.83 17.99 -51.45
N SER A 169 -3.16 18.17 -51.40
CA SER A 169 -3.81 18.53 -50.15
C SER A 169 -3.89 17.34 -49.20
N GLN A 170 -3.61 16.13 -49.70
CA GLN A 170 -3.45 14.97 -48.84
C GLN A 170 -2.21 15.07 -47.96
N VAL A 171 -1.22 15.88 -48.36
CA VAL A 171 0.05 15.92 -47.65
C VAL A 171 -0.08 16.71 -46.34
N ASP A 172 -0.41 18.01 -46.43
CA ASP A 172 -0.24 18.87 -45.27
C ASP A 172 -1.41 19.83 -45.01
N LEU A 173 -2.65 19.39 -45.18
CA LEU A 173 -3.77 20.27 -44.91
C LEU A 173 -4.25 20.16 -43.46
N HIS A 174 -3.62 19.30 -42.66
CA HIS A 174 -4.21 18.89 -41.39
C HIS A 174 -4.11 19.99 -40.33
N ARG A 175 -2.99 20.68 -40.27
CA ARG A 175 -2.80 21.71 -39.24
C ARG A 175 -2.48 23.03 -39.90
N LEU A 176 -3.27 23.38 -40.90
CA LEU A 176 -3.18 24.67 -41.57
C LEU A 176 -3.92 25.69 -40.74
N SER A 177 -3.34 26.10 -39.62
CA SER A 177 -3.96 27.07 -38.71
C SER A 177 -3.85 28.45 -39.33
N LEU A 178 -4.70 28.70 -40.32
CA LEU A 178 -4.51 29.80 -41.26
C LEU A 178 -5.64 30.80 -41.07
N TYR A 179 -5.34 32.07 -41.30
CA TYR A 179 -6.01 33.15 -40.59
C TYR A 179 -6.42 34.26 -41.54
N LEU A 180 -6.83 35.38 -40.93
CA LEU A 180 -7.28 36.56 -41.65
C LEU A 180 -7.07 37.78 -40.75
N ALA A 181 -7.24 38.96 -41.33
CA ALA A 181 -7.16 40.21 -40.57
C ALA A 181 -8.00 41.27 -41.25
N ALA A 182 -8.50 42.19 -40.45
CA ALA A 182 -9.34 43.31 -40.90
C ALA A 182 -9.24 44.41 -39.84
N GLU A 183 -10.18 45.34 -39.88
CA GLU A 183 -10.22 46.38 -38.86
C GLU A 183 -10.86 45.85 -37.58
N ALA A 184 -10.33 46.34 -36.46
CA ALA A 184 -10.54 45.81 -35.11
C ALA A 184 -11.98 45.81 -34.59
N PRO A 185 -12.86 46.79 -34.89
CA PRO A 185 -14.28 46.59 -34.51
C PRO A 185 -14.98 45.50 -35.31
N VAL A 186 -14.42 45.08 -36.44
CA VAL A 186 -15.04 44.05 -37.26
C VAL A 186 -14.27 42.73 -37.21
N SER A 187 -12.94 42.76 -37.33
CA SER A 187 -12.09 41.58 -37.29
C SER A 187 -12.15 40.86 -35.95
N SER A 188 -12.00 41.61 -34.85
CA SER A 188 -11.97 40.99 -33.53
C SER A 188 -13.36 40.63 -33.05
N THR A 189 -14.39 41.10 -33.75
CA THR A 189 -15.76 40.68 -33.47
C THR A 189 -15.93 39.20 -33.78
N LEU A 190 -15.33 38.73 -34.88
CA LEU A 190 -15.26 37.29 -35.10
C LEU A 190 -14.38 36.59 -34.08
N HIS A 191 -13.38 37.28 -33.53
CA HIS A 191 -12.48 36.65 -32.57
C HIS A 191 -13.21 36.38 -31.26
N LEU A 192 -14.11 37.31 -30.90
CA LEU A 192 -15.05 37.08 -29.82
C LEU A 192 -16.02 35.95 -30.13
N MET A 193 -16.26 35.68 -31.42
CA MET A 193 -17.15 34.58 -31.76
C MET A 193 -16.41 33.35 -32.22
N MET A 194 -15.11 33.46 -32.57
CA MET A 194 -14.28 32.28 -32.80
C MET A 194 -14.16 31.43 -31.55
N THR A 195 -14.11 32.05 -30.38
CA THR A 195 -14.21 31.30 -29.14
C THR A 195 -15.63 30.88 -28.81
N LYS A 196 -16.62 31.43 -29.51
CA LYS A 196 -18.01 31.10 -29.24
C LYS A 196 -18.67 30.36 -30.40
N ARG A 197 -17.91 29.57 -31.17
CA ARG A 197 -18.47 28.86 -32.30
C ARG A 197 -19.34 27.71 -31.82
N LEU A 198 -20.47 27.54 -32.50
CA LEU A 198 -21.42 26.46 -32.26
C LEU A 198 -21.03 25.29 -33.15
N ALA A 199 -21.98 24.38 -33.37
CA ALA A 199 -21.75 23.14 -34.12
C ALA A 199 -21.17 23.38 -35.52
N ALA A 200 -21.56 24.48 -36.18
CA ALA A 200 -21.14 24.83 -37.54
C ALA A 200 -21.40 23.68 -38.51
N LEU A 201 -22.70 23.44 -38.70
CA LEU A 201 -23.17 22.15 -39.20
C LEU A 201 -22.79 21.93 -40.66
N TYR A 202 -22.91 22.97 -41.48
CA TYR A 202 -22.76 22.85 -42.93
C TYR A 202 -21.32 23.04 -43.39
N LEU A 203 -20.36 22.66 -42.54
CA LEU A 203 -18.96 23.06 -42.64
C LEU A 203 -18.29 22.32 -43.80
N ARG A 204 -18.32 22.97 -44.97
CA ARG A 204 -17.61 22.48 -46.16
C ARG A 204 -17.42 23.68 -47.10
N LEU A 205 -16.20 23.90 -47.57
CA LEU A 205 -15.99 24.97 -48.53
C LEU A 205 -16.55 24.56 -49.89
N PRO A 206 -17.15 25.50 -50.61
CA PRO A 206 -17.86 25.14 -51.85
C PRO A 206 -16.97 25.23 -53.08
N GLY A 207 -17.49 24.66 -54.17
CA GLY A 207 -17.03 24.97 -55.50
C GLY A 207 -16.05 24.01 -56.11
N ASN A 208 -15.05 23.58 -55.33
CA ASN A 208 -13.93 22.84 -55.91
C ASN A 208 -13.41 21.73 -54.99
N ASP A 209 -14.28 21.17 -54.15
CA ASP A 209 -13.92 19.94 -53.44
C ASP A 209 -14.36 18.69 -54.19
N GLU A 210 -14.67 18.82 -55.48
CA GLU A 210 -15.04 17.68 -56.31
C GLU A 210 -13.85 16.77 -56.61
N ARG A 211 -12.63 17.26 -56.41
CA ARG A 211 -11.44 16.55 -56.84
C ARG A 211 -10.63 15.97 -55.70
N ILE A 212 -10.78 16.48 -54.48
CA ILE A 212 -10.13 15.89 -53.32
C ILE A 212 -11.06 14.87 -52.64
N ARG A 213 -12.36 15.16 -52.57
CA ARG A 213 -13.45 14.28 -52.13
C ARG A 213 -13.28 13.71 -50.72
N ILE A 214 -12.38 14.24 -49.92
CA ILE A 214 -12.20 13.81 -48.54
C ILE A 214 -12.15 15.04 -47.66
N ASP A 215 -13.09 15.09 -46.72
CA ASP A 215 -13.14 16.14 -45.71
C ASP A 215 -12.70 15.67 -44.34
N GLY A 216 -11.84 14.65 -44.24
CA GLY A 216 -11.48 14.06 -42.96
C GLY A 216 -10.62 14.93 -42.09
N TRP A 217 -9.96 15.93 -42.68
CA TRP A 217 -9.12 16.83 -41.93
C TRP A 217 -9.80 18.20 -41.81
N PHE A 218 -9.38 18.94 -40.80
CA PHE A 218 -10.00 20.22 -40.48
C PHE A 218 -8.90 21.20 -40.12
N SER A 219 -9.20 22.49 -40.28
CA SER A 219 -8.20 23.51 -39.99
C SER A 219 -8.86 24.78 -39.47
N PRO A 220 -8.67 25.11 -38.19
CA PRO A 220 -9.13 26.39 -37.68
C PRO A 220 -8.13 27.50 -37.97
N GLY A 221 -8.32 28.70 -37.42
CA GLY A 221 -7.38 29.79 -37.60
C GLY A 221 -7.53 30.83 -36.51
N GLY A 222 -6.65 31.83 -36.56
CA GLY A 222 -6.68 32.90 -35.58
C GLY A 222 -5.50 33.84 -35.77
N PHE A 223 -5.74 35.12 -35.50
CA PHE A 223 -4.74 36.15 -35.73
C PHE A 223 -5.12 37.39 -34.95
N ALA A 224 -4.12 38.21 -34.65
CA ALA A 224 -4.35 39.53 -34.08
C ALA A 224 -3.37 40.49 -34.74
N GLU A 225 -3.69 41.78 -34.69
CA GLU A 225 -2.70 42.78 -35.09
C GLU A 225 -1.57 42.75 -34.08
N GLU A 226 -0.42 42.24 -34.49
CA GLU A 226 0.64 41.85 -33.58
C GLU A 226 1.63 42.97 -33.33
N ASP A 227 1.16 44.22 -33.36
CA ASP A 227 2.04 45.33 -33.06
C ASP A 227 1.65 46.11 -31.81
N ARG A 228 0.38 46.13 -31.41
CA ARG A 228 -0.05 47.06 -30.36
C ARG A 228 0.10 46.47 -28.96
N LEU A 229 -0.66 45.42 -28.66
CA LEU A 229 -0.68 44.87 -27.31
C LEU A 229 0.48 43.92 -27.06
N TRP A 230 0.88 43.18 -28.08
CA TRP A 230 1.88 42.13 -28.01
C TRP A 230 3.32 42.47 -27.59
N PRO A 231 3.86 43.71 -27.69
CA PRO A 231 5.24 43.92 -27.18
C PRO A 231 5.43 43.68 -25.68
N LYS A 232 4.42 43.93 -24.85
CA LYS A 232 4.57 43.60 -23.44
C LYS A 232 4.47 42.09 -23.22
N GLY A 233 3.73 41.40 -24.09
CA GLY A 233 3.83 39.95 -24.15
C GLY A 233 5.16 39.50 -24.71
N ASP A 234 5.77 40.33 -25.56
CA ASP A 234 7.10 40.08 -26.09
C ASP A 234 8.21 40.60 -25.20
N SER A 235 7.94 40.86 -23.93
CA SER A 235 8.93 41.44 -23.02
C SER A 235 9.28 40.55 -21.85
N ALA A 236 8.39 39.65 -21.44
CA ALA A 236 8.71 38.71 -20.39
C ALA A 236 9.47 37.56 -21.02
N PHE A 237 10.80 37.69 -21.10
CA PHE A 237 11.64 36.65 -21.68
C PHE A 237 13.04 36.79 -21.09
N SER A 238 13.97 36.01 -21.64
CA SER A 238 15.31 35.77 -21.10
C SER A 238 16.30 36.80 -21.64
N GLY A 239 17.59 36.50 -21.49
CA GLY A 239 18.64 37.38 -21.96
C GLY A 239 19.33 36.98 -23.26
N TYR A 240 18.68 36.21 -24.12
CA TYR A 240 19.31 35.80 -25.37
C TYR A 240 18.37 35.78 -26.56
N GLN A 241 17.28 36.54 -26.51
CA GLN A 241 16.27 36.48 -27.57
C GLN A 241 16.16 37.84 -28.23
N LEU A 242 16.07 37.83 -29.55
CA LEU A 242 15.94 39.05 -30.34
C LEU A 242 14.50 39.57 -30.30
N LEU A 243 14.38 40.89 -30.27
CA LEU A 243 13.08 41.52 -30.04
C LEU A 243 12.13 41.29 -31.20
N LEU A 244 12.67 41.20 -32.42
CA LEU A 244 11.84 40.97 -33.59
C LEU A 244 12.36 39.84 -34.46
N GLU A 245 13.41 39.14 -34.04
CA GLU A 245 13.83 37.99 -34.81
C GLU A 245 13.51 36.68 -34.08
N TYR A 246 13.41 36.72 -32.76
CA TYR A 246 12.93 35.53 -32.05
C TYR A 246 11.42 35.40 -32.18
N PHE A 247 10.67 36.41 -31.75
CA PHE A 247 9.23 36.26 -31.59
C PHE A 247 8.47 36.27 -32.90
N THR A 248 8.95 37.02 -33.89
CA THR A 248 8.09 37.47 -34.98
C THR A 248 7.76 36.34 -35.95
N PHE A 249 8.76 35.61 -36.41
CA PHE A 249 8.53 34.46 -37.28
C PHE A 249 8.16 33.20 -36.51
N ARG A 250 8.01 33.31 -35.19
CA ARG A 250 7.68 32.17 -34.34
C ARG A 250 6.21 32.23 -33.95
N GLU A 251 5.51 31.13 -34.20
CA GLU A 251 4.14 30.97 -33.73
C GLU A 251 4.13 30.43 -32.30
N LYS A 252 4.44 31.32 -31.37
CA LYS A 252 4.48 31.00 -29.96
C LYS A 252 3.26 31.53 -29.21
N PHE A 253 2.42 32.31 -29.87
CA PHE A 253 1.31 33.00 -29.21
C PHE A 253 0.17 32.03 -28.92
N MET A 254 -0.83 32.50 -28.18
CA MET A 254 -2.03 31.71 -27.93
C MET A 254 -3.18 32.28 -28.78
N PHE A 255 -3.59 31.53 -29.81
CA PHE A 255 -4.66 31.94 -30.71
C PHE A 255 -5.80 30.94 -30.62
N VAL A 256 -7.01 31.44 -30.81
CA VAL A 256 -8.23 30.61 -30.64
C VAL A 256 -8.36 29.79 -31.92
N HIS A 257 -7.74 28.62 -31.90
CA HIS A 257 -7.85 27.67 -33.01
C HIS A 257 -8.92 26.64 -32.66
N LEU A 258 -10.12 27.14 -32.42
CA LEU A 258 -11.25 26.28 -32.11
C LEU A 258 -11.68 25.58 -33.39
N ASN A 259 -11.63 24.25 -33.37
CA ASN A 259 -11.83 23.44 -34.56
C ASN A 259 -13.13 22.68 -34.41
N GLY A 260 -14.01 22.80 -35.40
CA GLY A 260 -15.28 22.11 -35.40
C GLY A 260 -15.18 20.71 -36.00
N LEU A 261 -16.13 19.87 -35.59
CA LEU A 261 -16.12 18.47 -36.02
C LEU A 261 -17.48 17.99 -36.53
N GLU A 262 -18.41 18.89 -36.84
CA GLU A 262 -19.71 18.48 -37.34
C GLU A 262 -19.72 18.43 -38.86
N ASN A 263 -20.30 17.37 -39.41
CA ASN A 263 -20.25 17.10 -40.83
C ASN A 263 -21.37 17.82 -41.57
N VAL A 264 -21.08 18.16 -42.81
CA VAL A 264 -21.94 18.97 -43.67
C VAL A 264 -23.13 18.14 -44.14
N SER A 265 -24.32 18.76 -44.11
CA SER A 265 -25.46 18.27 -44.85
C SER A 265 -25.66 19.17 -46.06
N LEU A 266 -25.94 18.57 -47.21
CA LEU A 266 -25.87 19.27 -48.48
C LEU A 266 -26.57 18.44 -49.54
N PRO A 267 -27.16 19.07 -50.55
CA PRO A 267 -27.84 18.32 -51.61
C PRO A 267 -26.86 17.58 -52.52
N ALA A 268 -27.43 16.84 -53.46
CA ALA A 268 -26.63 16.09 -54.42
C ALA A 268 -26.03 17.03 -55.46
N GLY A 269 -24.85 16.64 -55.95
CA GLY A 269 -24.11 17.48 -56.87
C GLY A 269 -23.47 18.70 -56.26
N ILE A 270 -23.48 18.82 -54.95
CA ILE A 270 -22.94 19.97 -54.25
C ILE A 270 -21.57 19.60 -53.70
N SER A 271 -20.57 20.45 -53.96
CA SER A 271 -19.26 20.22 -53.38
C SER A 271 -19.04 20.99 -52.10
N GLY A 272 -20.04 21.76 -51.66
CA GLY A 272 -19.98 22.41 -50.38
C GLY A 272 -21.16 23.34 -50.17
N PHE A 273 -21.79 23.27 -49.00
CA PHE A 273 -22.82 24.24 -48.70
C PHE A 273 -22.14 25.50 -48.17
N ASP A 274 -22.90 26.58 -48.05
CA ASP A 274 -22.34 27.87 -47.72
C ASP A 274 -22.83 28.37 -46.36
N LEU A 275 -22.80 27.48 -45.35
CA LEU A 275 -22.95 27.90 -43.97
C LEU A 275 -21.79 27.31 -43.16
N GLU A 276 -21.15 28.15 -42.36
CA GLU A 276 -19.91 27.80 -41.71
C GLU A 276 -19.86 28.32 -40.28
N VAL A 277 -20.80 29.18 -39.92
CA VAL A 277 -20.59 30.25 -38.95
C VAL A 277 -21.68 30.30 -37.88
N VAL A 278 -22.20 29.14 -37.47
CA VAL A 278 -23.31 29.12 -36.51
C VAL A 278 -22.87 29.70 -35.18
N LEU A 279 -23.62 30.69 -34.69
CA LEU A 279 -23.25 31.44 -33.51
C LEU A 279 -24.29 31.28 -32.41
N SER A 280 -23.98 31.83 -31.23
CA SER A 280 -24.94 31.96 -30.14
C SER A 280 -25.43 33.39 -29.99
N GLN A 281 -24.83 34.34 -30.69
CA GLN A 281 -25.16 35.74 -30.51
C GLN A 281 -25.51 36.33 -31.86
N PRO A 282 -26.45 37.28 -31.89
CA PRO A 282 -26.75 37.97 -33.15
C PRO A 282 -25.61 38.88 -33.54
N TRP A 283 -25.27 38.80 -34.82
CA TRP A 283 -24.28 39.71 -35.38
C TRP A 283 -24.85 41.12 -35.36
N PRO A 284 -24.20 42.07 -34.68
CA PRO A 284 -24.88 43.31 -34.28
C PRO A 284 -25.19 44.22 -35.45
N ALA A 285 -26.05 45.21 -35.19
CA ALA A 285 -26.45 46.15 -36.21
C ALA A 285 -25.38 47.22 -36.40
N ASP A 286 -25.48 47.93 -37.52
CA ASP A 286 -24.55 48.99 -37.94
C ASP A 286 -23.11 48.54 -37.97
N LEU A 287 -22.86 47.37 -38.57
CA LEU A 287 -21.50 46.89 -38.82
C LEU A 287 -21.34 46.67 -40.32
N PRO A 288 -20.40 47.35 -40.96
CA PRO A 288 -20.23 47.17 -42.41
C PRO A 288 -19.63 45.82 -42.74
N VAL A 289 -19.90 45.36 -43.96
CA VAL A 289 -19.33 44.13 -44.48
C VAL A 289 -18.35 44.50 -45.59
N THR A 290 -17.37 43.63 -45.79
CA THR A 290 -16.35 43.76 -46.83
C THR A 290 -15.65 42.42 -46.96
N ASP A 291 -14.86 42.28 -48.01
CA ASP A 291 -14.02 41.09 -48.19
C ASP A 291 -12.59 41.36 -47.69
N ASP A 292 -12.52 41.79 -46.43
CA ASP A 292 -11.25 42.03 -45.76
C ASP A 292 -10.94 40.81 -44.91
N ALA A 293 -10.78 39.67 -45.58
CA ALA A 293 -10.42 38.43 -44.90
C ALA A 293 -9.56 37.60 -45.83
N LEU A 294 -8.25 37.75 -45.72
CA LEU A 294 -7.33 37.11 -46.64
C LEU A 294 -7.27 35.62 -46.37
N CYS A 295 -6.99 34.85 -47.42
CA CYS A 295 -6.62 33.46 -47.23
C CYS A 295 -5.15 33.29 -46.91
N LEU A 296 -4.31 34.25 -47.29
CA LEU A 296 -2.94 34.25 -46.85
C LEU A 296 -2.46 35.70 -46.79
N HIS A 297 -1.86 36.06 -45.67
CA HIS A 297 -1.04 37.26 -45.59
C HIS A 297 0.00 37.00 -44.51
N CYS A 298 1.24 37.33 -44.82
CA CYS A 298 2.32 37.09 -43.89
C CYS A 298 2.43 38.25 -42.92
N VAL A 299 3.51 38.26 -42.16
CA VAL A 299 3.66 39.17 -41.02
C VAL A 299 3.91 40.60 -41.48
N PRO A 300 3.76 41.58 -40.59
CA PRO A 300 4.50 42.82 -40.76
C PRO A 300 5.97 42.57 -40.54
N VAL A 301 6.75 42.62 -41.62
CA VAL A 301 8.15 42.23 -41.57
C VAL A 301 9.00 43.49 -41.63
N ILE A 302 10.20 43.41 -41.06
CA ILE A 302 10.93 44.62 -40.69
C ILE A 302 12.11 44.88 -41.61
N ASN A 303 12.63 46.11 -41.54
CA ASN A 303 13.85 46.49 -42.23
C ASN A 303 15.03 45.82 -41.53
N LEU A 304 15.76 44.99 -42.25
CA LEU A 304 17.07 44.51 -41.82
C LEU A 304 18.01 44.44 -43.02
N PHE A 305 19.06 45.24 -42.97
CA PHE A 305 20.11 45.12 -43.97
C PHE A 305 20.94 43.87 -43.70
N THR A 306 21.68 43.44 -44.72
CA THR A 306 22.67 42.38 -44.59
C THR A 306 24.01 42.97 -45.04
N LEU A 307 24.71 43.64 -44.12
CA LEU A 307 25.82 44.49 -44.49
C LEU A 307 27.13 43.75 -44.34
N GLU A 308 28.07 44.08 -45.23
CA GLU A 308 29.36 43.42 -45.30
C GLU A 308 30.45 44.47 -45.14
N ALA A 309 31.56 44.04 -44.53
CA ALA A 309 32.65 44.95 -44.24
C ALA A 309 33.97 44.22 -44.48
N ASP A 310 35.03 45.01 -44.59
CA ASP A 310 36.36 44.49 -44.87
C ASP A 310 37.22 44.57 -43.61
N PRO A 311 37.99 43.52 -43.31
CA PRO A 311 38.73 43.48 -42.05
C PRO A 311 39.90 44.45 -41.99
N LEU A 312 40.00 45.14 -40.86
CA LEU A 312 41.11 46.04 -40.57
C LEU A 312 41.65 45.73 -39.19
N ILE A 313 42.96 45.49 -39.11
CA ILE A 313 43.60 44.94 -37.92
C ILE A 313 44.80 45.80 -37.56
N ILE A 314 44.76 46.41 -36.38
CA ILE A 314 45.88 47.17 -35.85
C ILE A 314 46.04 46.79 -34.38
N ASN A 315 47.28 46.55 -33.96
CA ASN A 315 47.58 46.56 -32.55
C ASN A 315 47.39 47.99 -32.04
N GLY A 316 46.29 48.23 -31.32
CA GLY A 316 45.86 49.55 -30.95
C GLY A 316 44.47 49.88 -31.44
N LEU A 317 44.00 49.19 -32.48
CA LEU A 317 42.62 49.30 -32.93
C LEU A 317 41.65 48.77 -31.89
N GLU A 318 42.12 47.90 -31.00
CA GLU A 318 41.36 47.34 -29.90
C GLU A 318 40.84 48.40 -28.92
N SER A 319 41.47 49.59 -28.87
CA SER A 319 40.98 50.63 -27.99
C SER A 319 39.75 51.33 -28.58
N GLU A 320 39.93 52.07 -29.68
CA GLU A 320 38.86 52.80 -30.36
C GLU A 320 39.25 52.98 -31.82
N TYR A 321 38.38 52.55 -32.72
CA TYR A 321 38.68 52.81 -34.13
C TYR A 321 37.52 53.38 -34.92
N LEU A 322 36.29 52.87 -34.66
CA LEU A 322 35.02 53.49 -35.07
C LEU A 322 34.90 53.63 -36.60
N LEU A 323 35.00 52.51 -37.31
CA LEU A 323 34.93 52.54 -38.76
C LEU A 323 33.51 52.77 -39.24
N ARG A 324 33.37 53.67 -40.22
CA ARG A 324 32.15 53.81 -41.01
C ARG A 324 32.35 53.01 -42.28
N PRO A 325 31.71 51.85 -42.43
CA PRO A 325 31.99 51.00 -43.61
C PRO A 325 31.46 51.58 -44.91
N LYS A 326 31.65 50.80 -45.97
CA LYS A 326 31.63 51.35 -47.31
C LYS A 326 30.23 51.66 -47.80
N ARG A 327 29.29 50.74 -47.60
CA ARG A 327 27.93 50.97 -48.08
C ARG A 327 27.19 51.97 -47.20
N LEU A 328 27.69 52.21 -45.99
CA LEU A 328 27.13 53.25 -45.14
C LEU A 328 27.40 54.65 -45.71
N GLN A 329 28.46 54.79 -46.50
CA GLN A 329 28.91 56.10 -46.97
C GLN A 329 27.96 56.73 -47.98
N ASP A 330 27.19 55.92 -48.72
CA ASP A 330 26.39 56.42 -49.82
C ASP A 330 24.96 56.77 -49.42
N GLY A 331 24.72 57.16 -48.17
CA GLY A 331 23.42 57.63 -47.76
C GLY A 331 22.65 56.72 -46.83
N TYR A 332 23.18 55.55 -46.49
CA TYR A 332 22.59 54.76 -45.42
C TYR A 332 22.76 55.48 -44.10
N THR A 333 21.69 55.47 -43.30
CA THR A 333 21.64 56.32 -42.13
C THR A 333 21.86 55.58 -40.82
N GLU A 334 21.86 54.25 -40.82
CA GLU A 334 21.87 53.52 -39.55
C GLU A 334 22.38 52.11 -39.82
N ILE A 335 22.98 51.52 -38.80
CA ILE A 335 23.29 50.09 -38.79
C ILE A 335 22.62 49.48 -37.57
N TYR A 336 22.81 48.18 -37.39
CA TYR A 336 22.28 47.48 -36.24
C TYR A 336 23.45 46.85 -35.50
N SER A 337 23.15 46.06 -34.46
CA SER A 337 24.14 45.42 -33.62
C SER A 337 24.99 44.42 -34.39
N VAL A 338 26.21 44.19 -33.92
CA VAL A 338 27.15 43.33 -34.62
C VAL A 338 26.77 41.87 -34.35
N ASP A 339 26.89 41.04 -35.39
CA ASP A 339 26.38 39.68 -35.34
C ASP A 339 27.41 38.68 -34.81
N ALA A 340 28.52 38.50 -35.51
CA ALA A 340 29.50 37.46 -35.21
C ALA A 340 30.79 37.74 -35.98
N VAL A 341 31.91 37.36 -35.37
CA VAL A 341 33.23 37.56 -35.96
C VAL A 341 33.91 36.20 -36.09
N THR A 342 34.42 35.91 -37.29
CA THR A 342 35.22 34.71 -37.56
C THR A 342 36.44 35.13 -38.35
N GLY A 343 37.16 34.16 -38.91
CA GLY A 343 38.27 34.47 -39.80
C GLY A 343 39.34 33.40 -39.73
N SER A 344 40.59 33.86 -39.81
CA SER A 344 41.76 32.97 -39.80
C SER A 344 42.89 33.71 -39.11
N GLY A 345 43.26 33.24 -37.92
CA GLY A 345 44.38 33.83 -37.21
C GLY A 345 45.67 33.06 -37.44
N ARG A 346 46.47 32.92 -36.39
CA ARG A 346 47.74 32.21 -36.47
C ARG A 346 47.63 30.79 -35.92
N THR A 347 47.27 30.65 -34.66
CA THR A 347 47.09 29.33 -34.07
C THR A 347 45.67 28.84 -34.25
N GLY A 348 44.71 29.60 -33.74
CA GLY A 348 43.30 29.25 -33.84
C GLY A 348 42.69 29.88 -35.07
N SER A 349 41.78 29.14 -35.72
CA SER A 349 41.10 29.65 -36.89
C SER A 349 40.14 30.77 -36.52
N ALA A 350 39.16 30.50 -35.67
CA ALA A 350 38.23 31.51 -35.20
C ALA A 350 37.94 31.26 -33.73
N GLU A 351 38.27 32.24 -32.89
CA GLU A 351 38.11 32.15 -31.43
C GLU A 351 37.36 33.40 -30.99
N TYR A 352 36.03 33.33 -31.00
CA TYR A 352 35.22 34.49 -30.70
C TYR A 352 33.96 34.07 -29.95
N VAL A 353 33.82 34.60 -28.74
CA VAL A 353 32.60 34.44 -27.93
C VAL A 353 32.15 35.83 -27.52
N PRO A 354 30.86 36.14 -27.59
CA PRO A 354 30.36 37.42 -27.06
C PRO A 354 30.51 37.52 -25.55
N PHE A 355 30.29 38.73 -25.04
CA PHE A 355 30.70 39.07 -23.68
C PHE A 355 29.90 38.35 -22.61
N THR A 356 28.58 38.30 -22.75
CA THR A 356 27.74 37.78 -21.67
C THR A 356 27.56 36.27 -21.73
N SER A 357 28.35 35.55 -22.53
CA SER A 357 28.21 34.11 -22.56
C SER A 357 29.54 33.39 -22.38
N PHE A 358 30.49 34.01 -21.69
CA PHE A 358 31.86 33.53 -21.69
C PHE A 358 31.99 32.25 -20.87
N ARG A 359 32.58 31.21 -21.47
CA ARG A 359 32.71 29.91 -20.83
C ARG A 359 33.91 29.81 -19.90
N HIS A 360 34.47 30.96 -19.46
CA HIS A 360 35.31 31.09 -18.28
C HIS A 360 36.61 30.27 -18.34
N ARG A 361 37.49 30.68 -19.26
CA ARG A 361 38.90 30.50 -18.93
C ARG A 361 39.45 31.70 -18.18
N GLY A 362 38.95 32.89 -18.48
CA GLY A 362 39.28 34.08 -17.73
C GLY A 362 38.46 34.18 -16.47
N GLY A 363 37.49 33.29 -16.35
CA GLY A 363 36.77 33.13 -15.11
C GLY A 363 37.23 31.91 -14.33
N MET A 364 36.37 30.90 -14.23
CA MET A 364 36.56 29.80 -13.29
C MET A 364 36.39 28.42 -13.90
N LEU A 365 35.76 28.31 -15.07
CA LEU A 365 35.55 26.99 -15.68
C LEU A 365 36.86 26.42 -16.21
N ARG A 366 37.72 27.26 -16.80
CA ARG A 366 39.17 27.05 -16.86
C ARG A 366 39.60 25.86 -17.73
N HIS A 367 38.73 25.41 -18.62
CA HIS A 367 39.06 24.25 -19.43
C HIS A 367 38.52 24.40 -20.84
N ASP A 368 39.45 24.44 -21.81
CA ASP A 368 39.17 24.18 -23.24
C ASP A 368 38.20 25.19 -23.83
N ALA A 369 38.20 26.40 -23.29
CA ALA A 369 37.31 27.46 -23.75
C ALA A 369 38.03 28.79 -23.55
N PRO A 370 38.90 29.18 -24.50
CA PRO A 370 39.93 30.19 -24.21
C PRO A 370 39.45 31.62 -24.06
N GLU A 371 40.42 32.53 -23.97
CA GLU A 371 40.18 33.96 -23.83
C GLU A 371 39.44 34.53 -25.03
N ARG A 372 38.19 34.92 -24.83
CA ARG A 372 37.35 35.43 -25.91
C ARG A 372 36.54 36.63 -25.45
N TYR A 373 36.85 37.78 -26.03
CA TYR A 373 36.07 38.99 -25.83
C TYR A 373 35.53 39.46 -27.18
N TYR A 374 34.30 39.98 -27.12
CA TYR A 374 33.61 40.50 -28.29
C TYR A 374 32.48 41.36 -27.74
N HIS A 375 32.61 42.67 -27.87
CA HIS A 375 31.78 43.59 -27.09
C HIS A 375 31.75 44.95 -27.78
N THR A 376 30.61 45.63 -27.69
CA THR A 376 30.44 46.89 -28.40
C THR A 376 29.83 47.92 -27.47
N ARG A 377 29.82 49.16 -27.94
CA ARG A 377 29.02 50.21 -27.33
C ARG A 377 28.14 50.85 -28.40
N VAL A 378 27.33 51.82 -27.98
CA VAL A 378 26.39 52.53 -28.83
C VAL A 378 26.62 54.04 -28.73
N LYS A 379 27.77 54.40 -28.16
CA LYS A 379 28.14 55.72 -27.69
C LYS A 379 28.01 56.78 -28.78
N ARG A 380 27.52 57.96 -28.38
CA ARG A 380 27.19 59.00 -29.33
C ARG A 380 28.15 60.17 -29.21
N GLY A 381 27.85 61.25 -29.93
CA GLY A 381 28.78 62.33 -30.15
C GLY A 381 28.81 62.58 -31.63
N VAL A 382 27.72 62.20 -32.29
CA VAL A 382 27.62 62.18 -33.74
C VAL A 382 27.11 63.54 -34.19
N THR A 383 27.61 64.01 -35.32
CA THR A 383 27.20 65.31 -35.86
C THR A 383 25.84 65.18 -36.56
N GLY A 384 24.80 65.08 -35.73
CA GLY A 384 23.44 65.07 -36.24
C GLY A 384 22.67 63.79 -35.97
N MET A 385 23.14 62.96 -35.06
CA MET A 385 22.46 61.71 -34.74
C MET A 385 22.37 61.53 -33.22
N TYR A 386 21.85 60.36 -32.84
CA TYR A 386 21.75 59.99 -31.42
C TYR A 386 22.65 58.81 -31.07
N ASP A 387 23.31 58.20 -32.07
CA ASP A 387 24.24 57.09 -31.89
C ASP A 387 25.02 56.75 -33.16
N THR A 388 26.30 56.44 -32.99
CA THR A 388 27.17 55.74 -33.95
C THR A 388 28.40 55.26 -33.20
N TRP A 389 28.62 53.95 -33.18
CA TRP A 389 29.78 53.41 -32.48
C TRP A 389 30.12 52.05 -33.07
N LEU A 390 31.41 51.69 -33.01
CA LEU A 390 31.87 50.37 -33.42
C LEU A 390 32.81 49.83 -32.35
N ILE A 391 33.05 48.51 -32.41
CA ILE A 391 33.34 47.69 -31.23
C ILE A 391 34.70 47.98 -30.60
N LEU A 392 34.90 47.42 -29.41
CA LEU A 392 36.19 47.36 -28.77
C LEU A 392 36.20 46.15 -27.84
N GLY A 393 37.28 45.40 -27.88
CA GLY A 393 37.42 44.22 -27.05
C GLY A 393 38.84 43.72 -27.07
N GLY A 394 39.34 43.39 -25.89
CA GLY A 394 40.75 43.07 -25.79
C GLY A 394 41.18 42.26 -24.59
N GLN A 395 41.98 41.23 -24.86
CA GLN A 395 42.54 40.32 -23.87
C GLN A 395 43.82 39.74 -24.46
N ARG A 396 44.41 38.74 -23.78
CA ARG A 396 45.73 38.25 -24.15
C ARG A 396 45.65 37.35 -25.39
N TRP A 397 45.60 38.00 -26.55
CA TRP A 397 45.87 37.40 -27.84
C TRP A 397 47.31 37.73 -28.24
N GLU A 398 47.67 37.36 -29.46
CA GLU A 398 49.02 37.65 -29.96
C GLU A 398 49.02 38.86 -30.87
N ALA A 399 48.96 40.03 -30.25
CA ALA A 399 49.22 41.29 -30.94
C ALA A 399 50.69 41.70 -30.85
N ASP A 400 51.44 41.06 -29.95
CA ASP A 400 52.86 41.38 -29.81
C ASP A 400 53.66 40.88 -31.00
N ARG A 401 53.29 39.73 -31.56
CA ARG A 401 53.93 39.22 -32.76
C ARG A 401 53.10 39.42 -34.02
N MET A 402 51.82 39.77 -33.89
CA MET A 402 50.98 40.13 -35.04
C MET A 402 50.34 41.48 -34.77
N PRO A 403 51.02 42.56 -35.10
CA PRO A 403 50.42 43.89 -34.93
C PRO A 403 49.29 44.16 -35.92
N GLU A 404 49.39 43.65 -37.15
CA GLU A 404 48.37 43.84 -38.18
C GLU A 404 47.95 42.50 -38.77
N ARG A 405 47.66 41.52 -37.92
CA ARG A 405 47.16 40.23 -38.37
C ARG A 405 46.32 39.63 -37.26
N GLU A 406 45.13 39.15 -37.62
CA GLU A 406 44.17 38.58 -36.70
C GLU A 406 43.09 37.87 -37.51
N THR A 407 42.48 36.87 -36.91
CA THR A 407 41.20 36.37 -37.39
C THR A 407 40.15 37.46 -37.34
N LEU A 408 39.70 37.93 -38.50
CA LEU A 408 38.76 39.04 -38.51
C LEU A 408 37.87 38.93 -39.74
N SER A 409 36.58 38.67 -39.51
CA SER A 409 35.57 38.70 -40.56
C SER A 409 34.22 38.91 -39.87
N LEU A 410 33.67 40.10 -40.03
CA LEU A 410 32.48 40.50 -39.29
C LEU A 410 31.23 40.20 -40.10
N ARG A 411 30.11 40.17 -39.40
CA ARG A 411 28.79 40.23 -40.00
C ARG A 411 27.99 41.24 -39.22
N ILE A 412 27.14 41.99 -39.92
CA ILE A 412 26.42 43.09 -39.31
C ILE A 412 25.16 43.35 -40.12
N THR A 413 24.10 43.76 -39.43
CA THR A 413 22.81 44.10 -40.02
C THR A 413 22.57 45.60 -39.83
N GLY A 414 21.44 46.08 -40.36
CA GLY A 414 21.18 47.51 -40.27
C GLY A 414 19.71 47.85 -40.43
N THR A 415 19.41 49.11 -40.15
CA THR A 415 18.09 49.70 -40.38
C THR A 415 18.32 51.08 -41.00
N ASN A 416 17.28 51.92 -41.01
CA ASN A 416 17.39 53.29 -41.51
C ASN A 416 16.78 54.24 -40.48
N GLY A 417 17.53 55.26 -40.10
CA GLY A 417 17.05 56.20 -39.09
C GLY A 417 16.54 57.55 -39.58
N GLN A 418 17.31 58.23 -40.40
CA GLN A 418 16.96 59.57 -40.87
C GLN A 418 15.98 59.41 -42.02
N LEU A 419 14.74 59.85 -41.82
CA LEU A 419 13.68 59.69 -42.79
C LEU A 419 12.70 60.84 -42.72
N PRO A 420 11.94 61.09 -43.78
CA PRO A 420 10.72 61.91 -43.64
C PRO A 420 9.54 61.08 -43.15
N ARG A 421 8.40 61.72 -42.94
CA ARG A 421 7.21 61.04 -42.43
C ARG A 421 6.27 60.75 -43.60
N ARG A 422 6.48 59.62 -44.25
CA ARG A 422 5.57 59.15 -45.29
C ARG A 422 5.37 57.65 -45.15
N ALA A 423 4.33 57.17 -45.80
CA ALA A 423 4.00 55.76 -45.84
C ALA A 423 3.64 55.38 -47.27
N LEU A 424 4.28 54.35 -47.79
CA LEU A 424 4.13 53.99 -49.19
C LEU A 424 3.84 52.52 -49.38
N GLN A 425 3.69 52.07 -50.63
CA GLN A 425 3.48 50.66 -50.94
C GLN A 425 4.76 50.08 -51.53
N SER A 426 5.17 48.93 -51.00
CA SER A 426 6.34 48.22 -51.52
C SER A 426 6.06 47.73 -52.93
N THR A 427 6.72 48.33 -53.90
CA THR A 427 6.37 48.10 -55.29
C THR A 427 7.46 47.38 -56.07
N LEU A 428 8.67 47.90 -56.11
CA LEU A 428 9.75 47.32 -56.90
C LEU A 428 10.40 46.17 -56.16
N LEU A 429 11.50 45.66 -56.73
CA LEU A 429 12.19 44.44 -56.29
C LEU A 429 11.23 43.24 -56.20
N ASP A 430 10.63 42.93 -57.34
CA ASP A 430 9.77 41.76 -57.46
C ASP A 430 10.56 40.49 -57.80
N ARG A 431 11.87 40.48 -57.54
CA ARG A 431 12.75 39.35 -57.80
C ARG A 431 12.73 38.31 -56.70
N CYS A 432 11.76 38.39 -55.78
CA CYS A 432 11.59 37.34 -54.78
C CYS A 432 11.20 36.02 -55.43
N GLU A 433 10.44 36.08 -56.51
CA GLU A 433 9.83 34.91 -57.14
C GLU A 433 10.79 34.08 -57.99
N GLN A 434 12.10 34.26 -57.86
CA GLN A 434 13.02 33.64 -58.80
C GLN A 434 13.58 32.29 -58.35
N VAL A 435 13.22 31.80 -57.16
CA VAL A 435 13.51 30.39 -56.88
C VAL A 435 12.25 29.59 -57.15
N LEU A 436 11.27 29.66 -56.24
CA LEU A 436 9.86 29.99 -56.49
C LEU A 436 9.34 29.77 -57.90
N GLN A 437 9.31 28.53 -58.41
CA GLN A 437 8.86 28.30 -59.77
C GLN A 437 7.37 28.63 -59.98
N ALA A 438 6.60 28.71 -58.90
CA ALA A 438 5.30 29.32 -59.00
C ALA A 438 5.40 30.82 -58.67
N PRO A 439 5.01 31.69 -59.60
CA PRO A 439 5.08 33.14 -59.33
C PRO A 439 4.04 33.58 -58.31
N VAL A 440 4.35 34.68 -57.62
CA VAL A 440 3.57 35.15 -56.49
C VAL A 440 3.09 36.57 -56.74
N SER A 441 2.11 36.98 -55.92
CA SER A 441 1.62 38.35 -55.93
C SER A 441 2.38 39.19 -54.91
N VAL A 442 2.31 40.51 -55.11
CA VAL A 442 2.90 41.46 -54.18
C VAL A 442 1.81 42.40 -53.70
N ARG A 443 1.54 42.37 -52.39
CA ARG A 443 0.52 43.21 -51.80
C ARG A 443 1.05 43.80 -50.50
N ASN A 444 1.33 45.10 -50.51
CA ASN A 444 1.53 45.80 -49.24
C ASN A 444 0.16 46.05 -48.63
N LEU A 445 -0.16 45.33 -47.56
CA LEU A 445 -1.53 45.31 -47.05
C LEU A 445 -1.88 46.52 -46.18
N CYS A 446 -0.92 47.05 -45.42
CA CYS A 446 -1.20 48.15 -44.52
C CYS A 446 -0.09 49.19 -44.60
N LYS A 447 -0.23 50.23 -43.79
CA LYS A 447 0.71 51.34 -43.83
C LYS A 447 1.96 51.01 -43.02
N PRO A 448 3.14 51.41 -43.50
CA PRO A 448 4.34 51.31 -42.66
C PRO A 448 4.24 52.15 -41.41
N THR A 449 4.55 51.51 -40.28
CA THR A 449 4.55 52.18 -38.99
C THR A 449 5.83 53.00 -38.86
N LEU A 450 5.96 53.75 -37.81
CA LEU A 450 7.27 54.33 -37.58
C LEU A 450 8.16 53.33 -36.90
N PRO A 451 9.48 53.46 -37.08
CA PRO A 451 10.39 52.81 -36.15
C PRO A 451 10.26 53.48 -34.80
N VAL A 452 10.12 52.68 -33.76
CA VAL A 452 9.91 53.20 -32.41
C VAL A 452 11.30 53.46 -31.84
N TYR A 453 11.71 54.70 -31.89
CA TYR A 453 12.89 55.14 -31.16
C TYR A 453 12.72 56.37 -30.26
N PRO A 454 11.60 56.59 -29.57
CA PRO A 454 11.69 57.20 -28.24
C PRO A 454 11.65 56.18 -27.12
N PRO A 455 12.78 55.59 -26.71
CA PRO A 455 12.78 54.99 -25.37
C PRO A 455 12.78 56.05 -24.27
N THR A 456 12.90 55.60 -23.03
CA THR A 456 12.75 56.47 -21.87
C THR A 456 13.88 57.50 -21.81
N GLU A 457 13.55 58.76 -21.50
CA GLU A 457 14.49 59.85 -21.66
C GLU A 457 15.23 60.21 -20.36
N ASP A 458 14.51 60.57 -19.30
CA ASP A 458 15.16 61.03 -18.08
C ASP A 458 15.69 59.87 -17.25
N ARG A 459 16.29 60.20 -16.11
CA ARG A 459 17.01 59.22 -15.30
C ARG A 459 16.16 58.71 -14.15
N PHE A 460 14.90 59.12 -14.08
CA PHE A 460 14.12 58.91 -12.87
C PHE A 460 13.00 57.92 -13.07
N HIS A 461 12.66 57.58 -14.31
CA HIS A 461 11.84 56.40 -14.55
C HIS A 461 12.65 55.14 -14.31
N TRP A 462 13.97 55.21 -14.54
CA TRP A 462 14.83 54.05 -14.46
C TRP A 462 15.09 53.60 -13.03
N ARG A 463 14.76 54.43 -12.05
CA ARG A 463 14.73 53.97 -10.66
C ARG A 463 13.68 52.89 -10.48
N VAL A 464 12.54 53.02 -11.17
CA VAL A 464 11.52 51.97 -11.13
C VAL A 464 12.02 50.73 -11.85
N MET A 465 12.84 50.92 -12.89
CA MET A 465 13.46 49.79 -13.58
C MET A 465 14.45 49.06 -12.69
N SER A 466 14.99 49.71 -11.66
CA SER A 466 15.77 49.03 -10.64
C SER A 466 14.97 48.73 -9.38
N HIS A 467 13.71 49.14 -9.33
CA HIS A 467 12.92 48.90 -8.13
C HIS A 467 12.36 47.49 -8.12
N LEU A 468 12.07 46.94 -9.30
CA LEU A 468 11.29 45.71 -9.42
C LEU A 468 12.03 44.47 -8.94
N GLY A 469 13.33 44.57 -8.71
CA GLY A 469 14.03 43.45 -8.09
C GLY A 469 13.74 43.34 -6.60
N THR A 470 14.09 44.38 -5.84
CA THR A 470 13.75 44.43 -4.44
C THR A 470 12.27 44.64 -4.19
N GLY A 471 11.55 45.19 -5.16
CA GLY A 471 10.11 45.14 -5.14
C GLY A 471 9.61 43.75 -5.50
N PHE A 472 8.30 43.59 -5.48
CA PHE A 472 7.72 42.28 -5.65
C PHE A 472 6.87 42.27 -6.91
N LEU A 473 6.34 41.10 -7.25
CA LEU A 473 5.65 40.93 -8.52
C LEU A 473 4.36 41.72 -8.59
N ASN A 474 4.10 42.26 -9.78
CA ASN A 474 2.89 43.05 -10.04
C ASN A 474 1.67 42.14 -10.15
N MET A 475 1.31 41.56 -9.01
CA MET A 475 0.10 40.78 -8.89
C MET A 475 -0.60 41.09 -7.58
N LEU A 476 -0.01 41.94 -6.75
CA LEU A 476 -0.64 42.45 -5.53
C LEU A 476 -1.61 43.59 -5.86
N SER A 477 -1.91 44.40 -4.84
CA SER A 477 -2.69 45.62 -4.96
C SER A 477 -2.26 46.46 -6.14
N SER A 478 -3.25 46.92 -6.91
CA SER A 478 -3.03 47.34 -8.30
C SER A 478 -2.26 48.65 -8.43
N ALA A 479 -1.84 49.27 -7.33
CA ALA A 479 -0.81 50.30 -7.42
C ALA A 479 0.48 49.71 -7.96
N GLU A 480 0.77 48.44 -7.69
CA GLU A 480 1.89 47.76 -8.32
C GLU A 480 1.62 47.54 -9.80
N VAL A 481 0.39 47.21 -10.17
CA VAL A 481 0.12 46.89 -11.57
C VAL A 481 -0.03 48.17 -12.38
N LEU A 482 -0.54 49.24 -11.77
CA LEU A 482 -0.50 50.56 -12.40
C LEU A 482 0.93 51.00 -12.65
N ARG A 483 1.73 51.04 -11.58
CA ARG A 483 3.10 51.56 -11.69
C ARG A 483 4.00 50.59 -12.46
N GLY A 484 3.97 49.31 -12.12
CA GLY A 484 4.95 48.38 -12.66
C GLY A 484 4.61 47.88 -14.04
N THR A 485 3.47 48.33 -14.58
CA THR A 485 3.26 48.25 -16.02
C THR A 485 4.34 49.04 -16.73
N LEU A 486 4.92 48.43 -17.75
CA LEU A 486 5.95 49.09 -18.54
C LEU A 486 5.38 50.31 -19.24
N ALA A 487 6.26 51.24 -19.60
CA ALA A 487 5.84 52.27 -20.53
C ALA A 487 5.96 51.82 -21.97
N LEU A 488 6.02 50.51 -22.20
CA LEU A 488 6.13 49.95 -23.55
C LEU A 488 4.86 50.20 -24.34
N TYR A 489 3.72 50.28 -23.63
CA TYR A 489 2.50 50.79 -24.24
C TYR A 489 2.54 52.30 -24.39
N ASN A 490 3.26 52.98 -23.49
CA ASN A 490 3.36 54.43 -23.58
C ASN A 490 4.44 54.85 -24.56
N TRP A 491 5.22 53.91 -25.10
CA TRP A 491 6.18 54.24 -26.13
C TRP A 491 5.51 54.57 -27.46
N ARG A 492 4.27 54.09 -27.64
CA ARG A 492 3.43 54.66 -28.69
C ARG A 492 2.64 55.84 -28.17
N ASP A 493 2.45 55.90 -26.85
CA ASP A 493 1.57 56.84 -26.15
C ASP A 493 0.16 56.83 -26.76
N ASP A 494 -0.43 55.63 -26.82
CA ASP A 494 -1.82 55.50 -27.21
C ASP A 494 -2.70 56.06 -26.10
N GLU A 495 -3.47 57.10 -26.43
CA GLU A 495 -4.45 57.63 -25.50
C GLU A 495 -5.56 56.63 -25.25
N LEU A 496 -5.80 55.73 -26.20
CA LEU A 496 -6.71 54.61 -25.99
C LEU A 496 -6.17 53.68 -24.93
N ASN A 497 -4.93 53.20 -25.12
CA ASN A 497 -4.33 52.26 -24.20
C ASN A 497 -4.01 52.88 -22.85
N HIS A 498 -3.86 54.21 -22.79
CA HIS A 498 -3.66 54.86 -21.50
C HIS A 498 -4.95 54.90 -20.69
N ARG A 499 -6.09 54.98 -21.37
CA ARG A 499 -7.36 54.76 -20.70
C ARG A 499 -7.50 53.32 -20.25
N ARG A 500 -6.84 52.40 -20.96
CA ARG A 500 -6.90 51.00 -20.57
C ARG A 500 -6.05 50.71 -19.35
N LEU A 501 -5.19 51.64 -18.93
CA LEU A 501 -4.49 51.54 -17.66
C LEU A 501 -5.30 52.23 -16.57
N ASP A 502 -6.56 51.82 -16.47
CA ASP A 502 -7.45 52.23 -15.39
C ASP A 502 -8.00 50.94 -14.79
N ALA A 503 -7.25 50.37 -13.86
CA ALA A 503 -7.59 49.12 -13.21
C ALA A 503 -7.75 49.36 -11.72
N ILE A 504 -8.74 48.69 -11.14
CA ILE A 504 -9.06 48.86 -9.73
C ILE A 504 -8.66 47.57 -9.01
N LEU A 505 -8.41 47.69 -7.71
CA LEU A 505 -7.39 46.93 -6.98
C LEU A 505 -7.58 45.43 -7.07
N ALA A 506 -6.50 44.74 -7.42
CA ALA A 506 -6.51 43.30 -7.63
C ALA A 506 -6.58 42.59 -6.27
N VAL A 507 -7.31 41.48 -6.25
CA VAL A 507 -7.43 40.70 -5.03
C VAL A 507 -6.83 39.32 -5.30
N GLN A 508 -6.03 38.86 -4.34
CA GLN A 508 -5.38 37.57 -4.40
C GLN A 508 -6.26 36.51 -3.75
N HIS A 509 -6.57 35.44 -4.47
CA HIS A 509 -7.16 34.27 -3.87
C HIS A 509 -6.44 33.04 -4.37
N HIS A 510 -6.73 31.89 -3.75
CA HIS A 510 -6.16 30.63 -4.17
C HIS A 510 -7.18 29.53 -3.93
N ARG A 511 -6.94 28.38 -4.55
CA ARG A 511 -7.97 27.36 -4.61
C ARG A 511 -7.33 26.01 -4.86
N ILE A 512 -8.10 24.97 -4.55
CA ILE A 512 -7.65 23.59 -4.67
C ILE A 512 -8.57 22.91 -5.66
N GLN A 513 -7.99 22.17 -6.60
CA GLN A 513 -8.71 21.54 -7.70
C GLN A 513 -8.43 20.05 -7.71
N ARG A 514 -9.46 19.26 -7.99
CA ARG A 514 -9.30 17.84 -8.19
C ARG A 514 -8.95 17.59 -9.66
N PHE A 515 -8.08 16.61 -9.90
CA PHE A 515 -7.75 16.23 -11.25
C PHE A 515 -8.56 15.01 -11.67
N GLU A 516 -8.61 14.77 -12.99
CA GLU A 516 -9.11 13.57 -13.64
C GLU A 516 -8.75 12.28 -12.94
N LYS A 517 -7.46 12.10 -12.65
CA LYS A 517 -6.99 10.86 -12.08
C LYS A 517 -7.01 10.88 -10.55
N GLY A 518 -7.66 11.86 -9.95
CA GLY A 518 -7.85 11.87 -8.51
C GLY A 518 -6.75 12.50 -7.70
N PHE A 519 -6.18 13.60 -8.18
CA PHE A 519 -5.08 14.21 -7.44
C PHE A 519 -5.35 15.69 -7.23
N LEU A 520 -4.79 16.25 -6.16
CA LEU A 520 -4.97 17.67 -5.89
C LEU A 520 -3.86 18.45 -6.58
N LEU A 521 -4.22 19.58 -7.20
CA LEU A 521 -3.25 20.46 -7.86
C LEU A 521 -3.49 21.87 -7.32
N ARG A 522 -2.44 22.50 -6.81
CA ARG A 522 -2.56 23.84 -6.26
C ARG A 522 -2.86 24.84 -7.36
N GLY A 523 -3.53 25.92 -6.99
CA GLY A 523 -3.78 26.98 -7.93
C GLY A 523 -3.76 28.31 -7.20
N LEU A 524 -4.17 29.33 -7.94
CA LEU A 524 -4.43 30.65 -7.41
C LEU A 524 -5.73 31.18 -8.00
N ASP A 525 -6.11 32.39 -7.58
CA ASP A 525 -7.19 33.13 -8.22
C ASP A 525 -6.81 34.60 -8.20
N VAL A 526 -6.61 35.18 -9.38
CA VAL A 526 -6.50 36.62 -9.51
C VAL A 526 -7.89 37.18 -9.78
N GLU A 527 -8.24 38.26 -9.09
CA GLU A 527 -9.50 38.94 -9.29
C GLU A 527 -9.21 40.43 -9.46
N VAL A 528 -9.38 40.91 -10.68
CA VAL A 528 -9.18 42.33 -10.95
C VAL A 528 -10.53 42.96 -11.26
N THR A 529 -10.65 44.25 -10.99
CA THR A 529 -11.89 44.97 -11.22
C THR A 529 -11.60 46.17 -12.10
N LEU A 530 -12.50 46.42 -13.06
CA LEU A 530 -12.41 47.58 -13.92
C LEU A 530 -12.76 48.88 -13.23
N ASP A 531 -13.55 48.85 -12.14
CA ASP A 531 -14.61 49.79 -11.78
C ASP A 531 -14.39 51.24 -12.22
N GLY A 532 -15.36 51.78 -12.94
CA GLY A 532 -15.14 52.91 -13.81
C GLY A 532 -15.39 52.52 -15.25
N ASN A 533 -15.91 53.47 -16.01
CA ASN A 533 -16.50 53.13 -17.30
C ASN A 533 -15.77 53.88 -18.40
N GLY A 534 -16.05 53.52 -19.64
CA GLY A 534 -15.22 53.99 -20.73
C GLY A 534 -13.85 53.37 -20.76
N PHE A 535 -13.76 52.04 -20.68
CA PHE A 535 -12.48 51.37 -20.95
C PHE A 535 -12.04 51.66 -22.37
N ALA A 536 -12.84 51.29 -23.34
CA ALA A 536 -12.57 51.53 -24.75
C ALA A 536 -13.91 51.49 -25.47
N GLY A 537 -13.86 51.33 -26.79
CA GLY A 537 -15.06 51.33 -27.61
C GLY A 537 -16.02 50.21 -27.33
N GLU A 538 -15.64 48.98 -27.62
CA GLU A 538 -16.46 47.82 -27.26
C GLU A 538 -15.68 46.99 -26.25
N GLY A 539 -16.18 46.94 -25.02
CA GLY A 539 -15.57 46.11 -24.01
C GLY A 539 -15.72 44.62 -24.31
N ASP A 540 -16.75 44.27 -25.08
CA ASP A 540 -16.88 42.92 -25.60
C ASP A 540 -15.73 42.61 -26.56
N ILE A 541 -15.28 43.62 -27.30
CA ILE A 541 -14.15 43.46 -28.21
C ILE A 541 -12.83 43.60 -27.46
N HIS A 542 -12.71 44.64 -26.62
CA HIS A 542 -11.40 44.97 -26.08
C HIS A 542 -11.02 44.07 -24.93
N LEU A 543 -11.92 43.91 -23.96
CA LEU A 543 -11.59 43.11 -22.78
C LEU A 543 -11.49 41.63 -23.10
N PHE A 544 -12.08 41.17 -24.20
CA PHE A 544 -11.69 39.87 -24.72
C PHE A 544 -10.27 39.92 -25.27
N GLY A 545 -9.97 40.93 -26.08
CA GLY A 545 -8.64 41.05 -26.65
C GLY A 545 -7.59 41.52 -25.64
N GLU A 546 -8.05 41.98 -24.48
CA GLU A 546 -7.10 42.32 -23.42
C GLU A 546 -6.68 41.09 -22.64
N MET A 547 -7.62 40.19 -22.34
CA MET A 547 -7.31 39.07 -21.46
C MET A 547 -6.53 37.99 -22.18
N LEU A 548 -6.51 37.99 -23.50
CA LEU A 548 -5.63 37.08 -24.20
C LEU A 548 -4.18 37.52 -24.05
N ASN A 549 -3.97 38.80 -23.78
CA ASN A 549 -2.62 39.31 -23.52
C ASN A 549 -2.23 39.09 -22.06
N ARG A 550 -3.05 39.57 -21.13
CA ARG A 550 -2.64 39.64 -19.73
C ARG A 550 -2.60 38.27 -19.08
N PHE A 551 -3.27 37.28 -19.66
CA PHE A 551 -3.15 35.93 -19.14
C PHE A 551 -1.82 35.28 -19.54
N LEU A 552 -1.36 35.52 -20.76
CA LEU A 552 -0.16 34.85 -21.24
C LEU A 552 1.10 35.39 -20.57
N ALA A 553 1.07 36.62 -20.07
CA ALA A 553 2.16 37.12 -19.25
C ALA A 553 1.95 36.84 -17.78
N LEU A 554 1.23 35.77 -17.45
CA LEU A 554 1.03 35.36 -16.06
C LEU A 554 1.51 33.93 -15.81
N TYR A 555 2.73 33.61 -16.23
CA TYR A 555 3.37 32.36 -15.83
C TYR A 555 4.32 32.64 -14.68
N ALA A 556 3.98 32.17 -13.47
CA ALA A 556 4.65 32.72 -12.30
C ALA A 556 5.27 31.70 -11.35
N ASP A 557 5.08 30.39 -11.55
CA ASP A 557 5.80 29.37 -10.81
C ASP A 557 5.70 28.09 -11.64
N MET A 558 6.01 26.95 -11.01
CA MET A 558 6.06 25.65 -11.67
C MET A 558 4.86 24.76 -11.38
N ASN A 559 4.17 24.95 -10.26
CA ASN A 559 3.09 24.07 -9.85
C ASN A 559 1.84 24.89 -9.51
N GLN A 560 1.52 25.84 -10.38
CA GLN A 560 0.44 26.80 -10.15
C GLN A 560 -0.61 26.62 -11.24
N PHE A 561 -1.78 26.12 -10.88
CA PHE A 561 -2.90 26.12 -11.81
C PHE A 561 -3.39 27.55 -12.02
N ASN A 562 -3.71 27.88 -13.26
CA ASN A 562 -3.86 29.28 -13.64
C ASN A 562 -5.22 29.84 -13.21
N GLN A 563 -5.34 31.16 -13.27
CA GLN A 563 -6.15 31.86 -12.29
C GLN A 563 -7.02 33.01 -12.77
N LEU A 564 -7.14 33.28 -14.06
CA LEU A 564 -7.69 34.55 -14.49
C LEU A 564 -9.21 34.59 -14.37
N THR A 565 -9.72 35.44 -13.49
CA THR A 565 -11.14 35.76 -13.44
C THR A 565 -11.30 37.26 -13.60
N LEU A 566 -11.73 37.67 -14.79
CA LEU A 566 -11.91 39.07 -15.10
C LEU A 566 -13.27 39.52 -14.60
N ILE A 567 -13.29 40.59 -13.82
CA ILE A 567 -14.52 41.14 -13.31
C ILE A 567 -14.63 42.57 -13.80
N VAL A 568 -15.48 42.80 -14.80
CA VAL A 568 -15.96 44.13 -15.15
C VAL A 568 -16.96 44.44 -14.06
N GLN A 569 -17.25 45.74 -13.81
CA GLN A 569 -18.18 46.25 -12.80
C GLN A 569 -19.54 45.54 -12.89
N PRO A 570 -20.33 45.45 -11.78
CA PRO A 570 -21.55 44.63 -11.81
C PRO A 570 -22.60 45.17 -12.76
N GLU A 571 -22.36 44.90 -14.04
CA GLU A 571 -23.11 45.45 -15.16
C GLU A 571 -23.46 44.31 -16.11
N GLY A 572 -23.73 43.14 -15.54
CA GLY A 572 -24.25 42.03 -16.30
C GLY A 572 -23.41 40.77 -16.34
N LYS A 573 -22.09 40.85 -16.10
CA LYS A 573 -21.26 39.69 -16.37
C LYS A 573 -19.96 39.76 -15.61
N CYS A 574 -19.36 38.58 -15.42
CA CYS A 574 -17.98 38.42 -14.98
C CYS A 574 -17.37 37.28 -15.78
N ILE A 575 -16.21 37.53 -16.38
CA ILE A 575 -15.61 36.62 -17.34
C ILE A 575 -14.55 35.79 -16.64
N ARG A 576 -14.67 34.47 -16.74
CA ARG A 576 -13.67 33.55 -16.23
C ARG A 576 -12.70 33.15 -17.33
N TRP A 577 -11.53 32.70 -16.91
CA TRP A 577 -10.53 32.17 -17.83
C TRP A 577 -9.79 31.03 -17.16
N LYS A 578 -9.97 29.82 -17.68
CA LYS A 578 -9.17 28.69 -17.25
C LYS A 578 -9.03 27.74 -18.43
N GLU A 579 -7.99 26.91 -18.38
CA GLU A 579 -7.72 25.98 -19.46
C GLU A 579 -7.52 24.60 -18.88
N ASN A 580 -7.39 23.60 -19.78
CA ASN A 580 -7.08 22.23 -19.38
C ASN A 580 -5.58 22.13 -19.11
N HIS A 581 -5.23 22.26 -17.83
CA HIS A 581 -3.82 22.19 -17.46
C HIS A 581 -3.55 20.82 -16.85
N ASN A 582 -2.50 20.16 -17.33
CA ASN A 582 -2.26 18.73 -17.14
C ASN A 582 -0.86 18.47 -16.59
N PRO A 583 -0.53 17.27 -16.10
CA PRO A 583 0.84 17.00 -15.64
C PRO A 583 1.86 16.85 -16.75
N ARG A 584 1.56 17.19 -18.00
CA ARG A 584 2.57 17.22 -19.04
C ARG A 584 2.98 18.64 -19.38
N LEU A 585 2.03 19.48 -19.81
CA LEU A 585 2.28 20.85 -20.19
C LEU A 585 0.99 21.61 -19.93
N PRO A 586 1.06 22.88 -19.56
CA PRO A 586 -0.15 23.71 -19.48
C PRO A 586 -0.74 23.93 -20.86
N GLY A 587 -2.07 23.87 -20.96
CA GLY A 587 -2.75 23.92 -22.23
C GLY A 587 -2.68 25.24 -22.98
N LEU B 4 38.49 58.03 7.95
CA LEU B 4 38.18 59.24 8.70
C LEU B 4 38.61 60.47 7.92
N THR B 5 38.23 61.65 8.40
CA THR B 5 38.59 62.88 7.70
C THR B 5 40.05 63.24 7.93
N LEU B 6 40.56 63.06 9.15
CA LEU B 6 41.98 63.23 9.39
C LEU B 6 42.78 62.01 8.93
N ARG B 7 42.12 60.91 8.57
CA ARG B 7 42.83 59.74 8.09
C ARG B 7 43.41 59.98 6.70
N TYR B 8 42.68 60.69 5.85
CA TYR B 8 43.19 60.97 4.52
C TYR B 8 44.13 62.17 4.54
N PHE B 9 44.01 63.02 5.55
CA PHE B 9 44.97 64.08 5.82
C PHE B 9 46.35 63.51 6.08
N ASP B 10 46.40 62.47 6.93
CA ASP B 10 47.67 61.88 7.33
C ASP B 10 48.25 61.01 6.22
N ALA B 11 47.45 60.67 5.20
CA ALA B 11 47.93 59.84 4.11
C ALA B 11 48.94 60.60 3.25
N GLU B 12 48.58 61.80 2.81
CA GLU B 12 49.47 62.55 1.94
C GLU B 12 50.59 63.23 2.70
N MET B 13 50.42 63.44 4.01
CA MET B 13 51.46 64.09 4.80
C MET B 13 52.64 63.15 5.01
N ARG B 14 52.37 61.85 5.16
CA ARG B 14 53.44 60.86 5.16
C ARG B 14 54.03 60.71 3.77
N TYR B 15 53.22 60.98 2.75
CA TYR B 15 53.62 60.72 1.37
C TYR B 15 54.67 61.70 0.89
N LEU B 16 54.35 62.99 0.92
CA LEU B 16 55.20 63.98 0.29
C LEU B 16 56.50 64.20 1.08
N ARG B 17 56.54 63.74 2.33
CA ARG B 17 57.80 63.75 3.06
C ARG B 17 58.71 62.62 2.59
N GLU B 18 58.14 61.47 2.24
CA GLU B 18 58.96 60.41 1.64
C GLU B 18 59.25 60.73 0.18
N ALA B 19 58.42 61.55 -0.45
CA ALA B 19 58.70 61.98 -1.81
C ALA B 19 59.87 62.95 -1.84
N GLY B 20 60.01 63.77 -0.79
CA GLY B 20 61.11 64.73 -0.76
C GLY B 20 62.43 64.12 -0.32
N LYS B 21 62.39 63.09 0.54
CA LYS B 21 63.62 62.46 0.99
C LYS B 21 64.23 61.57 -0.09
N ALA B 22 63.41 61.09 -1.02
CA ALA B 22 63.95 60.32 -2.13
C ALA B 22 64.48 61.22 -3.24
N PHE B 23 63.97 62.45 -3.35
CA PHE B 23 64.37 63.35 -4.43
C PHE B 23 65.60 64.16 -4.03
N ALA B 24 65.50 64.91 -2.93
CA ALA B 24 66.55 65.84 -2.54
C ALA B 24 67.79 65.15 -1.98
N GLN B 25 67.82 63.81 -1.97
CA GLN B 25 69.01 63.09 -1.57
C GLN B 25 69.98 62.91 -2.74
N ALA B 26 69.48 62.39 -3.88
CA ALA B 26 70.37 62.09 -5.00
C ALA B 26 69.93 62.69 -6.32
N HIS B 27 68.62 62.87 -6.53
CA HIS B 27 68.09 63.38 -7.79
C HIS B 27 68.47 64.86 -7.96
N PRO B 28 68.49 65.38 -9.20
CA PRO B 28 69.16 66.68 -9.45
C PRO B 28 68.56 67.92 -8.78
N ASP B 29 67.53 67.79 -7.93
CA ASP B 29 67.10 68.96 -7.16
C ASP B 29 68.06 69.31 -6.03
N ARG B 30 68.96 68.40 -5.65
CA ARG B 30 69.95 68.72 -4.61
C ARG B 30 71.12 69.54 -5.17
N ALA B 31 71.04 69.94 -6.44
CA ALA B 31 71.92 70.99 -6.93
C ALA B 31 71.37 72.37 -6.56
N ALA B 32 70.07 72.46 -6.24
CA ALA B 32 69.46 73.75 -5.94
C ALA B 32 68.61 73.76 -4.67
N MET B 33 68.00 72.65 -4.29
CA MET B 33 67.16 72.59 -3.09
C MET B 33 67.94 72.17 -1.86
N LEU B 34 69.11 71.56 -2.04
CA LEU B 34 70.03 71.32 -0.93
C LEU B 34 70.46 72.60 -0.24
N ASP B 35 70.56 73.72 -0.97
CA ASP B 35 70.89 75.01 -0.37
C ASP B 35 69.81 75.48 0.60
N LEU B 36 68.61 74.91 0.52
CA LEU B 36 67.56 75.21 1.49
C LEU B 36 67.33 74.03 2.43
N ASP B 37 67.67 72.82 2.00
CA ASP B 37 67.58 71.68 2.91
C ASP B 37 68.77 71.56 3.87
N LYS B 38 70.01 71.78 3.40
CA LYS B 38 71.17 71.70 4.28
C LYS B 38 71.15 72.81 5.32
N ALA B 39 70.75 74.01 4.91
CA ALA B 39 70.52 75.08 5.89
C ALA B 39 69.25 74.83 6.69
N GLY B 40 68.29 74.10 6.12
CA GLY B 40 67.08 73.73 6.82
C GLY B 40 65.90 74.65 6.57
N THR B 41 64.95 74.21 5.76
CA THR B 41 63.72 74.98 5.49
C THR B 41 62.47 74.15 5.70
N PRO B 42 62.01 74.00 6.97
CA PRO B 42 60.63 73.57 7.23
C PRO B 42 59.69 74.77 7.29
N ASP B 43 59.58 75.50 6.18
CA ASP B 43 59.13 76.89 6.24
C ASP B 43 57.63 76.98 6.44
N PRO B 44 57.15 77.85 7.33
CA PRO B 44 55.75 78.29 7.28
C PRO B 44 55.43 79.10 6.04
N CYS B 45 56.44 79.64 5.36
CA CYS B 45 56.24 80.33 4.09
C CYS B 45 55.68 79.39 3.03
N VAL B 46 56.39 78.29 2.77
CA VAL B 46 56.10 77.51 1.57
C VAL B 46 55.38 76.20 1.89
N GLU B 47 55.73 75.55 3.01
CA GLU B 47 55.24 74.18 3.22
C GLU B 47 53.81 74.16 3.72
N ARG B 48 53.28 75.30 4.18
CA ARG B 48 51.89 75.33 4.63
C ARG B 48 50.92 75.36 3.46
N LEU B 49 51.20 76.13 2.42
CA LEU B 49 50.25 76.25 1.32
C LEU B 49 50.52 75.21 0.24
N PHE B 50 51.74 74.67 0.18
CA PHE B 50 52.03 73.60 -0.78
C PHE B 50 51.36 72.30 -0.35
N GLU B 51 51.40 72.01 0.94
CA GLU B 51 50.66 70.86 1.45
C GLU B 51 49.17 71.14 1.47
N GLY B 52 48.78 72.39 1.71
CA GLY B 52 47.37 72.74 1.74
C GLY B 52 46.71 72.61 0.38
N PHE B 53 47.43 72.98 -0.68
CA PHE B 53 46.97 72.69 -2.03
C PHE B 53 47.01 71.19 -2.32
N ALA B 54 47.92 70.48 -1.65
CA ALA B 54 48.02 69.04 -1.85
C ALA B 54 46.93 68.30 -1.10
N PHE B 55 46.65 68.71 0.13
CA PHE B 55 45.80 67.91 1.01
C PHE B 55 44.34 68.02 0.60
N SER B 56 43.90 69.21 0.19
CA SER B 56 42.53 69.38 -0.25
C SER B 56 42.26 68.63 -1.55
N MET B 57 43.29 68.52 -2.41
CA MET B 57 43.16 67.74 -3.63
C MET B 57 43.40 66.26 -3.36
N GLY B 58 44.23 65.96 -2.36
CA GLY B 58 44.53 64.57 -2.05
C GLY B 58 43.41 63.88 -1.30
N ARG B 59 42.60 64.64 -0.57
CA ARG B 59 41.57 64.04 0.27
C ARG B 59 40.29 63.81 -0.51
N LEU B 60 39.87 64.80 -1.32
CA LEU B 60 38.51 64.82 -1.85
C LEU B 60 38.30 63.75 -2.92
N ARG B 61 39.14 63.73 -3.95
CA ARG B 61 38.98 62.78 -5.05
C ARG B 61 39.22 61.35 -4.58
N GLN B 62 40.18 61.16 -3.70
CA GLN B 62 40.47 59.82 -3.18
C GLN B 62 39.36 59.31 -2.28
N LYS B 63 38.72 60.18 -1.51
CA LYS B 63 37.57 59.75 -0.71
C LYS B 63 36.39 59.39 -1.59
N ILE B 64 36.23 60.09 -2.72
CA ILE B 64 35.09 59.82 -3.58
C ILE B 64 35.32 58.58 -4.42
N ASP B 65 36.52 58.44 -5.02
CA ASP B 65 36.75 57.35 -5.96
C ASP B 65 36.89 56.01 -5.26
N ASP B 66 37.21 56.01 -3.96
CA ASP B 66 37.35 54.75 -3.24
C ASP B 66 36.03 54.30 -2.66
N ASP B 67 35.33 55.20 -1.98
CA ASP B 67 34.05 54.83 -1.36
C ASP B 67 32.97 54.60 -2.41
N LEU B 68 32.80 55.56 -3.32
CA LEU B 68 31.75 55.63 -4.33
C LEU B 68 30.36 55.50 -3.70
N PRO B 69 29.84 56.54 -3.00
CA PRO B 69 28.47 56.48 -2.48
C PRO B 69 27.44 56.73 -3.56
N GLU B 70 27.23 55.73 -4.42
CA GLU B 70 26.73 55.95 -5.76
C GLU B 70 25.27 56.41 -5.76
N LEU B 71 24.84 56.92 -6.92
CA LEU B 71 23.50 57.47 -7.05
C LEU B 71 22.43 56.40 -6.93
N THR B 72 22.79 55.16 -7.25
CA THR B 72 21.84 54.07 -7.13
C THR B 72 21.60 53.67 -5.67
N GLU B 73 22.42 54.15 -4.75
CA GLU B 73 22.25 53.80 -3.35
C GLU B 73 21.17 54.63 -2.68
N SER B 74 20.72 55.69 -3.36
CA SER B 74 19.60 56.47 -2.86
C SER B 74 18.25 55.90 -3.24
N LEU B 75 18.21 54.67 -3.76
CA LEU B 75 16.95 53.98 -4.03
C LEU B 75 16.30 53.45 -2.78
N VAL B 76 16.99 53.45 -1.64
CA VAL B 76 16.38 53.06 -0.39
C VAL B 76 15.52 54.19 0.16
N SER B 77 15.64 55.39 -0.44
CA SER B 77 14.79 56.52 -0.06
C SER B 77 13.33 56.31 -0.45
N MET B 78 13.07 55.34 -1.34
CA MET B 78 11.68 54.96 -1.57
C MET B 78 11.30 53.68 -0.85
N LEU B 79 12.24 53.05 -0.13
CA LEU B 79 11.83 52.07 0.88
C LEU B 79 11.42 52.78 2.17
N TRP B 80 12.24 53.74 2.62
CA TRP B 80 12.06 54.54 3.83
C TRP B 80 11.91 53.69 5.10
N PRO B 81 12.89 52.85 5.50
CA PRO B 81 13.06 52.65 6.95
C PRO B 81 14.10 53.59 7.51
N HIS B 82 15.01 54.06 6.64
CA HIS B 82 16.30 54.56 7.10
C HIS B 82 16.27 56.02 7.52
N TYR B 83 15.11 56.55 7.93
CA TYR B 83 15.11 57.75 8.75
C TYR B 83 15.74 57.47 10.11
N LEU B 84 15.77 56.20 10.54
CA LEU B 84 16.43 55.77 11.76
C LEU B 84 17.96 55.88 11.71
N ARG B 85 18.54 56.45 10.65
CA ARG B 85 19.99 56.63 10.60
C ARG B 85 20.45 57.77 11.52
N THR B 86 19.54 58.62 11.98
CA THR B 86 19.89 59.70 12.89
C THR B 86 19.16 59.48 14.20
N ILE B 87 19.76 58.68 15.07
CA ILE B 87 19.18 58.38 16.38
C ILE B 87 19.82 59.28 17.43
N PRO B 88 19.03 59.99 18.21
CA PRO B 88 19.60 60.80 19.30
C PRO B 88 20.02 59.98 20.51
N SER B 89 20.33 60.67 21.61
CA SER B 89 20.79 60.02 22.83
C SER B 89 19.72 59.13 23.45
N LEU B 90 20.16 58.10 24.19
CA LEU B 90 19.22 57.25 24.93
C LEU B 90 18.76 58.05 26.13
N SER B 91 17.78 58.92 25.89
CA SER B 91 17.20 59.70 26.96
C SER B 91 16.37 58.78 27.84
N VAL B 92 16.95 58.36 28.97
CA VAL B 92 16.43 57.26 29.76
C VAL B 92 15.12 57.65 30.44
N VAL B 93 14.44 56.66 31.01
CA VAL B 93 13.09 56.84 31.52
C VAL B 93 13.08 57.83 32.68
N ALA B 94 12.18 58.81 32.58
CA ALA B 94 12.06 59.87 33.58
C ALA B 94 11.09 59.42 34.66
N LEU B 95 10.97 60.24 35.70
CA LEU B 95 10.19 59.85 36.87
C LEU B 95 9.25 60.98 37.29
N THR B 96 8.48 60.71 38.33
CA THR B 96 7.42 61.59 38.84
C THR B 96 7.12 61.24 40.30
N PRO B 97 7.21 62.22 41.21
CA PRO B 97 6.92 61.94 42.63
C PRO B 97 5.44 62.04 42.96
N ARG B 98 5.10 61.70 44.22
CA ARG B 98 3.74 61.88 44.71
C ARG B 98 3.37 63.35 44.75
N LEU B 99 2.11 63.65 44.41
CA LEU B 99 1.59 65.01 44.50
C LEU B 99 0.17 64.94 45.11
N SER B 100 0.13 65.00 46.45
CA SER B 100 -1.08 65.12 47.27
C SER B 100 -2.07 63.98 47.00
N VAL B 101 -1.62 62.77 47.35
CA VAL B 101 -2.31 61.57 46.90
C VAL B 101 -3.56 61.36 47.75
N MET B 102 -4.66 61.96 47.29
CA MET B 102 -5.97 61.87 47.93
C MET B 102 -7.09 62.27 46.97
N LYS B 103 -7.92 61.29 46.60
CA LYS B 103 -9.14 61.45 45.81
C LYS B 103 -8.84 62.03 44.42
N MET B 104 -7.77 61.54 43.81
CA MET B 104 -7.31 62.08 42.54
C MET B 104 -7.10 60.96 41.54
N ALA B 105 -7.47 61.21 40.30
CA ALA B 105 -7.04 60.43 39.15
C ALA B 105 -6.49 61.39 38.09
N GLU B 106 -5.38 61.01 37.47
CA GLU B 106 -4.66 61.93 36.60
C GLU B 106 -4.71 61.43 35.15
N THR B 107 -4.61 62.38 34.24
CA THR B 107 -4.47 62.09 32.82
C THR B 107 -3.39 62.99 32.25
N VAL B 108 -2.34 62.38 31.75
CA VAL B 108 -1.15 63.14 31.38
C VAL B 108 -0.90 63.03 29.88
N PRO B 109 -0.91 64.14 29.15
CA PRO B 109 -0.46 64.12 27.75
C PRO B 109 1.05 64.14 27.65
N ALA B 110 1.53 63.75 26.48
CA ALA B 110 2.95 63.74 26.18
C ALA B 110 3.42 65.16 25.81
N GLY B 111 4.63 65.28 25.29
CA GLY B 111 5.18 66.58 24.99
C GLY B 111 5.60 67.37 26.20
N LEU B 112 5.86 66.70 27.32
CA LEU B 112 6.37 67.39 28.49
C LEU B 112 7.88 67.57 28.41
N GLU B 113 8.29 68.75 27.99
CA GLU B 113 9.70 69.12 27.90
C GLU B 113 10.31 69.12 29.29
N VAL B 114 11.54 68.62 29.38
CA VAL B 114 12.21 68.47 30.67
C VAL B 114 13.63 69.01 30.63
N THR B 115 14.29 69.00 31.78
CA THR B 115 15.71 69.29 31.99
C THR B 115 16.08 70.69 31.46
N SER B 116 15.54 71.70 32.14
CA SER B 116 15.88 73.07 31.80
C SER B 116 17.19 73.50 32.45
N ARG B 117 17.72 72.70 33.37
CA ARG B 117 18.98 73.02 34.06
C ARG B 117 20.29 72.81 33.28
N PRO B 118 20.66 71.56 32.81
CA PRO B 118 22.09 71.22 32.70
C PRO B 118 22.87 71.91 31.57
N VAL B 119 23.37 73.10 31.85
CA VAL B 119 24.21 73.86 30.93
C VAL B 119 25.60 73.24 30.90
N GLY B 120 26.31 73.44 29.79
CA GLY B 120 27.62 72.88 29.60
C GLY B 120 28.68 73.92 29.28
N PRO B 121 29.94 73.47 29.11
CA PRO B 121 31.07 74.40 28.88
C PRO B 121 30.98 75.18 27.57
N GLY B 122 30.93 74.45 26.46
CA GLY B 122 30.64 75.04 25.17
C GLY B 122 29.32 74.51 24.71
N ASN B 123 28.56 74.01 25.70
CA ASN B 123 27.31 73.31 25.47
C ASN B 123 26.19 74.08 26.16
N THR B 124 25.01 73.99 25.58
CA THR B 124 23.82 74.63 26.13
C THR B 124 22.95 73.56 26.77
N VAL B 125 21.80 73.97 27.22
CA VAL B 125 20.84 73.07 27.82
C VAL B 125 20.02 72.44 26.70
N CYS B 126 19.67 71.18 26.84
CA CYS B 126 18.94 70.45 25.81
C CYS B 126 17.49 70.28 26.25
N ARG B 127 16.57 70.95 25.56
CA ARG B 127 15.14 70.74 25.74
C ARG B 127 14.69 69.61 24.83
N TYR B 128 13.88 68.70 25.36
CA TYR B 128 13.46 67.55 24.58
C TYR B 128 12.18 66.97 25.19
N ARG B 129 11.48 66.17 24.39
CA ARG B 129 10.12 65.77 24.66
C ARG B 129 10.03 64.27 24.96
N THR B 130 8.81 63.79 25.10
CA THR B 130 8.50 62.42 25.44
C THR B 130 7.50 61.84 24.45
N THR B 131 7.25 60.54 24.57
CA THR B 131 6.25 59.85 23.76
C THR B 131 5.35 59.01 24.65
N ARG B 132 4.05 59.13 24.41
CA ARG B 132 3.01 58.27 24.99
C ARG B 132 3.01 58.31 26.52
N ALA B 133 2.66 59.49 27.04
CA ALA B 133 2.60 59.67 28.48
C ALA B 133 1.44 58.87 29.07
N ILE B 134 1.51 58.69 30.38
CA ILE B 134 0.74 57.66 31.07
C ILE B 134 -0.44 58.35 31.77
N PRO B 135 -1.67 57.83 31.61
CA PRO B 135 -2.76 58.26 32.50
C PRO B 135 -2.51 57.76 33.92
N LEU B 136 -2.15 58.68 34.80
CA LEU B 136 -1.59 58.30 36.09
C LEU B 136 -2.69 58.06 37.13
N ASN B 137 -2.45 57.05 37.96
CA ASN B 137 -3.32 56.75 39.08
C ASN B 137 -2.44 56.69 40.32
N PRO B 138 -2.57 57.66 41.23
CA PRO B 138 -1.57 57.84 42.28
C PRO B 138 -1.65 56.80 43.38
N LEU B 139 -0.69 55.88 43.39
CA LEU B 139 -0.45 54.93 44.48
C LEU B 139 0.98 54.45 44.32
N ALA B 140 1.73 54.48 45.41
CA ALA B 140 3.16 54.18 45.26
C ALA B 140 3.68 53.50 46.52
N VAL B 141 3.93 52.21 46.41
CA VAL B 141 4.54 51.47 47.51
C VAL B 141 6.00 51.87 47.63
N GLU B 142 6.46 52.01 48.87
CA GLU B 142 7.77 52.57 49.16
C GLU B 142 8.85 51.55 49.42
N LYS B 143 8.51 50.39 49.99
CA LYS B 143 9.51 49.39 50.35
C LYS B 143 9.22 48.06 49.68
N VAL B 144 10.24 47.48 49.04
CA VAL B 144 10.15 46.19 48.37
C VAL B 144 11.03 45.18 49.09
N VAL B 145 10.39 44.26 49.81
CA VAL B 145 11.06 43.27 50.64
C VAL B 145 10.74 41.90 50.09
N MET B 146 11.76 41.06 49.98
CA MET B 146 11.59 39.67 49.59
C MET B 146 11.44 38.81 50.83
N THR B 147 10.36 38.03 50.89
CA THR B 147 10.17 37.05 51.95
C THR B 147 10.09 35.68 51.30
N THR B 148 10.80 34.71 51.87
CA THR B 148 10.73 33.35 51.37
C THR B 148 9.70 32.55 52.17
N GLU B 149 9.34 31.39 51.65
CA GLU B 149 8.49 30.44 52.37
C GLU B 149 9.35 29.48 53.18
N PRO B 150 8.77 28.84 54.20
CA PRO B 150 9.41 27.65 54.78
C PRO B 150 9.22 26.40 53.93
N ASP B 151 8.50 26.47 52.81
CA ASP B 151 8.39 25.39 51.84
C ASP B 151 9.23 25.68 50.59
N GLY B 152 9.95 26.79 50.59
CA GLY B 152 10.95 27.06 49.57
C GLY B 152 10.56 27.97 48.43
N ARG B 153 9.75 29.00 48.68
CA ARG B 153 9.36 29.91 47.62
C ARG B 153 9.42 31.35 48.12
N SER B 154 9.94 32.25 47.28
CA SER B 154 10.21 33.63 47.67
C SER B 154 9.23 34.59 47.00
N VAL B 155 8.54 35.38 47.81
CA VAL B 155 7.53 36.32 47.34
C VAL B 155 7.94 37.72 47.77
N LEU B 156 7.12 38.71 47.44
CA LEU B 156 7.46 40.10 47.71
C LEU B 156 6.18 40.92 47.91
N LYS B 157 6.32 42.25 47.89
CA LYS B 157 5.37 43.14 48.57
C LYS B 157 4.09 43.41 47.79
N ILE B 158 3.16 44.05 48.51
CA ILE B 158 1.76 44.17 48.14
C ILE B 158 1.40 45.60 47.78
N GLY B 159 0.21 45.80 47.25
CA GLY B 159 -0.37 47.11 46.99
C GLY B 159 -1.28 47.66 48.07
N PHE B 160 -0.74 48.09 49.20
CA PHE B 160 -1.50 48.77 50.25
C PHE B 160 -0.78 50.05 50.67
N ALA B 161 -0.48 50.91 49.69
CA ALA B 161 0.21 52.17 49.95
C ALA B 161 -0.74 53.34 50.17
N CYS B 162 -1.56 53.66 49.18
CA CYS B 162 -2.26 54.95 49.11
C CYS B 162 -3.77 54.78 48.94
N SER B 163 -4.40 53.90 49.70
CA SER B 163 -5.78 53.54 49.43
C SER B 163 -6.77 54.31 50.30
N GLU B 164 -6.42 54.61 51.54
CA GLU B 164 -7.35 55.11 52.55
C GLU B 164 -7.60 56.61 52.44
N LEU B 165 -7.17 57.24 51.36
CA LEU B 165 -7.34 58.67 51.18
C LEU B 165 -8.12 59.02 49.92
N ALA B 166 -8.59 58.02 49.16
CA ALA B 166 -9.06 58.28 47.80
C ALA B 166 -10.30 57.44 47.52
N ASP B 167 -11.01 57.83 46.48
CA ASP B 167 -12.18 57.11 46.00
C ASP B 167 -11.80 56.25 44.79
N TRP B 168 -11.27 55.06 45.11
CA TRP B 168 -10.80 54.17 44.06
C TRP B 168 -11.92 53.43 43.34
N SER B 169 -13.18 53.65 43.73
CA SER B 169 -14.30 53.16 42.95
C SER B 169 -14.56 54.00 41.71
N GLN B 170 -13.88 55.13 41.56
CA GLN B 170 -14.14 56.06 40.47
C GLN B 170 -13.03 56.00 39.43
N VAL B 171 -12.16 54.99 39.53
CA VAL B 171 -10.88 54.97 38.84
C VAL B 171 -10.85 53.77 37.89
N ASP B 172 -10.37 54.01 36.67
CA ASP B 172 -10.17 52.95 35.67
C ASP B 172 -8.80 52.33 35.91
N LEU B 173 -8.77 51.30 36.77
CA LEU B 173 -7.54 50.60 37.13
C LEU B 173 -7.39 49.41 36.20
N HIS B 174 -6.80 49.66 35.04
CA HIS B 174 -6.62 48.62 34.03
C HIS B 174 -5.27 48.80 33.35
N ARG B 175 -4.44 47.76 33.43
CA ARG B 175 -3.19 47.63 32.68
C ARG B 175 -2.18 48.74 33.02
N LEU B 176 -2.14 49.09 34.32
CA LEU B 176 -1.18 50.06 34.82
C LEU B 176 0.23 49.49 34.90
N SER B 177 0.97 49.62 33.81
CA SER B 177 2.31 49.04 33.71
C SER B 177 3.30 49.71 34.64
N LEU B 178 4.40 49.03 34.88
CA LEU B 178 5.52 49.55 35.67
C LEU B 178 6.83 49.05 35.07
N TYR B 179 7.75 49.99 34.81
CA TYR B 179 9.03 49.59 34.26
C TYR B 179 10.01 49.28 35.37
N LEU B 180 10.68 48.12 35.25
CA LEU B 180 11.59 47.64 36.27
C LEU B 180 12.77 48.59 36.46
N ALA B 181 13.00 48.96 37.70
CA ALA B 181 13.90 50.04 38.06
C ALA B 181 15.36 49.58 38.01
N ALA B 182 16.22 50.35 38.66
CA ALA B 182 17.67 50.26 38.53
C ALA B 182 18.28 49.09 39.30
N GLU B 183 17.51 48.05 39.62
CA GLU B 183 18.08 46.77 40.01
C GLU B 183 18.50 45.95 38.78
N ALA B 184 18.19 46.44 37.58
CA ALA B 184 18.73 45.83 36.37
C ALA B 184 20.23 45.99 36.16
N PRO B 185 20.93 47.05 36.63
CA PRO B 185 22.40 46.99 36.67
C PRO B 185 22.98 45.81 37.45
N VAL B 186 22.25 45.24 38.41
CA VAL B 186 22.48 43.84 38.72
C VAL B 186 21.87 43.05 37.57
N SER B 187 22.72 42.61 36.63
CA SER B 187 22.27 42.11 35.33
C SER B 187 21.90 40.63 35.39
N SER B 188 21.10 40.27 36.39
CA SER B 188 20.43 38.99 36.45
C SER B 188 19.03 39.12 37.00
N THR B 189 18.60 40.31 37.40
CA THR B 189 17.29 40.56 37.99
C THR B 189 16.21 40.84 36.97
N LEU B 190 16.38 41.88 36.15
CA LEU B 190 15.44 42.15 35.05
C LEU B 190 15.48 41.03 34.02
N HIS B 191 16.59 40.29 33.96
CA HIS B 191 16.58 38.97 33.35
C HIS B 191 15.51 38.09 33.99
N LEU B 192 15.66 37.80 35.28
CA LEU B 192 14.77 36.87 35.94
C LEU B 192 13.37 37.43 36.10
N MET B 193 13.26 38.66 36.58
CA MET B 193 11.95 39.19 36.99
C MET B 193 11.04 39.50 35.81
N MET B 194 11.55 39.40 34.58
CA MET B 194 10.63 39.38 33.44
C MET B 194 10.30 37.96 33.02
N THR B 195 11.30 37.06 33.00
CA THR B 195 11.03 35.69 32.60
C THR B 195 10.40 34.85 33.71
N LYS B 196 10.47 35.30 34.95
CA LYS B 196 9.77 34.61 36.03
C LYS B 196 8.27 34.75 35.87
N ARG B 197 7.82 35.88 35.32
CA ARG B 197 6.42 36.13 35.04
C ARG B 197 5.97 35.57 33.69
N LEU B 198 6.67 34.57 33.17
CA LEU B 198 6.05 33.66 32.22
C LEU B 198 5.14 32.67 32.92
N ALA B 199 5.31 32.48 34.22
CA ALA B 199 4.58 31.48 34.99
C ALA B 199 4.11 32.01 36.35
N ALA B 200 3.45 33.18 36.37
CA ALA B 200 2.96 33.75 37.62
C ALA B 200 1.80 32.92 38.17
N LEU B 201 1.51 33.14 39.46
CA LEU B 201 0.36 32.49 40.10
C LEU B 201 -0.48 33.58 40.74
N TYR B 202 -1.66 33.20 41.24
CA TYR B 202 -2.63 34.15 41.76
C TYR B 202 -2.15 34.80 43.05
N LEU B 203 -2.75 35.93 43.37
CA LEU B 203 -2.22 36.84 44.37
C LEU B 203 -3.07 36.84 45.65
N ARG B 204 -2.38 37.11 46.76
CA ARG B 204 -2.95 37.04 48.10
C ARG B 204 -2.39 38.21 48.90
N LEU B 205 -3.19 39.25 49.13
CA LEU B 205 -2.70 40.42 49.83
C LEU B 205 -3.72 40.82 50.90
N PRO B 206 -3.26 40.98 52.15
CA PRO B 206 -4.13 41.57 53.18
C PRO B 206 -4.00 43.09 53.26
N GLY B 207 -5.12 43.79 53.17
CA GLY B 207 -5.12 45.22 53.35
C GLY B 207 -6.15 45.69 54.36
N ASN B 208 -7.21 44.89 54.51
CA ASN B 208 -8.44 45.26 55.24
C ASN B 208 -9.02 46.58 54.72
N ASP B 209 -9.25 46.66 53.41
CA ASP B 209 -9.83 47.86 52.80
C ASP B 209 -10.65 47.41 51.59
N GLU B 210 -11.98 47.52 51.71
CA GLU B 210 -12.91 47.25 50.61
C GLU B 210 -13.06 48.52 49.77
N ARG B 211 -12.00 48.83 49.05
CA ARG B 211 -11.91 49.97 48.15
C ARG B 211 -11.37 49.56 46.79
N ILE B 212 -10.61 48.48 46.73
CA ILE B 212 -9.89 48.07 45.52
C ILE B 212 -10.35 46.67 45.13
N ARG B 213 -10.97 46.55 43.96
CA ARG B 213 -11.25 45.26 43.35
C ARG B 213 -10.95 45.37 41.87
N ILE B 214 -9.78 44.90 41.44
CA ILE B 214 -9.41 44.97 40.04
C ILE B 214 -9.34 43.57 39.45
N ASP B 215 -9.28 43.50 38.13
CA ASP B 215 -8.84 42.32 37.41
C ASP B 215 -8.29 42.83 36.07
N GLY B 216 -7.84 41.91 35.23
CA GLY B 216 -7.15 42.32 34.04
C GLY B 216 -5.78 42.84 34.44
N TRP B 217 -4.93 41.92 34.88
CA TRP B 217 -3.71 42.28 35.58
C TRP B 217 -2.71 42.95 34.64
N PHE B 218 -2.02 43.95 35.19
CA PHE B 218 -1.19 44.84 34.38
C PHE B 218 0.09 44.14 33.97
N SER B 219 0.60 44.51 32.80
CA SER B 219 1.80 43.94 32.24
C SER B 219 2.96 44.91 32.47
N PRO B 220 3.91 44.59 33.34
CA PRO B 220 5.07 45.47 33.54
C PRO B 220 6.04 45.48 32.35
N GLY B 221 7.08 46.29 32.43
CA GLY B 221 8.04 46.35 31.34
C GLY B 221 9.47 46.60 31.77
N GLY B 222 10.16 47.46 31.03
CA GLY B 222 11.54 47.81 31.36
C GLY B 222 12.55 47.56 30.26
N PHE B 223 12.12 47.58 29.00
CA PHE B 223 13.02 47.22 27.90
C PHE B 223 14.03 48.32 27.59
N ALA B 224 13.79 49.54 28.05
CA ALA B 224 14.46 50.71 27.50
C ALA B 224 15.92 50.85 27.91
N GLU B 225 16.43 49.94 28.74
CA GLU B 225 17.86 49.91 29.03
C GLU B 225 18.68 49.59 27.79
N GLU B 226 18.15 48.76 26.90
CA GLU B 226 18.90 48.27 25.76
C GLU B 226 18.35 48.89 24.49
N ASP B 227 19.26 49.20 23.56
CA ASP B 227 18.90 49.84 22.30
C ASP B 227 19.57 49.24 21.07
N ARG B 228 20.40 48.22 21.23
CA ARG B 228 20.82 47.44 20.06
C ARG B 228 19.75 46.44 19.68
N LEU B 229 18.98 45.98 20.66
CA LEU B 229 17.93 45.00 20.46
C LEU B 229 16.72 45.58 19.74
N TRP B 230 16.48 46.88 19.90
CA TRP B 230 15.32 47.51 19.28
C TRP B 230 15.35 47.61 17.75
N PRO B 231 16.48 47.89 17.06
CA PRO B 231 16.42 47.88 15.59
C PRO B 231 16.19 46.50 14.98
N LYS B 232 16.35 45.42 15.74
CA LYS B 232 15.78 44.16 15.29
C LYS B 232 14.26 44.26 15.20
N GLY B 233 13.64 44.90 16.18
CA GLY B 233 12.19 45.02 16.16
C GLY B 233 11.69 46.05 15.15
N ASP B 234 12.59 46.92 14.69
CA ASP B 234 12.18 47.98 13.77
C ASP B 234 11.92 47.45 12.37
N SER B 235 12.85 46.65 11.84
CA SER B 235 12.62 46.05 10.53
C SER B 235 11.53 44.98 10.61
N ALA B 236 11.38 44.36 11.78
CA ALA B 236 10.47 43.24 11.97
C ALA B 236 9.00 43.63 11.87
N PHE B 237 8.69 44.91 11.92
CA PHE B 237 7.30 45.35 11.86
C PHE B 237 7.16 46.37 10.74
N SER B 238 7.57 45.99 9.54
CA SER B 238 7.28 46.79 8.34
C SER B 238 5.79 47.04 8.21
N GLY B 239 5.41 48.29 8.47
CA GLY B 239 4.12 48.70 8.98
C GLY B 239 4.38 49.86 9.89
N TYR B 240 5.68 50.13 10.13
CA TYR B 240 6.17 51.28 10.89
C TYR B 240 6.30 52.54 10.06
N GLN B 241 5.81 52.55 8.81
CA GLN B 241 6.17 53.61 7.85
C GLN B 241 5.68 54.98 8.30
N LEU B 242 4.53 55.05 8.96
CA LEU B 242 4.09 56.26 9.61
C LEU B 242 4.41 56.29 11.09
N LEU B 243 4.90 55.20 11.68
CA LEU B 243 5.20 55.18 13.10
C LEU B 243 6.69 55.11 13.39
N LEU B 244 7.53 55.08 12.36
CA LEU B 244 8.94 55.38 12.52
C LEU B 244 9.19 56.87 12.65
N GLU B 245 8.17 57.70 12.44
CA GLU B 245 8.38 59.13 12.32
C GLU B 245 8.64 59.80 13.67
N TYR B 246 8.50 59.06 14.77
CA TYR B 246 8.86 59.56 16.08
C TYR B 246 9.77 58.61 16.84
N PHE B 247 9.67 57.31 16.54
CA PHE B 247 10.74 56.32 16.67
C PHE B 247 11.26 56.17 18.10
N THR B 248 10.39 55.65 18.95
CA THR B 248 10.87 54.71 19.96
C THR B 248 9.82 53.63 20.07
N PHE B 249 8.63 53.94 19.55
CA PHE B 249 7.44 53.09 19.40
C PHE B 249 7.14 52.28 20.66
N ARG B 250 6.71 52.94 21.72
CA ARG B 250 6.23 52.20 22.88
C ARG B 250 4.74 51.86 22.77
N GLU B 251 4.18 51.91 21.55
CA GLU B 251 2.76 51.61 21.38
C GLU B 251 2.48 50.12 21.52
N LYS B 252 3.46 49.27 21.17
CA LYS B 252 3.28 47.84 21.37
C LYS B 252 3.98 47.34 22.62
N PHE B 253 4.82 48.18 23.24
CA PHE B 253 5.30 48.05 24.62
C PHE B 253 6.29 46.90 24.83
N MET B 254 6.88 46.39 23.73
CA MET B 254 7.87 45.30 23.75
C MET B 254 7.27 44.07 24.42
N PHE B 255 6.40 43.33 23.69
CA PHE B 255 5.28 42.52 24.17
C PHE B 255 5.44 41.81 25.51
N VAL B 256 4.60 42.18 26.48
CA VAL B 256 4.50 41.56 27.80
C VAL B 256 3.02 41.47 28.13
N HIS B 257 2.57 40.33 28.64
CA HIS B 257 1.20 40.22 29.11
C HIS B 257 1.13 39.38 30.37
N LEU B 258 0.18 39.74 31.24
CA LEU B 258 -0.22 38.91 32.35
C LEU B 258 -1.73 38.75 32.28
N ASN B 259 -2.21 37.52 32.54
CA ASN B 259 -3.61 37.20 32.32
C ASN B 259 -4.49 37.78 33.42
N GLY B 260 -5.75 37.33 33.45
CA GLY B 260 -6.62 37.66 34.56
C GLY B 260 -6.11 37.03 35.85
N LEU B 261 -5.55 37.86 36.72
CA LEU B 261 -4.89 37.41 37.93
C LEU B 261 -5.58 38.05 39.13
N GLU B 262 -6.54 37.33 39.70
CA GLU B 262 -7.39 37.87 40.73
C GLU B 262 -6.67 37.85 42.07
N ASN B 263 -6.87 38.89 42.87
CA ASN B 263 -6.39 38.92 44.24
C ASN B 263 -7.27 38.00 45.07
N VAL B 264 -6.83 36.76 45.30
CA VAL B 264 -7.54 35.90 46.22
C VAL B 264 -7.12 36.37 47.61
N SER B 265 -7.89 37.29 48.17
CA SER B 265 -7.47 38.03 49.35
C SER B 265 -7.56 37.15 50.59
N LEU B 266 -6.92 37.61 51.65
CA LEU B 266 -6.79 36.89 52.90
C LEU B 266 -6.96 37.89 54.03
N PRO B 267 -7.29 37.42 55.24
CA PRO B 267 -7.27 38.32 56.40
C PRO B 267 -5.86 38.77 56.75
N ALA B 268 -5.80 39.69 57.71
CA ALA B 268 -4.57 40.39 58.08
C ALA B 268 -3.48 39.47 58.61
N GLY B 269 -2.37 39.35 57.87
CA GLY B 269 -1.23 38.61 58.37
C GLY B 269 -0.83 37.44 57.51
N ILE B 270 -1.69 37.03 56.58
CA ILE B 270 -1.45 35.87 55.73
C ILE B 270 -1.43 36.35 54.29
N SER B 271 -0.40 35.97 53.54
CA SER B 271 -0.17 36.56 52.23
C SER B 271 0.53 35.55 51.32
N GLY B 272 1.04 36.04 50.19
CA GLY B 272 1.84 35.26 49.27
C GLY B 272 1.58 35.62 47.82
N PHE B 273 2.65 35.92 47.06
CA PHE B 273 2.57 36.27 45.63
C PHE B 273 3.41 35.26 44.87
N ASP B 274 2.82 34.11 44.58
CA ASP B 274 3.58 33.00 44.04
C ASP B 274 3.68 33.06 42.53
N LEU B 275 4.66 32.32 42.02
CA LEU B 275 4.89 32.10 40.59
C LEU B 275 5.34 30.66 40.38
N GLU B 276 4.64 29.73 41.05
CA GLU B 276 5.16 28.44 41.52
C GLU B 276 5.87 27.54 40.51
N VAL B 277 5.58 27.71 39.22
CA VAL B 277 6.22 26.87 38.21
C VAL B 277 7.70 27.24 38.08
N VAL B 278 7.99 28.52 37.86
CA VAL B 278 9.37 28.99 37.88
C VAL B 278 9.89 29.20 39.30
N LEU B 279 9.03 29.60 40.24
CA LEU B 279 9.40 29.90 41.63
C LEU B 279 9.89 28.67 42.40
N SER B 280 9.65 27.46 41.88
CA SER B 280 10.30 26.27 42.45
C SER B 280 11.80 26.30 42.26
N GLN B 281 12.30 27.11 41.33
CA GLN B 281 13.71 27.35 41.10
C GLN B 281 14.04 28.77 41.56
N PRO B 282 14.37 28.95 42.85
CA PRO B 282 14.43 30.30 43.43
C PRO B 282 15.68 31.09 43.05
N TRP B 283 15.86 32.24 43.71
CA TRP B 283 16.96 33.14 43.42
C TRP B 283 18.31 32.51 43.71
N PRO B 284 19.36 32.96 43.03
CA PRO B 284 20.72 32.68 43.48
C PRO B 284 21.00 33.36 44.81
N ALA B 285 21.89 32.73 45.58
CA ALA B 285 22.28 33.29 46.87
C ALA B 285 23.07 34.57 46.72
N ASP B 286 23.84 34.72 45.65
CA ASP B 286 24.56 35.96 45.39
C ASP B 286 23.75 36.96 44.57
N LEU B 287 22.43 36.82 44.54
CA LEU B 287 21.54 37.82 43.95
C LEU B 287 21.05 38.75 45.04
N PRO B 288 21.48 40.01 45.07
CA PRO B 288 20.97 40.94 46.08
C PRO B 288 19.52 41.30 45.85
N VAL B 289 18.84 41.72 46.91
CA VAL B 289 17.52 42.31 46.78
C VAL B 289 17.68 43.79 47.08
N THR B 290 16.94 44.62 46.35
CA THR B 290 17.12 46.07 46.40
C THR B 290 15.77 46.72 46.61
N ASP B 291 15.68 47.57 47.64
CA ASP B 291 14.47 48.33 47.93
C ASP B 291 14.15 49.36 46.86
N ASP B 292 15.13 49.72 46.03
CA ASP B 292 14.98 50.74 45.01
C ASP B 292 14.42 50.19 43.70
N ALA B 293 13.70 49.08 43.74
CA ALA B 293 12.95 48.60 42.57
C ALA B 293 11.55 49.21 42.54
N LEU B 294 11.50 50.54 42.64
CA LEU B 294 10.27 51.31 42.64
C LEU B 294 10.00 51.79 41.23
N CYS B 295 8.77 51.54 40.76
CA CYS B 295 8.57 51.40 39.33
C CYS B 295 7.37 52.14 38.76
N LEU B 296 6.69 52.99 39.52
CA LEU B 296 5.35 53.42 39.14
C LEU B 296 5.31 54.43 38.00
N HIS B 297 6.31 55.30 37.91
CA HIS B 297 6.23 56.46 37.02
C HIS B 297 7.41 56.55 36.06
N CYS B 298 7.81 55.44 35.45
CA CYS B 298 8.86 55.49 34.44
C CYS B 298 8.28 55.76 33.07
N VAL B 299 8.65 56.89 32.48
CA VAL B 299 8.23 57.24 31.12
C VAL B 299 9.47 57.54 30.29
N PRO B 300 9.66 56.90 29.14
CA PRO B 300 10.82 57.20 28.29
C PRO B 300 10.65 58.49 27.51
N VAL B 301 11.79 59.14 27.29
CA VAL B 301 11.90 60.41 26.59
C VAL B 301 12.92 60.26 25.46
N ILE B 302 12.92 61.20 24.51
CA ILE B 302 13.88 61.18 23.41
C ILE B 302 14.39 62.59 23.20
N ASN B 303 15.62 62.69 22.70
CA ASN B 303 16.26 63.99 22.52
C ASN B 303 15.73 64.60 21.23
N LEU B 304 14.56 65.22 21.32
CA LEU B 304 13.88 65.78 20.17
C LEU B 304 13.47 67.21 20.48
N PHE B 305 14.08 68.17 19.77
CA PHE B 305 13.83 69.59 19.95
C PHE B 305 13.17 70.15 18.70
N THR B 306 12.38 71.20 18.86
CA THR B 306 11.64 71.77 17.75
C THR B 306 11.83 73.28 17.70
N LEU B 307 11.46 73.83 16.55
CA LEU B 307 11.45 75.27 16.28
C LEU B 307 10.55 75.49 15.07
N GLU B 308 10.32 76.76 14.75
CA GLU B 308 9.77 77.16 13.47
C GLU B 308 10.47 78.43 13.02
N ALA B 309 11.34 78.30 12.01
CA ALA B 309 12.06 79.42 11.46
C ALA B 309 11.12 80.30 10.65
N ASP B 310 11.48 81.57 10.56
CA ASP B 310 10.63 82.54 9.87
C ASP B 310 10.64 82.27 8.36
N PRO B 311 9.53 82.47 7.65
CA PRO B 311 9.58 82.35 6.19
C PRO B 311 10.37 83.49 5.57
N LEU B 312 11.61 83.22 5.22
CA LEU B 312 12.46 84.18 4.53
C LEU B 312 12.91 83.47 3.26
N ILE B 313 12.02 83.48 2.26
CA ILE B 313 12.02 82.63 1.07
C ILE B 313 10.98 83.27 0.15
N ILE B 314 11.09 83.12 -1.18
CA ILE B 314 12.11 82.40 -1.93
C ILE B 314 12.43 83.29 -3.13
N ASN B 315 13.61 83.12 -3.72
CA ASN B 315 13.93 83.76 -5.00
C ASN B 315 14.86 82.82 -5.79
N GLY B 316 14.26 81.97 -6.61
CA GLY B 316 15.07 81.20 -7.55
C GLY B 316 14.68 79.73 -7.59
N LEU B 317 15.67 78.89 -7.32
CA LEU B 317 15.57 77.44 -7.47
C LEU B 317 15.96 76.72 -6.17
N GLU B 318 16.20 75.41 -6.25
CA GLU B 318 16.36 74.57 -5.07
C GLU B 318 17.70 74.73 -4.36
N SER B 319 18.51 75.74 -4.72
CA SER B 319 19.82 75.95 -4.09
C SER B 319 19.72 76.30 -2.60
N GLU B 320 18.54 76.69 -2.11
CA GLU B 320 18.35 76.94 -0.70
C GLU B 320 18.31 75.64 0.08
N TYR B 321 18.96 75.62 1.24
CA TYR B 321 18.96 74.43 2.08
C TYR B 321 18.82 74.77 3.56
N LEU B 322 18.12 75.86 3.86
CA LEU B 322 17.60 76.18 5.20
C LEU B 322 18.69 76.39 6.26
N LEU B 323 19.59 77.35 6.02
CA LEU B 323 20.51 77.81 7.03
C LEU B 323 19.89 79.02 7.71
N ARG B 324 19.46 78.86 8.97
CA ARG B 324 18.62 79.83 9.64
C ARG B 324 19.22 80.29 10.97
N PRO B 325 18.89 81.51 11.43
CA PRO B 325 19.48 82.03 12.67
C PRO B 325 19.02 81.32 13.94
N LYS B 326 17.99 80.49 13.88
CA LYS B 326 17.75 79.61 15.02
C LYS B 326 18.74 78.46 15.09
N ARG B 327 19.56 78.27 14.04
CA ARG B 327 20.73 77.42 14.09
C ARG B 327 22.03 78.19 13.88
N LEU B 328 22.01 79.29 13.11
CA LEU B 328 23.22 80.04 12.82
C LEU B 328 23.76 80.80 14.04
N GLN B 329 22.98 80.87 15.12
CA GLN B 329 23.45 81.37 16.41
C GLN B 329 24.61 80.53 16.92
N ASP B 330 25.60 81.21 17.54
CA ASP B 330 26.83 80.56 17.97
C ASP B 330 26.59 79.51 19.05
N GLY B 331 25.54 79.70 19.85
CA GLY B 331 25.16 78.68 20.80
C GLY B 331 24.59 77.45 20.14
N TYR B 332 24.15 77.57 18.89
CA TYR B 332 23.66 76.44 18.12
C TYR B 332 24.64 75.99 17.04
N THR B 333 25.50 76.89 16.57
CA THR B 333 26.40 76.63 15.44
C THR B 333 27.38 75.47 15.67
N GLU B 334 28.02 75.42 16.83
CA GLU B 334 28.94 74.32 17.11
C GLU B 334 28.20 72.99 17.30
N ILE B 335 26.96 73.05 17.77
CA ILE B 335 26.33 71.84 18.30
C ILE B 335 25.04 71.43 17.59
N TYR B 336 24.14 72.37 17.31
CA TYR B 336 22.78 72.01 16.91
C TYR B 336 22.72 71.59 15.45
N SER B 337 21.74 70.75 15.13
CA SER B 337 21.58 70.16 13.80
C SER B 337 20.10 70.09 13.47
N VAL B 338 19.78 69.73 12.23
CA VAL B 338 18.41 69.68 11.73
C VAL B 338 18.06 68.23 11.42
N ASP B 339 16.91 67.78 11.96
CA ASP B 339 16.57 66.36 11.84
C ASP B 339 15.65 66.07 10.68
N ALA B 340 14.53 66.76 10.57
CA ALA B 340 13.55 66.41 9.56
C ALA B 340 12.83 67.66 9.08
N VAL B 341 12.22 67.56 7.90
CA VAL B 341 11.47 68.66 7.29
C VAL B 341 10.08 68.15 6.92
N THR B 342 9.06 68.69 7.60
CA THR B 342 7.68 68.40 7.28
C THR B 342 6.89 69.70 7.32
N GLY B 343 5.62 69.62 6.94
CA GLY B 343 4.65 70.67 7.22
C GLY B 343 4.88 72.02 6.55
N SER B 344 5.41 72.04 5.35
CA SER B 344 5.62 73.31 4.68
C SER B 344 4.81 73.39 3.40
N GLY B 345 4.93 74.53 2.72
CA GLY B 345 4.19 74.75 1.50
C GLY B 345 2.86 75.43 1.68
N ARG B 346 2.87 76.62 2.30
CA ARG B 346 1.64 77.37 2.57
C ARG B 346 1.78 78.82 2.11
N THR B 347 2.32 79.02 0.92
CA THR B 347 2.46 80.34 0.35
C THR B 347 1.61 80.46 -0.91
N GLY B 348 1.41 81.69 -1.37
CA GLY B 348 0.68 81.95 -2.59
C GLY B 348 -0.80 81.72 -2.47
N SER B 349 -1.19 80.46 -2.31
CA SER B 349 -2.55 80.03 -2.04
C SER B 349 -2.50 78.96 -0.95
N ALA B 350 -3.62 78.28 -0.75
CA ALA B 350 -3.73 77.37 0.38
C ALA B 350 -3.19 75.97 0.10
N GLU B 351 -2.88 75.64 -1.16
CA GLU B 351 -2.43 74.28 -1.50
C GLU B 351 -1.15 74.27 -2.33
N TYR B 352 -0.38 75.36 -2.34
CA TYR B 352 0.85 75.41 -3.13
C TYR B 352 1.92 74.52 -2.54
N VAL B 353 2.16 73.38 -3.19
CA VAL B 353 3.28 72.46 -2.98
C VAL B 353 3.33 71.98 -1.52
N PRO B 354 2.44 71.10 -1.08
CA PRO B 354 2.61 70.51 0.26
C PRO B 354 3.74 69.51 0.24
N PHE B 355 4.45 69.41 1.36
CA PHE B 355 5.66 68.58 1.40
C PHE B 355 5.29 67.14 1.76
N THR B 356 4.63 66.49 0.83
CA THR B 356 4.30 65.08 0.86
C THR B 356 4.70 64.37 -0.42
N SER B 357 4.65 65.06 -1.55
CA SER B 357 4.79 64.43 -2.86
C SER B 357 6.24 64.12 -3.22
N PHE B 358 7.20 64.41 -2.34
CA PHE B 358 8.56 63.93 -2.55
C PHE B 358 8.65 62.42 -2.38
N ARG B 359 7.83 61.88 -1.49
CA ARG B 359 7.85 60.48 -1.13
C ARG B 359 6.66 59.71 -1.71
N HIS B 360 5.71 60.44 -2.29
CA HIS B 360 4.45 59.86 -2.72
C HIS B 360 4.59 58.89 -3.88
N ARG B 361 5.30 59.27 -4.93
CA ARG B 361 5.32 58.50 -6.17
C ARG B 361 6.57 57.64 -6.23
N GLY B 362 6.37 56.32 -6.36
CA GLY B 362 7.45 55.41 -6.66
C GLY B 362 7.21 54.57 -7.90
N GLY B 363 6.70 55.15 -8.98
CA GLY B 363 6.32 54.39 -10.15
C GLY B 363 6.34 55.15 -11.47
N MET B 364 5.96 54.44 -12.54
CA MET B 364 6.07 54.92 -13.91
C MET B 364 5.19 56.13 -14.19
N LEU B 365 3.99 56.19 -13.60
CA LEU B 365 3.07 57.29 -13.86
C LEU B 365 3.49 58.50 -13.03
N ARG B 366 4.54 59.18 -13.48
CA ARG B 366 4.94 60.42 -12.85
C ARG B 366 4.08 61.59 -13.31
N HIS B 367 3.73 61.65 -14.59
CA HIS B 367 2.91 62.75 -15.09
C HIS B 367 1.47 62.66 -14.62
N ASP B 368 1.02 61.50 -14.15
CA ASP B 368 -0.33 61.38 -13.60
C ASP B 368 -0.27 61.70 -12.11
N ALA B 369 0.02 62.96 -11.83
CA ALA B 369 0.03 63.57 -10.50
C ALA B 369 -0.21 65.05 -10.71
N PRO B 370 -1.03 65.71 -9.88
CA PRO B 370 -1.36 67.13 -10.11
C PRO B 370 -0.15 68.04 -9.92
N GLU B 371 -0.26 69.26 -10.47
CA GLU B 371 0.87 70.17 -10.46
C GLU B 371 1.06 70.75 -9.07
N ARG B 372 2.09 71.59 -8.92
CA ARG B 372 2.56 72.16 -7.66
C ARG B 372 2.87 71.05 -6.65
N TYR B 373 3.83 70.21 -7.02
CA TYR B 373 4.35 69.15 -6.17
C TYR B 373 5.85 69.39 -5.92
N TYR B 374 6.50 68.38 -5.34
CA TYR B 374 7.68 68.60 -4.54
C TYR B 374 8.63 67.40 -4.59
N HIS B 375 9.92 67.66 -4.32
CA HIS B 375 10.98 66.67 -4.30
C HIS B 375 11.93 66.99 -3.14
N THR B 376 12.52 65.96 -2.53
CA THR B 376 13.48 66.14 -1.44
C THR B 376 14.76 65.36 -1.70
N ARG B 377 15.91 66.04 -1.59
CA ARG B 377 17.21 65.41 -1.58
C ARG B 377 17.96 65.88 -0.34
N VAL B 378 19.11 65.25 -0.07
CA VAL B 378 19.93 65.60 1.08
C VAL B 378 21.38 65.69 0.64
N LYS B 379 22.22 66.23 1.53
CA LYS B 379 23.67 66.31 1.36
C LYS B 379 24.30 66.10 2.71
N ARG B 380 25.63 66.24 2.76
CA ARG B 380 26.31 66.44 4.04
C ARG B 380 26.54 67.93 4.28
N GLY B 381 26.93 68.27 5.50
CA GLY B 381 27.09 69.66 5.86
C GLY B 381 28.48 69.99 6.35
N VAL B 382 28.56 70.43 7.60
CA VAL B 382 29.84 70.80 8.20
C VAL B 382 30.70 69.54 8.42
N THR B 383 31.86 69.53 7.78
CA THR B 383 32.82 68.47 7.97
C THR B 383 33.51 68.67 9.32
N GLY B 384 33.80 67.56 10.00
CA GLY B 384 34.24 67.56 11.38
C GLY B 384 33.17 67.12 12.35
N MET B 385 31.91 67.22 11.97
CA MET B 385 30.78 66.70 12.72
C MET B 385 29.96 65.81 11.79
N TYR B 386 28.78 65.40 12.26
CA TYR B 386 27.85 64.61 11.47
C TYR B 386 26.84 65.46 10.70
N ASP B 387 27.19 66.71 10.39
CA ASP B 387 26.19 67.67 9.93
C ASP B 387 25.81 67.43 8.48
N THR B 388 24.54 67.71 8.16
CA THR B 388 23.93 67.41 6.87
C THR B 388 23.02 68.58 6.48
N TRP B 389 22.62 68.63 5.21
CA TRP B 389 21.66 69.61 4.74
C TRP B 389 20.73 68.99 3.72
N LEU B 390 19.74 69.78 3.30
CA LEU B 390 18.66 69.29 2.43
C LEU B 390 18.43 70.27 1.28
N ILE B 391 18.91 69.90 0.11
CA ILE B 391 18.51 70.54 -1.15
C ILE B 391 17.18 69.96 -1.59
N LEU B 392 16.21 70.82 -1.88
CA LEU B 392 14.86 70.38 -2.16
C LEU B 392 14.12 71.43 -2.97
N GLY B 393 13.27 70.98 -3.88
CA GLY B 393 12.59 71.91 -4.76
C GLY B 393 11.32 71.33 -5.35
N GLY B 394 10.74 72.09 -6.29
CA GLY B 394 9.49 71.72 -6.93
C GLY B 394 9.69 70.71 -8.04
N GLN B 395 8.61 70.47 -8.79
CA GLN B 395 8.62 69.44 -9.83
C GLN B 395 8.31 69.99 -11.22
N ARG B 396 7.25 70.80 -11.35
CA ARG B 396 6.86 71.34 -12.66
C ARG B 396 6.67 72.85 -12.67
N TRP B 397 6.12 73.42 -11.59
CA TRP B 397 6.03 74.87 -11.48
C TRP B 397 7.40 75.52 -11.31
N GLU B 398 8.39 74.75 -10.83
CA GLU B 398 9.77 75.22 -10.79
C GLU B 398 10.34 75.42 -12.19
N ALA B 399 9.83 74.70 -13.18
CA ALA B 399 10.29 74.88 -14.55
C ALA B 399 9.80 76.19 -15.18
N ASP B 400 8.85 76.87 -14.55
CA ASP B 400 8.30 78.11 -15.06
C ASP B 400 9.08 79.35 -14.64
N ARG B 401 9.96 79.23 -13.63
CA ARG B 401 10.76 80.32 -13.05
C ARG B 401 9.86 81.46 -12.57
N MET B 402 9.03 81.13 -11.58
CA MET B 402 8.24 82.12 -10.83
C MET B 402 8.74 82.15 -9.39
N PRO B 403 9.68 83.03 -9.07
CA PRO B 403 10.21 83.06 -7.70
C PRO B 403 9.38 83.90 -6.74
N GLU B 404 8.12 84.18 -7.10
CA GLU B 404 7.30 85.13 -6.37
C GLU B 404 6.45 84.49 -5.29
N ARG B 405 6.90 83.36 -4.73
CA ARG B 405 6.23 82.71 -3.61
C ARG B 405 6.91 83.15 -2.32
N GLU B 406 6.15 83.74 -1.40
CA GLU B 406 6.87 84.34 -0.28
C GLU B 406 6.59 83.71 1.08
N THR B 407 5.33 83.70 1.54
CA THR B 407 5.05 83.40 2.94
C THR B 407 4.82 81.91 3.11
N LEU B 408 5.88 81.14 2.91
CA LEU B 408 5.82 79.69 3.05
C LEU B 408 6.27 79.27 4.43
N SER B 409 5.31 78.76 5.22
CA SER B 409 5.54 78.37 6.60
C SER B 409 6.45 77.15 6.67
N LEU B 410 7.11 76.98 7.81
CA LEU B 410 8.11 75.93 7.99
C LEU B 410 7.84 75.19 9.29
N ARG B 411 8.26 73.93 9.34
CA ARG B 411 8.29 73.14 10.56
C ARG B 411 9.60 72.39 10.61
N ILE B 412 10.40 72.65 11.65
CA ILE B 412 11.72 72.07 11.78
C ILE B 412 11.86 71.43 13.15
N THR B 413 12.21 70.14 13.15
CA THR B 413 12.62 69.47 14.37
C THR B 413 14.11 69.18 14.25
N GLY B 414 14.83 69.26 15.35
CA GLY B 414 16.27 69.09 15.31
C GLY B 414 16.80 68.61 16.64
N THR B 415 18.09 68.28 16.65
CA THR B 415 18.84 67.94 17.84
C THR B 415 20.22 68.55 17.78
N ASN B 416 21.02 68.27 18.81
CA ASN B 416 22.34 68.85 18.93
C ASN B 416 23.40 67.79 19.22
N GLY B 417 24.66 68.18 19.04
CA GLY B 417 25.79 67.40 19.49
C GLY B 417 26.39 67.97 20.77
N GLN B 418 27.35 67.25 21.31
CA GLN B 418 27.96 67.61 22.59
C GLN B 418 29.30 66.89 22.73
N LEU B 419 29.84 66.92 23.93
CA LEU B 419 31.04 66.23 24.34
C LEU B 419 30.73 65.23 25.44
N PRO B 420 31.59 64.21 25.64
CA PRO B 420 31.38 63.28 26.76
C PRO B 420 31.70 63.84 28.13
N ARG B 421 31.72 62.96 29.13
CA ARG B 421 31.96 63.24 30.57
C ARG B 421 30.83 64.08 31.18
N ARG B 422 29.68 64.12 30.52
CA ARG B 422 28.53 64.84 31.06
C ARG B 422 27.87 64.02 32.16
N ALA B 423 27.11 64.70 33.01
CA ALA B 423 26.18 64.11 33.96
C ALA B 423 25.10 65.14 34.20
N LEU B 424 23.86 64.80 33.88
CA LEU B 424 22.81 65.79 33.66
C LEU B 424 22.25 66.32 34.97
N GLN B 425 21.42 67.35 34.84
CA GLN B 425 20.67 67.91 35.95
C GLN B 425 19.19 67.84 35.62
N SER B 426 18.44 67.21 36.52
CA SER B 426 17.05 66.92 36.21
C SER B 426 16.10 67.92 36.87
N THR B 427 15.16 68.41 36.08
CA THR B 427 14.03 69.24 36.52
C THR B 427 12.96 69.15 35.44
N LEU B 428 11.76 69.62 35.75
CA LEU B 428 10.66 69.64 34.81
C LEU B 428 10.48 71.05 34.27
N LEU B 429 10.50 71.18 32.96
CA LEU B 429 10.40 72.48 32.31
C LEU B 429 8.97 72.97 32.20
N ASP B 430 8.03 72.12 31.80
CA ASP B 430 6.67 72.58 31.61
C ASP B 430 5.73 71.65 32.36
N ARG B 431 4.74 72.26 33.02
CA ARG B 431 3.74 71.55 33.79
C ARG B 431 2.41 71.69 33.08
N CYS B 432 1.60 70.64 33.10
CA CYS B 432 0.33 70.71 32.40
C CYS B 432 -0.66 71.57 33.18
N GLU B 433 -1.49 72.29 32.43
CA GLU B 433 -2.46 73.22 32.97
C GLU B 433 -3.56 72.44 33.69
N GLN B 434 -3.80 72.80 34.95
CA GLN B 434 -4.93 72.34 35.76
C GLN B 434 -4.90 70.84 36.04
N VAL B 435 -3.79 70.18 35.76
CA VAL B 435 -3.62 68.75 35.98
C VAL B 435 -2.61 68.47 37.08
N LEU B 436 -1.46 69.11 37.02
CA LEU B 436 -0.42 68.98 38.04
C LEU B 436 -0.80 69.92 39.18
N GLN B 437 -1.49 69.38 40.18
CA GLN B 437 -1.78 70.13 41.40
C GLN B 437 -0.51 70.57 42.11
N ALA B 438 0.32 69.62 42.50
CA ALA B 438 1.67 69.92 42.97
C ALA B 438 2.62 69.51 41.88
N PRO B 439 3.75 70.21 41.74
CA PRO B 439 4.68 69.94 40.63
C PRO B 439 5.34 68.58 40.72
N VAL B 440 6.14 68.30 39.70
CA VAL B 440 6.76 67.00 39.47
C VAL B 440 8.26 67.23 39.37
N SER B 441 9.02 66.63 40.27
CA SER B 441 10.47 66.65 40.15
C SER B 441 10.89 65.52 39.23
N VAL B 442 12.09 65.62 38.67
CA VAL B 442 12.62 64.58 37.78
C VAL B 442 13.83 63.99 38.47
N ARG B 443 13.91 62.66 38.46
CA ARG B 443 15.09 61.99 38.99
C ARG B 443 16.11 61.64 37.93
N ASN B 444 15.70 61.49 36.66
CA ASN B 444 16.56 61.17 35.52
C ASN B 444 17.32 59.86 35.75
N LEU B 445 16.53 58.78 35.75
CA LEU B 445 16.81 57.50 36.39
C LEU B 445 18.15 56.84 36.04
N CYS B 446 18.62 56.98 34.81
CA CYS B 446 19.85 56.31 34.38
C CYS B 446 20.80 57.27 33.67
N LYS B 447 21.86 56.71 33.09
CA LYS B 447 22.79 57.49 32.28
C LYS B 447 22.32 57.56 30.83
N PRO B 448 22.28 58.74 30.22
CA PRO B 448 22.06 58.80 28.78
C PRO B 448 23.28 58.35 27.99
N THR B 449 23.11 58.01 26.71
CA THR B 449 24.21 57.53 25.87
C THR B 449 24.49 58.55 24.78
N LEU B 450 25.36 58.15 23.85
CA LEU B 450 25.78 59.03 22.75
C LEU B 450 24.86 58.87 21.54
N PRO B 451 24.77 59.87 20.66
CA PRO B 451 24.08 59.67 19.37
C PRO B 451 24.79 58.64 18.51
N VAL B 452 24.06 57.97 17.62
CA VAL B 452 24.59 56.82 16.92
C VAL B 452 24.23 56.95 15.44
N TYR B 453 25.05 56.35 14.59
CA TYR B 453 25.00 56.59 13.16
C TYR B 453 25.37 55.31 12.42
N PRO B 454 24.80 55.07 11.24
CA PRO B 454 25.02 53.79 10.56
C PRO B 454 26.36 53.76 9.87
N PRO B 455 26.93 52.58 9.65
CA PRO B 455 28.18 52.49 8.90
C PRO B 455 27.96 52.59 7.41
N THR B 456 28.29 53.74 6.81
CA THR B 456 28.29 53.88 5.36
C THR B 456 29.72 53.75 4.83
N GLU B 457 30.61 53.19 5.62
CA GLU B 457 32.04 53.19 5.35
C GLU B 457 32.47 52.02 4.48
N ASP B 458 31.54 51.21 4.03
CA ASP B 458 31.93 50.00 3.30
C ASP B 458 30.82 49.66 2.32
N ARG B 459 31.20 49.45 1.05
CA ARG B 459 30.24 49.06 0.02
C ARG B 459 29.66 47.67 0.27
N PHE B 460 30.34 46.84 1.05
CA PHE B 460 29.68 45.69 1.65
C PHE B 460 28.55 46.16 2.54
N HIS B 461 28.86 46.95 3.58
CA HIS B 461 27.90 47.32 4.62
C HIS B 461 26.79 48.25 4.16
N TRP B 462 26.72 48.58 2.87
CA TRP B 462 25.54 49.19 2.30
C TRP B 462 24.74 48.19 1.48
N ARG B 463 25.37 47.53 0.52
CA ARG B 463 24.62 46.65 -0.37
C ARG B 463 24.35 45.28 0.24
N VAL B 464 24.89 44.97 1.42
CA VAL B 464 24.47 43.75 2.08
C VAL B 464 23.07 43.94 2.64
N MET B 465 22.65 45.19 2.90
CA MET B 465 21.27 45.44 3.29
C MET B 465 20.29 45.21 2.16
N SER B 466 20.67 45.51 0.92
CA SER B 466 19.78 45.32 -0.22
C SER B 466 19.53 43.86 -0.55
N HIS B 467 20.36 42.95 -0.04
CA HIS B 467 19.98 41.55 0.04
C HIS B 467 18.74 41.37 0.92
N LEU B 468 18.80 41.88 2.15
CA LEU B 468 17.95 41.43 3.26
C LEU B 468 16.47 41.64 3.02
N GLY B 469 16.09 42.64 2.25
CA GLY B 469 14.70 42.98 2.09
C GLY B 469 13.90 42.13 1.12
N THR B 470 14.18 40.84 1.04
CA THR B 470 13.33 39.90 0.30
C THR B 470 13.14 38.65 1.15
N GLY B 471 12.47 37.66 0.56
CA GLY B 471 12.24 36.39 1.23
C GLY B 471 13.26 35.33 0.85
N PHE B 472 14.54 35.71 0.79
CA PHE B 472 15.60 34.82 0.34
C PHE B 472 16.32 34.27 1.57
N LEU B 473 15.79 33.18 2.09
CA LEU B 473 16.41 32.45 3.19
C LEU B 473 16.42 30.96 2.91
N ASN B 474 16.91 30.59 1.71
CA ASN B 474 16.93 29.21 1.26
C ASN B 474 17.71 28.31 2.19
N MET B 475 19.02 28.54 2.33
CA MET B 475 19.82 27.82 3.31
C MET B 475 20.76 28.81 3.97
N LEU B 476 21.02 28.60 5.26
CA LEU B 476 21.93 29.44 6.03
C LEU B 476 22.79 28.58 6.94
N SER B 477 23.96 29.10 7.28
CA SER B 477 24.88 28.54 8.27
C SER B 477 25.33 29.64 9.22
N SER B 478 26.19 29.27 10.17
CA SER B 478 26.51 30.17 11.27
C SER B 478 27.38 31.33 10.81
N ALA B 479 28.32 31.07 9.90
CA ALA B 479 29.12 32.15 9.33
C ALA B 479 28.32 33.00 8.36
N GLU B 480 27.17 32.50 7.90
CA GLU B 480 26.30 33.33 7.07
C GLU B 480 25.37 34.17 7.93
N VAL B 481 25.16 33.74 9.19
CA VAL B 481 24.23 34.46 10.07
C VAL B 481 24.98 35.48 10.93
N LEU B 482 26.16 35.09 11.42
CA LEU B 482 26.92 35.98 12.30
C LEU B 482 27.44 37.18 11.53
N ARG B 483 27.90 36.96 10.30
CA ARG B 483 28.34 38.08 9.47
C ARG B 483 27.18 38.98 9.06
N GLY B 484 25.97 38.44 8.99
CA GLY B 484 24.88 39.24 8.47
C GLY B 484 23.54 38.58 8.72
N THR B 485 22.53 39.42 8.98
CA THR B 485 22.71 40.87 9.06
C THR B 485 22.72 41.29 10.51
N LEU B 486 23.21 40.39 11.37
CA LEU B 486 23.23 40.66 12.79
C LEU B 486 24.22 41.75 13.14
N ALA B 487 25.28 41.89 12.32
CA ALA B 487 26.18 43.01 12.49
C ALA B 487 25.58 44.31 12.01
N LEU B 488 24.59 44.25 11.11
CA LEU B 488 23.98 45.45 10.53
C LEU B 488 23.02 46.14 11.51
N TYR B 489 22.74 45.53 12.65
CA TYR B 489 22.05 46.24 13.73
C TYR B 489 22.98 46.66 14.85
N ASN B 490 24.21 46.15 14.85
CA ASN B 490 25.24 46.59 15.78
C ASN B 490 25.75 47.95 15.38
N TRP B 491 25.27 49.01 16.02
CA TRP B 491 25.80 50.34 15.80
C TRP B 491 26.50 50.90 17.02
N ARG B 492 26.42 50.20 18.15
CA ARG B 492 26.96 50.63 19.43
C ARG B 492 27.91 49.56 19.91
N ASP B 493 28.90 49.23 19.08
CA ASP B 493 29.66 48.00 19.18
C ASP B 493 30.51 47.97 20.43
N ASP B 494 29.93 47.47 21.52
CA ASP B 494 30.54 47.36 22.83
C ASP B 494 31.45 46.15 22.91
N GLU B 495 32.22 46.09 24.00
CA GLU B 495 32.95 44.86 24.28
C GLU B 495 32.04 43.79 24.86
N LEU B 496 30.87 44.19 25.37
CA LEU B 496 29.82 43.20 25.63
C LEU B 496 29.25 42.67 24.32
N ASN B 497 29.05 43.59 23.37
CA ASN B 497 28.40 43.27 22.09
C ASN B 497 29.19 42.25 21.29
N HIS B 498 30.51 42.44 21.19
CA HIS B 498 31.36 41.48 20.48
C HIS B 498 31.32 40.11 21.16
N ARG B 499 31.16 40.10 22.48
CA ARG B 499 31.00 38.83 23.20
C ARG B 499 29.60 38.26 23.04
N ARG B 500 28.60 39.13 22.83
CA ARG B 500 27.24 38.64 22.64
C ARG B 500 27.09 37.92 21.31
N LEU B 501 27.56 38.55 20.24
CA LEU B 501 27.25 38.06 18.90
C LEU B 501 28.03 36.80 18.55
N ASP B 502 29.25 36.68 19.06
CA ASP B 502 30.08 35.52 18.75
C ASP B 502 29.78 34.30 19.60
N ALA B 503 28.62 34.26 20.27
CA ALA B 503 28.22 33.04 20.94
C ALA B 503 27.82 31.95 19.95
N ILE B 504 27.33 32.33 18.77
CA ILE B 504 26.72 31.40 17.83
C ILE B 504 27.76 30.46 17.23
N LEU B 505 27.44 29.17 17.20
CA LEU B 505 28.35 28.11 16.84
C LEU B 505 27.86 27.26 15.67
N ALA B 506 26.58 26.91 15.64
CA ALA B 506 26.11 25.95 14.64
C ALA B 506 24.71 26.33 14.18
N VAL B 507 24.53 26.33 12.86
CA VAL B 507 23.25 26.63 12.21
C VAL B 507 23.02 25.62 11.09
N GLN B 508 21.93 24.88 11.18
CA GLN B 508 21.61 23.89 10.17
C GLN B 508 20.10 23.77 10.00
N HIS B 509 19.67 23.20 8.86
CA HIS B 509 18.26 23.12 8.49
C HIS B 509 17.77 21.69 8.34
N HIS B 510 16.54 21.41 8.74
CA HIS B 510 15.84 20.25 8.23
C HIS B 510 14.38 20.59 7.92
N ARG B 511 13.67 19.59 7.41
CA ARG B 511 12.37 19.77 6.79
C ARG B 511 11.28 19.09 7.61
N ILE B 512 10.15 19.77 7.78
CA ILE B 512 8.96 19.23 8.43
C ILE B 512 8.03 18.75 7.32
N GLN B 513 7.39 17.60 7.50
CA GLN B 513 6.54 17.04 6.45
C GLN B 513 5.25 16.40 6.94
N ARG B 514 4.66 16.86 8.03
CA ARG B 514 3.30 16.41 8.35
C ARG B 514 2.35 16.99 7.33
N PHE B 515 1.18 16.36 7.15
CA PHE B 515 0.40 16.74 5.99
C PHE B 515 -1.07 16.47 6.17
N GLU B 516 -1.88 17.44 5.73
CA GLU B 516 -3.21 17.22 5.20
C GLU B 516 -3.19 17.20 3.68
N LYS B 517 -2.55 18.20 3.08
CA LYS B 517 -2.34 18.32 1.64
C LYS B 517 -0.92 18.85 1.45
N GLY B 518 0.03 17.92 1.35
CA GLY B 518 1.40 18.25 1.02
C GLY B 518 2.19 18.82 2.18
N PHE B 519 2.03 20.13 2.43
CA PHE B 519 2.77 20.89 3.44
C PHE B 519 4.28 20.70 3.33
N LEU B 520 4.88 21.20 2.24
CA LEU B 520 6.34 21.31 2.26
C LEU B 520 6.73 22.40 3.26
N LEU B 521 7.39 22.01 4.33
CA LEU B 521 7.71 22.91 5.42
C LEU B 521 9.20 22.84 5.69
N ARG B 522 9.63 23.40 6.82
CA ARG B 522 10.97 23.19 7.36
C ARG B 522 11.02 23.63 8.82
N GLY B 523 12.21 23.55 9.41
CA GLY B 523 12.45 24.08 10.74
C GLY B 523 13.93 24.26 11.00
N LEU B 524 14.33 25.41 11.55
CA LEU B 524 15.74 25.71 11.75
C LEU B 524 16.09 25.60 13.22
N ASP B 525 17.38 25.49 13.51
CA ASP B 525 17.86 25.03 14.80
C ASP B 525 19.20 25.67 15.12
N VAL B 526 19.20 26.64 16.03
CA VAL B 526 20.44 27.21 16.56
C VAL B 526 20.17 27.76 17.95
N GLU B 527 20.99 27.32 18.91
CA GLU B 527 21.23 28.03 20.17
C GLU B 527 22.48 27.41 20.79
N VAL B 528 23.15 28.21 21.62
CA VAL B 528 24.55 28.02 21.98
C VAL B 528 24.84 28.23 23.46
N THR B 529 26.15 28.31 23.77
CA THR B 529 26.75 28.37 25.11
C THR B 529 26.13 29.36 26.08
N LEU B 530 26.32 29.09 27.37
CA LEU B 530 25.56 29.67 28.47
C LEU B 530 26.25 30.86 29.10
N ASP B 531 27.10 31.57 28.37
CA ASP B 531 27.85 32.68 28.95
C ASP B 531 27.38 34.04 28.44
N GLY B 532 27.30 34.23 27.12
CA GLY B 532 26.92 35.52 26.56
C GLY B 532 25.47 35.88 26.77
N ASN B 533 24.58 35.01 26.32
CA ASN B 533 23.14 35.14 26.52
C ASN B 533 22.61 33.98 27.36
N GLY B 534 23.34 33.66 28.43
CA GLY B 534 23.12 32.39 29.10
C GLY B 534 22.17 32.46 30.29
N PHE B 535 21.81 33.67 30.71
CA PHE B 535 20.82 33.82 31.75
C PHE B 535 19.45 33.35 31.25
N ALA B 536 18.60 32.90 32.17
CA ALA B 536 17.26 32.46 31.78
C ALA B 536 16.40 33.62 31.31
N GLY B 537 16.77 34.85 31.67
CA GLY B 537 16.08 36.02 31.16
C GLY B 537 16.49 36.41 29.77
N GLU B 538 17.76 36.78 29.59
CA GLU B 538 18.23 37.25 28.29
C GLU B 538 18.26 36.12 27.27
N GLY B 539 18.32 34.87 27.73
CA GLY B 539 18.14 33.73 26.86
C GLY B 539 16.73 33.66 26.29
N ASP B 540 15.73 34.12 27.05
CA ASP B 540 14.35 34.08 26.57
C ASP B 540 13.94 35.41 25.93
N ILE B 541 14.37 36.53 26.51
CA ILE B 541 13.88 37.84 26.08
C ILE B 541 14.46 38.20 24.70
N HIS B 542 15.78 38.03 24.53
CA HIS B 542 16.39 38.23 23.23
C HIS B 542 15.96 37.21 22.21
N LEU B 543 15.39 36.09 22.67
CA LEU B 543 14.91 35.08 21.74
C LEU B 543 13.61 35.51 21.09
N PHE B 544 12.88 36.43 21.73
CA PHE B 544 11.70 37.00 21.10
C PHE B 544 12.09 38.02 20.03
N GLY B 545 13.33 38.51 20.08
CA GLY B 545 13.78 39.44 19.07
C GLY B 545 13.93 38.79 17.70
N GLU B 546 14.34 37.53 17.69
CA GLU B 546 14.66 36.85 16.44
C GLU B 546 13.39 36.41 15.72
N MET B 547 12.36 36.04 16.49
CA MET B 547 11.17 35.44 15.89
C MET B 547 10.37 36.46 15.09
N LEU B 548 10.35 37.71 15.54
CA LEU B 548 9.69 38.76 14.77
C LEU B 548 10.48 39.06 13.49
N ASN B 549 11.78 38.76 13.48
CA ASN B 549 12.53 38.82 12.22
C ASN B 549 12.17 37.64 11.33
N ARG B 550 12.15 36.43 11.88
CA ARG B 550 12.12 35.23 11.04
C ARG B 550 10.76 34.98 10.43
N PHE B 551 9.72 35.64 10.93
CA PHE B 551 8.41 35.44 10.35
C PHE B 551 8.22 36.38 9.17
N LEU B 552 9.04 37.43 9.12
CA LEU B 552 8.87 38.48 8.14
C LEU B 552 9.29 38.00 6.75
N ALA B 553 10.50 37.46 6.65
CA ALA B 553 11.08 37.06 5.37
C ALA B 553 10.72 35.64 4.99
N LEU B 554 9.61 35.12 5.51
CA LEU B 554 9.32 33.69 5.42
C LEU B 554 9.12 33.18 4.00
N TYR B 555 8.08 33.63 3.29
CA TYR B 555 7.80 32.90 2.07
C TYR B 555 7.20 33.78 1.00
N ALA B 556 7.67 33.57 -0.24
CA ALA B 556 7.04 34.08 -1.45
C ALA B 556 6.45 32.95 -2.27
N ASP B 557 6.73 31.71 -1.87
CA ASP B 557 6.02 30.52 -2.31
C ASP B 557 5.52 29.84 -1.05
N MET B 558 4.31 29.30 -1.11
CA MET B 558 3.61 28.78 0.06
C MET B 558 4.24 27.53 0.67
N ASN B 559 5.35 27.05 0.11
CA ASN B 559 6.09 25.91 0.62
C ASN B 559 7.28 26.31 1.49
N GLN B 560 7.21 27.43 2.19
CA GLN B 560 8.27 27.83 3.11
C GLN B 560 7.62 28.25 4.43
N PHE B 561 8.23 27.80 5.53
CA PHE B 561 7.51 27.58 6.78
C PHE B 561 8.48 27.36 7.93
N ASN B 562 8.55 28.27 8.90
CA ASN B 562 9.59 28.13 9.94
C ASN B 562 9.03 27.74 11.30
N GLN B 563 9.68 26.75 11.93
CA GLN B 563 9.47 26.44 13.33
C GLN B 563 10.81 26.37 14.04
N LEU B 564 10.88 26.98 15.22
CA LEU B 564 12.15 27.13 15.91
C LEU B 564 12.24 26.25 17.15
N THR B 565 13.09 25.23 17.03
CA THR B 565 13.56 24.46 18.17
C THR B 565 15.06 24.71 18.27
N LEU B 566 15.58 24.71 19.48
CA LEU B 566 16.90 25.27 19.71
C LEU B 566 17.42 24.79 21.06
N ILE B 567 18.73 24.91 21.25
CA ILE B 567 19.50 24.12 22.21
C ILE B 567 20.10 25.06 23.24
N VAL B 568 19.48 25.11 24.43
CA VAL B 568 19.59 26.22 25.41
C VAL B 568 21.03 26.54 25.77
N GLN B 569 21.75 25.53 26.18
CA GLN B 569 23.16 25.49 26.53
C GLN B 569 23.59 24.24 25.76
N PRO B 570 24.85 23.78 25.81
CA PRO B 570 25.13 22.46 25.23
C PRO B 570 24.44 21.27 25.91
N GLU B 571 23.69 21.48 26.99
CA GLU B 571 22.91 20.46 27.68
C GLU B 571 21.46 20.90 27.96
N GLY B 572 20.85 21.67 27.06
CA GLY B 572 19.51 22.16 27.26
C GLY B 572 18.72 22.15 25.97
N LYS B 573 17.39 22.15 26.09
CA LYS B 573 16.51 21.98 24.94
C LYS B 573 15.36 22.98 25.03
N CYS B 574 15.00 23.57 23.89
CA CYS B 574 13.93 24.57 23.88
C CYS B 574 13.19 24.50 22.55
N ILE B 575 11.92 24.94 22.59
CA ILE B 575 11.13 25.15 21.38
C ILE B 575 10.18 26.29 21.68
N ARG B 576 9.82 27.05 20.65
CA ARG B 576 8.91 28.16 20.86
C ARG B 576 7.64 28.09 20.01
N TRP B 577 7.78 28.02 18.69
CA TRP B 577 6.76 28.64 17.86
C TRP B 577 5.59 27.72 17.61
N LYS B 578 4.57 28.28 16.97
CA LYS B 578 3.45 27.50 16.47
C LYS B 578 3.23 27.91 15.02
N GLU B 579 4.06 27.37 14.14
CA GLU B 579 3.74 27.02 12.76
C GLU B 579 3.14 28.10 11.87
N ASN B 580 3.37 29.38 12.19
CA ASN B 580 3.66 30.48 11.24
C ASN B 580 2.92 30.43 9.90
N HIS B 581 1.66 30.02 9.92
CA HIS B 581 0.85 30.00 8.69
C HIS B 581 0.45 31.44 8.37
N ASN B 582 1.34 32.12 7.66
CA ASN B 582 1.15 33.54 7.38
C ASN B 582 0.20 33.72 6.20
N PRO B 583 -0.44 34.88 6.08
CA PRO B 583 -1.20 35.17 4.86
C PRO B 583 -0.29 35.24 3.65
N ARG B 584 -0.91 35.05 2.49
CA ARG B 584 -0.18 34.75 1.25
C ARG B 584 0.65 35.95 0.82
N LEU B 585 1.96 35.75 0.80
CA LEU B 585 2.88 36.73 0.25
C LEU B 585 3.33 36.18 -1.09
N PRO B 586 2.98 36.82 -2.21
CA PRO B 586 3.50 36.36 -3.50
C PRO B 586 4.98 36.69 -3.65
N SER C 8 59.76 48.47 -12.46
CA SER C 8 60.67 47.34 -12.51
C SER C 8 61.62 47.48 -13.68
N GLN C 9 62.73 46.74 -13.66
CA GLN C 9 63.61 46.71 -14.82
C GLN C 9 62.97 45.95 -15.97
N SER C 10 62.11 44.98 -15.66
CA SER C 10 61.45 44.20 -16.70
C SER C 10 60.36 44.99 -17.43
N ALA C 11 59.92 46.12 -16.86
CA ALA C 11 58.85 46.88 -17.50
C ALA C 11 59.28 47.59 -18.79
N PRO C 12 60.46 48.23 -18.87
CA PRO C 12 60.90 48.65 -20.21
C PRO C 12 61.59 47.53 -20.98
N ALA C 13 62.19 46.56 -20.28
CA ALA C 13 62.87 45.47 -20.96
C ALA C 13 61.90 44.56 -21.69
N ARG C 14 60.64 44.52 -21.28
CA ARG C 14 59.63 43.89 -22.11
C ARG C 14 59.07 44.85 -23.15
N LEU C 15 58.67 46.05 -22.71
CA LEU C 15 57.88 46.88 -23.63
C LEU C 15 58.75 47.67 -24.60
N ILE C 16 59.54 48.62 -24.09
CA ILE C 16 60.06 49.65 -24.99
C ILE C 16 61.32 49.15 -25.71
N THR C 17 61.96 48.09 -25.19
CA THR C 17 63.10 47.51 -25.90
C THR C 17 62.64 46.59 -27.02
N ARG C 18 61.45 46.02 -26.91
CA ARG C 18 60.96 45.09 -27.91
C ARG C 18 59.91 45.72 -28.84
N TYR C 19 59.04 46.57 -28.29
CA TYR C 19 57.83 47.01 -29.00
C TYR C 19 57.94 48.48 -29.40
N ARG C 20 59.10 48.90 -29.88
CA ARG C 20 59.38 50.30 -30.21
C ARG C 20 59.03 50.57 -31.68
N LYS C 21 57.81 50.17 -32.04
CA LYS C 21 57.33 50.19 -33.42
C LYS C 21 55.94 50.80 -33.59
N GLN C 22 55.24 51.08 -32.50
CA GLN C 22 53.94 51.76 -32.54
C GLN C 22 53.86 52.92 -31.57
N LEU C 23 54.90 53.19 -30.81
CA LEU C 23 54.99 54.36 -29.94
C LEU C 23 54.74 55.73 -30.59
N PRO C 24 54.99 55.98 -31.89
CA PRO C 24 54.50 57.25 -32.46
C PRO C 24 52.99 57.41 -32.50
N TYR C 25 52.23 56.31 -32.45
CA TYR C 25 50.76 56.40 -32.52
C TYR C 25 50.11 55.47 -31.51
N ILE C 26 50.60 55.46 -30.27
CA ILE C 26 50.02 54.64 -29.22
C ILE C 26 49.09 55.51 -28.39
N ASN C 27 48.07 54.87 -27.82
CA ASN C 27 47.22 55.53 -26.84
C ASN C 27 47.82 55.43 -25.45
N PHE C 28 47.58 56.46 -24.65
CA PHE C 28 47.94 56.39 -23.24
C PHE C 28 46.99 55.47 -22.47
N TYR C 29 45.73 55.41 -22.91
CA TYR C 29 44.76 54.48 -22.35
C TYR C 29 45.20 53.04 -22.54
N ARG C 30 45.76 52.74 -23.71
CA ARG C 30 46.26 51.40 -23.97
C ARG C 30 47.58 51.14 -23.25
N PHE C 31 48.41 52.19 -23.08
CA PHE C 31 49.77 52.00 -22.62
C PHE C 31 49.83 51.61 -21.15
N CYS C 32 49.06 52.28 -20.30
CA CYS C 32 49.10 51.99 -18.87
C CYS C 32 48.48 50.65 -18.56
N GLN C 33 47.56 50.19 -19.42
CA GLN C 33 46.94 48.89 -19.24
C GLN C 33 47.94 47.76 -19.43
N LEU C 34 48.85 47.90 -20.40
CA LEU C 34 49.79 46.84 -20.71
C LEU C 34 50.92 46.77 -19.69
N LEU C 35 51.16 47.87 -18.97
CA LEU C 35 52.12 47.87 -17.87
C LEU C 35 51.68 46.93 -16.76
N GLU C 36 50.42 47.07 -16.34
CA GLU C 36 49.89 46.17 -15.33
C GLU C 36 49.64 44.78 -15.88
N GLN C 37 49.54 44.63 -17.19
CA GLN C 37 49.54 43.33 -17.82
C GLN C 37 50.93 42.80 -18.12
N SER C 38 51.96 43.64 -17.97
CA SER C 38 53.33 43.16 -18.14
C SER C 38 53.78 42.32 -16.96
N GLN C 39 53.56 42.80 -15.73
CA GLN C 39 53.81 41.97 -14.57
C GLN C 39 52.57 41.98 -13.69
N PRO C 40 51.53 41.20 -14.01
CA PRO C 40 50.32 41.20 -13.18
C PRO C 40 50.44 40.33 -11.95
N ASP C 41 51.56 39.62 -11.78
CA ASP C 41 51.64 38.56 -10.79
C ASP C 41 51.70 39.13 -9.38
N GLN C 42 52.54 40.12 -9.17
CA GLN C 42 52.50 40.93 -7.96
C GLN C 42 52.82 42.34 -8.41
N PRO C 43 51.84 43.05 -8.98
CA PRO C 43 52.14 44.23 -9.80
C PRO C 43 52.47 45.44 -8.94
N PRO C 44 53.04 46.48 -9.55
CA PRO C 44 53.13 47.78 -8.87
C PRO C 44 51.76 48.45 -8.85
N ILE C 45 50.97 48.13 -7.81
CA ILE C 45 49.58 48.54 -7.73
C ILE C 45 49.44 50.06 -7.75
N GLY C 46 48.52 50.55 -8.58
CA GLY C 46 48.36 51.99 -8.72
C GLY C 46 47.69 52.63 -7.53
N SER C 47 46.99 51.81 -6.72
CA SER C 47 46.31 52.33 -5.53
C SER C 47 47.27 52.56 -4.37
N GLY C 48 48.48 52.02 -4.43
CA GLY C 48 49.48 52.22 -3.40
C GLY C 48 50.26 53.52 -3.51
N TRP C 49 49.74 54.49 -4.26
CA TRP C 49 50.39 55.79 -4.45
C TRP C 49 50.35 56.66 -3.21
N GLN C 50 49.47 56.34 -2.26
CA GLN C 50 49.14 57.25 -1.19
C GLN C 50 50.24 57.41 -0.14
N ALA C 51 51.20 56.48 -0.09
CA ALA C 51 52.35 56.69 0.78
C ALA C 51 53.69 56.26 0.18
N ARG C 52 53.72 55.44 -0.86
CA ARG C 52 54.92 54.67 -1.21
C ARG C 52 55.21 54.75 -2.71
N GLN C 53 55.21 55.97 -3.27
CA GLN C 53 55.64 56.13 -4.66
C GLN C 53 57.14 55.94 -4.80
N GLU C 54 57.88 56.14 -3.71
CA GLU C 54 59.27 55.76 -3.67
C GLU C 54 59.40 54.24 -3.85
N ALA C 55 60.39 53.85 -4.66
CA ALA C 55 60.60 52.48 -5.14
C ALA C 55 59.35 51.91 -5.83
N VAL C 56 58.96 52.52 -6.96
CA VAL C 56 57.92 52.00 -7.83
C VAL C 56 58.45 51.73 -9.24
N ARG C 57 59.25 52.66 -9.76
CA ARG C 57 59.79 52.65 -11.13
C ARG C 57 58.67 52.61 -12.16
N PHE C 58 57.89 53.69 -12.18
CA PHE C 58 56.72 53.75 -13.04
C PHE C 58 57.18 54.26 -14.42
N CYS C 59 56.25 54.40 -15.35
CA CYS C 59 56.63 54.76 -16.71
C CYS C 59 56.90 56.26 -16.82
N PRO C 60 57.82 56.67 -17.72
CA PRO C 60 58.16 58.08 -17.91
C PRO C 60 57.13 58.90 -18.69
N TYR C 61 55.88 58.82 -18.26
CA TYR C 61 54.90 59.82 -18.69
C TYR C 61 55.08 61.24 -18.11
N PRO C 62 55.36 61.48 -16.80
CA PRO C 62 55.03 62.80 -16.26
C PRO C 62 56.09 63.84 -16.60
N GLY C 63 55.72 65.11 -16.43
CA GLY C 63 56.54 66.21 -16.89
C GLY C 63 56.33 66.57 -18.35
N MET C 64 55.66 65.70 -19.11
CA MET C 64 55.32 66.02 -20.49
C MET C 64 54.23 67.08 -20.57
N GLY C 65 53.38 67.14 -19.55
CA GLY C 65 52.20 67.98 -19.60
C GLY C 65 51.20 67.58 -20.66
N PHE C 66 50.98 66.29 -20.87
CA PHE C 66 50.17 65.89 -22.01
C PHE C 66 48.75 65.55 -21.58
N PRO C 67 47.77 65.77 -22.46
CA PRO C 67 46.42 65.24 -22.22
C PRO C 67 46.35 63.74 -22.46
N ALA C 68 45.14 63.18 -22.41
CA ALA C 68 44.96 61.76 -22.62
C ALA C 68 45.16 61.41 -24.10
N SER C 69 45.80 60.25 -24.33
CA SER C 69 46.08 59.69 -25.67
C SER C 69 46.93 60.63 -26.53
N GLU C 70 47.85 61.36 -25.92
CA GLU C 70 48.80 62.20 -26.66
C GLU C 70 50.25 62.01 -26.20
N ILE C 71 50.53 60.95 -25.45
CA ILE C 71 51.90 60.61 -25.07
C ILE C 71 52.50 59.81 -26.20
N LYS C 72 53.53 60.38 -26.84
CA LYS C 72 54.13 59.80 -28.03
C LYS C 72 55.64 59.64 -27.93
N ASP C 73 56.33 60.49 -27.17
CA ASP C 73 57.79 60.49 -27.05
C ASP C 73 58.22 59.25 -26.26
N ALA C 74 59.40 58.74 -26.56
CA ALA C 74 59.86 57.48 -25.98
C ALA C 74 61.34 57.54 -25.66
N VAL C 75 61.66 57.97 -24.43
CA VAL C 75 63.02 57.93 -23.90
C VAL C 75 62.96 57.41 -22.47
N ILE C 76 63.63 56.29 -22.19
CA ILE C 76 63.69 55.74 -20.84
C ILE C 76 65.15 55.55 -20.42
N PRO C 77 65.62 56.26 -19.38
CA PRO C 77 66.98 56.01 -18.87
C PRO C 77 67.07 54.72 -18.07
N GLU C 78 68.29 54.36 -17.65
CA GLU C 78 68.49 53.22 -16.75
C GLU C 78 69.45 53.49 -15.60
N GLU C 79 70.22 54.57 -15.64
CA GLU C 79 71.25 54.75 -14.62
C GLU C 79 70.71 55.39 -13.35
N SER C 80 69.68 56.22 -13.43
CA SER C 80 69.22 57.01 -12.30
C SER C 80 68.23 56.27 -11.40
N HIS C 81 68.02 54.97 -11.65
CA HIS C 81 67.27 54.04 -10.79
C HIS C 81 65.77 54.37 -10.68
N LEU C 82 65.30 55.40 -11.38
CA LEU C 82 63.88 55.71 -11.57
C LEU C 82 63.70 56.26 -12.98
N PRO C 83 62.97 55.55 -13.84
CA PRO C 83 62.90 55.90 -15.28
C PRO C 83 62.26 57.26 -15.59
N PRO C 84 61.17 57.75 -14.87
CA PRO C 84 60.65 59.07 -15.28
C PRO C 84 61.53 60.25 -14.90
N ILE C 85 62.30 60.76 -15.87
CA ILE C 85 62.85 62.12 -15.84
C ILE C 85 62.59 62.69 -17.23
N VAL C 86 61.45 63.36 -17.42
CA VAL C 86 61.05 63.86 -18.73
C VAL C 86 60.53 65.28 -18.57
N HIS C 87 61.03 66.21 -19.38
CA HIS C 87 60.40 67.52 -19.51
C HIS C 87 60.61 68.01 -20.94
N VAL C 88 59.54 68.02 -21.73
CA VAL C 88 59.57 68.53 -23.09
C VAL C 88 59.31 70.04 -23.04
N THR C 89 60.31 70.83 -23.44
CA THR C 89 60.20 72.27 -23.40
C THR C 89 59.36 72.77 -24.57
N PHE C 90 58.65 73.89 -24.33
CA PHE C 90 57.78 74.64 -25.24
C PHE C 90 56.50 73.91 -25.62
N MET C 91 56.31 72.66 -25.16
CA MET C 91 55.11 71.91 -25.45
C MET C 91 54.64 71.25 -24.16
N GLY C 92 53.33 71.12 -24.02
CA GLY C 92 52.79 70.52 -22.81
C GLY C 92 52.75 71.45 -21.63
N LEU C 93 51.93 72.50 -21.73
CA LEU C 93 51.76 73.47 -20.67
C LEU C 93 50.35 73.36 -20.13
N TYR C 94 49.93 72.12 -19.86
CA TYR C 94 48.55 71.74 -19.65
C TYR C 94 48.01 72.33 -18.35
N GLY C 95 47.39 73.50 -18.44
CA GLY C 95 46.91 74.21 -17.29
C GLY C 95 47.88 75.20 -16.69
N VAL C 96 48.90 75.61 -17.43
CA VAL C 96 49.95 76.49 -16.92
C VAL C 96 49.62 77.91 -17.35
N THR C 97 49.53 78.82 -16.39
CA THR C 97 49.11 80.19 -16.69
C THR C 97 50.21 81.24 -16.48
N SER C 98 50.77 81.30 -15.28
CA SER C 98 51.72 82.35 -14.91
C SER C 98 53.12 81.77 -14.71
N PRO C 99 54.17 82.58 -14.91
CA PRO C 99 55.55 82.09 -14.65
C PRO C 99 55.89 81.94 -13.18
N LEU C 100 57.14 81.62 -12.89
CA LEU C 100 57.62 81.15 -11.59
C LEU C 100 57.71 82.32 -10.60
N PRO C 101 57.60 82.04 -9.27
CA PRO C 101 57.64 83.12 -8.29
C PRO C 101 59.00 83.78 -8.10
N ALA C 102 59.07 84.77 -7.21
CA ALA C 102 60.25 85.63 -7.10
C ALA C 102 61.41 84.94 -6.40
N HIS C 103 61.15 84.30 -5.26
CA HIS C 103 62.23 83.71 -4.49
C HIS C 103 62.71 82.41 -5.10
N TYR C 104 61.84 81.72 -5.85
CA TYR C 104 62.21 80.45 -6.45
C TYR C 104 63.13 80.64 -7.65
N ILE C 105 62.88 81.69 -8.45
CA ILE C 105 63.79 82.07 -9.52
C ILE C 105 65.14 82.47 -8.95
N SER C 106 65.15 83.05 -7.74
CA SER C 106 66.41 83.37 -7.09
C SER C 106 67.15 82.12 -6.58
N ASP C 107 66.49 80.96 -6.60
CA ASP C 107 67.15 79.71 -6.26
C ASP C 107 67.43 78.81 -7.46
N ILE C 108 66.78 79.06 -8.59
CA ILE C 108 66.99 78.27 -9.79
C ILE C 108 67.94 79.03 -10.71
N ALA C 109 67.84 80.36 -10.72
CA ALA C 109 68.88 81.27 -11.20
C ALA C 109 69.18 81.08 -12.70
N GLN C 110 68.31 81.64 -13.56
CA GLN C 110 67.28 82.66 -13.27
C GLN C 110 66.03 82.46 -14.13
N GLN C 111 65.48 81.22 -14.18
CA GLN C 111 64.74 80.65 -15.31
C GLN C 111 65.71 80.55 -16.49
N ARG C 112 66.71 79.70 -16.33
CA ARG C 112 67.87 79.57 -17.21
C ARG C 112 68.06 78.06 -17.34
N GLU C 113 69.25 77.61 -17.76
CA GLU C 113 69.61 76.20 -17.83
C GLU C 113 69.42 75.43 -16.52
N GLY C 114 69.41 76.13 -15.38
CA GLY C 114 69.07 75.50 -14.11
C GLY C 114 67.63 75.06 -13.99
N HIS C 115 66.74 75.55 -14.86
CA HIS C 115 65.36 75.09 -14.86
C HIS C 115 65.25 73.67 -15.39
N GLU C 116 66.28 73.19 -16.11
CA GLU C 116 66.30 71.81 -16.57
C GLU C 116 66.46 70.84 -15.42
N ALA C 117 67.06 71.27 -14.32
CA ALA C 117 67.12 70.47 -13.10
C ALA C 117 66.15 70.94 -12.04
N ALA C 118 65.10 71.66 -12.41
CA ALA C 118 64.12 72.19 -11.49
C ALA C 118 62.74 71.60 -11.68
N ALA C 119 62.42 71.12 -12.89
CA ALA C 119 61.12 70.53 -13.14
C ALA C 119 60.99 69.13 -12.55
N ASP C 120 62.09 68.53 -12.08
CA ASP C 120 62.01 67.30 -11.32
C ASP C 120 61.25 67.51 -10.01
N PHE C 121 61.62 68.54 -9.25
CA PHE C 121 60.86 68.90 -8.07
C PHE C 121 59.55 69.58 -8.44
N LEU C 122 59.55 70.39 -9.50
CA LEU C 122 58.38 71.20 -9.82
C LEU C 122 57.21 70.34 -10.27
N ASP C 123 57.47 69.28 -11.03
CA ASP C 123 56.41 68.39 -11.46
C ASP C 123 56.18 67.23 -10.52
N ILE C 124 56.45 67.41 -9.22
CA ILE C 124 56.05 66.40 -8.24
C ILE C 124 54.53 66.36 -8.10
N PHE C 125 53.86 67.48 -8.40
CA PHE C 125 52.42 67.53 -8.21
C PHE C 125 51.70 66.86 -9.38
N SER C 126 52.15 67.12 -10.61
CA SER C 126 51.51 66.54 -11.77
C SER C 126 51.79 65.04 -11.92
N HIS C 127 52.80 64.52 -11.22
CA HIS C 127 53.05 63.08 -11.28
C HIS C 127 51.97 62.31 -10.55
N ARG C 128 51.65 62.71 -9.32
CA ARG C 128 50.72 61.95 -8.51
C ARG C 128 49.27 62.20 -8.89
N LEU C 129 48.99 63.06 -9.88
CA LEU C 129 47.61 63.31 -10.24
C LEU C 129 47.20 62.57 -11.51
N ILE C 130 48.15 62.37 -12.44
CA ILE C 130 47.79 61.77 -13.72
C ILE C 130 47.77 60.23 -13.59
N THR C 131 48.23 59.70 -12.46
CA THR C 131 47.88 58.33 -12.09
C THR C 131 46.37 58.19 -11.94
N GLN C 132 45.81 58.88 -10.96
CA GLN C 132 44.40 58.78 -10.64
C GLN C 132 43.49 59.43 -11.68
N TYR C 133 44.03 60.37 -12.48
CA TYR C 133 43.30 60.88 -13.63
C TYR C 133 42.99 59.76 -14.61
N TYR C 134 43.95 58.87 -14.83
CA TYR C 134 43.72 57.71 -15.68
C TYR C 134 42.82 56.70 -14.97
N ARG C 135 42.92 56.60 -13.65
CA ARG C 135 42.31 55.49 -12.94
C ARG C 135 40.80 55.60 -12.90
N ILE C 136 40.26 56.81 -13.10
CA ILE C 136 38.82 56.98 -13.17
C ILE C 136 38.29 56.41 -14.48
N TRP C 137 38.97 56.73 -15.59
CA TRP C 137 38.52 56.33 -16.92
C TRP C 137 38.63 54.84 -17.17
N ARG C 138 39.38 54.10 -16.36
CA ARG C 138 39.63 52.71 -16.74
C ARG C 138 39.26 51.76 -15.62
N LYS C 139 39.35 52.19 -14.37
CA LYS C 139 39.12 51.25 -13.27
C LYS C 139 38.15 51.75 -12.22
N TYR C 140 38.03 53.07 -12.01
CA TYR C 140 37.36 53.47 -10.77
C TYR C 140 35.91 53.92 -11.00
N SER C 141 35.53 54.29 -12.20
CA SER C 141 34.11 54.56 -12.47
C SER C 141 33.61 54.03 -13.78
N TYR C 142 34.46 53.68 -14.73
CA TYR C 142 34.04 53.13 -16.02
C TYR C 142 33.70 51.64 -16.09
N PRO C 143 34.49 50.72 -15.48
CA PRO C 143 34.98 49.51 -16.20
C PRO C 143 33.99 48.64 -16.99
N ALA C 144 32.68 48.85 -16.83
CA ALA C 144 31.60 48.18 -17.58
C ALA C 144 31.54 46.70 -17.27
N THR C 145 32.13 46.29 -16.15
CA THR C 145 32.43 44.89 -15.78
C THR C 145 33.13 44.12 -16.91
N PHE C 146 33.88 44.85 -17.73
CA PHE C 146 34.59 44.33 -18.88
C PHE C 146 36.03 44.79 -18.91
N GLU C 147 36.28 46.02 -18.48
CA GLU C 147 37.64 46.50 -18.33
C GLU C 147 38.16 46.16 -16.95
N ALA C 148 37.25 45.93 -16.00
CA ALA C 148 37.65 45.33 -14.74
C ALA C 148 38.18 43.93 -14.97
N GLY C 149 37.34 43.03 -15.50
CA GLY C 149 37.76 41.72 -15.91
C GLY C 149 38.29 40.86 -14.79
N GLY C 150 37.62 40.88 -13.64
CA GLY C 150 38.15 40.22 -12.48
C GLY C 150 37.85 38.74 -12.46
N GLN C 151 38.21 38.15 -11.32
CA GLN C 151 38.04 36.75 -11.00
C GLN C 151 37.46 36.63 -9.60
N ASP C 152 36.33 37.33 -9.40
CA ASP C 152 35.59 37.53 -8.15
C ASP C 152 36.37 38.39 -7.17
N LYS C 153 37.10 39.38 -7.68
CA LYS C 153 37.70 40.41 -6.84
C LYS C 153 37.25 41.81 -7.19
N THR C 154 37.16 42.11 -8.49
CA THR C 154 36.89 43.47 -8.96
C THR C 154 35.53 43.95 -8.50
N SER C 155 35.52 45.16 -7.95
CA SER C 155 34.41 45.62 -7.15
C SER C 155 33.16 45.88 -7.99
N GLN C 156 33.33 46.04 -9.31
CA GLN C 156 32.17 46.23 -10.17
C GLN C 156 31.37 44.94 -10.31
N TYR C 157 32.01 43.80 -10.06
CA TYR C 157 31.24 42.57 -9.95
C TYR C 157 30.41 42.57 -8.67
N LEU C 158 31.07 42.81 -7.53
CA LEU C 158 30.41 42.67 -6.24
C LEU C 158 29.35 43.74 -6.02
N LEU C 159 29.53 44.92 -6.60
CA LEU C 159 28.45 45.89 -6.59
C LEU C 159 27.30 45.43 -7.48
N GLY C 160 27.63 44.79 -8.60
CA GLY C 160 26.65 44.38 -9.58
C GLY C 160 26.12 42.97 -9.45
N LEU C 161 26.33 42.33 -8.31
CA LEU C 161 25.89 40.96 -8.06
C LEU C 161 25.17 40.83 -6.72
N ALA C 162 25.28 41.82 -5.86
CA ALA C 162 24.56 41.80 -4.59
C ALA C 162 23.08 42.12 -4.74
N ARG C 163 22.60 42.37 -5.96
CA ARG C 163 21.19 42.63 -6.20
C ARG C 163 20.45 41.33 -6.42
N LEU C 164 21.18 40.23 -6.41
CA LEU C 164 20.59 38.91 -6.35
C LEU C 164 20.58 38.36 -4.94
N GLY C 165 21.37 38.94 -4.04
CA GLY C 165 21.41 38.48 -2.68
C GLY C 165 22.42 37.37 -2.48
N ILE C 166 23.60 37.49 -3.09
CA ILE C 166 24.71 36.61 -2.72
C ILE C 166 25.93 37.43 -2.28
N PRO C 167 25.92 38.13 -1.11
CA PRO C 167 27.16 38.25 -0.35
C PRO C 167 27.23 37.24 0.79
N GLY C 168 28.40 36.65 1.03
CA GLY C 168 28.59 35.70 2.11
C GLY C 168 28.14 34.28 1.78
N CYS C 169 27.23 34.10 0.84
CA CYS C 169 26.65 32.80 0.49
C CYS C 169 27.46 32.04 -0.56
N ALA C 170 28.76 32.32 -0.68
CA ALA C 170 29.63 31.44 -1.46
C ALA C 170 29.98 30.17 -0.70
N GLN C 171 29.66 30.14 0.59
CA GLN C 171 29.89 28.98 1.46
C GLN C 171 29.16 27.75 0.92
N ASN C 172 29.80 26.58 1.10
CA ASN C 172 29.34 25.24 0.77
C ASN C 172 29.28 24.98 -0.73
N ILE C 173 29.86 25.85 -1.55
CA ILE C 173 29.84 25.67 -3.00
C ILE C 173 31.27 25.39 -3.45
N ALA C 174 31.45 24.37 -4.29
CA ALA C 174 32.78 24.00 -4.76
C ALA C 174 33.35 25.00 -5.75
N THR C 175 32.51 25.85 -6.34
CA THR C 175 32.96 26.92 -7.21
C THR C 175 32.53 28.25 -6.61
N PRO C 176 33.14 29.35 -6.99
CA PRO C 176 32.56 30.65 -6.63
C PRO C 176 31.53 31.07 -7.67
N VAL C 177 30.93 32.24 -7.47
CA VAL C 177 29.78 32.68 -8.24
C VAL C 177 30.28 33.09 -9.63
N SER C 178 30.05 32.20 -10.59
CA SER C 178 30.55 32.43 -11.93
C SER C 178 29.44 32.55 -12.96
N ARG C 179 28.26 32.02 -12.69
CA ARG C 179 27.21 32.01 -13.68
C ARG C 179 26.30 33.23 -13.61
N PHE C 180 26.84 34.38 -13.22
CA PHE C 180 26.15 35.65 -13.31
C PHE C 180 25.89 36.07 -14.75
N LEU C 181 26.69 35.60 -15.70
CA LEU C 181 26.67 36.15 -17.06
C LEU C 181 25.37 35.84 -17.79
N ALA C 182 24.67 34.83 -17.39
CA ALA C 182 23.39 34.60 -18.06
C ALA C 182 22.22 34.47 -17.09
N LEU C 183 22.48 34.03 -15.87
CA LEU C 183 21.38 33.76 -14.95
C LEU C 183 20.86 35.01 -14.27
N LEU C 184 21.63 36.11 -14.27
CA LEU C 184 21.21 37.31 -13.53
C LEU C 184 19.92 37.95 -14.04
N PRO C 185 19.64 38.03 -15.36
CA PRO C 185 18.27 38.45 -15.73
C PRO C 185 17.20 37.48 -15.28
N LEU C 186 17.46 36.16 -15.36
CA LEU C 186 16.49 35.19 -14.89
C LEU C 186 16.37 35.17 -13.38
N MET C 187 17.45 35.45 -12.66
CA MET C 187 17.41 35.41 -11.21
C MET C 187 16.96 36.71 -10.58
N LEU C 188 16.25 37.56 -11.30
CA LEU C 188 15.72 38.77 -10.71
C LEU C 188 14.20 38.72 -10.59
N LEU C 189 13.52 37.88 -11.35
CA LEU C 189 12.10 37.72 -11.15
C LEU C 189 11.82 36.83 -9.94
N PRO C 190 10.89 37.20 -9.07
CA PRO C 190 10.67 36.43 -7.85
C PRO C 190 9.72 35.25 -8.07
N GLY C 191 10.08 34.14 -7.42
CA GLY C 191 9.25 32.94 -7.39
C GLY C 191 9.17 32.20 -8.70
N ARG C 192 10.11 32.48 -9.59
CA ARG C 192 10.06 32.03 -10.97
C ARG C 192 11.39 31.35 -11.27
N THR C 193 11.43 30.42 -12.23
CA THR C 193 10.36 29.85 -13.06
C THR C 193 10.68 28.40 -13.41
N ALA C 194 10.00 27.87 -14.41
CA ALA C 194 10.35 26.55 -14.96
C ALA C 194 11.20 26.69 -16.21
N GLU C 195 11.06 27.80 -16.92
CA GLU C 195 11.74 27.93 -18.20
C GLU C 195 13.19 28.35 -18.04
N GLY C 196 13.61 28.70 -16.84
CA GLY C 196 15.02 28.98 -16.61
C GLY C 196 15.87 27.73 -16.60
N LEU C 197 15.27 26.58 -16.34
CA LEU C 197 16.02 25.33 -16.33
C LEU C 197 16.37 24.89 -17.74
N THR C 198 15.72 25.44 -18.76
CA THR C 198 16.16 25.21 -20.13
C THR C 198 17.43 25.98 -20.42
N SER C 199 17.55 27.20 -19.89
CA SER C 199 18.73 28.01 -20.13
C SER C 199 19.94 27.43 -19.41
N LEU C 200 19.71 26.80 -18.26
CA LEU C 200 20.82 26.29 -17.44
C LEU C 200 21.50 25.11 -18.12
N VAL C 201 20.78 24.40 -18.98
CA VAL C 201 21.38 23.25 -19.65
C VAL C 201 22.03 23.67 -20.96
N THR C 202 21.36 24.54 -21.72
CA THR C 202 21.87 24.95 -23.03
C THR C 202 23.13 25.80 -22.89
N LEU C 203 23.26 26.51 -21.76
CA LEU C 203 24.51 27.19 -21.42
C LEU C 203 25.65 26.20 -21.29
N LEU C 204 25.45 25.15 -20.49
CA LEU C 204 26.57 24.43 -19.92
C LEU C 204 27.16 23.44 -20.89
N ALA C 205 26.35 22.89 -21.80
CA ALA C 205 26.82 21.93 -22.80
C ALA C 205 25.86 21.96 -23.98
N PRO C 206 26.25 22.62 -25.07
CA PRO C 206 25.40 22.65 -26.27
C PRO C 206 25.28 21.28 -26.92
N GLY C 207 24.27 21.14 -27.77
CA GLY C 207 23.86 19.84 -28.26
C GLY C 207 22.88 19.12 -27.37
N THR C 208 22.60 19.67 -26.18
CA THR C 208 21.72 19.01 -25.23
C THR C 208 20.46 19.85 -25.03
N GLN C 209 19.31 19.21 -25.10
CA GLN C 209 18.02 19.88 -25.00
C GLN C 209 17.29 19.44 -23.73
N ALA C 210 16.27 20.21 -23.36
CA ALA C 210 15.61 20.01 -22.07
C ALA C 210 14.10 20.15 -22.21
N ARG C 211 13.36 19.28 -21.52
CA ARG C 211 11.91 19.33 -21.47
C ARG C 211 11.51 19.12 -20.02
N VAL C 212 10.45 19.81 -19.59
CA VAL C 212 10.00 19.73 -18.21
C VAL C 212 8.54 19.29 -18.20
N TRP C 213 8.24 18.32 -17.34
CA TRP C 213 6.87 17.95 -17.01
C TRP C 213 6.59 18.47 -15.60
N HIS C 214 5.52 19.26 -15.46
CA HIS C 214 5.35 20.07 -14.24
C HIS C 214 4.91 19.25 -13.04
N HIS C 215 4.00 18.31 -13.23
CA HIS C 215 3.59 17.44 -12.15
C HIS C 215 4.04 16.02 -12.50
N ASP C 216 4.31 15.22 -11.48
CA ASP C 216 4.53 13.80 -11.72
C ASP C 216 4.05 12.96 -10.55
N ARG C 217 3.77 11.69 -10.84
CA ARG C 217 3.29 10.78 -9.81
C ARG C 217 4.39 10.44 -8.81
N ARG C 218 4.59 11.29 -7.81
CA ARG C 218 5.53 10.94 -6.76
C ARG C 218 4.86 9.90 -5.85
N ARG C 219 5.62 9.32 -4.92
CA ARG C 219 5.14 8.30 -4.01
C ARG C 219 5.71 8.67 -2.63
N ILE C 220 6.13 7.68 -1.86
CA ILE C 220 5.72 7.16 -0.56
C ILE C 220 5.02 7.99 0.51
N PRO C 221 5.50 9.17 0.97
CA PRO C 221 5.90 9.30 2.38
C PRO C 221 5.06 8.50 3.35
N LEU C 222 5.66 7.55 4.03
CA LEU C 222 4.87 6.63 4.83
C LEU C 222 4.47 7.30 6.14
N LYS C 223 3.17 7.41 6.36
CA LYS C 223 2.66 8.09 7.53
C LYS C 223 2.82 7.20 8.76
N THR C 224 3.25 7.81 9.87
CA THR C 224 3.68 6.99 10.99
C THR C 224 2.53 6.38 11.80
N PRO C 225 1.38 7.05 12.05
CA PRO C 225 0.21 6.23 12.43
C PRO C 225 -0.53 5.79 11.18
N LEU C 226 -0.99 4.54 11.13
CA LEU C 226 -1.65 4.04 9.93
C LEU C 226 -3.00 4.71 9.73
N THR C 227 -3.63 5.11 10.84
CA THR C 227 -4.82 5.95 10.97
C THR C 227 -6.08 5.34 10.38
N MET C 228 -6.04 4.14 9.82
CA MET C 228 -7.27 3.52 9.36
C MET C 228 -7.79 2.52 10.38
N ARG C 229 -7.40 2.70 11.63
CA ARG C 229 -8.14 2.03 12.70
C ARG C 229 -9.51 2.70 12.71
N VAL C 230 -10.57 1.91 12.81
CA VAL C 230 -11.90 2.47 12.90
C VAL C 230 -12.22 2.67 14.38
N HIS C 231 -12.44 3.93 14.77
CA HIS C 231 -12.40 4.30 16.17
C HIS C 231 -13.78 4.32 16.79
N HIS C 232 -13.86 3.84 18.02
CA HIS C 232 -15.00 3.94 18.91
C HIS C 232 -15.09 5.29 19.64
N PRO C 233 -14.04 5.80 20.38
CA PRO C 233 -14.25 7.08 21.09
C PRO C 233 -14.34 8.30 20.20
N VAL C 234 -13.32 8.58 19.38
CA VAL C 234 -13.25 9.78 18.56
C VAL C 234 -12.56 9.41 17.25
N SER C 235 -13.15 9.82 16.14
CA SER C 235 -12.47 9.74 14.85
C SER C 235 -12.85 10.95 14.01
N LEU C 236 -12.31 11.01 12.79
CA LEU C 236 -12.55 12.13 11.89
C LEU C 236 -12.75 11.61 10.48
N LYS C 237 -13.37 12.41 9.64
CA LYS C 237 -13.49 12.00 8.25
C LYS C 237 -12.80 12.95 7.29
N SER C 238 -13.16 14.24 7.36
CA SER C 238 -13.41 15.16 6.23
C SER C 238 -12.38 15.02 5.11
N ARG C 239 -11.12 15.36 5.31
CA ARG C 239 -10.10 15.06 4.30
C ARG C 239 -9.39 13.70 4.38
N PRO C 240 -8.86 13.24 5.57
CA PRO C 240 -7.88 12.12 5.51
C PRO C 240 -8.45 10.75 5.18
N VAL C 241 -8.54 10.44 3.89
CA VAL C 241 -9.03 9.15 3.43
C VAL C 241 -8.00 8.48 2.51
N MET C 242 -7.53 7.29 2.92
CA MET C 242 -6.52 6.54 2.19
C MET C 242 -6.44 5.06 2.60
N GLY C 243 -5.38 4.37 2.15
CA GLY C 243 -5.10 2.99 2.51
C GLY C 243 -3.95 2.85 3.51
N ASP C 244 -2.72 2.62 3.01
CA ASP C 244 -1.54 2.54 3.86
C ASP C 244 -0.34 3.37 3.40
N HIS C 245 -0.20 3.65 2.10
CA HIS C 245 0.82 4.56 1.59
C HIS C 245 0.15 5.68 0.82
N ALA C 246 0.68 6.89 0.96
CA ALA C 246 0.06 8.08 0.37
C ALA C 246 0.81 8.46 -0.89
N THR C 247 0.21 9.40 -1.64
CA THR C 247 0.78 9.91 -2.88
C THR C 247 0.63 11.44 -2.90
N ASP C 248 1.73 12.13 -3.16
CA ASP C 248 1.79 13.59 -3.09
C ASP C 248 2.45 14.12 -4.35
N VAL C 249 1.68 14.79 -5.20
CA VAL C 249 2.19 15.09 -6.52
C VAL C 249 3.07 16.33 -6.47
N ASN C 250 2.46 17.52 -6.38
CA ASN C 250 2.92 18.74 -5.70
C ASN C 250 4.41 19.00 -5.52
N GLY C 251 5.22 19.00 -6.59
CA GLY C 251 6.58 19.45 -6.36
C GLY C 251 7.77 18.54 -6.63
N GLN C 252 7.68 17.66 -7.62
CA GLN C 252 8.85 16.79 -7.84
C GLN C 252 9.20 16.65 -9.31
N VAL C 253 9.36 17.74 -10.08
CA VAL C 253 9.37 17.78 -11.54
C VAL C 253 10.36 16.84 -12.24
N LEU C 254 10.01 16.43 -13.45
CA LEU C 254 10.81 15.50 -14.23
C LEU C 254 11.55 16.24 -15.34
N LEU C 255 12.83 15.94 -15.49
CA LEU C 255 13.67 16.63 -16.46
C LEU C 255 14.41 15.62 -17.32
N GLN C 256 14.27 15.73 -18.64
CA GLN C 256 15.03 14.90 -19.54
C GLN C 256 16.05 15.72 -20.30
N LEU C 257 17.12 15.03 -20.69
CA LEU C 257 18.19 15.61 -21.47
C LEU C 257 18.33 14.76 -22.73
N SER C 258 18.91 15.34 -23.77
CA SER C 258 19.06 14.61 -25.02
C SER C 258 20.32 15.06 -25.74
N THR C 259 21.31 14.18 -25.80
CA THR C 259 22.60 14.50 -26.40
C THR C 259 22.77 13.66 -27.65
N GLN C 260 23.68 14.09 -28.53
CA GLN C 260 24.02 13.33 -29.72
C GLN C 260 25.51 13.29 -30.01
N THR C 261 26.35 13.85 -29.14
CA THR C 261 27.81 13.75 -29.26
C THR C 261 28.30 12.88 -28.11
N GLY C 262 28.96 11.78 -28.45
CA GLY C 262 29.34 10.78 -27.48
C GLY C 262 30.36 11.23 -26.45
N SER C 263 31.07 12.33 -26.74
CA SER C 263 31.98 12.89 -25.74
C SER C 263 31.23 13.50 -24.56
N GLU C 264 29.98 13.92 -24.79
CA GLU C 264 29.17 14.47 -23.71
C GLU C 264 28.31 13.42 -23.03
N VAL C 265 28.13 12.26 -23.67
CA VAL C 265 27.45 11.14 -23.03
C VAL C 265 28.23 10.69 -21.80
N GLN C 266 29.55 10.66 -21.92
CA GLN C 266 30.39 10.31 -20.79
C GLN C 266 30.64 11.50 -19.87
N GLY C 267 29.99 12.63 -20.15
CA GLY C 267 30.02 13.75 -19.22
C GLY C 267 28.89 13.77 -18.23
N TRP C 268 27.75 13.15 -18.57
CA TRP C 268 26.61 13.20 -17.67
C TRP C 268 26.60 12.08 -16.64
N LEU C 269 27.29 10.99 -16.90
CA LEU C 269 27.45 9.94 -15.93
C LEU C 269 28.31 10.48 -14.78
N PRO C 270 28.07 10.03 -13.54
CA PRO C 270 28.52 10.79 -12.36
C PRO C 270 30.04 10.93 -12.24
N GLY C 271 30.50 12.18 -12.19
CA GLY C 271 31.91 12.50 -12.19
C GLY C 271 32.21 13.65 -13.12
N GLY C 272 31.44 13.77 -14.20
CA GLY C 272 31.72 14.75 -15.22
C GLY C 272 30.94 16.03 -15.05
N HIS C 273 29.89 16.22 -15.83
CA HIS C 273 29.07 17.42 -15.73
C HIS C 273 27.93 17.28 -14.73
N LEU C 274 27.83 16.14 -14.05
CA LEU C 274 26.75 15.99 -13.07
C LEU C 274 27.04 16.83 -11.83
N TYR C 275 28.31 17.08 -11.54
CA TYR C 275 28.64 18.01 -10.45
C TYR C 275 28.39 19.46 -10.84
N SER C 276 28.12 19.74 -12.11
CA SER C 276 27.84 21.10 -12.52
C SER C 276 26.39 21.48 -12.20
N ASP C 277 25.45 20.60 -12.57
CA ASP C 277 24.05 20.85 -12.25
C ASP C 277 23.77 20.74 -10.76
N LEU C 278 24.45 19.82 -10.08
CA LEU C 278 24.06 19.45 -8.72
C LEU C 278 24.40 20.54 -7.72
N LEU C 279 25.28 21.47 -8.11
CA LEU C 279 25.56 22.61 -7.25
C LEU C 279 24.90 23.87 -7.78
N ALA C 280 24.58 23.89 -9.08
CA ALA C 280 23.91 25.05 -9.64
C ALA C 280 22.46 25.12 -9.18
N LEU C 281 21.86 23.98 -8.89
CA LEU C 281 20.47 23.98 -8.45
C LEU C 281 20.37 24.35 -6.98
N LEU C 282 21.05 23.56 -6.13
CA LEU C 282 20.77 23.45 -4.70
C LEU C 282 20.97 24.74 -3.91
N HIS C 283 21.67 25.73 -4.44
CA HIS C 283 21.94 26.89 -3.61
C HIS C 283 21.80 28.18 -4.40
N VAL C 284 21.51 28.08 -5.68
CA VAL C 284 21.54 29.27 -6.52
C VAL C 284 20.14 29.55 -7.02
N TYR C 285 19.57 28.62 -7.77
CA TYR C 285 18.33 28.90 -8.47
C TYR C 285 17.09 28.39 -7.75
N LEU C 286 17.19 27.26 -7.05
CA LEU C 286 16.01 26.68 -6.40
C LEU C 286 16.11 26.69 -4.88
N GLY C 287 17.16 26.08 -4.32
CA GLY C 287 17.27 25.98 -2.89
C GLY C 287 16.28 24.99 -2.33
N SER C 288 15.55 25.40 -1.30
CA SER C 288 14.55 24.54 -0.67
C SER C 288 13.15 24.78 -1.21
N ARG C 289 13.02 25.21 -2.47
CA ARG C 289 11.71 25.22 -3.09
C ARG C 289 11.19 23.81 -3.32
N LEU C 290 11.88 23.04 -4.17
CA LEU C 290 11.32 21.82 -4.75
C LEU C 290 12.37 20.71 -4.70
N ASP C 291 12.04 19.59 -5.34
CA ASP C 291 12.93 18.48 -5.57
C ASP C 291 12.88 18.14 -7.06
N VAL C 292 14.03 17.81 -7.64
CA VAL C 292 14.14 17.68 -9.09
C VAL C 292 14.59 16.27 -9.45
N ARG C 293 13.83 15.62 -10.32
CA ARG C 293 14.16 14.31 -10.87
C ARG C 293 14.78 14.47 -12.25
N LEU C 294 15.83 13.70 -12.51
CA LEU C 294 16.60 13.75 -13.73
C LEU C 294 16.42 12.47 -14.52
N GLN C 295 16.55 12.55 -15.83
CA GLN C 295 16.43 11.37 -16.68
C GLN C 295 17.13 11.71 -17.99
N LEU C 296 17.42 10.68 -18.79
CA LEU C 296 18.21 10.88 -20.00
C LEU C 296 17.79 9.83 -21.03
N CYS C 297 17.89 10.18 -22.31
CA CYS C 297 17.62 9.25 -23.39
C CYS C 297 18.72 9.37 -24.46
N VAL C 298 19.41 8.26 -24.70
CA VAL C 298 20.49 8.20 -25.69
C VAL C 298 20.26 6.98 -26.59
N GLU C 299 21.18 6.74 -27.51
CA GLU C 299 21.26 5.46 -28.19
C GLU C 299 22.19 4.58 -27.36
N ARG C 300 22.22 3.29 -27.68
CA ARG C 300 22.12 2.18 -26.72
C ARG C 300 22.85 2.40 -25.38
N SER C 301 24.18 2.55 -25.35
CA SER C 301 25.02 2.99 -24.24
C SER C 301 26.48 2.97 -24.65
N LEU C 302 27.36 3.40 -23.75
CA LEU C 302 28.75 2.96 -23.76
C LEU C 302 29.13 2.51 -22.35
N LEU C 303 28.77 1.29 -21.97
CA LEU C 303 28.90 0.88 -20.58
C LEU C 303 29.46 -0.52 -20.38
N PRO C 304 30.60 -0.63 -19.70
CA PRO C 304 31.16 -1.95 -19.34
C PRO C 304 30.58 -2.52 -18.06
N ASP C 305 31.25 -3.54 -17.50
CA ASP C 305 30.73 -4.34 -16.40
C ASP C 305 31.76 -4.61 -15.30
N ALA C 306 31.58 -5.73 -14.59
CA ALA C 306 31.75 -5.89 -13.14
C ALA C 306 33.12 -5.61 -12.52
N ARG C 307 33.96 -4.83 -13.20
CA ARG C 307 35.24 -4.36 -12.68
C ARG C 307 35.11 -3.70 -11.29
N LEU C 308 36.25 -3.61 -10.61
CA LEU C 308 36.32 -3.24 -9.19
C LEU C 308 36.08 -1.77 -8.88
N SER C 309 36.58 -1.35 -7.72
CA SER C 309 35.93 -0.55 -6.65
C SER C 309 34.96 0.49 -7.20
N CYS C 310 35.39 1.45 -8.01
CA CYS C 310 34.45 2.53 -8.31
C CYS C 310 34.61 3.14 -9.68
N ARG C 311 33.92 2.55 -10.68
CA ARG C 311 32.92 3.14 -11.59
C ARG C 311 32.03 2.09 -12.28
N PRO C 312 31.33 1.18 -11.58
CA PRO C 312 30.50 0.22 -12.33
C PRO C 312 29.16 0.79 -12.77
N ALA C 313 28.47 1.49 -11.87
CA ALA C 313 27.03 1.66 -12.01
C ALA C 313 26.70 2.83 -12.92
N ALA C 314 25.85 2.56 -13.91
CA ALA C 314 25.28 3.58 -14.78
C ALA C 314 23.99 4.05 -14.12
N GLY C 315 24.16 4.77 -13.00
CA GLY C 315 23.05 5.06 -12.13
C GLY C 315 22.55 3.80 -11.46
N SER C 316 21.26 3.57 -11.51
CA SER C 316 20.68 2.29 -11.12
C SER C 316 20.81 1.19 -12.18
N PRO C 317 20.61 1.42 -13.53
CA PRO C 317 20.70 0.28 -14.46
C PRO C 317 22.06 -0.04 -15.10
N GLN C 318 22.12 -1.16 -15.84
CA GLN C 318 23.27 -1.66 -16.61
C GLN C 318 22.90 -2.22 -17.97
N LEU C 319 23.64 -1.84 -19.01
CA LEU C 319 23.47 -2.27 -20.39
C LEU C 319 24.70 -1.92 -21.22
N GLY C 320 24.59 -2.03 -22.53
CA GLY C 320 25.72 -1.68 -23.40
C GLY C 320 26.74 -2.78 -23.49
N ARG C 321 26.32 -4.02 -23.27
CA ARG C 321 27.27 -5.13 -23.21
C ARG C 321 26.84 -6.38 -23.95
N THR C 322 25.65 -6.45 -24.53
CA THR C 322 25.11 -7.75 -24.88
C THR C 322 24.81 -7.86 -26.37
N ALA C 323 24.58 -6.74 -27.03
CA ALA C 323 24.24 -6.77 -28.44
C ALA C 323 25.46 -7.18 -29.26
N VAL C 324 25.51 -8.47 -29.61
CA VAL C 324 26.56 -9.00 -30.47
C VAL C 324 25.84 -9.48 -31.73
N MET C 325 24.72 -8.82 -32.05
CA MET C 325 23.90 -9.34 -33.15
C MET C 325 23.80 -8.40 -34.34
N ARG C 326 23.34 -7.17 -34.11
CA ARG C 326 22.84 -6.37 -35.23
C ARG C 326 23.56 -5.04 -35.27
N THR C 327 23.66 -4.48 -36.48
CA THR C 327 24.51 -3.33 -36.80
C THR C 327 23.97 -2.05 -36.16
N GLN C 328 22.68 -1.74 -36.24
CA GLN C 328 22.29 -0.35 -36.12
C GLN C 328 21.31 -0.04 -34.99
N ALA C 329 20.79 1.18 -35.01
CA ALA C 329 20.40 1.86 -33.77
C ALA C 329 19.06 1.37 -33.23
N LYS C 330 18.93 1.50 -31.91
CA LYS C 330 17.68 1.46 -31.19
C LYS C 330 17.72 2.56 -30.15
N ILE C 331 16.63 3.30 -29.96
CA ILE C 331 16.65 4.38 -28.99
C ILE C 331 16.14 3.86 -27.65
N ALA C 332 16.74 4.31 -26.57
CA ALA C 332 16.37 3.87 -25.23
C ALA C 332 16.46 5.04 -24.26
N THR C 333 15.73 4.94 -23.16
CA THR C 333 15.99 5.82 -22.05
C THR C 333 17.24 5.33 -21.33
N SER C 334 17.91 6.24 -20.62
CA SER C 334 19.24 5.87 -20.16
C SER C 334 19.23 5.32 -18.76
N ALA C 335 18.86 6.15 -17.80
CA ALA C 335 19.02 5.85 -16.40
C ALA C 335 18.29 6.89 -15.59
N ALA C 336 18.49 6.83 -14.29
CA ALA C 336 18.03 7.88 -13.41
C ALA C 336 19.23 8.58 -12.82
N ARG C 337 19.00 9.77 -12.29
CA ARG C 337 19.91 10.42 -11.36
C ARG C 337 19.12 10.76 -10.12
N VAL C 338 19.81 11.10 -9.04
CA VAL C 338 19.16 11.28 -7.75
C VAL C 338 18.44 12.61 -7.70
N MET C 339 17.57 12.77 -6.71
CA MET C 339 16.87 14.02 -6.49
C MET C 339 17.83 15.06 -5.92
N THR C 340 17.46 16.33 -6.04
CA THR C 340 18.22 17.43 -5.46
C THR C 340 17.56 17.87 -4.15
N ILE C 341 17.60 16.97 -3.15
CA ILE C 341 16.86 17.19 -1.93
C ILE C 341 17.78 17.42 -0.73
N SER C 342 17.22 17.96 0.36
CA SER C 342 17.94 18.19 1.61
C SER C 342 16.98 18.28 2.79
N LEU C 343 16.95 17.26 3.65
CA LEU C 343 15.90 17.18 4.66
C LEU C 343 16.37 16.36 5.87
N GLY C 344 15.46 16.22 6.85
CA GLY C 344 15.71 15.43 8.05
C GLY C 344 14.72 15.74 9.16
N ARG C 345 15.08 15.35 10.39
CA ARG C 345 14.22 15.55 11.55
C ARG C 345 14.93 16.06 12.82
N TYR C 346 16.26 15.91 12.89
CA TYR C 346 17.32 16.22 13.87
C TYR C 346 17.54 15.37 15.12
N GLN C 347 16.53 15.09 15.98
CA GLN C 347 16.21 13.81 16.61
C GLN C 347 14.87 13.88 17.33
N ARG C 348 14.58 15.06 17.88
CA ARG C 348 14.41 15.09 19.34
C ARG C 348 13.05 15.60 19.81
N VAL C 349 12.91 15.58 21.14
CA VAL C 349 11.76 16.04 21.91
C VAL C 349 12.19 17.30 22.64
N GLN C 350 11.25 18.03 23.24
CA GLN C 350 11.51 19.39 23.69
C GLN C 350 11.30 19.52 25.19
N GLU C 351 11.59 20.71 25.71
CA GLU C 351 11.58 20.93 27.17
C GLU C 351 10.92 22.23 27.64
N HIS C 352 10.72 23.20 26.76
CA HIS C 352 10.22 24.50 27.19
C HIS C 352 9.24 25.05 26.16
N TYR C 353 8.73 26.25 26.41
CA TYR C 353 7.59 26.77 25.66
C TYR C 353 7.75 28.26 25.40
N GLN C 354 6.74 28.85 24.76
CA GLN C 354 6.89 30.16 24.12
C GLN C 354 6.72 31.32 25.08
N ARG C 355 5.47 31.61 25.45
CA ARG C 355 5.06 32.75 26.25
C ARG C 355 3.57 32.67 26.52
N LYS C 356 3.13 33.02 27.72
CA LYS C 356 1.71 33.21 27.99
C LYS C 356 1.35 34.69 27.83
N GLU C 357 0.71 34.99 26.70
CA GLU C 357 0.17 36.33 26.50
C GLU C 357 -1.33 36.35 26.71
N MET D 1 -32.33 7.40 -12.93
CA MET D 1 -31.21 7.35 -12.01
C MET D 1 -30.47 6.03 -12.13
N LYS D 2 -29.16 6.12 -12.26
CA LYS D 2 -28.35 4.92 -12.40
C LYS D 2 -27.63 4.63 -11.10
N ILE D 3 -27.27 3.36 -10.91
CA ILE D 3 -26.60 2.89 -9.71
C ILE D 3 -25.27 2.30 -10.11
N TYR D 4 -24.21 2.70 -9.41
CA TYR D 4 -22.84 2.39 -9.79
C TYR D 4 -22.21 1.48 -8.75
N ARG D 5 -21.65 0.37 -9.21
CA ARG D 5 -20.84 -0.45 -8.33
C ARG D 5 -19.52 0.26 -8.11
N PRO D 6 -19.17 0.62 -6.88
CA PRO D 6 -17.91 1.33 -6.67
C PRO D 6 -16.73 0.37 -6.71
N LEU D 7 -15.60 0.89 -7.17
CA LEU D 7 -14.36 0.13 -7.27
C LEU D 7 -13.53 0.36 -6.02
N TRP D 8 -13.36 -0.70 -5.22
CA TRP D 8 -12.62 -0.60 -3.98
C TRP D 8 -11.12 -0.78 -4.28
N GLU D 9 -10.45 0.33 -4.58
CA GLU D 9 -9.02 0.33 -4.76
C GLU D 9 -8.33 0.39 -3.41
N ASP D 10 -7.01 0.51 -3.43
CA ASP D 10 -6.25 0.71 -2.20
C ASP D 10 -5.31 1.89 -2.42
N GLY D 11 -5.21 2.75 -1.42
CA GLY D 11 -4.43 3.95 -1.55
C GLY D 11 -5.08 4.96 -2.48
N ALA D 12 -6.27 5.42 -2.13
CA ALA D 12 -6.97 6.45 -2.87
C ALA D 12 -7.93 7.16 -1.93
N PHE D 13 -8.74 8.05 -2.50
CA PHE D 13 -9.65 8.83 -1.68
C PHE D 13 -10.98 8.12 -1.51
N LEU D 14 -11.40 7.98 -0.26
CA LEU D 14 -12.75 7.54 0.06
C LEU D 14 -13.69 8.74 -0.03
N MET D 15 -14.81 8.55 -0.69
CA MET D 15 -15.79 9.62 -0.76
C MET D 15 -17.15 9.06 -0.39
N PRO D 16 -18.00 9.87 0.24
CA PRO D 16 -19.27 9.34 0.77
C PRO D 16 -20.25 8.88 -0.30
N GLN D 17 -20.03 9.20 -1.55
CA GLN D 17 -20.83 8.57 -2.59
C GLN D 17 -20.24 7.26 -3.08
N GLN D 18 -19.31 6.66 -2.34
CA GLN D 18 -19.08 5.23 -2.50
C GLN D 18 -19.92 4.43 -1.55
N PHE D 19 -20.09 4.90 -0.32
CA PHE D 19 -20.86 4.14 0.66
C PHE D 19 -22.33 4.15 0.32
N GLN D 20 -22.80 5.25 -0.26
CA GLN D 20 -24.20 5.35 -0.66
C GLN D 20 -24.48 4.50 -1.87
N GLN D 21 -23.63 4.59 -2.89
CA GLN D 21 -23.86 3.84 -4.13
C GLN D 21 -23.60 2.36 -3.93
N GLN D 22 -22.92 1.97 -2.86
CA GLN D 22 -22.85 0.56 -2.54
C GLN D 22 -24.19 0.05 -2.05
N ALA D 23 -24.72 0.69 -1.00
CA ALA D 23 -25.89 0.14 -0.30
C ALA D 23 -27.15 0.26 -1.13
N ALA D 24 -27.18 1.21 -2.07
CA ALA D 24 -28.36 1.32 -2.92
C ALA D 24 -28.36 0.25 -4.00
N TRP D 25 -27.24 -0.44 -4.20
CA TRP D 25 -27.25 -1.57 -5.11
C TRP D 25 -27.92 -2.79 -4.47
N ASP D 26 -27.64 -3.03 -3.18
CA ASP D 26 -28.17 -4.21 -2.52
C ASP D 26 -29.68 -4.18 -2.40
N VAL D 27 -30.26 -3.01 -2.16
CA VAL D 27 -31.72 -2.89 -2.09
C VAL D 27 -32.33 -3.14 -3.46
N HIS D 28 -31.66 -2.67 -4.52
CA HIS D 28 -32.13 -2.93 -5.87
C HIS D 28 -32.07 -4.40 -6.23
N LEU D 29 -31.11 -5.12 -5.67
CA LEU D 29 -30.96 -6.52 -6.00
C LEU D 29 -32.09 -7.37 -5.41
N ALA D 30 -32.47 -7.09 -4.17
CA ALA D 30 -33.54 -7.86 -3.54
C ALA D 30 -34.90 -7.53 -4.13
N ASP D 31 -35.02 -6.38 -4.80
CA ASP D 31 -36.24 -6.11 -5.54
C ASP D 31 -36.36 -7.00 -6.77
N SER D 32 -35.22 -7.31 -7.40
CA SER D 32 -35.22 -8.17 -8.57
C SER D 32 -35.58 -9.60 -8.24
N VAL D 33 -35.15 -10.10 -7.08
CA VAL D 33 -35.55 -11.44 -6.65
C VAL D 33 -37.03 -11.45 -6.28
N ALA D 34 -37.53 -10.36 -5.72
CA ALA D 34 -38.92 -10.30 -5.29
C ALA D 34 -39.89 -10.30 -6.46
N ARG D 35 -39.48 -9.80 -7.60
CA ARG D 35 -40.38 -9.71 -8.74
C ARG D 35 -40.30 -10.92 -9.65
N MET D 36 -39.98 -12.09 -9.11
CA MET D 36 -39.86 -13.26 -9.97
C MET D 36 -41.08 -14.16 -9.90
N GLY D 37 -41.75 -14.22 -8.76
CA GLY D 37 -42.98 -14.98 -8.65
C GLY D 37 -44.19 -14.11 -8.38
N LEU D 38 -43.94 -12.92 -7.86
CA LEU D 38 -44.99 -12.00 -7.47
C LEU D 38 -44.91 -10.77 -8.36
N ALA D 39 -46.05 -10.11 -8.58
CA ALA D 39 -46.14 -9.20 -9.71
C ALA D 39 -46.94 -7.92 -9.42
N HIS D 40 -46.69 -7.24 -8.30
CA HIS D 40 -47.48 -6.04 -8.03
C HIS D 40 -46.64 -4.99 -7.29
N PRO D 41 -47.14 -3.73 -7.19
CA PRO D 41 -46.59 -2.76 -6.23
C PRO D 41 -47.13 -2.95 -4.83
N TRP D 42 -46.30 -3.44 -3.92
CA TRP D 42 -46.77 -4.00 -2.67
C TRP D 42 -47.11 -2.90 -1.66
N GLY D 43 -47.51 -3.32 -0.46
CA GLY D 43 -48.24 -2.42 0.40
C GLY D 43 -47.95 -2.44 1.89
N VAL D 44 -49.02 -2.60 2.67
CA VAL D 44 -49.02 -2.31 4.10
C VAL D 44 -49.22 -3.59 4.88
N VAL D 45 -48.45 -3.76 5.94
CA VAL D 45 -48.68 -4.78 6.96
C VAL D 45 -48.93 -4.07 8.28
N ALA D 46 -50.07 -4.36 8.90
CA ALA D 46 -50.37 -4.09 10.31
C ALA D 46 -50.32 -2.60 10.66
N ALA D 47 -51.28 -1.86 10.10
CA ALA D 47 -51.51 -0.49 10.52
C ALA D 47 -52.42 -0.44 11.73
N GLU D 48 -51.95 0.22 12.81
CA GLU D 48 -52.74 0.37 14.03
C GLU D 48 -52.82 1.83 14.42
N PHE D 49 -53.81 2.19 15.23
CA PHE D 49 -54.19 3.57 15.48
C PHE D 49 -54.42 3.82 16.96
N ASP D 50 -54.74 5.07 17.29
CA ASP D 50 -55.18 5.50 18.61
C ASP D 50 -56.47 6.29 18.46
N ASP D 51 -57.40 6.09 19.39
CA ASP D 51 -58.76 6.57 19.24
C ASP D 51 -59.22 7.54 20.32
N SER D 52 -58.38 7.84 21.31
CA SER D 52 -58.84 8.69 22.40
C SER D 52 -58.94 10.15 21.97
N LEU D 53 -58.24 10.52 20.92
CA LEU D 53 -58.30 11.89 20.45
C LEU D 53 -59.43 12.14 19.47
N LEU D 54 -60.18 11.11 19.11
CA LEU D 54 -61.33 11.22 18.22
C LEU D 54 -62.49 12.12 18.63
N PRO D 55 -62.74 12.43 19.92
CA PRO D 55 -63.60 13.59 20.21
C PRO D 55 -63.09 14.88 19.60
N LEU D 56 -61.79 15.11 19.61
CA LEU D 56 -61.22 16.21 18.86
C LEU D 56 -60.91 15.75 17.44
N SER D 57 -60.29 16.61 16.66
CA SER D 57 -59.86 16.26 15.31
C SER D 57 -58.39 15.86 15.27
N ARG D 58 -58.00 14.82 16.01
CA ARG D 58 -56.59 14.50 16.16
C ARG D 58 -56.36 13.01 15.98
N LEU D 59 -55.22 12.64 15.38
CA LEU D 59 -54.86 11.26 15.10
C LEU D 59 -53.49 10.89 15.68
N ASN D 60 -53.36 9.61 16.01
CA ASN D 60 -52.09 9.06 16.48
C ASN D 60 -51.97 7.65 15.93
N ALA D 61 -51.16 7.49 14.88
CA ALA D 61 -50.77 6.15 14.47
C ALA D 61 -49.64 5.66 15.35
N THR D 62 -49.74 4.41 15.79
CA THR D 62 -48.77 3.92 16.75
C THR D 62 -47.88 2.80 16.21
N ARG D 63 -48.27 2.16 15.11
CA ARG D 63 -47.40 1.15 14.51
C ARG D 63 -47.70 1.01 13.04
N LEU D 64 -46.66 1.10 12.21
CA LEU D 64 -46.77 0.90 10.77
C LEU D 64 -45.65 0.00 10.29
N ILE D 65 -45.97 -0.89 9.35
CA ILE D 65 -44.97 -1.67 8.62
C ILE D 65 -45.38 -1.62 7.15
N VAL D 66 -44.73 -0.75 6.38
CA VAL D 66 -45.19 -0.41 5.05
C VAL D 66 -44.03 -0.60 4.07
N ARG D 67 -44.31 -1.25 2.94
CA ARG D 67 -43.35 -1.41 1.85
C ARG D 67 -43.89 -0.73 0.60
N PHE D 68 -43.21 0.29 0.13
CA PHE D 68 -43.56 1.13 -1.00
C PHE D 68 -43.15 0.48 -2.30
N PRO D 69 -43.69 0.93 -3.46
CA PRO D 69 -43.35 0.27 -4.73
C PRO D 69 -41.92 0.42 -5.23
N ASP D 70 -41.06 1.17 -4.55
CA ASP D 70 -39.67 1.22 -4.98
C ASP D 70 -38.75 0.44 -4.05
N GLY D 71 -39.25 -0.62 -3.44
CA GLY D 71 -38.43 -1.47 -2.60
C GLY D 71 -37.95 -0.84 -1.31
N THR D 72 -38.72 0.07 -0.72
CA THR D 72 -38.27 0.77 0.47
C THR D 72 -39.09 0.34 1.68
N LEU D 73 -38.49 -0.43 2.57
CA LEU D 73 -39.16 -0.90 3.76
C LEU D 73 -39.25 0.22 4.77
N ILE D 74 -40.40 0.33 5.44
CA ILE D 74 -40.60 1.29 6.52
C ILE D 74 -41.01 0.53 7.76
N ASP D 75 -40.11 0.43 8.74
CA ASP D 75 -40.43 -0.16 10.03
C ASP D 75 -40.59 0.97 11.03
N THR D 76 -41.56 0.81 11.92
CA THR D 76 -41.74 1.73 13.03
C THR D 76 -41.43 1.09 14.37
N GLU D 77 -41.22 -0.23 14.41
CA GLU D 77 -40.78 -0.88 15.63
C GLU D 77 -39.28 -0.74 15.86
N ARG D 78 -38.48 -0.80 14.79
CA ARG D 78 -37.03 -0.75 14.91
C ARG D 78 -36.41 0.40 14.13
N ALA D 79 -36.86 0.64 12.91
CA ALA D 79 -36.14 1.56 12.02
C ALA D 79 -36.52 3.02 12.28
N ASP D 80 -37.77 3.38 12.06
CA ASP D 80 -38.19 4.77 12.09
C ASP D 80 -39.02 5.09 13.33
N ASN D 81 -39.34 6.37 13.49
CA ASN D 81 -40.23 6.89 14.51
C ASN D 81 -41.53 7.35 13.86
N LEU D 82 -42.40 7.95 14.65
CA LEU D 82 -43.78 8.03 14.17
C LEU D 82 -44.03 9.35 13.44
N PRO D 83 -44.91 9.37 12.44
CA PRO D 83 -45.33 10.64 11.87
C PRO D 83 -46.14 11.43 12.88
N PRO D 84 -46.19 12.75 12.77
CA PRO D 84 -46.84 13.56 13.80
C PRO D 84 -48.37 13.43 13.76
N VAL D 85 -49.00 14.19 14.65
CA VAL D 85 -50.46 14.13 14.83
C VAL D 85 -51.14 14.91 13.71
N CYS D 86 -52.11 14.26 13.07
CA CYS D 86 -52.89 14.87 12.01
C CYS D 86 -54.03 15.68 12.59
N ASP D 87 -54.49 16.68 11.83
CA ASP D 87 -55.55 17.57 12.30
C ASP D 87 -56.64 17.66 11.24
N LEU D 88 -57.87 17.33 11.64
CA LEU D 88 -59.02 17.37 10.76
C LEU D 88 -59.90 18.59 11.01
N SER D 89 -59.32 19.70 11.46
CA SER D 89 -60.09 20.90 11.70
C SER D 89 -60.54 21.57 10.41
N THR D 90 -59.88 21.30 9.30
CA THR D 90 -60.22 21.90 8.02
C THR D 90 -61.23 21.07 7.24
N VAL D 91 -61.91 20.12 7.87
CA VAL D 91 -62.92 19.31 7.22
C VAL D 91 -64.23 19.49 7.97
N SER D 92 -65.15 20.24 7.38
CA SER D 92 -66.51 20.36 7.89
C SER D 92 -67.40 19.24 7.40
N ASP D 93 -66.89 18.37 6.55
CA ASP D 93 -67.68 17.32 5.94
C ASP D 93 -67.98 16.23 6.97
N ARG D 94 -69.09 15.53 6.75
CA ARG D 94 -69.43 14.32 7.48
C ARG D 94 -69.01 13.07 6.72
N SER D 95 -68.73 13.21 5.43
CA SER D 95 -68.65 12.07 4.52
C SER D 95 -67.29 11.37 4.58
N LEU D 96 -67.03 10.57 3.56
CA LEU D 96 -65.88 9.68 3.49
C LEU D 96 -64.57 10.48 3.52
N VAL D 97 -63.75 10.21 4.52
CA VAL D 97 -62.48 10.88 4.71
C VAL D 97 -61.38 9.83 4.70
N ASP D 98 -60.44 9.96 3.75
CA ASP D 98 -59.46 8.94 3.43
C ASP D 98 -58.08 9.41 3.91
N ILE D 99 -57.45 8.64 4.77
CA ILE D 99 -56.09 8.91 5.19
C ILE D 99 -55.15 7.99 4.40
N VAL D 100 -54.18 8.59 3.73
CA VAL D 100 -53.10 7.85 3.09
C VAL D 100 -51.80 8.22 3.77
N LEU D 101 -50.82 7.34 3.66
CA LEU D 101 -49.49 7.61 4.17
C LEU D 101 -48.67 8.21 3.04
N ALA D 102 -47.74 9.09 3.37
CA ALA D 102 -46.92 9.76 2.39
C ALA D 102 -45.47 9.78 2.82
N LEU D 103 -44.58 9.59 1.86
CA LEU D 103 -43.15 9.69 1.80
C LEU D 103 -42.77 10.64 0.68
N PRO D 104 -41.80 11.52 0.89
CA PRO D 104 -41.39 12.42 -0.18
C PRO D 104 -40.77 11.66 -1.33
N LEU D 105 -40.89 12.22 -2.53
CA LEU D 105 -40.38 11.58 -3.73
C LEU D 105 -38.87 11.60 -3.70
N LEU D 106 -38.26 10.49 -4.12
CA LEU D 106 -36.81 10.35 -4.06
C LEU D 106 -36.14 11.31 -5.03
N ASN D 107 -35.06 11.94 -4.54
CA ASN D 107 -34.38 13.02 -5.26
C ASN D 107 -33.75 12.50 -6.56
N ALA D 108 -33.43 13.42 -7.44
CA ALA D 108 -32.76 13.11 -8.69
C ALA D 108 -31.38 13.74 -8.81
N ASN D 109 -31.26 15.05 -8.61
CA ASN D 109 -30.04 15.72 -9.00
C ASN D 109 -29.53 16.66 -7.92
N GLY D 110 -29.46 16.17 -6.69
CA GLY D 110 -28.71 16.91 -5.71
C GLY D 110 -29.49 17.56 -4.60
N GLY D 111 -29.18 17.18 -3.37
CA GLY D 111 -29.69 17.85 -2.20
C GLY D 111 -30.90 17.12 -1.67
N ASN D 112 -30.71 16.28 -0.65
CA ASN D 112 -31.85 15.54 -0.17
C ASN D 112 -31.65 15.29 1.32
N LEU D 113 -32.11 16.26 2.12
CA LEU D 113 -32.02 16.24 3.57
C LEU D 113 -32.74 17.49 4.07
N ASP D 114 -33.26 17.43 5.30
CA ASP D 114 -34.21 18.44 5.76
C ASP D 114 -33.52 19.63 6.44
N ASN D 115 -32.20 19.74 6.40
CA ASN D 115 -31.56 20.96 6.84
C ASN D 115 -31.67 22.03 5.75
N GLY D 116 -31.79 23.28 6.18
CA GLY D 116 -32.13 24.36 5.28
C GLY D 116 -33.61 24.64 5.39
N SER D 117 -33.97 25.77 5.97
CA SER D 117 -35.35 25.97 6.41
C SER D 117 -36.28 26.51 5.32
N GLU D 118 -35.86 26.53 4.06
CA GLU D 118 -36.78 26.86 2.99
C GLU D 118 -37.70 25.68 2.72
N SER D 119 -38.93 25.97 2.32
CA SER D 119 -40.00 24.98 2.21
C SER D 119 -39.96 24.31 0.84
N GLU D 120 -39.33 23.14 0.76
CA GLU D 120 -39.49 22.21 -0.34
C GLU D 120 -39.72 20.82 0.23
N ARG D 121 -40.48 20.03 -0.50
CA ARG D 121 -40.87 18.72 0.00
C ARG D 121 -39.83 17.60 0.07
N PRO D 122 -38.82 17.42 -0.87
CA PRO D 122 -38.07 16.16 -0.81
C PRO D 122 -37.05 16.12 0.32
N ARG D 123 -37.42 15.47 1.42
CA ARG D 123 -36.63 15.56 2.62
C ARG D 123 -36.49 14.19 3.27
N ARG D 124 -35.29 13.94 3.79
CA ARG D 124 -35.02 12.83 4.69
C ARG D 124 -34.38 13.39 5.95
N TRP D 125 -34.83 12.92 7.11
CA TRP D 125 -34.55 13.55 8.39
C TRP D 125 -33.39 12.85 9.08
N LYS D 126 -32.74 13.57 9.99
CA LYS D 126 -31.50 13.12 10.60
C LYS D 126 -31.59 13.28 12.12
N SER D 127 -31.78 12.18 12.83
CA SER D 127 -31.73 12.17 14.28
C SER D 127 -30.32 11.82 14.71
N GLU D 128 -29.57 12.83 15.12
CA GLU D 128 -28.19 12.66 15.50
C GLU D 128 -28.13 12.33 16.98
N ARG D 129 -26.95 11.89 17.44
CA ARG D 129 -26.65 11.59 18.85
C ARG D 129 -27.55 10.50 19.41
N VAL D 130 -27.84 9.50 18.58
CA VAL D 130 -28.52 8.30 19.02
C VAL D 130 -27.47 7.39 19.64
N ASN D 131 -27.72 6.92 20.86
CA ASN D 131 -26.72 6.16 21.60
C ASN D 131 -26.71 4.71 21.15
N VAL D 132 -25.68 4.31 20.42
CA VAL D 132 -25.60 2.98 19.84
C VAL D 132 -24.46 2.22 20.50
N GLN D 133 -24.75 1.02 20.99
CA GLN D 133 -23.75 0.21 21.66
C GLN D 133 -22.98 -0.63 20.64
N GLU D 134 -21.66 -0.56 20.71
CA GLU D 134 -20.84 -1.47 19.93
C GLU D 134 -20.98 -2.88 20.49
N LEU D 135 -20.95 -3.86 19.60
CA LEU D 135 -21.36 -5.21 19.93
C LEU D 135 -20.19 -6.10 20.35
N ALA D 136 -19.17 -5.53 21.00
CA ALA D 136 -18.01 -6.29 21.43
C ALA D 136 -17.87 -6.40 22.95
N GLY D 137 -18.58 -5.57 23.71
CA GLY D 137 -18.49 -5.59 25.16
C GLY D 137 -18.05 -4.27 25.76
N HIS D 138 -17.89 -3.25 24.95
CA HIS D 138 -17.34 -1.97 25.38
C HIS D 138 -18.49 -1.04 25.79
N GLU D 139 -18.21 0.25 25.89
CA GLU D 139 -19.22 1.27 26.11
C GLU D 139 -19.89 1.63 24.79
N GLN D 140 -20.61 2.74 24.79
CA GLN D 140 -21.31 3.16 23.58
C GLN D 140 -20.87 4.55 23.14
N SER D 141 -21.51 5.02 22.07
CA SER D 141 -21.19 6.30 21.48
C SER D 141 -22.40 6.82 20.73
N GLU D 142 -22.19 7.89 19.97
CA GLU D 142 -23.27 8.64 19.33
C GLU D 142 -23.01 8.72 17.83
N VAL D 143 -23.92 8.16 17.04
CA VAL D 143 -23.82 8.22 15.59
C VAL D 143 -24.99 9.03 15.07
N ALA D 144 -25.02 9.22 13.75
CA ALA D 144 -26.18 9.78 13.06
C ALA D 144 -26.94 8.65 12.39
N VAL D 145 -28.26 8.72 12.44
CA VAL D 145 -29.12 7.68 11.86
C VAL D 145 -30.10 8.36 10.92
N LEU D 146 -30.26 7.80 9.72
CA LEU D 146 -31.23 8.30 8.77
C LEU D 146 -32.64 8.05 9.29
N ARG D 147 -33.51 9.04 9.14
CA ARG D 147 -34.92 8.91 9.43
C ARG D 147 -35.71 9.41 8.22
N HIS D 148 -36.73 8.66 7.84
CA HIS D 148 -37.57 9.15 6.76
C HIS D 148 -38.50 10.23 7.28
N ASN D 149 -38.84 11.18 6.41
CA ASN D 149 -39.68 12.30 6.79
C ASN D 149 -41.12 11.97 6.43
N LEU D 150 -41.66 11.03 7.18
CA LEU D 150 -43.01 10.52 6.98
C LEU D 150 -44.04 11.57 7.39
N THR D 151 -45.24 11.43 6.82
CA THR D 151 -46.36 12.30 7.15
C THR D 151 -47.66 11.61 6.76
N LEU D 152 -48.77 12.27 7.09
CA LEU D 152 -50.11 11.81 6.74
C LEU D 152 -50.79 12.83 5.86
N ARG D 153 -51.52 12.37 4.84
CA ARG D 153 -52.21 13.26 3.92
C ARG D 153 -53.66 12.80 3.78
N MET D 154 -54.42 13.51 2.94
CA MET D 154 -55.87 13.39 2.92
C MET D 154 -56.45 12.78 1.66
N ALA D 155 -55.66 12.61 0.60
CA ALA D 155 -56.04 11.94 -0.65
C ALA D 155 -57.19 12.59 -1.43
N HIS D 156 -57.69 13.73 -0.97
CA HIS D 156 -58.50 14.61 -1.79
C HIS D 156 -57.74 15.87 -2.15
N GLN D 157 -56.55 16.06 -1.58
CA GLN D 157 -55.62 17.14 -1.89
C GLN D 157 -54.84 16.82 -3.16
N GLU D 158 -53.75 17.54 -3.37
CA GLU D 158 -52.85 17.26 -4.49
C GLU D 158 -51.55 16.69 -3.95
N ASN D 159 -51.29 15.42 -4.26
CA ASN D 159 -50.06 14.73 -3.87
C ASN D 159 -49.34 14.30 -5.13
N ALA D 160 -48.58 15.23 -5.71
CA ALA D 160 -47.92 14.98 -6.98
C ALA D 160 -46.43 14.79 -6.87
N ALA D 161 -45.83 15.19 -5.75
CA ALA D 161 -44.42 14.96 -5.50
C ALA D 161 -44.22 14.12 -4.25
N TRP D 162 -44.98 13.05 -4.13
CA TRP D 162 -44.98 12.19 -2.94
C TRP D 162 -45.16 10.75 -3.41
N LEU D 163 -45.11 9.82 -2.47
CA LEU D 163 -45.62 8.50 -2.75
C LEU D 163 -46.79 8.19 -1.83
N THR D 164 -47.76 7.47 -2.38
CA THR D 164 -49.05 7.29 -1.73
C THR D 164 -49.30 5.81 -1.53
N CYS D 165 -49.74 5.43 -0.34
CA CYS D 165 -50.30 4.10 -0.09
C CYS D 165 -51.50 4.28 0.82
N PRO D 166 -52.67 3.75 0.45
CA PRO D 166 -53.88 3.96 1.27
C PRO D 166 -53.82 3.23 2.59
N VAL D 167 -54.26 3.91 3.63
CA VAL D 167 -54.15 3.37 4.98
C VAL D 167 -55.53 3.08 5.57
N THR D 168 -56.37 4.10 5.66
CA THR D 168 -57.65 3.94 6.34
C THR D 168 -58.67 4.94 5.80
N ARG D 169 -59.90 4.79 6.29
CA ARG D 169 -61.04 5.61 5.90
C ARG D 169 -61.85 5.94 7.13
N LEU D 170 -62.07 7.23 7.38
CA LEU D 170 -62.85 7.66 8.54
C LEU D 170 -64.18 8.23 8.10
N VAL D 171 -65.24 7.88 8.83
CA VAL D 171 -66.59 8.38 8.61
C VAL D 171 -67.05 9.07 9.88
N ARG D 172 -67.63 10.26 9.74
CA ARG D 172 -68.23 10.93 10.89
C ARG D 172 -69.50 10.20 11.31
N ASP D 173 -69.63 9.96 12.61
CA ASP D 173 -70.81 9.33 13.17
C ASP D 173 -71.94 10.36 13.25
N ALA D 174 -73.16 9.86 13.46
CA ALA D 174 -74.37 10.70 13.46
C ALA D 174 -74.41 11.69 14.61
N GLN D 175 -73.63 11.48 15.66
CA GLN D 175 -73.50 12.44 16.75
C GLN D 175 -72.42 13.47 16.48
N GLY D 176 -71.89 13.51 15.25
CA GLY D 176 -70.92 14.49 14.85
C GLY D 176 -69.48 14.12 15.12
N GLN D 177 -69.25 13.03 15.84
CA GLN D 177 -67.89 12.61 16.13
C GLN D 177 -67.39 11.66 15.05
N TRP D 178 -66.07 11.45 15.01
CA TRP D 178 -65.46 10.62 13.99
C TRP D 178 -65.32 9.18 14.48
N CYS D 179 -65.66 8.25 13.60
CA CYS D 179 -65.46 6.84 13.89
C CYS D 179 -64.74 6.17 12.74
N ARG D 180 -64.15 5.03 13.02
CA ARG D 180 -63.43 4.26 12.03
C ARG D 180 -64.38 3.39 11.24
N ASP D 181 -64.17 3.31 9.94
CA ASP D 181 -64.97 2.46 9.09
C ASP D 181 -64.54 1.02 9.26
N PRO D 182 -65.42 0.11 9.68
CA PRO D 182 -65.02 -1.30 9.80
C PRO D 182 -64.96 -2.04 8.48
N ARG D 183 -65.39 -1.42 7.38
CA ARG D 183 -65.31 -2.06 6.07
C ARG D 183 -64.34 -1.24 5.23
N PHE D 184 -63.05 -1.51 5.40
CA PHE D 184 -62.03 -0.94 4.54
C PHE D 184 -60.90 -1.93 4.40
N ILE D 185 -60.38 -2.05 3.18
CA ILE D 185 -59.25 -2.94 2.93
C ILE D 185 -58.13 -2.08 2.35
N PRO D 186 -56.93 -2.14 2.91
CA PRO D 186 -55.79 -1.47 2.30
C PRO D 186 -55.24 -2.31 1.17
N PRO D 187 -54.31 -1.78 0.37
CA PRO D 187 -53.54 -2.67 -0.53
C PRO D 187 -52.70 -3.63 0.29
N LEU D 188 -53.08 -4.90 0.25
CA LEU D 188 -52.54 -5.82 1.23
C LEU D 188 -51.18 -6.34 0.82
N LEU D 189 -50.43 -6.74 1.83
CA LEU D 189 -49.23 -7.54 1.66
C LEU D 189 -49.29 -8.83 2.47
N THR D 190 -50.03 -8.87 3.57
CA THR D 190 -50.18 -10.05 4.38
C THR D 190 -51.62 -10.12 4.86
N LEU D 191 -52.21 -11.32 4.82
CA LEU D 191 -53.62 -11.49 5.12
C LEU D 191 -53.96 -11.32 6.60
N SER D 192 -52.98 -11.17 7.48
CA SER D 192 -53.29 -10.89 8.87
C SER D 192 -53.33 -9.40 9.16
N ALA D 193 -53.57 -8.56 8.16
CA ALA D 193 -53.56 -7.12 8.36
C ALA D 193 -54.93 -6.56 8.67
N SER D 194 -56.00 -7.13 8.13
CA SER D 194 -57.34 -6.65 8.48
C SER D 194 -58.22 -7.83 8.88
N PRO D 195 -58.58 -7.93 10.16
CA PRO D 195 -59.24 -9.15 10.64
C PRO D 195 -60.66 -9.30 10.13
N SER D 196 -61.28 -8.20 9.70
CA SER D 196 -62.63 -8.29 9.14
C SER D 196 -62.64 -9.05 7.82
N LEU D 197 -61.53 -9.03 7.08
CA LEU D 197 -61.42 -9.92 5.94
C LEU D 197 -61.26 -11.37 6.40
N MET D 198 -60.51 -11.60 7.48
CA MET D 198 -60.31 -12.96 7.96
C MET D 198 -61.57 -13.50 8.62
N THR D 199 -62.41 -12.61 9.14
CA THR D 199 -63.66 -13.04 9.76
C THR D 199 -64.63 -13.58 8.70
N GLU D 200 -64.62 -12.94 7.52
CA GLU D 200 -65.45 -13.42 6.42
C GLU D 200 -64.97 -14.76 5.89
N LEU D 201 -63.67 -15.02 5.98
CA LEU D 201 -63.12 -16.24 5.42
C LEU D 201 -63.38 -17.44 6.31
N LEU D 202 -63.48 -17.23 7.61
CA LEU D 202 -63.67 -18.35 8.51
C LEU D 202 -65.11 -18.87 8.45
N GLU D 203 -66.07 -17.96 8.31
CA GLU D 203 -67.46 -18.36 8.15
C GLU D 203 -67.67 -19.09 6.83
N LEU D 204 -66.86 -18.77 5.81
CA LEU D 204 -66.88 -19.50 4.55
C LEU D 204 -66.57 -20.96 4.75
N LEU D 205 -65.65 -21.27 5.66
CA LEU D 205 -65.22 -22.65 5.81
C LEU D 205 -66.27 -23.50 6.51
N HIS D 206 -66.86 -22.98 7.59
CA HIS D 206 -67.93 -23.68 8.28
C HIS D 206 -69.16 -23.82 7.40
N HIS D 207 -69.37 -22.85 6.52
CA HIS D 207 -70.41 -22.96 5.51
C HIS D 207 -70.06 -24.03 4.48
N LEU D 208 -68.77 -24.36 4.36
CA LEU D 208 -68.35 -25.24 3.29
C LEU D 208 -68.40 -26.69 3.70
N GLN D 209 -67.99 -26.99 4.94
CA GLN D 209 -67.97 -28.39 5.37
C GLN D 209 -69.36 -28.90 5.68
N ALA D 210 -70.29 -28.00 6.02
CA ALA D 210 -71.66 -28.41 6.23
C ALA D 210 -72.31 -28.83 4.92
N ARG D 211 -71.92 -28.20 3.81
CA ARG D 211 -72.33 -28.70 2.50
C ARG D 211 -71.68 -30.04 2.23
N ARG D 212 -70.47 -30.27 2.77
CA ARG D 212 -69.76 -31.51 2.51
C ARG D 212 -70.38 -32.68 3.27
N GLN D 213 -70.68 -32.48 4.56
CA GLN D 213 -71.17 -33.58 5.37
C GLN D 213 -72.60 -33.95 5.00
N ARG D 214 -73.40 -32.97 4.58
CA ARG D 214 -74.76 -33.26 4.14
C ARG D 214 -74.77 -34.07 2.85
N LEU D 215 -73.79 -33.84 1.97
CA LEU D 215 -73.64 -34.68 0.80
C LEU D 215 -73.13 -36.07 1.15
N MET D 216 -72.22 -36.15 2.11
CA MET D 216 -71.73 -37.47 2.52
C MET D 216 -72.75 -38.19 3.38
N SER D 217 -73.71 -37.46 3.95
CA SER D 217 -74.86 -38.12 4.55
C SER D 217 -75.84 -38.63 3.50
N MET D 218 -75.93 -37.97 2.35
CA MET D 218 -76.71 -38.45 1.23
C MET D 218 -75.92 -39.40 0.33
N ARG D 219 -74.87 -40.03 0.85
CA ARG D 219 -74.16 -41.07 0.13
C ARG D 219 -74.45 -42.41 0.81
N ARG D 220 -75.39 -43.15 0.23
CA ARG D 220 -75.62 -44.52 0.65
C ARG D 220 -74.47 -45.39 0.15
N GLU D 221 -74.31 -46.56 0.76
CA GLU D 221 -73.34 -47.53 0.27
C GLU D 221 -73.87 -48.37 -0.88
N ASN D 222 -75.14 -48.18 -1.25
CA ASN D 222 -75.72 -48.87 -2.39
C ASN D 222 -75.67 -47.94 -3.58
N ASN D 223 -74.47 -47.75 -4.13
CA ASN D 223 -74.28 -47.07 -5.40
C ASN D 223 -74.22 -48.07 -6.55
N ALA D 224 -74.60 -49.31 -6.29
CA ALA D 224 -74.63 -50.33 -7.33
C ALA D 224 -75.83 -50.11 -8.24
N ARG D 225 -76.99 -49.83 -7.66
CA ARG D 225 -78.23 -49.64 -8.40
C ARG D 225 -78.18 -48.34 -9.18
N LEU D 226 -78.16 -48.48 -10.51
CA LEU D 226 -78.07 -47.34 -11.42
C LEU D 226 -79.41 -46.68 -11.68
N ALA D 227 -80.50 -47.16 -11.08
CA ALA D 227 -81.78 -46.49 -11.21
C ALA D 227 -81.81 -45.20 -10.41
N ASP D 228 -81.52 -45.30 -9.11
CA ASP D 228 -81.41 -44.13 -8.24
C ASP D 228 -80.07 -43.43 -8.36
N PHE D 229 -79.11 -44.01 -9.08
CA PHE D 229 -77.81 -43.38 -9.27
C PHE D 229 -77.77 -42.43 -10.47
N ALA D 230 -78.66 -42.62 -11.44
CA ALA D 230 -78.59 -41.89 -12.69
C ALA D 230 -79.58 -40.72 -12.76
N VAL D 231 -80.36 -40.49 -11.71
CA VAL D 231 -81.13 -39.26 -11.64
C VAL D 231 -80.84 -38.59 -10.32
N ALA D 232 -81.02 -39.33 -9.21
CA ALA D 232 -80.88 -38.78 -7.88
C ALA D 232 -79.43 -38.62 -7.43
N ASP D 233 -78.53 -39.49 -7.90
CA ASP D 233 -77.13 -39.39 -7.50
C ASP D 233 -76.22 -38.99 -8.66
N VAL D 234 -76.78 -38.53 -9.78
CA VAL D 234 -75.99 -38.35 -10.99
C VAL D 234 -75.18 -37.07 -10.91
N SER D 235 -75.56 -36.14 -10.04
CA SER D 235 -74.83 -34.88 -9.96
C SER D 235 -74.00 -34.76 -8.69
N LEU D 236 -74.07 -35.78 -7.82
CA LEU D 236 -73.37 -35.71 -6.53
C LEU D 236 -71.86 -35.71 -6.71
N PHE D 237 -71.36 -36.68 -7.46
CA PHE D 237 -69.92 -36.77 -7.68
C PHE D 237 -69.39 -35.65 -8.54
N TRP D 238 -70.26 -34.99 -9.31
CA TRP D 238 -69.87 -33.73 -9.93
C TRP D 238 -69.70 -32.65 -8.86
N LEU D 239 -70.56 -32.67 -7.85
CA LEU D 239 -70.45 -31.71 -6.77
C LEU D 239 -69.46 -32.17 -5.71
N LEU D 240 -69.30 -33.48 -5.51
CA LEU D 240 -68.31 -33.95 -4.57
C LEU D 240 -66.90 -33.86 -5.12
N ASN D 241 -66.76 -33.78 -6.44
CA ASN D 241 -65.44 -33.54 -7.01
C ASN D 241 -64.93 -32.18 -6.60
N ALA D 242 -65.75 -31.15 -6.79
CA ALA D 242 -65.28 -29.78 -6.59
C ALA D 242 -65.06 -29.46 -5.12
N LEU D 243 -65.76 -30.15 -4.23
CA LEU D 243 -65.57 -29.79 -2.83
C LEU D 243 -64.45 -30.59 -2.17
N ASN D 244 -64.23 -31.84 -2.59
CA ASN D 244 -63.14 -32.60 -2.00
C ASN D 244 -61.78 -32.19 -2.57
N SER D 245 -61.74 -31.77 -3.82
CA SER D 245 -60.48 -31.40 -4.44
C SER D 245 -60.19 -29.91 -4.37
N ALA D 246 -60.91 -29.17 -3.53
CA ALA D 246 -60.58 -27.77 -3.29
C ALA D 246 -60.67 -27.37 -1.84
N GLU D 247 -61.08 -28.27 -0.93
CA GLU D 247 -60.99 -27.94 0.49
C GLU D 247 -59.58 -28.02 1.05
N PRO D 248 -58.83 -29.15 0.95
CA PRO D 248 -57.60 -29.25 1.77
C PRO D 248 -56.48 -28.34 1.34
N VAL D 249 -56.53 -27.82 0.11
CA VAL D 249 -55.72 -26.67 -0.23
C VAL D 249 -56.11 -25.49 0.63
N LEU D 250 -57.41 -25.20 0.67
CA LEU D 250 -57.90 -23.97 1.27
C LEU D 250 -57.85 -24.03 2.79
N LYS D 251 -57.86 -25.25 3.35
CA LYS D 251 -57.67 -25.36 4.79
C LYS D 251 -56.25 -24.99 5.18
N GLU D 252 -55.28 -25.27 4.30
CA GLU D 252 -53.89 -24.97 4.61
C GLU D 252 -53.58 -23.49 4.66
N LEU D 253 -54.11 -22.71 3.73
CA LEU D 253 -53.78 -21.29 3.67
C LEU D 253 -54.35 -20.51 4.84
N LEU D 254 -55.42 -20.99 5.44
CA LEU D 254 -56.01 -20.36 6.61
C LEU D 254 -55.49 -20.93 7.90
N ASP D 255 -54.50 -21.81 7.84
CA ASP D 255 -53.81 -22.23 9.05
C ASP D 255 -52.83 -21.16 9.51
N MET D 256 -51.93 -20.74 8.63
CA MET D 256 -50.90 -19.74 8.91
C MET D 256 -51.03 -18.64 7.87
N PRO D 257 -51.96 -17.71 8.05
CA PRO D 257 -52.26 -16.73 6.98
C PRO D 257 -51.25 -15.61 6.92
N TYR D 258 -50.02 -15.95 6.50
CA TYR D 258 -48.92 -14.99 6.48
C TYR D 258 -48.44 -14.74 5.07
N ARG D 259 -48.97 -15.48 4.10
CA ARG D 259 -48.55 -15.40 2.71
C ARG D 259 -49.12 -14.15 2.05
N HIS D 260 -48.74 -13.96 0.79
CA HIS D 260 -49.26 -12.87 0.00
C HIS D 260 -50.68 -13.19 -0.45
N PRO D 261 -51.54 -12.17 -0.61
CA PRO D 261 -52.93 -12.45 -0.99
C PRO D 261 -53.15 -12.90 -2.43
N GLU D 262 -52.13 -12.98 -3.27
CA GLU D 262 -52.35 -13.55 -4.59
C GLU D 262 -52.58 -15.05 -4.52
N LEU D 263 -51.98 -15.73 -3.55
CA LEU D 263 -52.14 -17.17 -3.45
C LEU D 263 -53.54 -17.54 -3.02
N LEU D 264 -54.20 -16.67 -2.26
CA LEU D 264 -55.57 -16.98 -1.88
C LEU D 264 -56.51 -16.75 -3.05
N TYR D 265 -56.21 -15.76 -3.90
CA TYR D 265 -57.08 -15.47 -5.04
C TYR D 265 -57.03 -16.58 -6.07
N ARG D 266 -55.88 -17.25 -6.20
CA ARG D 266 -55.75 -18.26 -7.25
C ARG D 266 -56.46 -19.54 -6.87
N GLU D 267 -56.88 -19.68 -5.62
CA GLU D 267 -57.62 -20.88 -5.25
C GLU D 267 -59.12 -20.66 -5.34
N LEU D 268 -59.58 -19.49 -4.88
CA LEU D 268 -60.99 -19.17 -4.95
C LEU D 268 -61.46 -19.00 -6.38
N ALA D 269 -60.59 -18.49 -7.26
CA ALA D 269 -60.96 -18.41 -8.66
C ALA D 269 -60.92 -19.77 -9.34
N ARG D 270 -60.26 -20.76 -8.72
CA ARG D 270 -60.34 -22.10 -9.27
C ARG D 270 -61.64 -22.77 -8.89
N LEU D 271 -62.09 -22.55 -7.66
CA LEU D 271 -63.30 -23.22 -7.19
C LEU D 271 -64.55 -22.59 -7.78
N ALA D 272 -64.55 -21.27 -7.94
CA ALA D 272 -65.76 -20.58 -8.37
C ALA D 272 -66.10 -20.90 -9.82
N GLY D 273 -65.10 -21.14 -10.66
CA GLY D 273 -65.39 -21.54 -12.02
C GLY D 273 -65.89 -22.96 -12.09
N SER D 274 -65.52 -23.80 -11.12
CA SER D 274 -65.96 -25.18 -11.14
C SER D 274 -67.41 -25.32 -10.70
N LEU D 275 -67.82 -24.53 -9.71
CA LEU D 275 -69.20 -24.54 -9.21
C LEU D 275 -70.11 -23.60 -9.98
N LEU D 276 -69.67 -23.10 -11.12
CA LEU D 276 -70.50 -22.19 -11.89
C LEU D 276 -71.38 -22.93 -12.89
N THR D 277 -71.00 -24.16 -13.24
CA THR D 277 -71.70 -24.88 -14.29
C THR D 277 -73.01 -25.50 -13.81
N PHE D 278 -73.17 -25.68 -12.50
CA PHE D 278 -74.38 -26.33 -12.00
C PHE D 278 -75.60 -25.44 -12.11
N SER D 279 -75.50 -24.21 -11.63
CA SER D 279 -76.57 -23.24 -11.74
C SER D 279 -76.28 -22.29 -12.88
N LEU D 280 -75.74 -22.86 -13.98
CA LEU D 280 -75.36 -22.07 -15.15
C LEU D 280 -76.62 -21.63 -15.89
N GLU D 281 -77.28 -20.64 -15.28
CA GLU D 281 -78.50 -20.04 -15.77
C GLU D 281 -78.46 -18.53 -15.64
N HIS D 282 -77.53 -18.01 -14.88
CA HIS D 282 -77.28 -16.58 -14.73
C HIS D 282 -76.21 -16.17 -15.73
N ASN D 283 -75.59 -15.00 -15.54
CA ASN D 283 -74.60 -14.51 -16.50
C ASN D 283 -73.35 -15.38 -16.43
N VAL D 284 -72.55 -15.32 -17.51
CA VAL D 284 -71.51 -16.33 -17.70
C VAL D 284 -70.24 -16.04 -16.88
N ASP D 285 -69.81 -14.78 -16.76
CA ASP D 285 -68.61 -14.48 -15.99
C ASP D 285 -68.77 -13.11 -15.35
N ALA D 286 -69.24 -13.10 -14.12
CA ALA D 286 -69.16 -11.94 -13.26
C ALA D 286 -68.07 -12.09 -12.21
N VAL D 287 -67.27 -13.16 -12.30
CA VAL D 287 -66.17 -13.42 -11.38
C VAL D 287 -65.13 -12.33 -11.57
N PRO D 288 -64.83 -11.55 -10.53
CA PRO D 288 -64.04 -10.34 -10.73
C PRO D 288 -62.59 -10.63 -11.06
N ALA D 289 -62.08 -9.87 -12.01
CA ALA D 289 -60.66 -9.91 -12.30
C ALA D 289 -59.90 -9.29 -11.14
N TYR D 290 -58.69 -9.78 -10.89
CA TYR D 290 -57.82 -9.18 -9.90
C TYR D 290 -56.77 -8.41 -10.65
N HIS D 291 -56.98 -7.11 -10.77
CA HIS D 291 -55.97 -6.18 -11.27
C HIS D 291 -55.73 -5.07 -10.26
N HIS D 292 -55.93 -5.38 -8.98
CA HIS D 292 -56.27 -4.34 -8.04
C HIS D 292 -55.23 -4.19 -6.94
N GLU D 293 -55.07 -2.94 -6.53
CA GLU D 293 -54.64 -2.61 -5.18
C GLU D 293 -55.83 -2.33 -4.27
N THR D 294 -57.06 -2.49 -4.78
CA THR D 294 -58.29 -2.15 -4.07
C THR D 294 -59.12 -3.40 -3.89
N PRO D 295 -58.95 -4.14 -2.79
CA PRO D 295 -59.65 -5.43 -2.66
C PRO D 295 -61.12 -5.33 -2.27
N GLU D 296 -61.66 -4.13 -2.01
CA GLU D 296 -63.09 -4.01 -1.74
C GLU D 296 -63.91 -4.39 -2.96
N ASN D 297 -63.38 -4.16 -4.15
CA ASN D 297 -64.01 -4.64 -5.36
C ASN D 297 -63.67 -6.10 -5.66
N VAL D 298 -62.93 -6.77 -4.78
CA VAL D 298 -62.41 -8.08 -5.12
C VAL D 298 -62.90 -9.15 -4.15
N PHE D 299 -62.50 -9.08 -2.89
CA PHE D 299 -62.77 -10.17 -1.96
C PHE D 299 -64.19 -10.23 -1.37
N PRO D 300 -64.85 -9.13 -1.02
CA PRO D 300 -66.30 -9.23 -0.73
C PRO D 300 -67.18 -9.58 -1.93
N PRO D 301 -66.85 -9.19 -3.18
CA PRO D 301 -67.68 -9.74 -4.28
C PRO D 301 -67.57 -11.23 -4.52
N LEU D 302 -66.44 -11.87 -4.19
CA LEU D 302 -66.36 -13.31 -4.40
C LEU D 302 -67.15 -14.07 -3.34
N LEU D 303 -67.14 -13.60 -2.10
CA LEU D 303 -67.70 -14.42 -1.02
C LEU D 303 -69.22 -14.40 -1.04
N SER D 304 -69.81 -13.34 -1.59
CA SER D 304 -71.25 -13.39 -1.83
C SER D 304 -71.57 -14.25 -3.03
N LEU D 305 -70.61 -14.41 -3.94
CA LEU D 305 -70.86 -15.23 -5.11
C LEU D 305 -70.80 -16.71 -4.77
N LEU D 306 -69.96 -17.08 -3.81
CA LEU D 306 -69.90 -18.50 -3.44
C LEU D 306 -71.07 -18.90 -2.56
N ASN D 307 -71.60 -17.97 -1.75
CA ASN D 307 -72.71 -18.32 -0.87
C ASN D 307 -73.99 -18.58 -1.65
N ARG D 308 -74.13 -17.97 -2.82
CA ARG D 308 -75.20 -18.40 -3.70
C ARG D 308 -74.90 -19.71 -4.41
N LEU D 309 -73.64 -20.13 -4.46
CA LEU D 309 -73.30 -21.35 -5.18
C LEU D 309 -73.11 -22.55 -4.27
N LEU D 310 -72.84 -22.35 -2.99
CA LEU D 310 -72.94 -23.47 -2.06
C LEU D 310 -74.40 -23.87 -1.86
N GLU D 311 -75.32 -22.92 -2.03
CA GLU D 311 -76.75 -23.15 -2.04
C GLU D 311 -77.17 -24.11 -3.14
N MET E 1 -34.86 -5.06 18.15
CA MET E 1 -33.43 -4.88 18.33
C MET E 1 -32.96 -3.50 17.89
N LYS E 2 -33.87 -2.75 17.29
CA LYS E 2 -33.67 -1.38 16.83
C LYS E 2 -32.49 -1.28 15.85
N ILE E 3 -32.69 -1.94 14.71
CA ILE E 3 -31.70 -1.96 13.63
C ILE E 3 -31.66 -0.58 13.01
N TYR E 4 -30.55 0.14 13.21
CA TYR E 4 -30.46 1.51 12.74
C TYR E 4 -29.85 1.54 11.34
N ARG E 5 -30.26 2.52 10.53
CA ARG E 5 -29.67 2.69 9.22
C ARG E 5 -28.76 3.91 9.26
N PRO E 6 -27.46 3.73 9.08
CA PRO E 6 -26.51 4.84 9.22
C PRO E 6 -26.62 5.82 8.06
N LEU E 7 -26.00 6.97 8.26
CA LEU E 7 -26.18 8.12 7.37
C LEU E 7 -24.82 8.65 6.96
N TRP E 8 -24.58 8.72 5.65
CA TRP E 8 -23.34 9.27 5.12
C TRP E 8 -23.63 10.59 4.41
N GLU E 9 -23.34 11.68 5.10
CA GLU E 9 -23.17 12.99 4.50
C GLU E 9 -21.68 13.33 4.46
N ASP E 10 -21.40 14.57 4.13
CA ASP E 10 -20.04 15.10 3.99
C ASP E 10 -19.25 15.15 5.28
N GLY E 11 -19.76 14.82 6.46
CA GLY E 11 -18.95 14.87 7.65
C GLY E 11 -19.10 13.63 8.53
N ALA E 12 -19.77 12.62 7.97
CA ALA E 12 -20.02 11.39 8.70
C ALA E 12 -18.72 10.63 8.92
N PHE E 13 -18.27 10.51 10.17
CA PHE E 13 -16.97 9.93 10.44
C PHE E 13 -17.10 8.55 11.06
N LEU E 14 -16.00 7.80 11.04
CA LEU E 14 -16.06 6.35 11.03
C LEU E 14 -16.07 5.75 12.43
N MET E 15 -17.06 4.88 12.67
CA MET E 15 -17.16 4.15 13.92
C MET E 15 -17.47 2.70 13.59
N PRO E 16 -17.16 1.75 14.48
CA PRO E 16 -17.56 0.37 14.23
C PRO E 16 -19.05 0.16 14.24
N GLN E 17 -19.84 1.03 14.86
CA GLN E 17 -21.28 0.85 14.84
C GLN E 17 -21.88 1.27 13.50
N GLN E 18 -21.13 1.99 12.68
CA GLN E 18 -21.55 2.31 11.32
C GLN E 18 -21.81 1.03 10.52
N PHE E 19 -20.87 0.10 10.61
CA PHE E 19 -20.85 -0.99 9.64
C PHE E 19 -21.65 -2.18 10.14
N GLN E 20 -21.65 -2.41 11.46
CA GLN E 20 -22.32 -3.59 12.00
C GLN E 20 -23.83 -3.50 11.83
N GLN E 21 -24.39 -2.30 12.03
CA GLN E 21 -25.82 -2.12 11.83
C GLN E 21 -26.19 -2.23 10.36
N GLN E 22 -25.32 -1.72 9.48
CA GLN E 22 -25.56 -1.80 8.05
C GLN E 22 -25.54 -3.24 7.57
N ALA E 23 -24.68 -4.07 8.16
CA ALA E 23 -24.67 -5.48 7.82
C ALA E 23 -25.90 -6.19 8.37
N ALA E 24 -26.48 -5.66 9.44
CA ALA E 24 -27.65 -6.32 10.02
C ALA E 24 -28.91 -6.00 9.23
N TRP E 25 -28.96 -4.83 8.59
CA TRP E 25 -30.17 -4.43 7.90
C TRP E 25 -30.39 -5.25 6.63
N ASP E 26 -29.32 -5.67 5.96
CA ASP E 26 -29.48 -6.45 4.75
C ASP E 26 -29.75 -7.92 5.03
N VAL E 27 -29.39 -8.40 6.22
CA VAL E 27 -29.86 -9.71 6.67
C VAL E 27 -31.36 -9.65 6.94
N HIS E 28 -31.84 -8.52 7.45
CA HIS E 28 -33.26 -8.36 7.71
C HIS E 28 -34.09 -8.29 6.45
N LEU E 29 -33.50 -7.86 5.34
CA LEU E 29 -34.21 -7.92 4.08
C LEU E 29 -34.21 -9.32 3.48
N ALA E 30 -33.44 -10.25 4.00
CA ALA E 30 -33.53 -11.61 3.49
C ALA E 30 -34.79 -12.31 3.98
N ASP E 31 -35.27 -11.98 5.18
CA ASP E 31 -36.52 -12.57 5.65
C ASP E 31 -37.74 -12.01 4.94
N SER E 32 -37.86 -10.70 4.82
CA SER E 32 -39.09 -10.12 4.33
C SER E 32 -39.24 -10.21 2.81
N VAL E 33 -38.30 -10.82 2.11
CA VAL E 33 -38.53 -11.20 0.73
C VAL E 33 -38.99 -12.65 0.63
N ALA E 34 -39.11 -13.33 1.76
CA ALA E 34 -39.60 -14.70 1.79
C ALA E 34 -41.05 -14.68 2.24
N ARG E 35 -41.94 -15.12 1.35
CA ARG E 35 -43.37 -15.22 1.65
C ARG E 35 -43.84 -16.66 1.68
N MET E 36 -42.93 -17.61 1.51
CA MET E 36 -43.14 -19.02 1.77
C MET E 36 -42.24 -19.56 2.87
N GLY E 37 -41.01 -19.04 2.97
CA GLY E 37 -40.09 -19.38 4.05
C GLY E 37 -40.40 -18.74 5.38
N LEU E 38 -41.44 -17.90 5.40
CA LEU E 38 -42.18 -17.53 6.60
C LEU E 38 -43.45 -18.37 6.78
N ALA E 39 -43.92 -19.04 5.73
CA ALA E 39 -45.11 -19.86 5.87
C ALA E 39 -44.78 -21.20 6.52
N HIS E 40 -43.51 -21.56 6.58
CA HIS E 40 -42.95 -22.61 7.42
C HIS E 40 -41.65 -22.06 7.96
N PRO E 41 -41.28 -22.38 9.20
CA PRO E 41 -39.99 -21.91 9.73
C PRO E 41 -38.76 -22.50 9.06
N TRP E 42 -37.62 -22.12 9.58
CA TRP E 42 -36.39 -22.08 8.81
C TRP E 42 -35.81 -23.48 8.64
N GLY E 43 -35.22 -23.72 7.47
CA GLY E 43 -34.97 -25.07 7.02
C GLY E 43 -33.62 -25.69 7.30
N VAL E 44 -33.42 -26.91 6.78
CA VAL E 44 -32.18 -27.68 6.88
C VAL E 44 -31.97 -28.33 5.53
N VAL E 45 -30.84 -28.05 4.87
CA VAL E 45 -30.66 -28.45 3.49
C VAL E 45 -29.61 -29.55 3.31
N ALA E 46 -28.76 -29.81 4.30
CA ALA E 46 -27.76 -30.87 4.23
C ALA E 46 -27.25 -31.12 5.64
N ALA E 47 -27.24 -32.39 6.05
CA ALA E 47 -26.74 -32.75 7.37
C ALA E 47 -26.24 -34.18 7.29
N GLU E 48 -24.93 -34.39 7.34
CA GLU E 48 -24.35 -35.70 7.09
C GLU E 48 -23.34 -36.03 8.17
N PHE E 49 -23.39 -37.27 8.66
CA PHE E 49 -22.62 -37.68 9.82
C PHE E 49 -21.69 -38.86 9.53
N ASP E 50 -20.95 -39.22 10.56
CA ASP E 50 -20.07 -40.38 10.60
C ASP E 50 -20.51 -41.28 11.75
N ASP E 51 -20.50 -42.59 11.49
CA ASP E 51 -20.90 -43.56 12.49
C ASP E 51 -19.74 -44.38 13.04
N SER E 52 -18.52 -44.13 12.58
CA SER E 52 -17.39 -44.93 13.01
C SER E 52 -17.00 -44.65 14.45
N LEU E 53 -17.30 -43.47 14.96
CA LEU E 53 -16.93 -43.14 16.33
C LEU E 53 -17.95 -43.62 17.35
N LEU E 54 -19.00 -44.28 16.92
CA LEU E 54 -20.01 -44.83 17.82
C LEU E 54 -19.52 -45.97 18.73
N PRO E 55 -18.65 -46.90 18.29
CA PRO E 55 -18.06 -47.82 19.28
C PRO E 55 -17.22 -47.14 20.35
N LEU E 56 -16.64 -45.99 20.06
CA LEU E 56 -16.00 -45.19 21.09
C LEU E 56 -16.99 -44.33 21.85
N SER E 57 -18.26 -44.33 21.43
CA SER E 57 -19.30 -43.44 21.93
C SER E 57 -18.88 -41.97 21.80
N ARG E 58 -18.27 -41.65 20.67
CA ARG E 58 -18.00 -40.28 20.29
C ARG E 58 -18.97 -39.90 19.18
N LEU E 59 -18.83 -38.68 18.68
CA LEU E 59 -19.66 -38.18 17.60
C LEU E 59 -19.03 -36.93 17.00
N ASN E 60 -19.01 -36.85 15.68
CA ASN E 60 -18.52 -35.66 15.01
C ASN E 60 -19.20 -35.53 13.65
N ALA E 61 -19.50 -34.30 13.26
CA ALA E 61 -20.21 -34.02 12.02
C ALA E 61 -19.26 -33.92 10.85
N THR E 62 -19.82 -33.92 9.64
CA THR E 62 -19.08 -33.64 8.42
C THR E 62 -19.61 -32.41 7.69
N ARG E 63 -20.90 -32.39 7.38
CA ARG E 63 -21.53 -31.29 6.66
C ARG E 63 -22.73 -30.81 7.46
N LEU E 64 -22.82 -29.51 7.69
CA LEU E 64 -23.95 -28.93 8.43
C LEU E 64 -24.32 -27.64 7.73
N ILE E 65 -25.40 -27.66 6.96
CA ILE E 65 -25.87 -26.48 6.23
C ILE E 65 -27.31 -26.23 6.65
N VAL E 66 -27.52 -25.25 7.53
CA VAL E 66 -28.73 -25.13 8.31
C VAL E 66 -29.18 -23.67 8.34
N ARG E 67 -30.43 -23.42 7.94
CA ARG E 67 -31.09 -22.14 8.22
C ARG E 67 -31.58 -22.12 9.65
N PHE E 68 -31.32 -21.04 10.31
CA PHE E 68 -31.75 -20.83 11.67
C PHE E 68 -32.93 -19.88 11.71
N PRO E 69 -33.77 -19.96 12.77
CA PRO E 69 -35.00 -19.18 12.81
C PRO E 69 -34.83 -17.67 12.78
N ASP E 70 -33.74 -17.11 13.28
CA ASP E 70 -33.55 -15.68 13.25
C ASP E 70 -32.80 -15.19 12.02
N GLY E 71 -32.90 -15.91 10.90
CA GLY E 71 -32.35 -15.46 9.64
C GLY E 71 -30.89 -15.78 9.41
N THR E 72 -30.13 -16.08 10.44
CA THR E 72 -28.70 -16.33 10.31
C THR E 72 -28.43 -17.69 9.66
N LEU E 73 -27.69 -17.68 8.56
CA LEU E 73 -27.40 -18.88 7.78
C LEU E 73 -26.07 -19.49 8.23
N ILE E 74 -26.03 -20.82 8.31
CA ILE E 74 -24.83 -21.57 8.66
C ILE E 74 -24.49 -22.49 7.50
N ASP E 75 -23.21 -22.52 7.11
CA ASP E 75 -22.77 -23.36 6.00
C ASP E 75 -21.31 -23.71 6.21
N THR E 76 -21.04 -24.91 6.76
CA THR E 76 -19.68 -25.32 7.11
C THR E 76 -18.85 -25.73 5.92
N GLU E 77 -19.32 -25.51 4.69
CA GLU E 77 -18.48 -25.62 3.52
C GLU E 77 -18.09 -24.26 2.97
N ARG E 78 -18.62 -23.18 3.54
CA ARG E 78 -18.27 -21.83 3.14
C ARG E 78 -18.01 -20.98 4.38
N ALA E 79 -18.49 -21.44 5.53
CA ALA E 79 -17.88 -21.07 6.80
C ALA E 79 -16.73 -22.02 7.07
N ASP E 80 -16.27 -22.05 8.31
CA ASP E 80 -15.01 -22.77 8.55
C ASP E 80 -15.14 -23.85 9.62
N ASN E 81 -15.57 -23.46 10.80
CA ASN E 81 -15.38 -24.30 11.97
C ASN E 81 -16.56 -25.22 12.15
N LEU E 82 -16.27 -26.45 12.28
CA LEU E 82 -17.16 -27.54 12.62
C LEU E 82 -17.31 -27.63 14.15
N PRO E 83 -18.35 -28.23 14.68
CA PRO E 83 -18.47 -28.29 16.14
C PRO E 83 -17.49 -29.29 16.73
N PRO E 84 -17.14 -29.14 18.01
CA PRO E 84 -16.25 -30.10 18.64
C PRO E 84 -16.92 -31.43 18.94
N VAL E 85 -16.21 -32.30 19.64
CA VAL E 85 -16.64 -33.68 19.84
C VAL E 85 -17.77 -33.70 20.87
N CYS E 86 -18.80 -34.50 20.59
CA CYS E 86 -19.91 -34.70 21.52
C CYS E 86 -19.73 -36.01 22.28
N ASP E 87 -19.29 -35.92 23.53
CA ASP E 87 -19.00 -37.11 24.32
C ASP E 87 -20.31 -37.66 24.87
N LEU E 88 -20.60 -38.91 24.54
CA LEU E 88 -21.85 -39.54 24.94
C LEU E 88 -21.84 -40.08 26.37
N SER E 89 -20.72 -40.06 27.07
CA SER E 89 -20.62 -40.85 28.30
C SER E 89 -21.20 -40.13 29.52
N THR E 90 -22.42 -39.60 29.36
CA THR E 90 -23.29 -39.30 30.48
C THR E 90 -24.62 -40.01 30.31
N VAL E 91 -24.83 -40.69 29.19
CA VAL E 91 -26.07 -41.37 28.88
C VAL E 91 -25.93 -42.82 29.30
N SER E 92 -26.63 -43.17 30.38
CA SER E 92 -26.75 -44.55 30.79
C SER E 92 -28.01 -45.20 30.25
N ASP E 93 -29.12 -44.47 30.23
CA ASP E 93 -30.38 -45.01 29.72
C ASP E 93 -30.29 -45.14 28.22
N ARG E 94 -30.30 -46.38 27.74
CA ARG E 94 -30.00 -46.69 26.35
C ARG E 94 -31.22 -46.63 25.45
N SER E 95 -32.21 -45.84 25.81
CA SER E 95 -33.29 -45.56 24.88
C SER E 95 -32.83 -44.45 23.92
N LEU E 96 -33.76 -43.90 23.18
CA LEU E 96 -33.43 -42.97 22.12
C LEU E 96 -32.95 -41.64 22.68
N VAL E 97 -32.02 -41.00 21.97
CA VAL E 97 -31.48 -39.70 22.34
C VAL E 97 -31.53 -38.80 21.12
N ASP E 98 -32.07 -37.59 21.28
CA ASP E 98 -32.11 -36.58 20.22
C ASP E 98 -30.91 -35.66 20.32
N ILE E 99 -30.44 -35.17 19.17
CA ILE E 99 -29.29 -34.28 19.09
C ILE E 99 -29.72 -33.01 18.38
N VAL E 100 -29.43 -31.85 18.99
CA VAL E 100 -29.78 -30.55 18.41
C VAL E 100 -28.50 -29.75 18.20
N LEU E 101 -28.62 -28.73 17.35
CA LEU E 101 -27.51 -27.90 16.92
C LEU E 101 -27.70 -26.51 17.50
N ALA E 102 -26.93 -26.18 18.53
CA ALA E 102 -27.17 -24.98 19.33
C ALA E 102 -26.42 -23.79 18.78
N LEU E 103 -27.02 -22.61 18.93
CA LEU E 103 -26.37 -21.34 18.60
C LEU E 103 -26.76 -20.32 19.66
N PRO E 104 -25.82 -19.80 20.44
CA PRO E 104 -26.16 -18.93 21.57
C PRO E 104 -26.80 -17.62 21.15
N LEU E 105 -27.70 -17.13 22.00
CA LEU E 105 -28.52 -15.99 21.65
C LEU E 105 -27.74 -14.68 21.71
N LEU E 106 -28.14 -13.76 20.87
CA LEU E 106 -27.46 -12.49 20.73
C LEU E 106 -27.74 -11.59 21.92
N ASN E 107 -26.71 -11.32 22.71
CA ASN E 107 -26.79 -10.38 23.81
C ASN E 107 -26.66 -8.98 23.22
N ALA E 108 -27.71 -8.17 23.36
CA ALA E 108 -27.71 -6.83 22.81
C ALA E 108 -27.02 -5.82 23.72
N ASN E 109 -26.40 -6.25 24.82
CA ASN E 109 -25.64 -5.38 25.67
C ASN E 109 -24.29 -5.94 26.11
N GLY E 110 -24.03 -7.22 25.89
CA GLY E 110 -22.73 -7.76 26.15
C GLY E 110 -21.86 -7.57 24.92
N GLY E 111 -21.35 -8.65 24.36
CA GLY E 111 -20.64 -8.52 23.12
C GLY E 111 -20.22 -9.85 22.54
N ASN E 112 -18.99 -9.86 22.05
CA ASN E 112 -18.38 -11.00 21.38
C ASN E 112 -17.63 -11.82 22.43
N LEU E 113 -16.78 -12.74 22.00
CA LEU E 113 -15.90 -13.45 22.90
C LEU E 113 -14.52 -12.82 22.84
N ASP E 114 -13.83 -12.82 23.99
CA ASP E 114 -12.41 -12.51 24.04
C ASP E 114 -11.59 -13.70 24.51
N ASN E 115 -11.97 -14.33 25.62
CA ASN E 115 -11.42 -15.61 26.00
C ASN E 115 -12.48 -16.53 26.62
N GLY E 116 -13.72 -16.09 26.72
CA GLY E 116 -14.78 -16.94 27.26
C GLY E 116 -14.89 -17.07 28.76
N SER E 117 -13.76 -17.05 29.46
CA SER E 117 -13.71 -17.37 30.90
C SER E 117 -13.91 -16.10 31.73
N GLU E 118 -14.97 -15.38 31.41
CA GLU E 118 -15.26 -14.13 32.09
C GLU E 118 -16.71 -14.03 32.55
N SER E 119 -17.60 -14.85 32.00
CA SER E 119 -19.02 -14.73 32.30
C SER E 119 -19.59 -16.12 32.50
N GLU E 120 -20.92 -16.18 32.61
CA GLU E 120 -21.66 -17.42 32.75
C GLU E 120 -22.66 -17.62 31.63
N ARG E 121 -22.62 -16.79 30.60
CA ARG E 121 -23.55 -16.92 29.49
C ARG E 121 -22.76 -17.27 28.25
N PRO E 122 -23.13 -18.30 27.50
CA PRO E 122 -22.37 -18.67 26.30
C PRO E 122 -22.54 -17.64 25.19
N ARG E 123 -21.52 -17.51 24.36
CA ARG E 123 -21.44 -16.42 23.40
C ARG E 123 -21.01 -16.92 22.04
N ARG E 124 -21.53 -16.25 21.02
CA ARG E 124 -21.14 -16.46 19.62
C ARG E 124 -19.85 -15.71 19.31
N TRP E 125 -19.60 -15.49 18.02
CA TRP E 125 -18.65 -14.49 17.51
C TRP E 125 -17.21 -14.82 17.91
N LYS E 126 -16.74 -15.95 17.41
CA LYS E 126 -15.32 -16.29 17.52
C LYS E 126 -14.54 -15.71 16.35
N SER E 127 -13.35 -15.19 16.67
CA SER E 127 -12.51 -14.48 15.72
C SER E 127 -11.32 -15.33 15.32
N GLU E 128 -10.85 -15.14 14.09
CA GLU E 128 -9.77 -15.96 13.58
C GLU E 128 -9.07 -15.17 12.49
N ARG E 129 -7.76 -15.36 12.36
CA ARG E 129 -6.96 -14.55 11.46
C ARG E 129 -6.54 -15.36 10.24
N VAL E 130 -7.02 -14.96 9.07
CA VAL E 130 -6.86 -15.72 7.83
C VAL E 130 -6.15 -14.85 6.81
N ASN E 131 -5.16 -15.42 6.13
CA ASN E 131 -4.52 -14.74 5.01
C ASN E 131 -5.42 -14.86 3.79
N VAL E 132 -5.97 -13.73 3.34
CA VAL E 132 -7.06 -13.72 2.37
C VAL E 132 -6.59 -13.02 1.11
N GLN E 133 -6.73 -13.70 -0.03
CA GLN E 133 -6.39 -13.14 -1.34
C GLN E 133 -7.30 -11.99 -1.70
N GLU E 134 -6.70 -10.88 -2.13
CA GLU E 134 -7.46 -9.76 -2.66
C GLU E 134 -7.81 -10.03 -4.11
N LEU E 135 -9.03 -9.65 -4.51
CA LEU E 135 -9.37 -9.68 -5.91
C LEU E 135 -8.86 -8.43 -6.61
N ALA E 136 -8.79 -8.52 -7.96
CA ALA E 136 -8.40 -7.43 -8.85
C ALA E 136 -7.01 -6.87 -8.54
N GLY E 137 -6.12 -7.73 -8.07
CA GLY E 137 -4.81 -7.27 -7.66
C GLY E 137 -3.86 -8.41 -7.38
N HIS E 138 -2.82 -8.10 -6.61
CA HIS E 138 -1.75 -9.03 -6.34
C HIS E 138 -1.31 -8.95 -4.87
N GLU E 139 -2.25 -9.02 -3.94
CA GLU E 139 -1.88 -8.96 -2.54
C GLU E 139 -2.47 -10.13 -1.76
N GLN E 140 -1.87 -10.38 -0.60
CA GLN E 140 -2.34 -11.37 0.37
C GLN E 140 -2.08 -10.80 1.75
N SER E 141 -3.09 -10.23 2.39
CA SER E 141 -2.92 -9.64 3.70
C SER E 141 -3.75 -10.42 4.72
N GLU E 142 -3.60 -10.08 5.99
CA GLU E 142 -4.31 -10.75 7.07
C GLU E 142 -5.53 -9.94 7.50
N VAL E 143 -6.70 -10.58 7.45
CA VAL E 143 -7.95 -9.99 7.90
C VAL E 143 -8.57 -10.93 8.93
N ALA E 144 -8.94 -10.37 10.08
CA ALA E 144 -9.70 -11.15 11.05
C ALA E 144 -11.10 -11.36 10.51
N VAL E 145 -11.58 -12.60 10.59
CA VAL E 145 -12.89 -12.92 10.03
C VAL E 145 -13.81 -13.38 11.14
N LEU E 146 -15.04 -13.72 10.79
CA LEU E 146 -16.08 -14.06 11.74
C LEU E 146 -16.52 -15.50 11.58
N ARG E 147 -16.37 -16.28 12.65
CA ARG E 147 -16.72 -17.70 12.63
C ARG E 147 -17.61 -17.98 13.84
N HIS E 148 -18.75 -18.62 13.60
CA HIS E 148 -19.75 -18.82 14.63
C HIS E 148 -19.31 -19.87 15.64
N ASN E 149 -20.10 -20.01 16.71
CA ASN E 149 -19.79 -20.93 17.80
C ASN E 149 -20.94 -21.92 17.88
N LEU E 150 -20.71 -23.13 17.40
CA LEU E 150 -21.73 -24.16 17.36
C LEU E 150 -21.29 -25.36 18.19
N THR E 151 -22.26 -26.06 18.77
CA THR E 151 -22.00 -27.31 19.44
C THR E 151 -23.03 -28.34 19.01
N LEU E 152 -22.95 -29.53 19.59
CA LEU E 152 -23.97 -30.54 19.44
C LEU E 152 -24.46 -30.93 20.82
N ARG E 153 -25.75 -30.73 21.07
CA ARG E 153 -26.30 -30.94 22.40
C ARG E 153 -27.45 -31.93 22.34
N MET E 154 -27.71 -32.56 23.48
CA MET E 154 -28.79 -33.52 23.62
C MET E 154 -30.07 -32.80 23.99
N ALA E 155 -31.17 -33.19 23.35
CA ALA E 155 -32.42 -32.44 23.53
C ALA E 155 -33.20 -32.87 24.75
N HIS E 156 -32.54 -32.96 25.89
CA HIS E 156 -33.20 -33.06 27.17
C HIS E 156 -32.44 -32.31 28.24
N GLN E 157 -31.36 -31.63 27.88
CA GLN E 157 -30.54 -30.92 28.84
C GLN E 157 -31.18 -29.58 29.17
N GLU E 158 -30.51 -28.82 30.04
CA GLU E 158 -31.00 -27.54 30.49
C GLU E 158 -30.83 -26.55 29.35
N ASN E 159 -31.84 -26.48 28.49
CA ASN E 159 -31.86 -25.49 27.42
C ASN E 159 -31.83 -24.10 28.02
N ALA E 160 -31.18 -23.19 27.28
CA ALA E 160 -30.72 -21.94 27.85
C ALA E 160 -30.79 -20.90 26.75
N ALA E 161 -30.03 -19.83 26.89
CA ALA E 161 -30.02 -18.77 25.91
C ALA E 161 -29.36 -19.19 24.60
N TRP E 162 -29.93 -20.17 23.91
CA TRP E 162 -29.48 -20.59 22.59
C TRP E 162 -30.65 -21.14 21.79
N LEU E 163 -30.61 -20.90 20.49
CA LEU E 163 -31.59 -21.48 19.59
C LEU E 163 -31.27 -22.95 19.37
N THR E 164 -32.25 -23.68 18.83
CA THR E 164 -32.11 -25.11 18.62
C THR E 164 -32.65 -25.49 17.25
N CYS E 165 -32.20 -26.65 16.75
CA CYS E 165 -32.73 -27.35 15.59
C CYS E 165 -32.26 -28.80 15.62
N PRO E 166 -33.17 -29.77 15.54
CA PRO E 166 -32.78 -31.18 15.69
C PRO E 166 -32.19 -31.76 14.42
N VAL E 167 -31.23 -32.69 14.59
CA VAL E 167 -30.58 -33.29 13.43
C VAL E 167 -30.55 -34.82 13.36
N THR E 168 -30.55 -35.53 14.51
CA THR E 168 -30.45 -36.99 14.44
C THR E 168 -31.00 -37.65 15.71
N ARG E 169 -31.13 -38.98 15.64
CA ARG E 169 -31.58 -39.83 16.73
C ARG E 169 -30.67 -41.04 16.87
N LEU E 170 -30.49 -41.48 18.11
CA LEU E 170 -29.58 -42.59 18.37
C LEU E 170 -30.30 -43.69 19.13
N VAL E 171 -30.61 -44.78 18.44
CA VAL E 171 -31.20 -45.95 19.05
C VAL E 171 -30.08 -46.94 19.35
N ARG E 172 -30.42 -47.95 20.13
CA ARG E 172 -29.42 -48.86 20.67
C ARG E 172 -29.63 -50.25 20.09
N ASP E 173 -28.65 -50.72 19.31
CA ASP E 173 -28.63 -52.10 18.83
C ASP E 173 -28.45 -53.04 20.00
N ALA E 174 -28.95 -54.27 19.85
CA ALA E 174 -29.09 -55.25 20.91
C ALA E 174 -27.78 -55.70 21.54
N GLN E 175 -26.64 -55.34 20.98
CA GLN E 175 -25.35 -55.75 21.52
C GLN E 175 -24.73 -54.71 22.44
N GLY E 176 -25.50 -53.75 22.93
CA GLY E 176 -24.94 -52.62 23.65
C GLY E 176 -24.34 -51.56 22.76
N GLN E 177 -24.42 -51.74 21.45
CA GLN E 177 -23.77 -50.88 20.49
C GLN E 177 -24.75 -49.84 19.98
N TRP E 178 -24.30 -48.59 19.89
CA TRP E 178 -25.14 -47.55 19.34
C TRP E 178 -25.27 -47.69 17.83
N CYS E 179 -26.29 -47.06 17.28
CA CYS E 179 -26.42 -46.86 15.83
C CYS E 179 -27.38 -45.69 15.61
N ARG E 180 -27.65 -45.40 14.34
CA ARG E 180 -28.52 -44.31 13.97
C ARG E 180 -29.88 -44.84 13.53
N ASP E 181 -30.92 -44.03 13.72
CA ASP E 181 -32.24 -44.45 13.31
C ASP E 181 -32.40 -44.34 11.80
N PRO E 182 -32.97 -45.35 11.15
CA PRO E 182 -33.07 -45.31 9.69
C PRO E 182 -34.37 -44.74 9.17
N ARG E 183 -35.32 -44.42 10.05
CA ARG E 183 -36.59 -43.87 9.58
C ARG E 183 -36.83 -42.43 10.00
N PHE E 184 -35.96 -41.86 10.82
CA PHE E 184 -36.05 -40.46 11.21
C PHE E 184 -35.86 -39.55 10.01
N ILE E 185 -36.90 -38.84 9.63
CA ILE E 185 -36.75 -37.77 8.66
C ILE E 185 -36.36 -36.50 9.41
N PRO E 186 -35.30 -35.81 9.00
CA PRO E 186 -34.83 -34.65 9.74
C PRO E 186 -35.82 -33.51 9.63
N PRO E 187 -36.04 -32.78 10.70
CA PRO E 187 -37.07 -31.75 10.71
C PRO E 187 -36.67 -30.58 9.85
N LEU E 188 -37.67 -29.77 9.54
CA LEU E 188 -37.51 -28.49 8.84
C LEU E 188 -36.87 -28.72 7.48
N LEU E 189 -37.50 -29.62 6.74
CA LEU E 189 -36.87 -30.21 5.57
C LEU E 189 -36.81 -29.21 4.43
N THR E 190 -35.78 -29.35 3.60
CA THR E 190 -35.74 -28.77 2.27
C THR E 190 -35.25 -29.86 1.33
N LEU E 191 -36.08 -30.18 0.33
CA LEU E 191 -36.32 -31.53 -0.19
C LEU E 191 -35.10 -32.44 -0.34
N SER E 192 -33.97 -31.89 -0.75
CA SER E 192 -32.80 -32.71 -1.01
C SER E 192 -32.06 -33.16 0.24
N ALA E 193 -32.50 -32.77 1.43
CA ALA E 193 -31.72 -33.03 2.62
C ALA E 193 -31.82 -34.45 3.12
N SER E 194 -32.75 -35.24 2.63
CA SER E 194 -32.84 -36.61 3.11
C SER E 194 -33.17 -37.55 1.97
N PRO E 195 -32.27 -38.50 1.64
CA PRO E 195 -32.48 -39.34 0.45
C PRO E 195 -33.55 -40.40 0.61
N SER E 196 -33.99 -40.69 1.83
CA SER E 196 -34.89 -41.82 2.07
C SER E 196 -36.27 -41.59 1.48
N LEU E 197 -36.82 -40.38 1.64
CA LEU E 197 -38.08 -40.05 0.99
C LEU E 197 -37.96 -40.03 -0.52
N MET E 198 -36.86 -39.47 -1.02
CA MET E 198 -36.75 -39.18 -2.44
C MET E 198 -36.63 -40.45 -3.25
N THR E 199 -36.19 -41.53 -2.62
CA THR E 199 -36.36 -42.86 -3.21
C THR E 199 -37.83 -43.23 -3.29
N GLU E 200 -38.58 -43.02 -2.21
CA GLU E 200 -39.94 -43.53 -2.16
C GLU E 200 -40.90 -42.69 -3.00
N LEU E 201 -40.57 -41.43 -3.27
CA LEU E 201 -41.36 -40.69 -4.24
C LEU E 201 -41.14 -41.23 -5.64
N LEU E 202 -39.96 -41.78 -5.90
CA LEU E 202 -39.72 -42.36 -7.21
C LEU E 202 -40.46 -43.67 -7.38
N GLU E 203 -40.70 -44.39 -6.27
CA GLU E 203 -41.50 -45.60 -6.36
C GLU E 203 -42.97 -45.25 -6.55
N LEU E 204 -43.40 -44.11 -6.01
CA LEU E 204 -44.80 -43.71 -6.16
C LEU E 204 -45.11 -43.28 -7.59
N LEU E 205 -44.21 -42.49 -8.19
CA LEU E 205 -44.48 -41.95 -9.51
C LEU E 205 -44.45 -43.04 -10.57
N HIS E 206 -43.64 -44.07 -10.35
CA HIS E 206 -43.62 -45.19 -11.28
C HIS E 206 -44.84 -46.07 -11.09
N HIS E 207 -45.34 -46.17 -9.86
CA HIS E 207 -46.49 -47.01 -9.57
C HIS E 207 -47.77 -46.45 -10.18
N LEU E 208 -47.84 -45.13 -10.29
CA LEU E 208 -49.00 -44.49 -10.91
C LEU E 208 -49.04 -44.74 -12.40
N GLN E 209 -47.92 -44.51 -13.08
CA GLN E 209 -47.86 -44.63 -14.53
C GLN E 209 -48.07 -46.06 -15.01
N ALA E 210 -47.80 -47.04 -14.14
CA ALA E 210 -48.10 -48.42 -14.48
C ALA E 210 -49.58 -48.70 -14.37
N ARG E 211 -50.27 -48.02 -13.45
CA ARG E 211 -51.71 -48.22 -13.30
C ARG E 211 -52.47 -47.64 -14.46
N ARG E 212 -52.05 -46.48 -14.99
CA ARG E 212 -52.82 -45.78 -15.99
C ARG E 212 -52.82 -46.51 -17.33
N GLN E 213 -51.74 -47.22 -17.63
CA GLN E 213 -51.66 -47.96 -18.88
C GLN E 213 -52.63 -49.14 -18.90
N ARG E 214 -52.87 -49.75 -17.74
CA ARG E 214 -53.97 -50.72 -17.65
C ARG E 214 -55.31 -50.03 -17.83
N LEU E 215 -55.47 -48.86 -17.22
CA LEU E 215 -56.75 -48.16 -17.27
C LEU E 215 -57.03 -47.59 -18.66
N MET E 216 -55.97 -47.32 -19.42
CA MET E 216 -56.18 -46.88 -20.79
C MET E 216 -56.46 -48.06 -21.69
N SER E 217 -55.90 -49.23 -21.36
CA SER E 217 -56.09 -50.43 -22.17
C SER E 217 -57.54 -50.89 -22.18
N MET E 218 -58.23 -50.78 -21.04
CA MET E 218 -59.60 -51.27 -20.95
C MET E 218 -60.57 -50.36 -21.71
N ARG E 219 -60.19 -49.12 -21.96
CA ARG E 219 -61.06 -48.22 -22.71
C ARG E 219 -61.02 -48.49 -24.21
N ARG E 220 -59.93 -49.09 -24.71
CA ARG E 220 -59.65 -49.08 -26.14
C ARG E 220 -60.50 -50.07 -26.94
N GLU E 221 -61.46 -50.75 -26.32
CA GLU E 221 -62.45 -51.50 -27.07
C GLU E 221 -63.77 -50.75 -27.21
N ASN E 222 -63.93 -49.61 -26.55
CA ASN E 222 -65.19 -48.89 -26.55
C ASN E 222 -65.45 -48.14 -27.85
N ASN E 223 -64.40 -47.93 -28.66
CA ASN E 223 -64.44 -47.37 -30.01
C ASN E 223 -65.03 -45.97 -30.08
N ALA E 224 -64.93 -45.20 -28.98
CA ALA E 224 -65.47 -43.84 -28.86
C ALA E 224 -66.97 -43.78 -29.16
N ARG E 225 -67.70 -44.80 -28.70
CA ARG E 225 -69.12 -44.95 -28.95
C ARG E 225 -69.81 -45.36 -27.66
N LEU E 226 -70.35 -44.37 -26.94
CA LEU E 226 -71.07 -44.67 -25.72
C LEU E 226 -72.58 -44.56 -25.94
N ALA E 227 -73.32 -45.09 -24.97
CA ALA E 227 -74.72 -44.77 -24.82
C ALA E 227 -74.86 -43.56 -23.90
N ASP E 228 -76.09 -43.30 -23.45
CA ASP E 228 -76.35 -42.12 -22.63
C ASP E 228 -75.75 -42.24 -21.22
N PHE E 229 -75.64 -43.46 -20.70
CA PHE E 229 -75.20 -43.67 -19.33
C PHE E 229 -74.75 -45.12 -19.18
N ALA E 230 -73.85 -45.36 -18.22
CA ALA E 230 -73.53 -46.70 -17.76
C ALA E 230 -73.10 -46.60 -16.29
N VAL E 231 -73.19 -47.71 -15.56
CA VAL E 231 -72.92 -47.67 -14.12
C VAL E 231 -71.41 -47.55 -13.87
N ALA E 232 -70.58 -48.03 -14.80
CA ALA E 232 -69.14 -47.96 -14.63
C ALA E 232 -68.50 -46.90 -15.50
N ASP E 233 -69.12 -46.57 -16.63
CA ASP E 233 -68.47 -45.66 -17.58
C ASP E 233 -68.60 -44.21 -17.14
N VAL E 234 -69.38 -43.94 -16.09
CA VAL E 234 -69.32 -42.65 -15.44
C VAL E 234 -68.46 -42.74 -14.19
N SER E 235 -68.19 -43.96 -13.73
CA SER E 235 -67.22 -44.14 -12.66
C SER E 235 -65.81 -44.31 -13.24
N LEU E 236 -65.72 -44.70 -14.51
CA LEU E 236 -64.41 -44.86 -15.14
C LEU E 236 -63.76 -43.50 -15.37
N PHE E 237 -64.51 -42.56 -15.93
CA PHE E 237 -63.91 -41.38 -16.51
C PHE E 237 -63.43 -40.37 -15.48
N TRP E 238 -63.81 -40.51 -14.21
CA TRP E 238 -63.13 -39.72 -13.19
C TRP E 238 -61.69 -40.17 -13.04
N LEU E 239 -61.47 -41.48 -13.10
CA LEU E 239 -60.16 -42.03 -12.84
C LEU E 239 -59.20 -41.75 -13.99
N LEU E 240 -59.73 -41.40 -15.16
CA LEU E 240 -58.88 -40.80 -16.19
C LEU E 240 -58.66 -39.33 -15.92
N ASN E 241 -59.70 -38.62 -15.49
CA ASN E 241 -59.57 -37.18 -15.28
C ASN E 241 -58.75 -36.85 -14.05
N ALA E 242 -58.71 -37.72 -13.06
CA ALA E 242 -57.92 -37.44 -11.87
C ALA E 242 -56.44 -37.65 -12.11
N LEU E 243 -56.07 -38.54 -13.02
CA LEU E 243 -54.68 -38.85 -13.25
C LEU E 243 -54.07 -38.09 -14.41
N ASN E 244 -54.85 -37.82 -15.45
CA ASN E 244 -54.30 -37.10 -16.59
C ASN E 244 -54.17 -35.62 -16.35
N SER E 245 -54.63 -35.11 -15.21
CA SER E 245 -54.35 -33.73 -14.82
C SER E 245 -53.40 -33.64 -13.64
N ALA E 246 -52.82 -34.76 -13.23
CA ALA E 246 -51.82 -34.74 -12.17
C ALA E 246 -50.59 -35.57 -12.48
N GLU E 247 -50.59 -36.33 -13.58
CA GLU E 247 -49.34 -36.98 -13.99
C GLU E 247 -48.29 -35.99 -14.48
N PRO E 248 -48.55 -35.10 -15.46
CA PRO E 248 -47.45 -34.27 -15.96
C PRO E 248 -46.98 -33.20 -14.98
N VAL E 249 -47.82 -32.74 -14.07
CA VAL E 249 -47.38 -31.71 -13.15
C VAL E 249 -46.54 -32.29 -12.03
N LEU E 250 -46.97 -33.41 -11.47
CA LEU E 250 -46.23 -34.05 -10.39
C LEU E 250 -44.92 -34.63 -10.89
N LYS E 251 -44.85 -34.97 -12.17
CA LYS E 251 -43.59 -35.46 -12.74
C LYS E 251 -42.52 -34.38 -12.74
N GLU E 252 -42.91 -33.14 -12.95
CA GLU E 252 -41.96 -32.06 -13.13
C GLU E 252 -41.48 -31.47 -11.82
N LEU E 253 -42.03 -31.90 -10.69
CA LEU E 253 -41.50 -31.46 -9.42
C LEU E 253 -40.47 -32.43 -8.86
N LEU E 254 -40.23 -33.55 -9.52
CA LEU E 254 -39.36 -34.56 -8.96
C LEU E 254 -38.00 -34.66 -9.63
N ASP E 255 -37.87 -34.17 -10.86
CA ASP E 255 -36.58 -34.21 -11.53
C ASP E 255 -35.58 -33.22 -10.96
N MET E 256 -36.03 -32.13 -10.35
CA MET E 256 -35.15 -31.15 -9.73
C MET E 256 -35.55 -31.01 -8.27
N PRO E 257 -34.99 -31.82 -7.40
CA PRO E 257 -35.39 -31.76 -5.99
C PRO E 257 -34.62 -30.74 -5.18
N TYR E 258 -34.45 -29.53 -5.70
CA TYR E 258 -33.87 -28.42 -4.96
C TYR E 258 -34.98 -27.39 -4.85
N ARG E 259 -35.86 -27.58 -3.87
CA ARG E 259 -37.08 -26.78 -3.78
C ARG E 259 -37.71 -27.04 -2.43
N HIS E 260 -38.40 -26.03 -1.91
CA HIS E 260 -39.02 -26.13 -0.60
C HIS E 260 -40.17 -27.13 -0.65
N PRO E 261 -40.31 -27.99 0.36
CA PRO E 261 -41.31 -29.07 0.28
C PRO E 261 -42.74 -28.61 0.47
N GLU E 262 -42.98 -27.34 0.77
CA GLU E 262 -44.34 -26.89 1.01
C GLU E 262 -45.12 -26.78 -0.28
N LEU E 263 -44.41 -26.63 -1.40
CA LEU E 263 -45.06 -26.76 -2.69
C LEU E 263 -45.53 -28.20 -2.93
N LEU E 264 -44.90 -29.17 -2.28
CA LEU E 264 -45.25 -30.55 -2.54
C LEU E 264 -46.50 -30.97 -1.76
N TYR E 265 -46.88 -30.20 -0.73
CA TYR E 265 -48.13 -30.44 -0.01
C TYR E 265 -49.32 -30.28 -0.93
N ARG E 266 -49.29 -29.22 -1.74
CA ARG E 266 -50.49 -28.82 -2.47
C ARG E 266 -50.63 -29.57 -3.79
N GLU E 267 -49.82 -30.60 -4.01
CA GLU E 267 -50.03 -31.43 -5.18
C GLU E 267 -50.35 -32.85 -4.79
N LEU E 268 -49.86 -33.30 -3.64
CA LEU E 268 -50.26 -34.61 -3.17
C LEU E 268 -51.65 -34.58 -2.57
N ALA E 269 -52.08 -33.42 -2.08
CA ALA E 269 -53.39 -33.33 -1.45
C ALA E 269 -54.50 -33.33 -2.50
N ARG E 270 -54.30 -32.63 -3.62
CA ARG E 270 -55.30 -32.61 -4.67
C ARG E 270 -55.46 -33.97 -5.32
N LEU E 271 -54.38 -34.73 -5.42
CA LEU E 271 -54.49 -36.09 -5.93
C LEU E 271 -55.12 -36.99 -4.87
N ALA E 272 -55.02 -36.61 -3.61
CA ALA E 272 -55.71 -37.35 -2.56
C ALA E 272 -57.13 -36.85 -2.39
N GLY E 273 -57.35 -35.56 -2.61
CA GLY E 273 -58.68 -35.02 -2.46
C GLY E 273 -59.61 -35.47 -3.57
N SER E 274 -59.07 -35.67 -4.78
CA SER E 274 -59.92 -36.06 -5.89
C SER E 274 -60.36 -37.50 -5.80
N LEU E 275 -59.67 -38.30 -4.99
CA LEU E 275 -59.91 -39.73 -5.05
C LEU E 275 -60.51 -40.31 -3.78
N LEU E 276 -60.71 -39.50 -2.74
CA LEU E 276 -61.47 -40.01 -1.61
C LEU E 276 -62.94 -40.19 -1.94
N THR E 277 -63.53 -39.29 -2.72
CA THR E 277 -64.89 -39.45 -3.19
C THR E 277 -65.06 -40.61 -4.16
N PHE E 278 -63.96 -41.11 -4.70
CA PHE E 278 -64.02 -42.16 -5.71
C PHE E 278 -64.38 -43.50 -5.08
N SER E 279 -63.75 -43.82 -3.94
CA SER E 279 -63.99 -45.11 -3.30
C SER E 279 -63.85 -44.93 -1.80
N LEU E 280 -64.99 -44.73 -1.13
CA LEU E 280 -65.02 -44.58 0.31
C LEU E 280 -66.38 -45.03 0.83
N GLU E 281 -66.36 -45.93 1.81
CA GLU E 281 -67.53 -46.22 2.61
C GLU E 281 -67.20 -46.20 4.10
N HIS E 282 -66.18 -45.44 4.51
CA HIS E 282 -65.69 -45.48 5.88
C HIS E 282 -65.50 -44.09 6.47
N ASN E 283 -65.75 -43.04 5.66
CA ASN E 283 -65.63 -41.63 6.05
C ASN E 283 -64.22 -41.28 6.52
N VAL E 284 -63.22 -41.87 5.88
CA VAL E 284 -61.81 -41.66 6.22
C VAL E 284 -61.42 -40.30 5.67
N ASP E 285 -61.07 -39.38 6.57
CA ASP E 285 -60.67 -38.05 6.18
C ASP E 285 -59.15 -37.98 6.01
N ALA E 286 -58.72 -37.20 5.02
CA ALA E 286 -57.33 -37.18 4.58
C ALA E 286 -56.42 -36.62 5.66
N VAL E 287 -55.14 -36.97 5.56
CA VAL E 287 -54.15 -36.44 6.48
C VAL E 287 -53.96 -34.97 6.14
N PRO E 288 -53.60 -34.13 7.09
CA PRO E 288 -53.39 -32.73 6.77
C PRO E 288 -51.97 -32.54 6.28
N ALA E 289 -51.80 -32.01 5.07
CA ALA E 289 -50.46 -31.80 4.50
C ALA E 289 -49.97 -30.46 5.00
N TYR E 290 -49.79 -30.35 6.31
CA TYR E 290 -49.42 -29.09 6.94
C TYR E 290 -47.95 -29.16 7.29
N HIS E 291 -47.31 -28.00 7.19
CA HIS E 291 -45.91 -27.91 7.55
C HIS E 291 -45.75 -28.03 9.06
N HIS E 292 -44.69 -28.68 9.50
CA HIS E 292 -44.49 -28.89 10.91
C HIS E 292 -43.02 -29.19 11.15
N GLU E 293 -42.64 -29.20 12.43
CA GLU E 293 -41.32 -29.62 12.84
C GLU E 293 -41.20 -31.12 12.97
N THR E 294 -42.24 -31.87 12.63
CA THR E 294 -42.23 -33.34 12.65
C THR E 294 -42.92 -33.82 11.38
N PRO E 295 -42.21 -33.94 10.27
CA PRO E 295 -42.85 -34.41 9.05
C PRO E 295 -42.88 -35.92 8.91
N GLU E 296 -42.55 -36.64 10.00
CA GLU E 296 -42.86 -38.06 10.05
C GLU E 296 -44.35 -38.32 10.07
N ASN E 297 -45.14 -37.35 10.51
CA ASN E 297 -46.57 -37.50 10.64
C ASN E 297 -47.31 -36.86 9.48
N VAL E 298 -46.59 -36.45 8.44
CA VAL E 298 -47.19 -35.81 7.27
C VAL E 298 -47.03 -36.66 6.02
N PHE E 299 -45.79 -36.90 5.61
CA PHE E 299 -45.56 -37.68 4.40
C PHE E 299 -45.67 -39.20 4.55
N PRO E 300 -45.09 -39.86 5.57
CA PRO E 300 -45.30 -41.31 5.69
C PRO E 300 -46.75 -41.74 5.93
N PRO E 301 -47.63 -40.93 6.57
CA PRO E 301 -49.05 -41.30 6.47
C PRO E 301 -49.61 -41.10 5.08
N LEU E 302 -49.28 -39.99 4.44
CA LEU E 302 -49.85 -39.69 3.13
C LEU E 302 -49.36 -40.64 2.06
N LEU E 303 -48.10 -41.08 2.16
CA LEU E 303 -47.60 -42.04 1.18
C LEU E 303 -48.18 -43.43 1.40
N SER E 304 -48.60 -43.72 2.62
CA SER E 304 -49.34 -44.95 2.87
C SER E 304 -50.75 -44.86 2.31
N LEU E 305 -51.29 -43.65 2.23
CA LEU E 305 -52.66 -43.48 1.75
C LEU E 305 -52.73 -43.55 0.24
N LEU E 306 -51.81 -42.86 -0.45
CA LEU E 306 -51.89 -42.73 -1.89
C LEU E 306 -51.55 -44.03 -2.61
N ASN E 307 -50.82 -44.93 -1.97
CA ASN E 307 -50.61 -46.25 -2.55
C ASN E 307 -51.90 -47.04 -2.51
N ARG E 308 -52.65 -46.94 -1.42
CA ARG E 308 -53.84 -47.75 -1.25
C ARG E 308 -55.01 -47.17 -2.04
N LEU E 309 -55.19 -45.85 -1.99
CA LEU E 309 -56.36 -45.20 -2.53
C LEU E 309 -56.44 -45.29 -4.05
N LEU E 310 -55.31 -45.45 -4.73
CA LEU E 310 -55.31 -45.73 -6.16
C LEU E 310 -55.92 -47.06 -6.52
N GLU E 311 -55.98 -48.01 -5.59
CA GLU E 311 -56.43 -49.34 -5.94
C GLU E 311 -56.97 -50.08 -4.73
N MET F 1 -16.92 -22.39 -3.59
CA MET F 1 -15.66 -21.84 -3.13
C MET F 1 -15.83 -21.15 -1.79
N LYS F 2 -14.74 -20.63 -1.24
CA LYS F 2 -14.75 -20.01 0.07
C LYS F 2 -15.32 -18.60 0.00
N ILE F 3 -16.00 -18.19 1.06
CA ILE F 3 -16.50 -16.83 1.23
C ILE F 3 -16.28 -16.45 2.69
N TYR F 4 -15.61 -15.32 2.93
CA TYR F 4 -15.11 -14.98 4.26
C TYR F 4 -15.73 -13.68 4.78
N ARG F 5 -16.74 -13.80 5.63
CA ARG F 5 -17.36 -12.63 6.23
C ARG F 5 -16.43 -11.98 7.24
N PRO F 6 -16.28 -10.67 7.23
CA PRO F 6 -15.29 -10.02 8.08
C PRO F 6 -15.88 -9.60 9.41
N LEU F 7 -15.00 -9.55 10.41
CA LEU F 7 -15.36 -9.09 11.74
C LEU F 7 -15.06 -7.60 11.89
N TRP F 8 -16.02 -6.86 12.42
CA TRP F 8 -15.90 -5.43 12.64
C TRP F 8 -15.73 -5.20 14.14
N GLU F 9 -14.54 -4.76 14.57
CA GLU F 9 -14.36 -4.42 15.97
C GLU F 9 -13.26 -3.37 16.08
N ASP F 10 -13.06 -2.89 17.31
CA ASP F 10 -12.28 -1.68 17.56
C ASP F 10 -10.77 -1.97 17.65
N GLY F 11 -10.22 -2.68 16.68
CA GLY F 11 -8.78 -2.65 16.51
C GLY F 11 -8.37 -2.45 15.07
N ALA F 12 -9.25 -2.89 14.17
CA ALA F 12 -8.80 -3.34 12.86
C ALA F 12 -8.51 -2.18 11.93
N PHE F 13 -7.61 -2.43 10.99
CA PHE F 13 -7.30 -1.47 9.95
C PHE F 13 -8.42 -1.53 8.91
N LEU F 14 -8.48 -0.51 8.07
CA LEU F 14 -9.44 -0.56 6.98
C LEU F 14 -8.76 -1.16 5.75
N MET F 15 -9.29 -2.26 5.26
CA MET F 15 -8.65 -3.01 4.19
C MET F 15 -9.63 -3.35 3.08
N PRO F 16 -9.18 -3.37 1.82
CA PRO F 16 -10.11 -3.62 0.71
C PRO F 16 -10.65 -5.03 0.64
N GLN F 17 -10.03 -5.96 1.35
CA GLN F 17 -10.51 -7.34 1.35
C GLN F 17 -11.82 -7.48 2.11
N GLN F 18 -12.11 -6.55 3.02
CA GLN F 18 -13.34 -6.63 3.79
C GLN F 18 -14.55 -6.30 2.94
N PHE F 19 -14.49 -5.17 2.23
CA PHE F 19 -15.65 -4.69 1.48
C PHE F 19 -15.99 -5.59 0.32
N GLN F 20 -14.98 -6.24 -0.27
CA GLN F 20 -15.25 -7.13 -1.39
C GLN F 20 -15.94 -8.40 -0.94
N GLN F 21 -15.59 -8.89 0.25
CA GLN F 21 -16.20 -10.11 0.75
C GLN F 21 -17.63 -9.88 1.23
N GLN F 22 -17.86 -8.77 1.94
CA GLN F 22 -19.21 -8.45 2.40
C GLN F 22 -20.13 -8.16 1.24
N ALA F 23 -19.59 -7.62 0.15
CA ALA F 23 -20.33 -7.53 -1.08
C ALA F 23 -20.55 -8.92 -1.68
N ALA F 24 -19.59 -9.82 -1.52
CA ALA F 24 -19.70 -11.12 -2.16
C ALA F 24 -20.66 -12.02 -1.42
N TRP F 25 -20.78 -11.85 -0.11
CA TRP F 25 -21.68 -12.68 0.67
C TRP F 25 -23.14 -12.35 0.39
N ASP F 26 -23.44 -11.09 0.07
CA ASP F 26 -24.84 -10.71 -0.05
C ASP F 26 -25.44 -11.15 -1.37
N VAL F 27 -24.60 -11.56 -2.31
CA VAL F 27 -25.12 -12.26 -3.49
C VAL F 27 -25.59 -13.65 -3.07
N HIS F 28 -24.89 -14.26 -2.13
CA HIS F 28 -25.18 -15.63 -1.75
C HIS F 28 -26.47 -15.73 -0.94
N LEU F 29 -26.75 -14.75 -0.09
CA LEU F 29 -28.05 -14.69 0.57
C LEU F 29 -29.15 -14.39 -0.44
N ALA F 30 -28.90 -13.46 -1.35
CA ALA F 30 -29.91 -13.11 -2.33
C ALA F 30 -30.11 -14.21 -3.37
N ASP F 31 -29.21 -15.16 -3.44
CA ASP F 31 -29.46 -16.31 -4.31
C ASP F 31 -30.06 -17.46 -3.52
N SER F 32 -29.84 -17.50 -2.21
CA SER F 32 -30.41 -18.57 -1.39
C SER F 32 -31.89 -18.36 -1.15
N VAL F 33 -32.44 -17.21 -1.53
CA VAL F 33 -33.88 -17.00 -1.47
C VAL F 33 -34.54 -17.53 -2.73
N ALA F 34 -33.89 -17.34 -3.89
CA ALA F 34 -34.47 -17.77 -5.15
C ALA F 34 -34.53 -19.28 -5.28
N ARG F 35 -33.72 -20.02 -4.55
CA ARG F 35 -33.79 -21.47 -4.58
C ARG F 35 -34.73 -22.03 -3.52
N MET F 36 -35.45 -21.17 -2.82
CA MET F 36 -36.56 -21.68 -2.02
C MET F 36 -37.75 -21.99 -2.89
N GLY F 37 -37.97 -21.19 -3.91
CA GLY F 37 -39.07 -21.32 -4.85
C GLY F 37 -38.58 -21.94 -6.13
N LEU F 38 -38.19 -21.12 -7.09
CA LEU F 38 -37.77 -21.56 -8.41
C LEU F 38 -36.49 -22.39 -8.38
N ALA F 39 -36.19 -23.01 -9.52
CA ALA F 39 -34.94 -23.73 -9.71
C ALA F 39 -34.53 -23.60 -11.17
N HIS F 40 -33.41 -22.94 -11.41
CA HIS F 40 -33.12 -22.47 -12.76
C HIS F 40 -31.68 -22.03 -12.96
N PRO F 41 -31.14 -22.12 -14.19
CA PRO F 41 -30.18 -21.11 -14.63
C PRO F 41 -30.96 -19.92 -15.19
N TRP F 42 -30.39 -18.74 -15.05
CA TRP F 42 -31.13 -17.52 -15.35
C TRP F 42 -31.37 -17.36 -16.85
N GLY F 43 -32.09 -16.29 -17.18
CA GLY F 43 -32.43 -16.02 -18.57
C GLY F 43 -32.34 -14.56 -18.93
N VAL F 44 -32.94 -14.17 -20.05
CA VAL F 44 -32.98 -12.76 -20.42
C VAL F 44 -34.12 -12.09 -19.67
N VAL F 45 -34.14 -10.77 -19.68
CA VAL F 45 -35.27 -10.02 -19.19
C VAL F 45 -35.74 -9.14 -20.35
N ALA F 46 -34.81 -8.50 -21.03
CA ALA F 46 -35.11 -7.77 -22.26
C ALA F 46 -33.85 -7.72 -23.12
N ALA F 47 -34.05 -7.84 -24.44
CA ALA F 47 -32.93 -7.86 -25.37
C ALA F 47 -33.43 -7.30 -26.70
N GLU F 48 -33.13 -6.02 -26.94
CA GLU F 48 -33.71 -5.28 -28.05
C GLU F 48 -32.60 -4.74 -28.94
N PHE F 49 -32.72 -4.94 -30.25
CA PHE F 49 -31.66 -4.60 -31.18
C PHE F 49 -32.10 -3.45 -32.08
N ASP F 50 -31.26 -3.13 -33.06
CA ASP F 50 -31.50 -2.04 -33.98
C ASP F 50 -31.48 -2.61 -35.40
N ASP F 51 -32.57 -2.41 -36.12
CA ASP F 51 -32.71 -2.91 -37.48
C ASP F 51 -32.23 -1.92 -38.52
N SER F 52 -31.33 -1.01 -38.14
CA SER F 52 -30.85 0.01 -39.07
C SER F 52 -29.65 -0.46 -39.88
N LEU F 53 -28.58 -0.84 -39.20
CA LEU F 53 -27.33 -1.15 -39.87
C LEU F 53 -27.34 -2.52 -40.53
N LEU F 54 -28.31 -3.37 -40.24
CA LEU F 54 -28.41 -4.75 -40.72
C LEU F 54 -28.28 -4.98 -42.23
N PRO F 55 -28.68 -4.07 -43.12
CA PRO F 55 -28.24 -4.22 -44.52
C PRO F 55 -26.75 -4.04 -44.74
N LEU F 56 -26.02 -3.43 -43.80
CA LEU F 56 -24.58 -3.30 -43.91
C LEU F 56 -23.84 -4.36 -43.11
N SER F 57 -24.59 -5.34 -42.57
CA SER F 57 -24.05 -6.51 -41.85
C SER F 57 -23.24 -6.11 -40.62
N ARG F 58 -23.76 -5.16 -39.86
CA ARG F 58 -23.18 -4.77 -38.59
C ARG F 58 -24.30 -4.72 -37.55
N LEU F 59 -24.09 -5.40 -36.43
CA LEU F 59 -25.15 -5.63 -35.46
C LEU F 59 -24.84 -4.91 -34.15
N ASN F 60 -25.84 -4.27 -33.58
CA ASN F 60 -25.71 -3.47 -32.37
C ASN F 60 -26.89 -3.76 -31.46
N ALA F 61 -26.72 -3.55 -30.16
CA ALA F 61 -27.78 -3.78 -29.19
C ALA F 61 -28.21 -2.46 -28.58
N THR F 62 -29.51 -2.34 -28.31
CA THR F 62 -30.02 -1.10 -27.74
C THR F 62 -30.15 -1.17 -26.23
N ARG F 63 -30.84 -2.18 -25.71
CA ARG F 63 -30.95 -2.36 -24.26
C ARG F 63 -30.93 -3.85 -23.95
N LEU F 64 -30.15 -4.23 -22.95
CA LEU F 64 -30.01 -5.64 -22.56
C LEU F 64 -30.08 -5.73 -21.05
N ILE F 65 -30.87 -6.67 -20.55
CA ILE F 65 -30.91 -6.99 -19.12
C ILE F 65 -30.95 -8.50 -19.02
N VAL F 66 -29.84 -9.11 -18.59
CA VAL F 66 -29.78 -10.55 -18.40
C VAL F 66 -29.20 -10.83 -17.03
N ARG F 67 -29.33 -12.07 -16.59
CA ARG F 67 -28.60 -12.59 -15.45
C ARG F 67 -27.90 -13.87 -15.89
N PHE F 68 -26.85 -14.23 -15.16
CA PHE F 68 -25.99 -15.34 -15.54
C PHE F 68 -25.97 -16.41 -14.48
N PRO F 69 -25.81 -17.71 -14.87
CA PRO F 69 -26.08 -18.82 -13.94
C PRO F 69 -25.20 -18.92 -12.70
N ASP F 70 -24.22 -18.06 -12.57
CA ASP F 70 -23.43 -17.95 -11.36
C ASP F 70 -24.06 -17.02 -10.34
N GLY F 71 -25.02 -16.20 -10.74
CA GLY F 71 -25.56 -15.16 -9.89
C GLY F 71 -25.05 -13.77 -10.20
N THR F 72 -24.97 -13.39 -11.46
CA THR F 72 -24.35 -12.15 -11.87
C THR F 72 -25.33 -11.30 -12.67
N LEU F 73 -25.67 -10.13 -12.15
CA LEU F 73 -26.63 -9.25 -12.79
C LEU F 73 -25.92 -8.42 -13.85
N ILE F 74 -26.51 -8.35 -15.04
CA ILE F 74 -26.06 -7.48 -16.11
C ILE F 74 -27.22 -6.62 -16.55
N ASP F 75 -27.13 -5.32 -16.28
CA ASP F 75 -28.02 -4.34 -16.89
C ASP F 75 -27.19 -3.52 -17.87
N THR F 76 -27.84 -3.11 -18.96
CA THR F 76 -27.23 -2.14 -19.87
C THR F 76 -27.93 -0.80 -19.79
N GLU F 77 -28.49 -0.49 -18.63
CA GLU F 77 -28.83 0.87 -18.26
C GLU F 77 -27.81 1.45 -17.30
N ARG F 78 -27.44 0.69 -16.27
CA ARG F 78 -26.34 1.00 -15.38
C ARG F 78 -25.37 -0.17 -15.43
N ALA F 79 -24.07 0.14 -15.36
CA ALA F 79 -22.95 -0.79 -15.61
C ALA F 79 -23.03 -1.37 -17.02
N ASP F 80 -22.90 -0.47 -18.01
CA ASP F 80 -23.17 -0.75 -19.41
C ASP F 80 -21.99 -0.45 -20.31
N ASN F 81 -21.92 -1.23 -21.40
CA ASN F 81 -21.19 -1.03 -22.65
C ASN F 81 -21.51 -2.24 -23.53
N LEU F 82 -21.29 -2.09 -24.85
CA LEU F 82 -21.19 -3.21 -25.78
C LEU F 82 -20.55 -2.78 -27.10
N PRO F 83 -19.49 -3.44 -27.55
CA PRO F 83 -18.97 -3.17 -28.89
C PRO F 83 -19.78 -3.87 -29.94
N PRO F 84 -19.90 -3.31 -31.14
CA PRO F 84 -20.69 -3.97 -32.19
C PRO F 84 -19.92 -5.07 -32.89
N VAL F 85 -20.61 -5.84 -33.72
CA VAL F 85 -20.02 -6.95 -34.46
C VAL F 85 -19.48 -6.41 -35.77
N CYS F 86 -18.22 -6.75 -36.09
CA CYS F 86 -17.56 -6.19 -37.25
C CYS F 86 -18.13 -6.72 -38.54
N ASP F 87 -18.00 -8.02 -38.80
CA ASP F 87 -18.47 -8.59 -40.05
C ASP F 87 -19.55 -9.60 -39.74
N LEU F 88 -20.46 -9.77 -40.67
CA LEU F 88 -21.31 -10.94 -40.71
C LEU F 88 -21.01 -11.80 -41.93
N SER F 89 -20.40 -11.21 -42.96
CA SER F 89 -20.08 -11.90 -44.18
C SER F 89 -18.75 -12.65 -44.12
N THR F 90 -18.27 -12.97 -42.91
CA THR F 90 -17.34 -14.07 -42.73
C THR F 90 -18.01 -15.43 -42.90
N VAL F 91 -19.33 -15.47 -42.99
CA VAL F 91 -20.08 -16.70 -43.23
C VAL F 91 -20.70 -16.61 -44.62
N SER F 92 -20.66 -17.72 -45.34
CA SER F 92 -21.38 -17.88 -46.60
C SER F 92 -22.67 -18.66 -46.43
N ASP F 93 -23.39 -18.48 -45.32
CA ASP F 93 -24.57 -19.25 -44.96
C ASP F 93 -25.43 -18.41 -44.05
N ARG F 94 -26.74 -18.69 -44.02
CA ARG F 94 -27.60 -17.88 -43.16
C ARG F 94 -28.00 -18.61 -41.88
N SER F 95 -28.33 -19.90 -41.97
CA SER F 95 -29.10 -20.55 -40.93
C SER F 95 -28.29 -20.87 -39.69
N LEU F 96 -26.97 -20.74 -39.76
CA LEU F 96 -26.10 -21.03 -38.63
C LEU F 96 -25.81 -19.80 -37.79
N VAL F 97 -26.16 -18.60 -38.25
CA VAL F 97 -25.72 -17.38 -37.58
C VAL F 97 -26.69 -17.09 -36.45
N ASP F 98 -26.22 -17.23 -35.22
CA ASP F 98 -26.96 -16.87 -34.02
C ASP F 98 -26.01 -16.27 -33.00
N ILE F 99 -26.37 -15.11 -32.50
CA ILE F 99 -25.47 -14.27 -31.74
C ILE F 99 -25.67 -14.55 -30.26
N VAL F 100 -24.58 -14.66 -29.53
CA VAL F 100 -24.61 -15.00 -28.12
C VAL F 100 -23.82 -13.95 -27.35
N LEU F 101 -23.99 -13.95 -26.03
CA LEU F 101 -23.38 -12.97 -25.15
C LEU F 101 -22.43 -13.68 -24.20
N ALA F 102 -21.20 -13.19 -24.06
CA ALA F 102 -20.16 -13.85 -23.30
C ALA F 102 -19.59 -12.95 -22.21
N LEU F 103 -19.24 -13.56 -21.07
CA LEU F 103 -18.66 -12.85 -19.93
C LEU F 103 -17.67 -13.76 -19.23
N PRO F 104 -16.37 -13.53 -19.38
CA PRO F 104 -15.38 -14.57 -19.16
C PRO F 104 -15.26 -15.04 -17.72
N LEU F 105 -14.55 -16.15 -17.55
CA LEU F 105 -14.55 -16.92 -16.31
C LEU F 105 -13.83 -16.18 -15.19
N LEU F 106 -14.12 -16.59 -13.97
CA LEU F 106 -13.53 -15.96 -12.81
C LEU F 106 -12.16 -16.55 -12.54
N ASN F 107 -11.15 -15.69 -12.49
CA ASN F 107 -9.79 -16.09 -12.17
C ASN F 107 -9.57 -15.85 -10.69
N ALA F 108 -9.21 -16.90 -9.96
CA ALA F 108 -9.22 -16.84 -8.50
C ALA F 108 -8.04 -16.11 -7.89
N ASN F 109 -7.16 -15.51 -8.68
CA ASN F 109 -6.02 -14.77 -8.15
C ASN F 109 -5.80 -13.41 -8.77
N GLY F 110 -6.19 -13.19 -10.03
CA GLY F 110 -5.82 -12.01 -10.79
C GLY F 110 -6.87 -10.94 -10.70
N GLY F 111 -7.65 -10.75 -11.75
CA GLY F 111 -8.74 -9.79 -11.66
C GLY F 111 -9.04 -9.00 -12.91
N ASN F 112 -8.95 -7.68 -12.81
CA ASN F 112 -9.36 -6.78 -13.88
C ASN F 112 -8.26 -6.64 -14.94
N LEU F 113 -8.44 -5.65 -15.81
CA LEU F 113 -7.59 -5.43 -16.98
C LEU F 113 -7.16 -3.97 -16.98
N ASP F 114 -5.94 -3.70 -16.51
CA ASP F 114 -5.41 -2.34 -16.48
C ASP F 114 -4.30 -2.09 -17.47
N ASN F 115 -4.02 -3.02 -18.38
CA ASN F 115 -2.85 -2.94 -19.22
C ASN F 115 -3.02 -3.82 -20.45
N GLY F 116 -1.96 -3.93 -21.23
CA GLY F 116 -1.90 -4.85 -22.35
C GLY F 116 -1.25 -6.16 -21.96
N SER F 117 -1.80 -6.84 -20.98
CA SER F 117 -1.19 -8.04 -20.43
C SER F 117 -2.07 -9.23 -20.80
N GLU F 118 -2.46 -9.29 -22.07
CA GLU F 118 -3.42 -10.26 -22.54
C GLU F 118 -2.86 -11.67 -22.47
N SER F 119 -3.33 -12.41 -21.48
CA SER F 119 -3.03 -13.82 -21.31
C SER F 119 -3.94 -14.62 -22.23
N GLU F 120 -3.86 -15.94 -22.11
CA GLU F 120 -4.83 -16.79 -22.77
C GLU F 120 -6.18 -16.77 -22.09
N ARG F 121 -6.22 -16.31 -20.84
CA ARG F 121 -7.45 -16.13 -20.08
C ARG F 121 -7.77 -14.64 -20.05
N PRO F 122 -8.87 -14.20 -20.66
CA PRO F 122 -9.22 -12.78 -20.60
C PRO F 122 -9.72 -12.40 -19.22
N ARG F 123 -9.86 -11.09 -19.01
CA ARG F 123 -10.41 -10.65 -17.74
C ARG F 123 -11.90 -10.42 -17.88
N ARG F 124 -12.53 -9.91 -16.83
CA ARG F 124 -13.93 -9.54 -16.95
C ARG F 124 -14.31 -8.24 -16.26
N TRP F 125 -13.38 -7.54 -15.63
CA TRP F 125 -13.67 -6.25 -15.05
C TRP F 125 -12.91 -5.17 -15.79
N LYS F 126 -13.27 -3.92 -15.53
CA LYS F 126 -12.60 -2.77 -16.12
C LYS F 126 -12.41 -1.71 -15.05
N SER F 127 -11.93 -0.56 -15.49
CA SER F 127 -12.05 0.64 -14.68
C SER F 127 -12.64 1.75 -15.52
N GLU F 128 -13.22 2.73 -14.85
CA GLU F 128 -13.97 3.78 -15.50
C GLU F 128 -14.08 4.92 -14.52
N ARG F 129 -14.12 6.15 -15.03
CA ARG F 129 -14.22 7.31 -14.18
C ARG F 129 -15.31 8.23 -14.71
N VAL F 130 -16.35 8.44 -13.91
CA VAL F 130 -17.45 9.34 -14.24
C VAL F 130 -17.80 10.17 -13.00
N ASN F 131 -18.85 10.98 -13.15
CA ASN F 131 -19.26 11.89 -12.09
C ASN F 131 -20.42 11.28 -11.30
N VAL F 132 -20.39 11.41 -9.98
CA VAL F 132 -21.36 10.81 -9.08
C VAL F 132 -21.72 11.83 -8.01
N GLN F 133 -23.02 12.06 -7.81
CA GLN F 133 -23.46 12.82 -6.65
C GLN F 133 -24.80 12.31 -6.17
N GLU F 134 -24.91 12.08 -4.86
CA GLU F 134 -26.21 11.81 -4.24
C GLU F 134 -26.36 12.45 -2.86
N LEU F 135 -25.28 12.98 -2.29
CA LEU F 135 -25.19 13.32 -0.89
C LEU F 135 -26.09 14.52 -0.54
N ALA F 136 -26.16 14.81 0.75
CA ALA F 136 -26.81 16.03 1.22
C ALA F 136 -25.93 17.20 0.81
N GLY F 137 -26.29 17.84 -0.27
CA GLY F 137 -25.47 18.86 -0.88
C GLY F 137 -25.73 18.89 -2.36
N HIS F 138 -25.11 19.85 -3.03
CA HIS F 138 -25.44 20.06 -4.43
C HIS F 138 -24.21 19.95 -5.34
N GLU F 139 -23.11 19.40 -4.85
CA GLU F 139 -21.86 19.33 -5.61
C GLU F 139 -21.61 17.91 -6.08
N GLN F 140 -21.06 17.79 -7.28
CA GLN F 140 -20.64 16.50 -7.81
C GLN F 140 -19.13 16.43 -7.93
N SER F 141 -18.60 15.22 -7.80
CA SER F 141 -17.19 15.00 -8.06
C SER F 141 -17.03 13.70 -8.83
N GLU F 142 -15.79 13.24 -8.98
CA GLU F 142 -15.47 12.14 -9.86
C GLU F 142 -14.90 10.98 -9.05
N VAL F 143 -15.52 9.80 -9.17
CA VAL F 143 -15.07 8.62 -8.46
C VAL F 143 -15.01 7.46 -9.44
N ALA F 144 -14.13 6.50 -9.15
CA ALA F 144 -13.83 5.41 -10.06
C ALA F 144 -14.78 4.25 -9.79
N VAL F 145 -15.51 3.83 -10.81
CA VAL F 145 -16.51 2.78 -10.66
C VAL F 145 -16.08 1.53 -11.41
N LEU F 146 -16.86 0.47 -11.28
CA LEU F 146 -16.51 -0.85 -11.81
C LEU F 146 -17.52 -1.24 -12.87
N ARG F 147 -17.04 -1.65 -14.03
CA ARG F 147 -17.91 -2.04 -15.13
C ARG F 147 -17.45 -3.36 -15.72
N HIS F 148 -18.41 -4.19 -16.07
CA HIS F 148 -18.13 -5.50 -16.66
C HIS F 148 -17.77 -5.35 -18.13
N ASN F 149 -17.27 -6.44 -18.70
CA ASN F 149 -16.77 -6.46 -20.07
C ASN F 149 -17.56 -7.50 -20.86
N LEU F 150 -18.34 -7.01 -21.82
CA LEU F 150 -19.10 -7.91 -22.67
C LEU F 150 -18.68 -7.80 -24.12
N THR F 151 -19.01 -8.85 -24.88
CA THR F 151 -18.88 -8.84 -26.32
C THR F 151 -19.87 -9.83 -26.89
N LEU F 152 -20.06 -9.79 -28.20
CA LEU F 152 -21.05 -10.64 -28.86
C LEU F 152 -20.31 -11.62 -29.77
N ARG F 153 -20.01 -12.80 -29.27
CA ARG F 153 -19.35 -13.80 -30.10
C ARG F 153 -20.42 -14.64 -30.80
N MET F 154 -19.98 -15.60 -31.59
CA MET F 154 -20.89 -16.47 -32.31
C MET F 154 -20.87 -17.87 -31.71
N ALA F 155 -21.79 -18.71 -32.18
CA ALA F 155 -22.04 -19.98 -31.52
C ALA F 155 -21.00 -21.03 -31.90
N HIS F 156 -20.52 -20.99 -33.14
CA HIS F 156 -19.63 -22.03 -33.64
C HIS F 156 -18.17 -21.69 -33.49
N GLN F 157 -17.82 -20.63 -32.76
CA GLN F 157 -16.40 -20.27 -32.64
C GLN F 157 -15.68 -21.08 -31.56
N GLU F 158 -15.97 -20.80 -30.30
CA GLU F 158 -15.26 -21.39 -29.15
C GLU F 158 -16.11 -21.26 -27.90
N ASN F 159 -15.57 -21.81 -26.80
CA ASN F 159 -16.19 -21.80 -25.49
C ASN F 159 -15.15 -21.61 -24.39
N ALA F 160 -14.06 -20.89 -24.70
CA ALA F 160 -13.12 -20.53 -23.65
C ALA F 160 -13.59 -19.31 -22.89
N ALA F 161 -14.36 -18.46 -23.56
CA ALA F 161 -15.26 -17.52 -22.89
C ALA F 161 -16.53 -18.26 -22.51
N TRP F 162 -17.58 -17.52 -22.21
CA TRP F 162 -18.63 -18.02 -21.32
C TRP F 162 -19.87 -18.61 -21.98
N LEU F 163 -20.23 -18.21 -23.19
CA LEU F 163 -21.56 -17.69 -23.51
C LEU F 163 -22.76 -18.16 -22.68
N THR F 164 -23.14 -19.44 -22.76
CA THR F 164 -24.31 -20.05 -22.11
C THR F 164 -25.64 -19.28 -22.30
N CYS F 165 -25.77 -18.38 -23.29
CA CYS F 165 -27.00 -17.63 -23.51
C CYS F 165 -27.07 -17.13 -24.93
N PRO F 166 -28.06 -17.56 -25.69
CA PRO F 166 -28.34 -16.87 -26.95
C PRO F 166 -29.17 -15.64 -26.68
N VAL F 167 -29.17 -14.72 -27.64
CA VAL F 167 -30.09 -13.59 -27.61
C VAL F 167 -30.87 -13.42 -28.91
N THR F 168 -30.41 -13.93 -30.04
CA THR F 168 -31.13 -13.75 -31.30
C THR F 168 -30.79 -14.91 -32.22
N ARG F 169 -31.25 -14.83 -33.47
CA ARG F 169 -30.86 -15.76 -34.50
C ARG F 169 -31.02 -15.03 -35.82
N LEU F 170 -29.96 -14.93 -36.60
CA LEU F 170 -30.00 -14.15 -37.82
C LEU F 170 -30.11 -15.08 -39.03
N VAL F 171 -31.14 -14.86 -39.84
CA VAL F 171 -31.27 -15.50 -41.13
C VAL F 171 -31.30 -14.40 -42.19
N ARG F 172 -30.83 -14.73 -43.39
CA ARG F 172 -30.72 -13.71 -44.43
C ARG F 172 -31.90 -13.80 -45.36
N ASP F 173 -32.13 -12.72 -46.09
CA ASP F 173 -33.06 -12.73 -47.20
C ASP F 173 -32.31 -13.09 -48.47
N ALA F 174 -33.05 -13.45 -49.52
CA ALA F 174 -32.45 -13.74 -50.82
C ALA F 174 -31.83 -12.50 -51.45
N GLN F 175 -32.17 -11.31 -50.95
CA GLN F 175 -31.54 -10.07 -51.39
C GLN F 175 -30.32 -9.70 -50.54
N GLY F 176 -29.69 -10.68 -49.89
CA GLY F 176 -28.50 -10.45 -49.09
C GLY F 176 -28.75 -9.68 -47.81
N GLN F 177 -29.92 -9.85 -47.22
CA GLN F 177 -30.37 -9.01 -46.13
C GLN F 177 -30.60 -9.86 -44.90
N TRP F 178 -29.72 -9.73 -43.91
CA TRP F 178 -29.90 -10.41 -42.63
C TRP F 178 -31.16 -9.90 -41.94
N CYS F 179 -31.94 -10.81 -41.37
CA CYS F 179 -33.10 -10.42 -40.59
C CYS F 179 -33.20 -11.30 -39.35
N ARG F 180 -33.76 -10.73 -38.29
CA ARG F 180 -34.02 -11.48 -37.08
C ARG F 180 -35.28 -12.30 -37.25
N ASP F 181 -35.16 -13.61 -37.06
CA ASP F 181 -36.31 -14.44 -37.36
C ASP F 181 -37.33 -14.38 -36.25
N PRO F 182 -38.62 -14.33 -36.60
CA PRO F 182 -39.65 -14.12 -35.57
C PRO F 182 -39.99 -15.36 -34.74
N ARG F 183 -39.36 -16.49 -35.01
CA ARG F 183 -39.67 -17.71 -34.26
C ARG F 183 -38.55 -18.10 -33.30
N PHE F 184 -37.71 -17.17 -32.89
CA PHE F 184 -36.63 -17.43 -31.96
C PHE F 184 -37.17 -17.26 -30.55
N ILE F 185 -36.67 -18.08 -29.62
CA ILE F 185 -37.05 -18.00 -28.21
C ILE F 185 -35.80 -18.10 -27.36
N PRO F 186 -35.41 -17.05 -26.63
CA PRO F 186 -34.33 -17.16 -25.66
C PRO F 186 -34.78 -17.94 -24.45
N PRO F 187 -33.87 -18.42 -23.61
CA PRO F 187 -34.28 -18.91 -22.29
C PRO F 187 -34.73 -17.74 -21.44
N LEU F 188 -35.87 -17.91 -20.77
CA LEU F 188 -36.67 -16.77 -20.29
C LEU F 188 -36.66 -16.67 -18.77
N LEU F 189 -36.53 -15.44 -18.27
CA LEU F 189 -36.93 -15.15 -16.89
C LEU F 189 -38.32 -14.56 -16.82
N THR F 190 -38.73 -13.79 -17.82
CA THR F 190 -40.06 -13.22 -17.84
C THR F 190 -40.69 -13.45 -19.19
N LEU F 191 -42.02 -13.40 -19.22
CA LEU F 191 -42.69 -13.23 -20.48
C LEU F 191 -42.47 -11.79 -20.97
N SER F 192 -42.82 -11.58 -22.25
CA SER F 192 -42.59 -10.36 -23.01
C SER F 192 -41.12 -9.97 -23.09
N ALA F 193 -40.23 -10.91 -22.81
CA ALA F 193 -38.85 -10.76 -23.23
C ALA F 193 -38.73 -11.08 -24.71
N SER F 194 -39.48 -12.06 -25.18
CA SER F 194 -39.69 -12.31 -26.60
C SER F 194 -41.17 -12.14 -26.87
N PRO F 195 -41.59 -11.04 -27.49
CA PRO F 195 -43.04 -10.77 -27.63
C PRO F 195 -43.75 -11.62 -28.67
N SER F 196 -43.04 -12.49 -29.40
CA SER F 196 -43.74 -13.33 -30.36
C SER F 196 -44.45 -14.49 -29.69
N LEU F 197 -44.12 -14.79 -28.44
CA LEU F 197 -44.99 -15.66 -27.66
C LEU F 197 -46.24 -14.93 -27.21
N MET F 198 -46.11 -13.63 -26.94
CA MET F 198 -47.21 -12.87 -26.35
C MET F 198 -48.36 -12.71 -27.33
N THR F 199 -48.05 -12.65 -28.62
CA THR F 199 -49.10 -12.73 -29.63
C THR F 199 -49.75 -14.11 -29.63
N GLU F 200 -48.93 -15.15 -29.54
CA GLU F 200 -49.48 -16.50 -29.60
C GLU F 200 -50.01 -16.98 -28.26
N LEU F 201 -49.83 -16.19 -27.20
CA LEU F 201 -50.51 -16.50 -25.95
C LEU F 201 -51.91 -15.94 -25.91
N LEU F 202 -52.13 -14.80 -26.56
CA LEU F 202 -53.42 -14.13 -26.44
C LEU F 202 -54.39 -14.66 -27.48
N GLU F 203 -53.88 -15.22 -28.57
CA GLU F 203 -54.76 -15.90 -29.51
C GLU F 203 -55.25 -17.22 -28.95
N LEU F 204 -54.50 -17.79 -28.01
CA LEU F 204 -54.97 -18.95 -27.27
C LEU F 204 -56.21 -18.60 -26.46
N LEU F 205 -56.18 -17.47 -25.78
CA LEU F 205 -57.31 -17.07 -24.94
C LEU F 205 -58.51 -16.67 -25.78
N HIS F 206 -58.28 -16.00 -26.91
CA HIS F 206 -59.37 -15.57 -27.77
C HIS F 206 -60.06 -16.75 -28.42
N HIS F 207 -59.30 -17.74 -28.86
CA HIS F 207 -59.90 -18.93 -29.47
C HIS F 207 -60.54 -19.83 -28.41
N LEU F 208 -60.18 -19.66 -27.15
CA LEU F 208 -60.74 -20.52 -26.12
C LEU F 208 -62.15 -20.08 -25.76
N GLN F 209 -62.38 -18.78 -25.64
CA GLN F 209 -63.68 -18.29 -25.18
C GLN F 209 -64.73 -18.38 -26.28
N ALA F 210 -64.30 -18.47 -27.54
CA ALA F 210 -65.23 -18.78 -28.60
C ALA F 210 -65.80 -20.18 -28.44
N ARG F 211 -64.96 -21.12 -28.00
CA ARG F 211 -65.43 -22.49 -27.80
C ARG F 211 -65.99 -22.69 -26.40
N ARG F 212 -66.15 -21.61 -25.63
CA ARG F 212 -66.93 -21.73 -24.41
C ARG F 212 -68.34 -21.22 -24.62
N GLN F 213 -68.49 -20.06 -25.25
CA GLN F 213 -69.82 -19.47 -25.50
C GLN F 213 -70.61 -20.30 -26.50
N ARG F 214 -69.94 -21.06 -27.35
CA ARG F 214 -70.63 -21.92 -28.30
C ARG F 214 -71.41 -23.01 -27.59
N LEU F 215 -70.74 -23.76 -26.71
CA LEU F 215 -71.41 -24.85 -26.02
C LEU F 215 -72.22 -24.40 -24.82
N MET F 216 -71.89 -23.24 -24.23
CA MET F 216 -72.72 -22.73 -23.15
C MET F 216 -74.08 -22.31 -23.67
N SER F 217 -74.14 -21.85 -24.92
CA SER F 217 -75.42 -21.55 -25.55
C SER F 217 -76.20 -22.84 -25.82
N MET F 218 -75.49 -23.91 -26.16
CA MET F 218 -76.13 -25.22 -26.22
C MET F 218 -76.53 -25.70 -24.83
N ARG F 219 -75.73 -25.34 -23.83
CA ARG F 219 -76.07 -25.64 -22.44
C ARG F 219 -77.29 -24.84 -21.98
N ARG F 220 -77.47 -23.64 -22.53
CA ARG F 220 -78.70 -22.89 -22.28
C ARG F 220 -79.91 -23.53 -22.96
N GLU F 221 -79.70 -24.23 -24.08
CA GLU F 221 -80.76 -25.09 -24.59
C GLU F 221 -80.94 -26.30 -23.68
N ASN F 222 -79.86 -26.74 -23.03
CA ASN F 222 -79.86 -27.89 -22.13
C ASN F 222 -80.34 -27.57 -20.72
N ASN F 223 -80.85 -26.36 -20.46
CA ASN F 223 -81.46 -26.06 -19.18
C ASN F 223 -82.73 -26.86 -18.95
N ALA F 224 -83.54 -27.07 -19.98
CA ALA F 224 -84.70 -27.94 -19.88
C ALA F 224 -84.31 -29.41 -19.99
N ARG F 225 -83.13 -29.70 -20.53
CA ARG F 225 -82.58 -31.05 -20.58
C ARG F 225 -81.50 -31.20 -19.52
N LEU F 226 -81.72 -30.56 -18.36
CA LEU F 226 -80.73 -30.55 -17.29
C LEU F 226 -80.55 -31.93 -16.67
N ALA F 227 -81.61 -32.47 -16.07
CA ALA F 227 -81.53 -33.76 -15.42
C ALA F 227 -81.70 -34.91 -16.40
N ASP F 228 -82.30 -34.67 -17.56
CA ASP F 228 -82.48 -35.72 -18.56
C ASP F 228 -81.37 -35.62 -19.60
N PHE F 229 -80.22 -36.18 -19.20
CA PHE F 229 -79.01 -36.07 -19.99
C PHE F 229 -78.94 -37.10 -21.10
N ALA F 230 -78.09 -36.84 -22.07
CA ALA F 230 -77.76 -37.77 -23.15
C ALA F 230 -76.25 -38.03 -23.12
N VAL F 231 -75.75 -38.73 -24.16
CA VAL F 231 -74.32 -38.97 -24.28
C VAL F 231 -73.59 -37.65 -24.56
N ALA F 232 -74.27 -36.71 -25.20
CA ALA F 232 -73.69 -35.38 -25.38
C ALA F 232 -73.65 -34.63 -24.07
N ASP F 233 -74.74 -34.70 -23.29
CA ASP F 233 -74.84 -33.95 -22.05
C ASP F 233 -73.91 -34.49 -20.97
N VAL F 234 -73.56 -35.78 -21.03
CA VAL F 234 -72.50 -36.29 -20.15
C VAL F 234 -71.17 -35.65 -20.52
N SER F 235 -70.72 -35.88 -21.76
CA SER F 235 -69.40 -35.43 -22.17
C SER F 235 -69.32 -33.92 -22.35
N LEU F 236 -70.47 -33.24 -22.37
CA LEU F 236 -70.45 -31.79 -22.21
C LEU F 236 -69.97 -31.40 -20.83
N PHE F 237 -70.53 -32.03 -19.78
CA PHE F 237 -70.22 -31.65 -18.41
C PHE F 237 -68.77 -31.91 -18.04
N TRP F 238 -68.17 -32.93 -18.64
CA TRP F 238 -66.73 -33.13 -18.49
C TRP F 238 -65.96 -32.02 -19.17
N LEU F 239 -66.37 -31.70 -20.41
CA LEU F 239 -65.68 -30.67 -21.17
C LEU F 239 -65.93 -29.29 -20.59
N LEU F 240 -67.13 -29.07 -20.04
CA LEU F 240 -67.44 -27.74 -19.54
C LEU F 240 -66.73 -27.46 -18.23
N ASN F 241 -66.56 -28.49 -17.39
CA ASN F 241 -65.78 -28.31 -16.17
C ASN F 241 -64.28 -28.39 -16.45
N ALA F 242 -63.89 -28.87 -17.63
CA ALA F 242 -62.47 -28.84 -17.96
C ALA F 242 -62.01 -27.44 -18.30
N LEU F 243 -62.89 -26.63 -18.87
CA LEU F 243 -62.52 -25.28 -19.26
C LEU F 243 -62.73 -24.29 -18.13
N ASN F 244 -63.87 -24.38 -17.44
CA ASN F 244 -64.29 -23.31 -16.56
C ASN F 244 -63.50 -23.22 -15.27
N SER F 245 -62.85 -24.29 -14.85
CA SER F 245 -61.99 -24.15 -13.68
C SER F 245 -60.63 -23.57 -14.05
N ALA F 246 -60.26 -23.57 -15.32
CA ALA F 246 -58.93 -23.16 -15.74
C ALA F 246 -58.90 -21.89 -16.56
N GLU F 247 -60.05 -21.28 -16.85
CA GLU F 247 -60.01 -19.96 -17.48
C GLU F 247 -59.56 -18.82 -16.55
N PRO F 248 -60.13 -18.61 -15.34
CA PRO F 248 -59.80 -17.38 -14.61
C PRO F 248 -58.38 -17.30 -14.09
N VAL F 249 -57.68 -18.42 -13.97
CA VAL F 249 -56.25 -18.35 -13.68
C VAL F 249 -55.51 -17.85 -14.91
N LEU F 250 -55.94 -18.28 -16.09
CA LEU F 250 -55.25 -17.90 -17.31
C LEU F 250 -55.49 -16.44 -17.68
N LYS F 251 -56.58 -15.83 -17.21
CA LYS F 251 -56.68 -14.40 -17.47
C LYS F 251 -55.81 -13.60 -16.51
N GLU F 252 -55.38 -14.20 -15.40
CA GLU F 252 -54.40 -13.54 -14.55
C GLU F 252 -53.02 -13.58 -15.18
N LEU F 253 -52.63 -14.73 -15.70
CA LEU F 253 -51.26 -14.90 -16.15
C LEU F 253 -51.03 -14.46 -17.59
N LEU F 254 -51.87 -13.56 -18.11
CA LEU F 254 -51.60 -12.88 -19.36
C LEU F 254 -51.61 -11.37 -19.18
N ASP F 255 -52.18 -10.89 -18.08
CA ASP F 255 -52.14 -9.46 -17.75
C ASP F 255 -50.87 -9.08 -17.02
N MET F 256 -50.12 -10.06 -16.54
CA MET F 256 -48.90 -9.81 -15.76
C MET F 256 -47.74 -10.53 -16.43
N PRO F 257 -47.16 -9.95 -17.47
CA PRO F 257 -46.02 -10.63 -18.10
C PRO F 257 -44.70 -10.29 -17.42
N TYR F 258 -44.69 -10.31 -16.09
CA TYR F 258 -43.53 -9.93 -15.30
C TYR F 258 -43.12 -11.07 -14.38
N ARG F 259 -43.64 -12.26 -14.64
CA ARG F 259 -43.51 -13.41 -13.77
C ARG F 259 -42.56 -14.40 -14.42
N HIS F 260 -42.12 -15.38 -13.64
CA HIS F 260 -41.28 -16.43 -14.21
C HIS F 260 -42.13 -17.39 -15.03
N PRO F 261 -41.62 -17.92 -16.14
CA PRO F 261 -42.45 -18.77 -16.99
C PRO F 261 -42.70 -20.17 -16.45
N GLU F 262 -42.18 -20.51 -15.27
CA GLU F 262 -42.51 -21.78 -14.65
C GLU F 262 -43.97 -21.84 -14.25
N LEU F 263 -44.51 -20.73 -13.77
CA LEU F 263 -45.88 -20.70 -13.28
C LEU F 263 -46.89 -20.84 -14.41
N LEU F 264 -46.57 -20.25 -15.57
CA LEU F 264 -47.45 -20.36 -16.73
C LEU F 264 -47.52 -21.79 -17.22
N TYR F 265 -46.38 -22.47 -17.21
CA TYR F 265 -46.29 -23.80 -17.80
C TYR F 265 -47.03 -24.83 -16.97
N ARG F 266 -47.19 -24.57 -15.67
CA ARG F 266 -47.81 -25.57 -14.80
C ARG F 266 -49.31 -25.67 -15.05
N GLU F 267 -49.98 -24.53 -15.18
CA GLU F 267 -51.43 -24.55 -15.36
C GLU F 267 -51.80 -24.96 -16.78
N LEU F 268 -50.90 -24.74 -17.74
CA LEU F 268 -51.16 -25.17 -19.10
C LEU F 268 -51.07 -26.67 -19.22
N ALA F 269 -50.30 -27.31 -18.34
CA ALA F 269 -50.13 -28.75 -18.42
C ALA F 269 -51.40 -29.47 -17.99
N ARG F 270 -52.11 -28.92 -17.00
CA ARG F 270 -53.38 -29.51 -16.59
C ARG F 270 -54.44 -29.34 -17.67
N LEU F 271 -54.46 -28.18 -18.31
CA LEU F 271 -55.46 -27.91 -19.33
C LEU F 271 -55.21 -28.76 -20.56
N ALA F 272 -53.94 -29.00 -20.87
CA ALA F 272 -53.64 -29.93 -21.96
C ALA F 272 -53.93 -31.36 -21.55
N GLY F 273 -53.78 -31.68 -20.27
CA GLY F 273 -53.94 -33.06 -19.85
C GLY F 273 -55.39 -33.48 -19.80
N SER F 274 -56.26 -32.60 -19.33
CA SER F 274 -57.66 -32.96 -19.14
C SER F 274 -58.40 -33.06 -20.47
N LEU F 275 -57.92 -32.34 -21.49
CA LEU F 275 -58.51 -32.43 -22.80
C LEU F 275 -57.91 -33.53 -23.65
N LEU F 276 -56.95 -34.28 -23.12
CA LEU F 276 -56.48 -35.48 -23.80
C LEU F 276 -57.57 -36.53 -23.87
N THR F 277 -58.34 -36.67 -22.78
CA THR F 277 -59.06 -37.90 -22.41
C THR F 277 -59.99 -38.40 -23.51
N PHE F 278 -60.50 -37.50 -24.33
CA PHE F 278 -61.53 -37.83 -25.30
C PHE F 278 -60.92 -38.18 -26.65
N SER F 279 -59.89 -37.46 -27.05
CA SER F 279 -59.27 -37.69 -28.34
C SER F 279 -58.04 -38.57 -28.28
N LEU F 280 -57.78 -39.23 -27.15
CA LEU F 280 -56.64 -40.14 -27.04
C LEU F 280 -56.81 -41.41 -27.87
N GLU F 281 -57.96 -41.63 -28.51
CA GLU F 281 -58.03 -42.66 -29.53
C GLU F 281 -57.18 -42.28 -30.73
N HIS F 282 -57.03 -40.98 -30.99
CA HIS F 282 -56.29 -40.50 -32.15
C HIS F 282 -54.87 -40.04 -31.79
N ASN F 283 -54.43 -40.26 -30.56
CA ASN F 283 -53.12 -39.80 -30.11
C ASN F 283 -52.59 -40.79 -29.07
N VAL F 284 -51.48 -40.40 -28.44
CA VAL F 284 -50.94 -41.07 -27.26
C VAL F 284 -50.70 -40.00 -26.21
N ASP F 285 -50.07 -40.41 -25.11
CA ASP F 285 -49.87 -39.55 -23.95
C ASP F 285 -48.53 -38.83 -23.98
N ALA F 286 -48.11 -38.39 -25.18
CA ALA F 286 -46.92 -37.57 -25.35
C ALA F 286 -47.23 -36.14 -24.90
N VAL F 287 -46.64 -35.75 -23.78
CA VAL F 287 -46.77 -34.41 -23.22
C VAL F 287 -45.37 -33.81 -23.16
N PRO F 288 -45.14 -32.61 -23.69
CA PRO F 288 -43.76 -32.09 -23.77
C PRO F 288 -43.20 -31.76 -22.40
N ALA F 289 -42.05 -32.35 -22.11
CA ALA F 289 -41.39 -32.16 -20.82
C ALA F 289 -40.75 -30.79 -20.77
N TYR F 290 -40.57 -30.29 -19.55
CA TYR F 290 -40.02 -28.95 -19.37
C TYR F 290 -38.51 -28.99 -19.59
N HIS F 291 -37.99 -27.94 -20.21
CA HIS F 291 -36.60 -27.92 -20.63
C HIS F 291 -36.19 -26.45 -20.70
N HIS F 292 -35.48 -25.98 -19.67
CA HIS F 292 -35.17 -24.57 -19.50
C HIS F 292 -33.92 -24.15 -20.28
N GLU F 293 -33.54 -24.91 -21.25
CA GLU F 293 -32.33 -24.58 -21.98
C GLU F 293 -32.62 -24.16 -23.41
N THR F 294 -33.50 -24.90 -24.10
CA THR F 294 -34.00 -24.51 -25.42
C THR F 294 -35.51 -24.52 -25.33
N PRO F 295 -36.12 -23.39 -24.93
CA PRO F 295 -37.57 -23.37 -24.69
C PRO F 295 -38.41 -23.51 -25.95
N GLU F 296 -37.84 -23.35 -27.14
CA GLU F 296 -38.64 -23.45 -28.35
C GLU F 296 -39.05 -24.87 -28.68
N ASN F 297 -38.51 -25.87 -28.01
CA ASN F 297 -39.04 -27.23 -28.09
C ASN F 297 -40.18 -27.48 -27.13
N VAL F 298 -40.62 -26.48 -26.38
CA VAL F 298 -41.64 -26.71 -25.37
C VAL F 298 -42.90 -25.93 -25.68
N PHE F 299 -42.81 -24.61 -25.72
CA PHE F 299 -44.02 -23.81 -25.85
C PHE F 299 -44.64 -23.83 -27.27
N PRO F 300 -43.91 -23.81 -28.38
CA PRO F 300 -44.58 -24.00 -29.68
C PRO F 300 -45.17 -25.38 -29.89
N PRO F 301 -44.57 -26.50 -29.42
CA PRO F 301 -45.33 -27.76 -29.55
C PRO F 301 -46.54 -27.85 -28.65
N LEU F 302 -46.50 -27.25 -27.47
CA LEU F 302 -47.63 -27.37 -26.55
C LEU F 302 -48.79 -26.51 -26.99
N LEU F 303 -48.52 -25.29 -27.47
CA LEU F 303 -49.61 -24.42 -27.85
C LEU F 303 -50.19 -24.77 -29.22
N SER F 304 -49.41 -25.46 -30.05
CA SER F 304 -49.97 -25.98 -31.29
C SER F 304 -50.73 -27.27 -31.05
N LEU F 305 -50.57 -27.88 -29.87
CA LEU F 305 -51.30 -29.11 -29.57
C LEU F 305 -52.75 -28.82 -29.25
N LEU F 306 -53.01 -27.75 -28.50
CA LEU F 306 -54.35 -27.49 -28.00
C LEU F 306 -55.30 -27.06 -29.09
N ASN F 307 -54.78 -26.39 -30.12
CA ASN F 307 -55.61 -25.93 -31.23
C ASN F 307 -56.19 -27.09 -32.03
N ARG F 308 -55.53 -28.24 -32.00
CA ARG F 308 -56.13 -29.44 -32.58
C ARG F 308 -57.14 -30.05 -31.62
N LEU F 309 -56.89 -29.94 -30.32
CA LEU F 309 -57.76 -30.59 -29.34
C LEU F 309 -58.94 -29.73 -28.92
N LEU F 310 -58.96 -28.46 -29.28
CA LEU F 310 -60.16 -27.67 -29.03
C LEU F 310 -61.14 -27.75 -30.19
N GLU F 311 -60.83 -28.55 -31.20
CA GLU F 311 -61.60 -28.50 -32.42
C GLU F 311 -61.79 -29.90 -32.98
N MET G 1 2.35 -12.63 -0.16
CA MET G 1 3.77 -12.49 -0.44
C MET G 1 4.12 -13.34 -1.65
N LYS G 2 3.88 -12.81 -2.84
CA LYS G 2 4.20 -13.57 -4.04
C LYS G 2 5.69 -13.53 -4.31
N ILE G 3 6.21 -14.63 -4.84
CA ILE G 3 7.64 -14.81 -5.07
C ILE G 3 7.84 -14.84 -6.57
N TYR G 4 8.20 -13.72 -7.15
CA TYR G 4 8.39 -13.62 -8.58
C TYR G 4 9.77 -14.15 -8.95
N ARG G 5 9.95 -14.50 -10.22
CA ARG G 5 11.29 -14.87 -10.66
C ARG G 5 11.50 -14.41 -12.10
N PRO G 6 12.60 -13.72 -12.38
CA PRO G 6 12.69 -13.00 -13.65
C PRO G 6 13.42 -13.76 -14.74
N LEU G 7 13.39 -13.24 -15.95
CA LEU G 7 14.20 -13.74 -17.06
C LEU G 7 15.46 -12.91 -17.20
N TRP G 8 16.56 -13.57 -17.54
CA TRP G 8 17.76 -12.90 -18.02
C TRP G 8 17.94 -13.25 -19.48
N GLU G 9 17.82 -12.25 -20.36
CA GLU G 9 17.97 -12.51 -21.79
C GLU G 9 18.42 -11.22 -22.48
N ASP G 10 19.49 -11.34 -23.27
CA ASP G 10 19.92 -10.42 -24.32
C ASP G 10 19.98 -8.94 -23.95
N GLY G 11 20.47 -8.63 -22.76
CA GLY G 11 20.66 -7.26 -22.36
C GLY G 11 19.47 -6.74 -21.59
N ALA G 12 19.59 -6.74 -20.27
CA ALA G 12 18.46 -6.43 -19.40
C ALA G 12 19.03 -5.60 -18.25
N PHE G 13 18.39 -4.45 -17.99
CA PHE G 13 18.86 -3.48 -17.02
C PHE G 13 18.84 -4.09 -15.64
N LEU G 14 19.99 -4.12 -14.98
CA LEU G 14 20.14 -4.82 -13.71
C LEU G 14 19.39 -4.12 -12.58
N MET G 15 18.25 -4.66 -12.21
CA MET G 15 17.41 -4.01 -11.24
C MET G 15 17.53 -4.71 -9.88
N PRO G 16 17.34 -3.98 -8.78
CA PRO G 16 17.48 -4.60 -7.45
C PRO G 16 16.41 -5.61 -7.13
N GLN G 17 15.26 -5.55 -7.79
CA GLN G 17 14.27 -6.59 -7.55
C GLN G 17 14.72 -7.92 -8.12
N GLN G 18 15.52 -7.90 -9.19
CA GLN G 18 15.81 -9.14 -9.89
C GLN G 18 16.80 -10.02 -9.13
N PHE G 19 17.43 -9.49 -8.08
CA PHE G 19 18.32 -10.31 -7.28
C PHE G 19 17.68 -10.70 -5.95
N GLN G 20 16.80 -9.84 -5.43
CA GLN G 20 16.10 -10.16 -4.19
C GLN G 20 15.09 -11.27 -4.40
N GLN G 21 14.37 -11.23 -5.53
CA GLN G 21 13.41 -12.27 -5.85
C GLN G 21 14.09 -13.61 -6.07
N GLN G 22 15.30 -13.61 -6.63
CA GLN G 22 16.02 -14.86 -6.80
C GLN G 22 16.59 -15.34 -5.47
N ALA G 23 16.89 -14.40 -4.57
CA ALA G 23 17.31 -14.77 -3.23
C ALA G 23 16.17 -15.41 -2.45
N ALA G 24 14.93 -15.02 -2.76
CA ALA G 24 13.78 -15.53 -2.03
C ALA G 24 13.44 -16.95 -2.46
N TRP G 25 13.47 -17.21 -3.76
CA TRP G 25 12.94 -18.45 -4.31
C TRP G 25 13.76 -19.67 -3.91
N ASP G 26 15.03 -19.47 -3.61
CA ASP G 26 15.84 -20.62 -3.20
C ASP G 26 15.85 -20.79 -1.69
N VAL G 27 15.36 -19.79 -0.94
CA VAL G 27 15.03 -20.04 0.46
C VAL G 27 13.81 -20.93 0.54
N HIS G 28 12.83 -20.68 -0.33
CA HIS G 28 11.56 -21.40 -0.28
C HIS G 28 11.73 -22.84 -0.73
N LEU G 29 12.67 -23.10 -1.63
CA LEU G 29 12.94 -24.46 -2.06
C LEU G 29 13.63 -25.26 -0.97
N ALA G 30 14.31 -24.58 -0.05
CA ALA G 30 14.98 -25.29 1.03
C ALA G 30 13.98 -25.89 1.99
N ASP G 31 12.85 -25.22 2.21
CA ASP G 31 11.86 -25.75 3.14
C ASP G 31 11.02 -26.84 2.52
N SER G 32 10.73 -26.73 1.23
CA SER G 32 9.88 -27.73 0.59
C SER G 32 10.57 -29.08 0.53
N VAL G 33 11.90 -29.08 0.43
CA VAL G 33 12.64 -30.32 0.61
C VAL G 33 12.68 -30.67 2.09
N ALA G 34 12.68 -29.67 2.96
CA ALA G 34 12.77 -29.95 4.38
C ALA G 34 11.45 -30.41 4.97
N ARG G 35 10.33 -30.31 4.26
CA ARG G 35 9.09 -30.75 4.90
C ARG G 35 8.95 -32.26 4.88
N MET G 36 8.68 -32.84 3.69
CA MET G 36 9.01 -34.20 3.23
C MET G 36 9.11 -35.28 4.31
N GLY G 37 8.18 -35.28 5.26
CA GLY G 37 8.33 -36.12 6.41
C GLY G 37 8.93 -35.46 7.66
N LEU G 38 8.57 -34.21 7.94
CA LEU G 38 8.91 -33.55 9.19
C LEU G 38 7.71 -32.72 9.66
N ALA G 39 7.91 -31.90 10.70
CA ALA G 39 6.80 -31.29 11.42
C ALA G 39 6.66 -29.78 11.19
N HIS G 40 7.75 -29.03 11.33
CA HIS G 40 7.84 -27.60 11.03
C HIS G 40 6.91 -26.57 11.67
N PRO G 41 6.72 -26.60 13.01
CA PRO G 41 6.86 -25.34 13.78
C PRO G 41 8.26 -25.19 14.37
N TRP G 42 9.25 -24.97 13.51
CA TRP G 42 10.65 -25.29 13.81
C TRP G 42 11.28 -24.32 14.79
N GLY G 43 12.54 -24.58 15.13
CA GLY G 43 13.08 -24.12 16.39
C GLY G 43 14.57 -23.83 16.52
N VAL G 44 15.18 -24.39 17.57
CA VAL G 44 16.47 -23.96 18.08
C VAL G 44 17.46 -25.12 18.02
N VAL G 45 18.68 -24.84 17.55
CA VAL G 45 19.77 -25.81 17.52
C VAL G 45 20.70 -25.62 18.70
N ALA G 46 21.23 -24.42 18.87
CA ALA G 46 22.20 -24.18 19.93
C ALA G 46 21.93 -22.83 20.58
N ALA G 47 22.09 -22.78 21.90
CA ALA G 47 21.83 -21.58 22.69
C ALA G 47 22.71 -21.60 23.92
N GLU G 48 23.66 -20.68 24.00
CA GLU G 48 24.66 -20.64 25.06
C GLU G 48 24.73 -19.25 25.66
N PHE G 49 24.68 -19.17 26.99
CA PHE G 49 24.45 -17.90 27.69
C PHE G 49 25.62 -17.49 28.58
N ASP G 50 25.37 -16.42 29.34
CA ASP G 50 26.32 -15.85 30.28
C ASP G 50 25.62 -15.72 31.63
N ASP G 51 26.26 -16.23 32.68
CA ASP G 51 25.65 -16.30 34.00
C ASP G 51 26.33 -15.36 34.99
N SER G 52 27.29 -14.57 34.55
CA SER G 52 28.08 -13.73 35.44
C SER G 52 27.28 -12.61 36.08
N LEU G 53 26.49 -11.88 35.30
CA LEU G 53 25.86 -10.67 35.77
C LEU G 53 24.48 -10.91 36.39
N LEU G 54 24.13 -12.16 36.66
CA LEU G 54 22.88 -12.50 37.32
C LEU G 54 22.73 -11.99 38.76
N PRO G 55 23.80 -11.81 39.56
CA PRO G 55 23.63 -10.98 40.77
C PRO G 55 23.19 -9.55 40.49
N LEU G 56 23.49 -9.00 39.33
CA LEU G 56 22.92 -7.74 38.91
C LEU G 56 21.68 -8.00 38.06
N SER G 57 21.07 -6.93 37.57
CA SER G 57 19.94 -7.04 36.66
C SER G 57 20.41 -6.95 35.22
N ARG G 58 21.32 -7.85 34.86
CA ARG G 58 21.82 -7.93 33.50
C ARG G 58 21.83 -9.39 33.07
N LEU G 59 21.68 -9.61 31.76
CA LEU G 59 21.71 -10.93 31.16
C LEU G 59 22.00 -10.78 29.68
N ASN G 60 23.01 -11.50 29.20
CA ASN G 60 23.45 -11.35 27.83
C ASN G 60 23.70 -12.73 27.23
N ALA G 61 23.39 -12.87 25.94
CA ALA G 61 23.50 -14.12 25.22
C ALA G 61 24.81 -14.17 24.45
N THR G 62 25.42 -15.35 24.38
CA THR G 62 26.76 -15.48 23.83
C THR G 62 26.81 -16.23 22.50
N ARG G 63 25.88 -17.15 22.25
CA ARG G 63 25.84 -17.89 20.99
C ARG G 63 24.43 -18.42 20.80
N LEU G 64 23.89 -18.26 19.59
CA LEU G 64 22.53 -18.69 19.27
C LEU G 64 22.46 -19.24 17.86
N ILE G 65 21.90 -20.44 17.71
CA ILE G 65 21.61 -21.02 16.40
C ILE G 65 20.12 -21.33 16.38
N VAL G 66 19.34 -20.58 15.59
CA VAL G 66 17.88 -20.69 15.59
C VAL G 66 17.41 -20.76 14.15
N ARG G 67 16.45 -21.66 13.89
CA ARG G 67 15.76 -21.71 12.60
C ARG G 67 14.29 -21.41 12.82
N PHE G 68 13.85 -20.25 12.34
CA PHE G 68 12.47 -19.79 12.56
C PHE G 68 11.50 -20.54 11.66
N PRO G 69 10.22 -20.64 12.05
CA PRO G 69 9.26 -21.44 11.27
C PRO G 69 8.84 -20.82 9.96
N ASP G 70 9.27 -19.62 9.60
CA ASP G 70 9.10 -19.16 8.23
C ASP G 70 10.24 -19.62 7.33
N GLY G 71 11.23 -20.31 7.89
CA GLY G 71 12.36 -20.81 7.13
C GLY G 71 13.59 -19.93 7.13
N THR G 72 13.65 -18.93 7.99
CA THR G 72 14.80 -18.04 8.06
C THR G 72 15.74 -18.52 9.15
N LEU G 73 17.05 -18.50 8.86
CA LEU G 73 18.06 -19.07 9.74
C LEU G 73 18.85 -17.97 10.43
N ILE G 74 19.21 -18.20 11.70
CA ILE G 74 20.08 -17.32 12.45
C ILE G 74 21.28 -18.14 12.93
N ASP G 75 22.48 -17.76 12.46
CA ASP G 75 23.69 -18.56 12.67
C ASP G 75 24.76 -17.61 13.22
N THR G 76 24.69 -17.33 14.54
CA THR G 76 25.39 -16.17 15.15
C THR G 76 26.88 -16.26 15.13
N GLU G 77 27.50 -17.25 14.51
CA GLU G 77 28.89 -17.15 14.12
C GLU G 77 29.09 -16.64 12.70
N ARG G 78 28.01 -16.50 11.91
CA ARG G 78 28.11 -16.20 10.48
C ARG G 78 26.93 -15.33 10.04
N ALA G 79 27.23 -14.05 9.77
CA ALA G 79 26.36 -13.02 9.16
C ALA G 79 25.18 -12.59 10.02
N ASP G 80 25.39 -12.52 11.34
CA ASP G 80 24.39 -12.02 12.28
C ASP G 80 25.08 -11.75 13.61
N ASN G 81 24.66 -10.67 14.25
CA ASN G 81 25.35 -10.12 15.41
C ASN G 81 24.58 -10.46 16.68
N LEU G 82 25.27 -10.41 17.81
CA LEU G 82 24.64 -10.76 19.07
C LEU G 82 23.73 -9.62 19.55
N PRO G 83 22.62 -9.93 20.20
CA PRO G 83 21.65 -8.90 20.57
C PRO G 83 22.11 -8.13 21.80
N PRO G 84 21.51 -6.97 22.09
CA PRO G 84 21.88 -6.23 23.31
C PRO G 84 21.45 -6.92 24.59
N VAL G 85 21.90 -6.39 25.71
CA VAL G 85 21.69 -7.01 27.02
C VAL G 85 20.25 -6.76 27.45
N CYS G 86 19.61 -7.78 27.99
CA CYS G 86 18.26 -7.63 28.54
C CYS G 86 18.31 -6.89 29.88
N ASP G 87 17.13 -6.50 30.35
CA ASP G 87 17.00 -5.69 31.56
C ASP G 87 16.00 -6.37 32.49
N LEU G 88 16.32 -6.39 33.78
CA LEU G 88 15.49 -7.01 34.80
C LEU G 88 15.02 -6.00 35.83
N SER G 89 15.16 -4.72 35.53
CA SER G 89 14.88 -3.66 36.48
C SER G 89 13.41 -3.49 36.80
N THR G 90 12.52 -4.02 35.98
CA THR G 90 11.09 -3.76 36.16
C THR G 90 10.39 -5.05 36.56
N VAL G 91 10.99 -5.81 37.47
CA VAL G 91 10.45 -7.09 37.88
C VAL G 91 10.13 -7.04 39.37
N SER G 92 8.89 -7.43 39.71
CA SER G 92 8.44 -7.54 41.09
C SER G 92 8.64 -8.95 41.64
N ASP G 93 8.24 -9.96 40.89
CA ASP G 93 8.34 -11.36 41.30
C ASP G 93 9.05 -12.17 40.23
N ARG G 94 9.89 -13.11 40.69
CA ARG G 94 10.96 -13.65 39.87
C ARG G 94 10.62 -14.96 39.18
N SER G 95 9.44 -15.51 39.39
CA SER G 95 9.04 -16.68 38.62
C SER G 95 8.46 -16.32 37.27
N LEU G 96 8.19 -15.03 37.03
CA LEU G 96 7.45 -14.60 35.85
C LEU G 96 8.28 -14.72 34.58
N VAL G 97 9.60 -14.66 34.72
CA VAL G 97 10.47 -14.36 33.58
C VAL G 97 10.56 -15.56 32.65
N ASP G 98 10.15 -15.35 31.40
CA ASP G 98 10.25 -16.34 30.35
C ASP G 98 10.83 -15.63 29.13
N ILE G 99 12.13 -15.77 28.91
CA ILE G 99 12.83 -15.01 27.89
C ILE G 99 12.61 -15.66 26.54
N VAL G 100 12.28 -14.84 25.54
CA VAL G 100 11.98 -15.30 24.19
C VAL G 100 12.67 -14.39 23.18
N LEU G 101 13.49 -15.01 22.33
CA LEU G 101 14.28 -14.31 21.33
C LEU G 101 13.36 -13.84 20.21
N ALA G 102 13.21 -12.53 20.07
CA ALA G 102 12.33 -11.95 19.06
C ALA G 102 13.09 -11.62 17.78
N LEU G 103 12.33 -11.25 16.74
CA LEU G 103 12.78 -10.82 15.41
C LEU G 103 11.59 -10.22 14.68
N PRO G 104 11.68 -8.99 14.17
CA PRO G 104 10.53 -8.37 13.51
C PRO G 104 10.08 -9.09 12.24
N LEU G 105 8.83 -8.86 11.89
CA LEU G 105 8.18 -9.53 10.78
C LEU G 105 8.18 -8.66 9.54
N LEU G 106 8.49 -9.27 8.40
CA LEU G 106 8.65 -8.58 7.13
C LEU G 106 7.31 -8.34 6.45
N ASN G 107 7.14 -7.15 5.88
CA ASN G 107 5.98 -6.85 5.05
C ASN G 107 6.41 -6.63 3.60
N ALA G 108 5.42 -6.48 2.73
CA ALA G 108 5.66 -6.38 1.30
C ALA G 108 5.71 -4.94 0.83
N ASN G 109 5.95 -4.00 1.74
CA ASN G 109 6.11 -2.62 1.33
C ASN G 109 7.13 -1.84 2.14
N GLY G 110 7.80 -2.50 3.09
CA GLY G 110 8.71 -1.82 3.99
C GLY G 110 10.16 -2.00 3.64
N GLY G 111 10.92 -2.70 4.47
CA GLY G 111 12.28 -3.03 4.10
C GLY G 111 13.31 -2.86 5.19
N ASN G 112 14.38 -2.13 4.90
CA ASN G 112 15.43 -1.97 5.89
C ASN G 112 15.04 -0.93 6.94
N LEU G 113 15.52 -1.14 8.17
CA LEU G 113 15.23 -0.23 9.27
C LEU G 113 16.25 0.88 9.19
N ASP G 114 15.96 1.85 8.33
CA ASP G 114 16.71 3.08 8.25
C ASP G 114 16.66 3.82 9.58
N ASN G 115 17.82 3.92 10.22
CA ASN G 115 17.94 4.78 11.37
C ASN G 115 17.81 6.23 10.92
N GLY G 116 17.38 7.09 11.84
CA GLY G 116 17.04 8.43 11.44
C GLY G 116 15.56 8.70 11.36
N SER G 117 14.74 7.67 11.50
CA SER G 117 13.30 7.82 11.53
C SER G 117 12.73 6.83 12.53
N GLU G 118 11.61 7.19 13.14
CA GLU G 118 10.97 6.41 14.19
C GLU G 118 9.78 5.66 13.63
N SER G 119 9.39 4.59 14.34
CA SER G 119 8.26 3.78 13.92
C SER G 119 7.72 3.02 15.12
N GLU G 120 6.49 2.54 14.97
CA GLU G 120 5.83 1.67 15.93
C GLU G 120 6.05 0.20 15.62
N ARG G 121 6.74 -0.10 14.52
CA ARG G 121 7.04 -1.47 14.15
C ARG G 121 8.45 -1.55 13.57
N PRO G 122 9.29 -2.42 14.09
CA PRO G 122 10.68 -2.46 13.62
C PRO G 122 10.88 -3.40 12.45
N ARG G 123 12.06 -3.38 11.83
CA ARG G 123 12.36 -4.17 10.64
C ARG G 123 13.80 -4.66 10.73
N ARG G 124 14.16 -5.61 9.86
CA ARG G 124 15.58 -5.96 9.71
C ARG G 124 16.31 -4.82 9.01
N TRP G 125 17.63 -4.83 9.05
CA TRP G 125 18.31 -3.57 8.79
C TRP G 125 19.72 -3.72 8.25
N LYS G 126 20.05 -2.88 7.29
CA LYS G 126 21.43 -2.68 6.86
C LYS G 126 22.25 -2.13 8.01
N SER G 127 23.32 -2.84 8.35
CA SER G 127 24.10 -2.49 9.51
C SER G 127 25.46 -1.92 9.14
N GLU G 128 26.25 -2.67 8.40
CA GLU G 128 27.68 -2.46 8.37
C GLU G 128 28.18 -2.32 6.94
N ARG G 129 29.42 -1.86 6.84
CA ARG G 129 30.12 -1.70 5.57
C ARG G 129 31.55 -2.15 5.86
N VAL G 130 31.84 -3.42 5.59
CA VAL G 130 33.04 -4.06 6.12
C VAL G 130 33.97 -4.55 5.03
N ASN G 131 35.20 -4.87 5.40
CA ASN G 131 36.28 -5.21 4.48
C ASN G 131 36.22 -6.72 4.22
N VAL G 132 35.69 -7.09 3.05
CA VAL G 132 35.53 -8.48 2.63
C VAL G 132 36.18 -8.61 1.26
N GLN G 133 37.12 -9.55 1.11
CA GLN G 133 37.98 -9.52 -0.06
C GLN G 133 38.31 -10.85 -0.72
N GLU G 134 37.97 -11.93 -0.06
CA GLU G 134 38.93 -13.01 0.09
C GLU G 134 39.13 -13.89 -1.13
N LEU G 135 38.08 -14.59 -1.58
CA LEU G 135 38.24 -15.78 -2.41
C LEU G 135 38.77 -15.50 -3.82
N ALA G 136 38.81 -14.24 -4.24
CA ALA G 136 39.29 -13.93 -5.58
C ALA G 136 40.82 -14.02 -5.65
N GLY G 137 41.50 -13.31 -4.76
CA GLY G 137 42.89 -12.97 -4.93
C GLY G 137 43.45 -12.34 -3.67
N HIS G 138 44.13 -11.20 -3.81
CA HIS G 138 44.74 -10.53 -2.67
C HIS G 138 44.23 -9.10 -2.47
N GLU G 139 43.31 -8.62 -3.31
CA GLU G 139 42.89 -7.22 -3.33
C GLU G 139 41.67 -7.03 -2.44
N GLN G 140 41.59 -5.90 -1.76
CA GLN G 140 40.53 -5.68 -0.77
C GLN G 140 39.57 -4.57 -1.19
N SER G 141 38.39 -4.58 -0.58
CA SER G 141 37.36 -3.58 -0.79
C SER G 141 36.38 -3.63 0.38
N GLU G 142 35.43 -2.69 0.39
CA GLU G 142 34.43 -2.59 1.44
C GLU G 142 33.05 -2.88 0.86
N VAL G 143 32.34 -3.85 1.45
CA VAL G 143 31.07 -4.33 0.94
C VAL G 143 30.01 -4.13 2.03
N ALA G 144 28.82 -3.69 1.63
CA ALA G 144 27.72 -3.48 2.57
C ALA G 144 26.98 -4.79 2.77
N VAL G 145 26.97 -5.28 4.02
CA VAL G 145 26.30 -6.53 4.36
C VAL G 145 25.15 -6.20 5.30
N LEU G 146 24.44 -7.23 5.74
CA LEU G 146 23.26 -7.04 6.58
C LEU G 146 23.32 -7.88 7.85
N ARG G 147 22.76 -7.33 8.93
CA ARG G 147 22.55 -8.03 10.18
C ARG G 147 21.07 -7.97 10.51
N HIS G 148 20.51 -9.08 11.01
CA HIS G 148 19.10 -9.07 11.37
C HIS G 148 18.89 -8.36 12.70
N ASN G 149 17.68 -7.85 12.89
CA ASN G 149 17.36 -6.97 14.01
C ASN G 149 16.95 -7.78 15.23
N LEU G 150 17.83 -8.65 15.68
CA LEU G 150 17.49 -9.56 16.75
C LEU G 150 17.51 -8.84 18.09
N THR G 151 16.55 -9.19 18.93
CA THR G 151 16.47 -8.65 20.28
C THR G 151 15.85 -9.70 21.17
N LEU G 152 16.07 -9.53 22.48
CA LEU G 152 15.55 -10.46 23.46
C LEU G 152 14.37 -9.82 24.16
N ARG G 153 13.22 -10.49 24.10
CA ARG G 153 12.08 -10.05 24.90
C ARG G 153 11.59 -11.16 25.81
N MET G 154 10.45 -10.93 26.44
CA MET G 154 9.94 -11.76 27.49
C MET G 154 8.50 -12.09 27.14
N ALA G 155 7.94 -13.10 27.79
CA ALA G 155 6.50 -13.21 27.85
C ALA G 155 5.94 -12.02 28.63
N HIS G 156 4.62 -11.82 28.49
CA HIS G 156 3.92 -10.53 28.41
C HIS G 156 4.27 -9.86 27.09
N GLN G 157 4.29 -10.65 26.02
CA GLN G 157 4.40 -10.14 24.66
C GLN G 157 3.18 -9.28 24.36
N GLU G 158 3.41 -7.99 24.17
CA GLU G 158 2.32 -7.05 23.99
C GLU G 158 2.36 -6.50 22.58
N ASN G 159 1.20 -6.50 21.90
CA ASN G 159 1.06 -6.18 20.48
C ASN G 159 1.95 -7.09 19.63
N ALA G 160 1.53 -8.36 19.59
CA ALA G 160 2.40 -9.42 19.09
C ALA G 160 2.63 -9.32 17.59
N ALA G 161 3.69 -8.59 17.24
CA ALA G 161 4.51 -8.85 16.08
C ALA G 161 5.60 -9.79 16.58
N TRP G 162 6.70 -9.89 15.82
CA TRP G 162 7.89 -10.65 16.20
C TRP G 162 7.58 -12.14 16.38
N LEU G 163 7.10 -12.79 15.33
CA LEU G 163 6.61 -14.16 15.48
C LEU G 163 7.78 -15.13 15.59
N THR G 164 8.04 -15.60 16.81
CA THR G 164 9.37 -16.09 17.20
C THR G 164 9.27 -17.13 18.32
N CYS G 165 10.42 -17.41 18.97
CA CYS G 165 10.68 -18.66 19.69
C CYS G 165 11.30 -18.46 21.07
N PRO G 166 10.91 -19.30 22.05
CA PRO G 166 11.42 -19.15 23.42
C PRO G 166 12.71 -19.91 23.67
N VAL G 167 13.54 -19.35 24.57
CA VAL G 167 14.90 -19.86 24.75
C VAL G 167 15.23 -20.33 26.16
N THR G 168 14.63 -19.73 27.19
CA THR G 168 15.01 -20.03 28.58
C THR G 168 13.97 -19.47 29.53
N ARG G 169 14.18 -19.72 30.82
CA ARG G 169 13.29 -19.29 31.88
C ARG G 169 14.13 -19.04 33.13
N LEU G 170 13.73 -18.08 33.94
CA LEU G 170 14.49 -17.71 35.13
C LEU G 170 13.60 -17.72 36.37
N VAL G 171 14.20 -18.05 37.52
CA VAL G 171 13.49 -18.15 38.77
C VAL G 171 14.28 -17.41 39.85
N ARG G 172 13.79 -17.49 41.08
CA ARG G 172 14.42 -16.87 42.23
C ARG G 172 15.29 -17.86 42.98
N ASP G 173 16.47 -17.40 43.38
CA ASP G 173 17.39 -18.18 44.20
C ASP G 173 16.82 -18.36 45.62
N ALA G 174 17.38 -19.33 46.34
CA ALA G 174 17.12 -19.43 47.77
C ALA G 174 17.77 -18.28 48.54
N GLN G 175 18.80 -17.64 47.97
CA GLN G 175 19.42 -16.47 48.55
C GLN G 175 18.67 -15.17 48.25
N GLY G 176 17.57 -15.25 47.51
CA GLY G 176 16.84 -14.07 47.07
C GLY G 176 17.30 -13.54 45.73
N GLN G 177 18.30 -14.16 45.12
CA GLN G 177 18.83 -13.71 43.84
C GLN G 177 18.06 -14.35 42.70
N TRP G 178 18.58 -14.22 41.50
CA TRP G 178 18.06 -14.87 40.31
C TRP G 178 18.76 -16.20 40.08
N CYS G 179 18.06 -17.11 39.40
CA CYS G 179 18.66 -18.35 38.95
C CYS G 179 18.16 -18.66 37.54
N ARG G 180 18.87 -19.59 36.91
CA ARG G 180 18.52 -20.16 35.63
C ARG G 180 18.18 -21.63 35.86
N ASP G 181 16.90 -21.97 35.70
CA ASP G 181 16.46 -23.27 36.23
C ASP G 181 16.90 -24.44 35.35
N PRO G 182 17.30 -25.55 35.97
CA PRO G 182 17.66 -26.74 35.20
C PRO G 182 16.49 -27.60 34.75
N ARG G 183 15.27 -27.09 34.79
CA ARG G 183 14.11 -27.80 34.26
C ARG G 183 13.46 -26.91 33.22
N PHE G 184 14.00 -26.98 32.00
CA PHE G 184 13.48 -26.23 30.88
C PHE G 184 13.87 -26.97 29.62
N ILE G 185 12.95 -27.09 28.67
CA ILE G 185 13.30 -27.63 27.36
C ILE G 185 12.73 -26.71 26.28
N PRO G 186 13.58 -26.08 25.48
CA PRO G 186 13.10 -25.26 24.37
C PRO G 186 12.64 -26.15 23.23
N PRO G 187 12.01 -25.60 22.19
CA PRO G 187 11.70 -26.43 21.01
C PRO G 187 12.97 -26.88 20.31
N LEU G 188 13.14 -28.19 20.20
CA LEU G 188 14.41 -28.76 19.80
C LEU G 188 14.41 -29.11 18.32
N LEU G 189 15.35 -28.53 17.58
CA LEU G 189 15.72 -29.17 16.32
C LEU G 189 16.69 -30.29 16.51
N THR G 190 17.69 -30.12 17.35
CA THR G 190 18.67 -31.15 17.60
C THR G 190 18.70 -31.44 19.09
N LEU G 191 19.17 -32.62 19.43
CA LEU G 191 19.40 -32.88 20.84
C LEU G 191 20.68 -32.18 21.29
N SER G 192 20.93 -32.27 22.59
CA SER G 192 22.05 -31.64 23.30
C SER G 192 22.07 -30.11 23.18
N ALA G 193 20.99 -29.50 22.70
CA ALA G 193 20.77 -28.09 23.00
C ALA G 193 20.59 -27.93 24.50
N SER G 194 19.73 -28.74 25.09
CA SER G 194 19.64 -28.87 26.53
C SER G 194 20.38 -30.14 26.91
N PRO G 195 21.51 -30.06 27.60
CA PRO G 195 22.17 -31.28 28.06
C PRO G 195 21.43 -31.98 29.19
N SER G 196 20.44 -31.33 29.80
CA SER G 196 19.62 -31.94 30.85
C SER G 196 18.84 -33.14 30.34
N LEU G 197 18.34 -33.08 29.11
CA LEU G 197 17.67 -34.22 28.50
C LEU G 197 18.63 -35.35 28.20
N MET G 198 19.84 -35.02 27.74
CA MET G 198 20.80 -36.03 27.35
C MET G 198 21.35 -36.78 28.56
N THR G 199 21.27 -36.15 29.74
CA THR G 199 21.69 -36.83 30.96
C THR G 199 20.74 -37.97 31.31
N GLU G 200 19.44 -37.71 31.25
CA GLU G 200 18.47 -38.73 31.64
C GLU G 200 18.26 -39.76 30.54
N LEU G 201 18.68 -39.46 29.31
CA LEU G 201 18.69 -40.49 28.29
C LEU G 201 19.78 -41.52 28.57
N LEU G 202 20.87 -41.08 29.20
CA LEU G 202 21.94 -42.02 29.55
C LEU G 202 21.52 -42.93 30.67
N GLU G 203 20.86 -42.38 31.71
CA GLU G 203 20.40 -43.20 32.82
C GLU G 203 19.30 -44.15 32.38
N LEU G 204 18.53 -43.76 31.36
CA LEU G 204 17.50 -44.63 30.82
C LEU G 204 18.08 -45.88 30.19
N LEU G 205 19.10 -45.71 29.34
CA LEU G 205 19.72 -46.86 28.70
C LEU G 205 20.51 -47.69 29.70
N HIS G 206 20.95 -47.06 30.79
CA HIS G 206 21.75 -47.77 31.79
C HIS G 206 20.90 -48.77 32.57
N HIS G 207 19.63 -48.44 32.80
CA HIS G 207 18.72 -49.41 33.39
C HIS G 207 18.28 -50.46 32.38
N LEU G 208 18.41 -50.16 31.09
CA LEU G 208 17.87 -51.04 30.07
C LEU G 208 18.75 -52.27 29.90
N GLN G 209 20.05 -52.06 29.74
CA GLN G 209 20.96 -53.19 29.55
C GLN G 209 21.15 -53.99 30.82
N ALA G 210 21.18 -53.31 31.97
CA ALA G 210 21.42 -53.99 33.25
C ALA G 210 20.25 -54.89 33.62
N ARG G 211 19.04 -54.56 33.15
CA ARG G 211 17.95 -55.51 33.26
C ARG G 211 18.06 -56.60 32.22
N ARG G 212 18.62 -56.27 31.05
CA ARG G 212 18.61 -57.20 29.93
C ARG G 212 19.58 -58.35 30.15
N GLN G 213 20.69 -58.12 30.85
CA GLN G 213 21.66 -59.18 31.10
C GLN G 213 21.09 -60.24 32.03
N ARG G 214 20.16 -59.84 32.89
CA ARG G 214 19.69 -60.73 33.93
C ARG G 214 18.62 -61.67 33.42
N LEU G 215 17.85 -61.22 32.44
CA LEU G 215 16.92 -62.10 31.77
C LEU G 215 17.65 -63.07 30.85
N MET G 216 18.83 -62.67 30.37
CA MET G 216 19.73 -63.62 29.73
C MET G 216 20.26 -64.63 30.74
N SER G 217 20.46 -64.22 31.98
CA SER G 217 21.07 -65.08 32.97
C SER G 217 20.13 -66.18 33.46
N MET G 218 18.83 -66.04 33.26
CA MET G 218 17.96 -67.15 33.56
C MET G 218 17.87 -68.15 32.42
N ARG G 219 18.44 -67.83 31.26
CA ARG G 219 18.34 -68.75 30.14
C ARG G 219 19.25 -69.96 30.31
N ARG G 220 20.32 -69.85 31.11
CA ARG G 220 21.15 -71.00 31.43
C ARG G 220 20.39 -72.03 32.25
N GLU G 221 19.34 -71.61 32.95
CA GLU G 221 18.30 -72.51 33.40
C GLU G 221 17.26 -72.75 32.31
N ASN G 222 16.85 -71.70 31.60
CA ASN G 222 15.71 -71.83 30.69
C ASN G 222 16.09 -72.55 29.40
N ASN G 223 17.37 -72.84 29.19
CA ASN G 223 17.72 -73.83 28.19
C ASN G 223 17.20 -75.20 28.56
N ALA G 224 17.43 -75.63 29.80
CA ALA G 224 17.00 -76.93 30.29
C ALA G 224 15.78 -76.87 31.21
N ARG G 225 15.12 -75.71 31.30
CA ARG G 225 13.83 -75.64 31.98
C ARG G 225 12.69 -75.39 30.99
N LEU G 226 12.82 -75.87 29.76
CA LEU G 226 11.70 -75.97 28.83
C LEU G 226 11.01 -77.31 28.91
N ALA G 227 11.02 -77.94 30.09
CA ALA G 227 10.41 -79.24 30.31
C ALA G 227 8.90 -79.06 30.29
N ASP G 228 8.34 -79.02 29.08
CA ASP G 228 6.95 -78.70 28.79
C ASP G 228 6.56 -77.34 29.39
N PHE G 229 7.21 -76.31 28.83
CA PHE G 229 7.14 -74.96 29.40
C PHE G 229 5.76 -74.36 29.21
N ALA G 230 5.28 -73.69 30.25
CA ALA G 230 3.94 -73.13 30.28
C ALA G 230 3.97 -71.69 29.79
N VAL G 231 2.86 -70.95 29.96
CA VAL G 231 2.82 -69.54 29.57
C VAL G 231 3.60 -68.64 30.50
N ALA G 232 4.00 -69.15 31.68
CA ALA G 232 4.85 -68.39 32.58
C ALA G 232 6.22 -68.14 31.96
N ASP G 233 6.68 -69.03 31.10
CA ASP G 233 7.86 -68.77 30.30
C ASP G 233 7.57 -67.95 29.06
N VAL G 234 6.34 -67.98 28.53
CA VAL G 234 6.09 -67.17 27.35
C VAL G 234 5.87 -65.72 27.74
N SER G 235 5.55 -65.46 29.01
CA SER G 235 5.59 -64.09 29.49
C SER G 235 7.02 -63.56 29.53
N LEU G 236 7.98 -64.47 29.68
CA LEU G 236 9.39 -64.10 29.55
C LEU G 236 9.78 -63.96 28.08
N PHE G 237 9.18 -64.78 27.20
CA PHE G 237 9.52 -64.73 25.79
C PHE G 237 9.03 -63.45 25.14
N TRP G 238 7.89 -62.93 25.58
CA TRP G 238 7.50 -61.63 25.05
C TRP G 238 8.24 -60.51 25.75
N LEU G 239 8.91 -60.82 26.85
CA LEU G 239 9.63 -59.77 27.58
C LEU G 239 10.99 -59.51 26.97
N LEU G 240 11.74 -60.56 26.65
CA LEU G 240 13.01 -60.38 25.95
C LEU G 240 12.82 -59.83 24.55
N ASN G 241 11.71 -60.20 23.89
CA ASN G 241 11.43 -59.73 22.53
C ASN G 241 11.25 -58.22 22.51
N ALA G 242 10.61 -57.68 23.54
CA ALA G 242 10.38 -56.24 23.61
C ALA G 242 11.69 -55.50 23.87
N LEU G 243 12.61 -56.13 24.59
CA LEU G 243 13.85 -55.45 24.91
C LEU G 243 14.84 -55.53 23.77
N ASN G 244 15.16 -56.75 23.33
CA ASN G 244 16.29 -56.98 22.45
C ASN G 244 16.05 -56.57 21.01
N SER G 245 14.82 -56.27 20.63
CA SER G 245 14.59 -55.61 19.35
C SER G 245 14.79 -54.11 19.44
N ALA G 246 14.99 -53.58 20.64
CA ALA G 246 15.11 -52.14 20.82
C ALA G 246 16.47 -51.71 21.34
N GLU G 247 17.25 -52.63 21.90
CA GLU G 247 18.59 -52.26 22.38
C GLU G 247 19.57 -51.94 21.26
N PRO G 248 19.68 -52.69 20.15
CA PRO G 248 20.56 -52.23 19.07
C PRO G 248 20.10 -50.98 18.36
N VAL G 249 18.81 -50.62 18.44
CA VAL G 249 18.38 -49.38 17.80
C VAL G 249 18.80 -48.19 18.63
N LEU G 250 18.49 -48.22 19.93
CA LEU G 250 18.81 -47.11 20.80
C LEU G 250 20.29 -46.94 21.05
N LYS G 251 21.07 -48.01 20.96
CA LYS G 251 22.51 -47.89 21.18
C LYS G 251 23.18 -47.12 20.06
N GLU G 252 22.62 -47.17 18.86
CA GLU G 252 23.02 -46.24 17.81
C GLU G 252 22.70 -44.81 18.20
N LEU G 253 21.56 -44.60 18.83
CA LEU G 253 21.09 -43.26 19.12
C LEU G 253 21.64 -42.69 20.43
N LEU G 254 22.81 -43.16 20.87
CA LEU G 254 23.62 -42.37 21.79
C LEU G 254 24.35 -41.26 21.06
N ASP G 255 24.60 -41.46 19.77
CA ASP G 255 25.42 -40.58 18.97
C ASP G 255 24.60 -39.54 18.24
N MET G 256 23.54 -39.05 18.87
CA MET G 256 22.50 -38.32 18.15
C MET G 256 22.78 -36.89 17.71
N PRO G 257 23.69 -36.05 18.35
CA PRO G 257 23.36 -34.63 18.59
C PRO G 257 23.01 -33.75 17.39
N TYR G 258 22.96 -34.33 16.20
CA TYR G 258 22.63 -33.66 14.96
C TYR G 258 21.55 -34.40 14.20
N ARG G 259 20.44 -34.73 14.87
CA ARG G 259 19.24 -35.20 14.18
C ARG G 259 18.01 -34.84 14.98
N HIS G 260 16.86 -34.80 14.30
CA HIS G 260 15.61 -34.26 14.82
C HIS G 260 15.02 -35.22 15.86
N PRO G 261 14.37 -34.71 16.91
CA PRO G 261 13.91 -35.61 17.98
C PRO G 261 12.76 -36.51 17.61
N GLU G 262 11.99 -36.21 16.56
CA GLU G 262 10.81 -37.03 16.33
C GLU G 262 11.14 -38.37 15.69
N LEU G 263 12.39 -38.60 15.30
CA LEU G 263 12.82 -39.96 15.00
C LEU G 263 13.04 -40.73 16.28
N LEU G 264 13.48 -40.06 17.34
CA LEU G 264 13.64 -40.71 18.63
C LEU G 264 12.28 -41.02 19.24
N TYR G 265 11.26 -40.28 18.84
CA TYR G 265 9.94 -40.48 19.44
C TYR G 265 9.29 -41.75 18.92
N ARG G 266 9.68 -42.20 17.73
CA ARG G 266 9.09 -43.40 17.17
C ARG G 266 9.64 -44.67 17.79
N GLU G 267 10.84 -44.63 18.36
CA GLU G 267 11.43 -45.85 18.90
C GLU G 267 11.15 -45.97 20.39
N LEU G 268 10.88 -44.86 21.06
CA LEU G 268 10.39 -44.95 22.44
C LEU G 268 8.95 -45.42 22.47
N ALA G 269 8.15 -45.00 21.51
CA ALA G 269 6.72 -45.31 21.53
C ALA G 269 6.48 -46.78 21.22
N ARG G 270 7.32 -47.39 20.40
CA ARG G 270 7.21 -48.83 20.20
C ARG G 270 7.71 -49.58 21.42
N LEU G 271 8.59 -48.96 22.20
CA LEU G 271 9.05 -49.58 23.43
C LEU G 271 7.97 -49.52 24.50
N ALA G 272 7.43 -48.33 24.76
CA ALA G 272 6.40 -48.19 25.78
C ALA G 272 5.12 -48.87 25.35
N GLY G 273 4.83 -48.86 24.05
CA GLY G 273 3.66 -49.54 23.55
C GLY G 273 3.87 -51.02 23.31
N SER G 274 4.81 -51.64 24.02
CA SER G 274 4.94 -53.08 24.02
C SER G 274 5.27 -53.60 25.40
N LEU G 275 5.28 -52.73 26.40
CA LEU G 275 5.55 -53.11 27.78
C LEU G 275 4.37 -52.86 28.70
N LEU G 276 3.44 -52.00 28.30
CA LEU G 276 2.28 -51.71 29.14
C LEU G 276 1.22 -52.80 29.05
N THR G 277 1.40 -53.80 28.20
CA THR G 277 0.43 -54.88 28.12
C THR G 277 0.58 -55.89 29.24
N PHE G 278 1.53 -55.72 30.15
CA PHE G 278 1.76 -56.70 31.18
C PHE G 278 1.05 -56.35 32.48
N SER G 279 1.26 -55.14 32.99
CA SER G 279 0.97 -54.84 34.38
C SER G 279 -0.18 -53.86 34.55
N LEU G 280 -0.09 -52.68 33.95
CA LEU G 280 -1.07 -51.62 34.20
C LEU G 280 -2.24 -51.84 33.25
N GLU G 281 -3.15 -52.75 33.64
CA GLU G 281 -4.26 -53.14 32.79
C GLU G 281 -5.37 -52.10 32.73
N HIS G 282 -5.30 -51.05 33.55
CA HIS G 282 -6.40 -50.09 33.62
C HIS G 282 -6.05 -48.70 33.12
N ASN G 283 -4.79 -48.43 32.82
CA ASN G 283 -4.40 -47.12 32.32
C ASN G 283 -3.57 -47.33 31.07
N VAL G 284 -4.15 -48.11 30.15
CA VAL G 284 -3.48 -48.66 28.99
C VAL G 284 -3.03 -47.58 28.00
N ASP G 285 -3.64 -46.41 28.03
CA ASP G 285 -3.40 -45.40 27.00
C ASP G 285 -2.71 -44.17 27.55
N ALA G 286 -1.72 -44.36 28.42
CA ALA G 286 -0.96 -43.26 29.00
C ALA G 286 0.31 -42.97 28.21
N VAL G 287 0.20 -42.80 26.90
CA VAL G 287 1.32 -42.44 26.06
C VAL G 287 1.10 -41.00 25.59
N PRO G 288 1.85 -40.02 26.11
CA PRO G 288 1.57 -38.62 25.77
C PRO G 288 1.95 -38.32 24.33
N ALA G 289 0.95 -38.14 23.48
CA ALA G 289 1.18 -37.71 22.10
C ALA G 289 1.77 -36.32 22.10
N TYR G 290 2.71 -36.09 21.19
CA TYR G 290 3.67 -35.02 21.38
C TYR G 290 3.35 -33.81 20.52
N HIS G 291 3.92 -32.69 20.93
CA HIS G 291 3.91 -31.43 20.21
C HIS G 291 5.14 -30.67 20.65
N HIS G 292 5.96 -30.24 19.70
CA HIS G 292 7.27 -29.71 20.05
C HIS G 292 7.25 -28.19 20.12
N GLU G 293 6.11 -27.63 20.51
CA GLU G 293 6.08 -26.28 21.02
C GLU G 293 6.24 -26.21 22.53
N THR G 294 5.77 -27.22 23.26
CA THR G 294 6.07 -27.39 24.69
C THR G 294 6.51 -28.83 24.93
N PRO G 295 7.78 -29.15 24.66
CA PRO G 295 8.28 -30.50 24.93
C PRO G 295 8.62 -30.78 26.38
N GLU G 296 8.36 -29.85 27.30
CA GLU G 296 8.43 -30.20 28.71
C GLU G 296 7.32 -31.17 29.09
N ASN G 297 6.20 -31.16 28.36
CA ASN G 297 5.04 -31.97 28.66
C ASN G 297 5.06 -33.30 27.93
N VAL G 298 6.17 -33.65 27.29
CA VAL G 298 6.26 -34.85 26.49
C VAL G 298 7.28 -35.82 27.08
N PHE G 299 8.54 -35.43 27.14
CA PHE G 299 9.59 -36.36 27.51
C PHE G 299 9.68 -36.63 29.02
N PRO G 300 9.62 -35.66 29.93
CA PRO G 300 9.57 -36.03 31.37
C PRO G 300 8.31 -36.79 31.78
N PRO G 301 7.15 -36.65 31.11
CA PRO G 301 6.12 -37.68 31.33
C PRO G 301 6.45 -39.03 30.75
N LEU G 302 7.09 -39.08 29.57
CA LEU G 302 7.30 -40.37 28.94
C LEU G 302 8.49 -41.11 29.54
N LEU G 303 9.54 -40.38 29.93
CA LEU G 303 10.69 -41.04 30.52
C LEU G 303 10.38 -41.57 31.90
N SER G 304 9.61 -40.82 32.69
CA SER G 304 9.26 -41.27 34.03
C SER G 304 8.28 -42.42 33.99
N LEU G 305 7.56 -42.58 32.88
CA LEU G 305 6.78 -43.79 32.66
C LEU G 305 7.68 -45.00 32.53
N LEU G 306 8.77 -44.86 31.77
CA LEU G 306 9.59 -46.03 31.47
C LEU G 306 10.46 -46.43 32.65
N ASN G 307 10.61 -45.54 33.62
CA ASN G 307 11.35 -45.92 34.83
C ASN G 307 10.51 -46.82 35.71
N ARG G 308 9.19 -46.60 35.75
CA ARG G 308 8.37 -47.43 36.62
C ARG G 308 8.03 -48.77 35.96
N LEU G 309 8.21 -48.89 34.64
CA LEU G 309 7.89 -50.14 33.99
C LEU G 309 9.02 -51.15 34.02
N LEU G 310 10.27 -50.72 34.01
CA LEU G 310 11.34 -51.69 34.00
C LEU G 310 11.61 -52.28 35.37
N GLU G 311 11.11 -51.67 36.44
CA GLU G 311 11.36 -52.18 37.77
C GLU G 311 10.10 -52.68 38.46
N ALA G 312 9.02 -52.86 37.72
CA ALA G 312 7.80 -53.39 38.31
C ALA G 312 7.08 -54.40 37.45
N SER G 313 7.56 -54.67 36.24
CA SER G 313 6.88 -55.58 35.33
C SER G 313 7.56 -56.94 35.42
N LEU G 314 6.96 -57.84 36.18
CA LEU G 314 7.42 -59.20 36.40
C LEU G 314 6.70 -60.15 35.45
N PRO G 315 7.39 -61.21 34.97
CA PRO G 315 6.77 -62.08 33.97
C PRO G 315 5.58 -62.88 34.47
N SER G 316 5.84 -63.72 35.48
CA SER G 316 4.86 -64.63 36.07
C SER G 316 5.53 -65.26 37.28
N ARG G 317 4.80 -66.19 37.92
CA ARG G 317 5.22 -67.02 39.07
C ARG G 317 5.90 -66.25 40.20
N VAL G 318 5.58 -64.95 40.29
CA VAL G 318 5.83 -64.08 41.44
C VAL G 318 4.64 -63.15 41.53
N VAL G 319 4.31 -62.72 42.74
CA VAL G 319 3.15 -61.86 42.98
C VAL G 319 3.59 -60.74 43.92
N PHE G 320 3.38 -59.49 43.48
CA PHE G 320 3.58 -58.35 44.36
C PHE G 320 2.50 -58.33 45.42
N ILE G 321 2.88 -58.01 46.66
CA ILE G 321 2.01 -58.13 47.82
C ILE G 321 1.77 -56.73 48.38
N GLU G 322 0.51 -56.31 48.42
CA GLU G 322 0.15 -55.00 48.95
C GLU G 322 0.18 -55.03 50.46
N LEU G 323 0.79 -54.01 51.06
CA LEU G 323 1.11 -54.00 52.48
C LEU G 323 0.65 -52.68 53.09
N LYS G 324 -0.57 -52.66 53.61
CA LYS G 324 -1.09 -51.49 54.30
C LYS G 324 -0.35 -51.30 55.62
N GLN G 325 -0.19 -50.06 56.05
CA GLN G 325 0.64 -49.73 57.19
C GLN G 325 -0.08 -48.78 58.14
N LYS G 326 0.01 -49.06 59.44
CA LYS G 326 -0.39 -48.13 60.49
C LYS G 326 0.75 -48.04 61.49
N GLY G 327 1.74 -47.19 61.21
CA GLY G 327 2.86 -46.97 62.10
C GLY G 327 3.79 -48.15 62.24
N VAL G 328 3.91 -48.69 63.45
CA VAL G 328 4.81 -49.80 63.75
C VAL G 328 4.19 -51.12 63.31
N MET G 329 2.92 -51.07 62.92
CA MET G 329 2.20 -52.21 62.38
C MET G 329 2.02 -52.06 60.89
N TRP G 330 2.45 -53.07 60.14
CA TRP G 330 1.99 -53.20 58.78
C TRP G 330 1.77 -54.68 58.47
N GLU G 331 0.66 -54.94 57.81
CA GLU G 331 0.22 -56.30 57.56
C GLU G 331 0.24 -56.55 56.06
N GLY G 332 -0.25 -57.72 55.67
CA GLY G 332 -0.40 -58.03 54.26
C GLY G 332 -1.21 -59.28 54.01
N ALA G 333 -2.20 -59.18 53.11
CA ALA G 333 -3.17 -60.23 52.90
C ALA G 333 -2.85 -60.99 51.63
N LEU G 334 -3.00 -62.32 51.68
CA LEU G 334 -2.76 -63.20 50.53
C LEU G 334 -3.90 -64.18 50.39
N HIS G 335 -4.67 -64.06 49.32
CA HIS G 335 -5.86 -64.87 49.13
C HIS G 335 -5.88 -65.64 47.81
N ASP G 336 -4.74 -65.82 47.15
CA ASP G 336 -4.68 -66.64 45.94
C ASP G 336 -4.71 -68.10 46.36
N ALA G 337 -5.70 -68.84 45.86
CA ALA G 337 -5.69 -70.28 46.01
C ALA G 337 -4.69 -70.95 45.10
N ARG G 338 -4.30 -70.30 44.00
CA ARG G 338 -3.26 -70.84 43.14
C ARG G 338 -1.87 -70.53 43.70
N LEU G 339 -1.81 -69.63 44.69
CA LEU G 339 -0.68 -69.64 45.61
C LEU G 339 -0.85 -70.84 46.54
N ARG G 340 -0.19 -71.95 46.20
CA ARG G 340 -0.20 -73.10 47.08
C ARG G 340 0.71 -72.83 48.27
N GLU G 341 0.47 -73.57 49.34
CA GLU G 341 1.20 -73.33 50.58
C GLU G 341 2.61 -73.89 50.51
N GLY G 342 3.52 -73.27 51.24
CA GLY G 342 4.88 -73.77 51.38
C GLY G 342 5.94 -73.01 50.64
N ALA G 343 5.58 -72.11 49.72
CA ALA G 343 6.54 -71.42 48.90
C ALA G 343 7.24 -70.31 49.68
N ASP G 344 8.44 -69.95 49.22
CA ASP G 344 9.28 -69.01 49.95
C ASP G 344 8.75 -67.58 49.82
N PHE G 345 9.04 -66.77 50.84
CA PHE G 345 8.72 -65.36 50.84
C PHE G 345 10.03 -64.57 50.86
N TRP G 346 10.01 -63.39 50.24
CA TRP G 346 11.20 -62.54 50.19
C TRP G 346 10.79 -61.11 50.48
N LEU G 347 11.60 -60.43 51.29
CA LEU G 347 11.25 -59.12 51.85
C LEU G 347 12.26 -58.08 51.41
N SER G 348 11.84 -57.20 50.51
CA SER G 348 12.69 -56.12 50.00
C SER G 348 12.71 -54.98 51.01
N VAL G 349 13.80 -54.22 51.03
CA VAL G 349 14.04 -53.18 52.03
C VAL G 349 14.34 -51.87 51.34
N ARG G 350 13.65 -50.79 51.74
CA ARG G 350 14.03 -49.42 51.41
C ARG G 350 14.01 -48.60 52.69
N SER G 351 15.12 -47.95 53.00
CA SER G 351 15.24 -47.15 54.21
C SER G 351 16.33 -46.10 54.03
N SER G 352 16.32 -45.10 54.91
CA SER G 352 17.37 -44.09 54.98
C SER G 352 18.34 -44.45 56.10
N MET G 353 19.10 -45.53 55.87
CA MET G 353 19.91 -46.14 56.91
C MET G 353 21.01 -46.98 56.28
N PRO G 354 22.23 -46.99 56.82
CA PRO G 354 23.30 -47.79 56.23
C PRO G 354 23.05 -49.28 56.37
N GLY G 355 23.42 -50.01 55.31
CA GLY G 355 23.20 -51.44 55.24
C GLY G 355 23.95 -52.26 56.27
N HIS G 356 25.03 -51.70 56.83
CA HIS G 356 25.69 -52.34 57.96
C HIS G 356 24.81 -52.38 59.19
N GLU G 357 23.92 -51.40 59.37
CA GLU G 357 23.00 -51.43 60.49
C GLU G 357 21.78 -52.30 60.21
N LEU G 358 21.40 -52.42 58.94
CA LEU G 358 20.11 -53.01 58.58
C LEU G 358 20.14 -54.52 58.72
N GLN G 359 21.16 -55.17 58.18
CA GLN G 359 21.29 -56.61 58.25
C GLN G 359 21.73 -57.11 59.62
N THR G 360 21.93 -56.22 60.58
CA THR G 360 22.07 -56.58 61.98
C THR G 360 20.81 -56.32 62.77
N LYS G 361 20.08 -55.26 62.47
CA LYS G 361 18.87 -54.93 63.23
C LYS G 361 17.67 -55.75 62.80
N PHE G 362 17.47 -55.93 61.51
CA PHE G 362 16.33 -56.72 61.03
C PHE G 362 16.36 -58.20 61.42
N PRO G 363 17.50 -58.90 61.53
CA PRO G 363 17.46 -60.21 62.18
C PRO G 363 17.25 -60.18 63.69
N GLN G 364 17.17 -59.01 64.32
CA GLN G 364 16.96 -58.95 65.77
C GLN G 364 15.81 -58.03 66.17
N LEU G 365 15.26 -57.24 65.27
CA LEU G 365 14.20 -56.33 65.68
C LEU G 365 12.98 -56.37 64.77
N CYS G 366 13.12 -56.77 63.51
CA CYS G 366 11.96 -57.00 62.67
C CYS G 366 11.26 -58.27 63.16
N LYS G 367 9.95 -58.19 63.35
CA LYS G 367 9.21 -59.21 64.05
C LYS G 367 8.11 -59.79 63.18
N ALA G 368 7.76 -61.04 63.45
CA ALA G 368 6.59 -61.67 62.86
C ALA G 368 5.46 -61.70 63.88
N GLY G 369 4.25 -61.55 63.38
CA GLY G 369 3.08 -61.53 64.24
C GLY G 369 2.00 -62.44 63.70
N SER G 370 1.30 -63.10 64.62
CA SER G 370 0.17 -63.93 64.23
C SER G 370 -0.98 -63.04 63.75
N PRO G 371 -1.85 -63.55 62.86
CA PRO G 371 -2.99 -62.73 62.41
C PRO G 371 -4.07 -62.59 63.48
N ASP G 372 -5.18 -61.94 63.09
CA ASP G 372 -6.41 -61.83 63.87
C ASP G 372 -6.22 -61.02 65.15
N ASP G 373 -5.15 -60.23 65.23
CA ASP G 373 -4.88 -59.40 66.40
C ASP G 373 -3.95 -58.29 65.92
N VAL G 374 -4.45 -57.07 65.88
CA VAL G 374 -3.79 -56.01 65.13
C VAL G 374 -2.73 -55.28 65.95
N SER G 375 -3.11 -54.59 67.04
CA SER G 375 -2.20 -53.64 67.64
C SER G 375 -1.42 -54.19 68.84
N GLU G 376 -1.90 -55.28 69.44
CA GLU G 376 -1.33 -55.78 70.68
C GLU G 376 -1.08 -57.28 70.64
N VAL G 377 -0.41 -57.75 69.58
CA VAL G 377 0.06 -59.13 69.51
C VAL G 377 1.59 -59.19 69.48
N VAL G 378 2.26 -58.06 69.70
CA VAL G 378 3.72 -57.96 69.58
C VAL G 378 4.43 -58.75 70.68
N ASN G 379 3.73 -59.02 71.79
CA ASN G 379 4.30 -59.81 72.88
C ASN G 379 4.44 -61.29 72.51
N VAL G 380 3.78 -61.75 71.45
CA VAL G 380 3.92 -63.12 71.02
C VAL G 380 5.27 -63.33 70.33
N ALA G 381 5.60 -62.46 69.36
CA ALA G 381 6.78 -62.57 68.49
C ALA G 381 6.80 -63.94 67.79
N LEU G 382 5.83 -64.10 66.87
CA LEU G 382 5.33 -65.32 66.26
C LEU G 382 6.36 -66.41 65.98
N SER G 383 6.06 -67.64 66.39
CA SER G 383 7.07 -68.66 66.61
C SER G 383 7.60 -69.21 65.29
N GLY G 384 8.80 -68.79 64.93
CA GLY G 384 9.64 -69.49 63.96
C GLY G 384 9.67 -68.93 62.56
N VAL G 385 10.67 -68.10 62.29
CA VAL G 385 11.01 -67.56 60.97
C VAL G 385 12.40 -66.94 61.12
N ILE G 386 13.23 -67.02 60.09
CA ILE G 386 14.57 -66.45 60.12
C ILE G 386 14.63 -65.32 59.10
N ILE G 387 15.24 -64.21 59.50
CA ILE G 387 15.41 -63.05 58.63
C ILE G 387 16.88 -63.00 58.24
N ARG G 388 17.19 -63.38 56.99
CA ARG G 388 18.59 -63.45 56.58
C ARG G 388 18.91 -62.36 55.59
N PRO G 389 20.12 -61.82 55.62
CA PRO G 389 20.61 -61.05 54.48
C PRO G 389 21.05 -61.99 53.37
N VAL G 390 20.92 -61.53 52.13
CA VAL G 390 21.29 -62.33 50.98
C VAL G 390 21.90 -61.41 49.93
N THR G 391 22.93 -61.91 49.24
CA THR G 391 23.57 -61.17 48.17
C THR G 391 22.76 -61.18 46.88
N HIS G 392 22.12 -62.30 46.57
CA HIS G 392 21.31 -62.41 45.36
C HIS G 392 20.17 -63.38 45.59
N VAL G 393 18.95 -62.86 45.61
CA VAL G 393 17.77 -63.71 45.71
C VAL G 393 17.53 -64.36 44.35
N PRO G 394 17.16 -65.66 44.30
CA PRO G 394 16.88 -66.31 43.01
C PRO G 394 15.65 -65.79 42.27
N ALA G 395 14.92 -64.80 42.77
CA ALA G 395 13.85 -64.14 42.04
C ALA G 395 14.35 -63.06 41.07
N ALA G 396 15.67 -62.98 40.89
CA ALA G 396 16.36 -62.17 39.89
C ALA G 396 16.17 -60.67 40.07
N ILE G 397 15.77 -60.22 41.26
CA ILE G 397 15.85 -58.83 41.73
C ILE G 397 15.20 -57.78 40.83
N PRO G 398 13.91 -57.57 40.93
CA PRO G 398 13.27 -56.57 40.08
C PRO G 398 13.48 -55.10 40.47
N LEU G 399 14.45 -54.76 41.32
CA LEU G 399 14.60 -53.36 41.76
C LEU G 399 16.03 -52.86 41.66
N ARG G 400 16.13 -51.51 41.66
CA ARG G 400 17.37 -50.75 41.48
C ARG G 400 18.42 -51.03 42.54
N LEU G 401 17.97 -51.44 43.73
CA LEU G 401 18.79 -51.69 44.91
C LEU G 401 19.53 -50.43 45.36
N GLU G 402 18.74 -49.45 45.78
CA GLU G 402 19.26 -48.52 46.78
C GLU G 402 19.60 -49.26 48.05
N ASN G 403 18.71 -50.13 48.50
CA ASN G 403 18.82 -50.74 49.81
C ASN G 403 18.55 -52.23 49.67
N GLN G 404 18.37 -52.91 50.80
CA GLN G 404 18.51 -54.35 50.89
C GLN G 404 17.24 -55.07 50.48
N TYR G 405 17.27 -56.38 50.71
CA TYR G 405 16.21 -57.33 50.41
C TYR G 405 16.54 -58.63 51.14
N PHE G 406 15.61 -59.13 51.95
CA PHE G 406 15.93 -60.13 52.97
C PHE G 406 15.11 -61.40 52.80
N ALA G 407 15.43 -62.39 53.62
CA ALA G 407 14.94 -63.76 53.48
C ALA G 407 13.89 -64.07 54.53
N LEU G 408 12.91 -64.88 54.12
CA LEU G 408 11.93 -65.46 55.03
C LEU G 408 11.94 -66.97 54.85
N ASP G 409 12.37 -67.68 55.89
CA ASP G 409 12.28 -69.15 55.92
C ASP G 409 11.15 -69.49 56.89
N LEU G 410 10.08 -70.06 56.36
CA LEU G 410 8.83 -70.22 57.07
C LEU G 410 8.64 -71.64 57.59
N SER G 411 8.23 -71.76 58.84
CA SER G 411 7.91 -73.04 59.45
C SER G 411 6.60 -73.58 58.87
N THR G 412 6.35 -74.87 59.10
CA THR G 412 5.25 -75.57 58.43
C THR G 412 3.88 -75.12 58.91
N ASP G 413 3.58 -75.32 60.19
CA ASP G 413 2.22 -75.08 60.67
C ASP G 413 2.00 -73.61 61.00
N ALA G 414 3.04 -72.79 60.94
CA ALA G 414 2.84 -71.34 60.97
C ALA G 414 2.15 -70.87 59.70
N ALA G 415 2.38 -71.58 58.58
CA ALA G 415 1.69 -71.27 57.33
C ALA G 415 0.21 -71.60 57.45
N ARG G 416 -0.14 -72.68 58.16
CA ARG G 416 -1.54 -73.01 58.39
C ARG G 416 -2.22 -71.95 59.26
N ALA G 417 -1.45 -71.27 60.10
CA ALA G 417 -2.01 -70.18 60.90
C ALA G 417 -2.17 -68.93 60.05
N MET G 418 -1.48 -68.85 58.91
CA MET G 418 -1.53 -67.64 58.10
C MET G 418 -2.13 -67.87 56.71
N LEU G 419 -1.67 -68.87 55.97
CA LEU G 419 -2.17 -69.11 54.62
C LEU G 419 -3.57 -69.73 54.60
N ASP G 420 -4.05 -70.24 55.72
CA ASP G 420 -5.48 -70.46 55.87
C ASP G 420 -6.17 -69.18 56.27
N ALA G 421 -5.55 -68.39 57.13
CA ALA G 421 -6.12 -67.11 57.53
C ALA G 421 -6.07 -66.12 56.39
N GLY G 422 -5.11 -66.26 55.50
CA GLY G 422 -5.03 -65.42 54.33
C GLY G 422 -4.34 -64.09 54.52
N ARG G 423 -3.81 -63.80 55.71
CA ARG G 423 -3.08 -62.56 55.90
C ARG G 423 -1.90 -62.81 56.83
N CYS G 424 -0.98 -61.85 56.84
CA CYS G 424 0.23 -61.90 57.65
C CYS G 424 0.47 -60.52 58.23
N THR G 425 0.83 -60.45 59.51
CA THR G 425 1.13 -59.18 60.16
C THR G 425 2.59 -59.18 60.59
N PHE G 426 3.33 -58.17 60.17
CA PHE G 426 4.73 -58.02 60.54
C PHE G 426 4.90 -56.77 61.39
N TYR G 427 5.91 -56.77 62.24
CA TYR G 427 6.10 -55.73 63.23
C TYR G 427 7.47 -55.08 63.14
N THR G 428 7.46 -53.75 63.11
CA THR G 428 8.65 -52.91 63.02
C THR G 428 8.59 -51.90 64.16
N PRO G 429 9.18 -52.23 65.31
CA PRO G 429 8.99 -51.38 66.51
C PRO G 429 9.71 -50.04 66.49
N ALA G 430 9.67 -49.37 67.64
CA ALA G 430 9.86 -47.93 67.81
C ALA G 430 11.19 -47.37 67.34
N SER G 431 12.26 -48.18 67.32
CA SER G 431 13.57 -47.63 67.01
C SER G 431 13.75 -47.29 65.53
N LEU G 432 13.01 -47.97 64.65
CA LEU G 432 13.07 -47.66 63.23
C LEU G 432 12.40 -46.33 62.96
N GLY G 433 13.20 -45.32 62.60
CA GLY G 433 12.68 -44.00 62.32
C GLY G 433 11.81 -43.98 61.09
N ASP G 434 12.30 -44.54 59.99
CA ASP G 434 11.54 -44.59 58.75
C ASP G 434 12.10 -45.73 57.91
N VAL G 435 11.23 -46.63 57.47
CA VAL G 435 11.64 -47.80 56.68
C VAL G 435 10.44 -48.27 55.85
N LYS G 436 10.71 -48.68 54.62
CA LYS G 436 9.71 -49.21 53.69
C LYS G 436 10.10 -50.62 53.31
N LEU G 437 9.15 -51.54 53.40
CA LEU G 437 9.41 -52.97 53.21
C LEU G 437 8.35 -53.56 52.28
N GLU G 438 8.79 -54.44 51.39
CA GLU G 438 7.91 -55.01 50.38
C GLU G 438 8.16 -56.51 50.22
N LEU G 439 7.09 -57.24 49.95
CA LEU G 439 7.09 -58.70 49.93
C LEU G 439 6.77 -59.24 48.54
N PHE G 440 7.50 -60.28 48.16
CA PHE G 440 7.27 -61.03 46.94
C PHE G 440 6.99 -62.48 47.30
N ALA G 441 6.06 -63.11 46.58
CA ALA G 441 5.71 -64.50 46.79
C ALA G 441 6.06 -65.31 45.54
N VAL G 442 7.14 -66.08 45.60
CA VAL G 442 7.65 -66.85 44.48
C VAL G 442 6.93 -68.19 44.47
N LEU G 443 5.98 -68.34 43.55
CA LEU G 443 5.21 -69.57 43.43
C LEU G 443 6.09 -70.68 42.86
N ARG G 444 6.32 -71.72 43.65
CA ARG G 444 7.21 -72.81 43.27
C ARG G 444 6.61 -73.68 42.16
N MET H 1 23.35 -32.25 -18.01
CA MET H 1 23.11 -31.39 -19.15
C MET H 1 24.15 -30.29 -19.23
N LYS H 2 25.37 -30.65 -18.80
CA LYS H 2 26.56 -29.79 -18.88
C LYS H 2 26.38 -28.49 -18.11
N ILE H 3 26.08 -28.62 -16.82
CA ILE H 3 25.86 -27.47 -15.97
C ILE H 3 27.21 -26.85 -15.60
N TYR H 4 27.37 -25.57 -15.92
CA TYR H 4 28.64 -24.88 -15.87
C TYR H 4 28.54 -23.74 -14.87
N ARG H 5 29.06 -23.93 -13.66
CA ARG H 5 28.90 -22.75 -12.83
C ARG H 5 30.05 -21.79 -13.03
N PRO H 6 29.78 -20.52 -13.23
CA PRO H 6 30.84 -19.58 -13.55
C PRO H 6 31.60 -19.12 -12.33
N LEU H 7 32.70 -18.43 -12.54
CA LEU H 7 33.40 -17.77 -11.46
C LEU H 7 33.62 -16.31 -11.84
N TRP H 8 33.64 -15.46 -10.84
CA TRP H 8 33.87 -14.05 -11.03
C TRP H 8 35.10 -13.69 -10.21
N GLU H 9 36.13 -13.15 -10.85
CA GLU H 9 37.24 -12.59 -10.10
C GLU H 9 37.37 -11.09 -10.28
N ASP H 10 37.53 -10.62 -11.53
CA ASP H 10 37.55 -9.21 -11.86
C ASP H 10 37.41 -9.06 -13.37
N GLY H 11 36.86 -7.92 -13.82
CA GLY H 11 36.90 -7.56 -15.22
C GLY H 11 36.05 -8.37 -16.15
N ALA H 12 35.26 -9.32 -15.64
CA ALA H 12 34.43 -10.14 -16.50
C ALA H 12 33.21 -9.34 -16.92
N PHE H 13 32.96 -9.30 -18.23
CA PHE H 13 31.72 -8.72 -18.72
C PHE H 13 30.54 -9.57 -18.28
N LEU H 14 29.50 -8.93 -17.76
CA LEU H 14 28.30 -9.65 -17.40
C LEU H 14 27.55 -10.08 -18.64
N MET H 15 26.96 -11.26 -18.59
CA MET H 15 26.31 -11.83 -19.74
C MET H 15 25.37 -12.92 -19.23
N PRO H 16 24.14 -13.07 -19.79
CA PRO H 16 23.08 -13.86 -19.15
C PRO H 16 23.39 -15.30 -18.80
N GLN H 17 24.38 -15.89 -19.46
CA GLN H 17 24.63 -17.31 -19.27
C GLN H 17 25.33 -17.59 -17.95
N GLN H 18 25.93 -16.56 -17.33
CA GLN H 18 26.44 -16.75 -15.99
C GLN H 18 25.31 -16.91 -15.00
N PHE H 19 24.21 -16.21 -15.22
CA PHE H 19 23.10 -16.22 -14.28
C PHE H 19 22.19 -17.41 -14.50
N GLN H 20 21.91 -17.74 -15.77
CA GLN H 20 21.03 -18.85 -16.08
C GLN H 20 21.62 -20.19 -15.63
N GLN H 21 22.93 -20.38 -15.80
CA GLN H 21 23.56 -21.62 -15.38
C GLN H 21 23.77 -21.66 -13.87
N GLN H 22 23.80 -20.48 -13.23
CA GLN H 22 23.91 -20.43 -11.78
C GLN H 22 22.65 -20.98 -11.12
N ALA H 23 21.49 -20.47 -11.54
CA ALA H 23 20.25 -20.81 -10.86
C ALA H 23 19.83 -22.24 -11.14
N ALA H 24 20.28 -22.80 -12.27
CA ALA H 24 19.94 -24.19 -12.55
C ALA H 24 20.73 -25.14 -11.65
N TRP H 25 21.87 -24.68 -11.16
CA TRP H 25 22.70 -25.54 -10.30
C TRP H 25 22.10 -25.66 -8.91
N ASP H 26 21.39 -24.63 -8.46
CA ASP H 26 20.82 -24.67 -7.12
C ASP H 26 19.64 -25.63 -7.06
N VAL H 27 18.95 -25.81 -8.17
CA VAL H 27 17.88 -26.80 -8.25
C VAL H 27 18.45 -28.20 -8.15
N HIS H 28 19.52 -28.45 -8.93
CA HIS H 28 20.10 -29.78 -9.00
C HIS H 28 20.76 -30.16 -7.68
N LEU H 29 21.28 -29.18 -6.95
CA LEU H 29 21.79 -29.45 -5.62
C LEU H 29 20.66 -29.79 -4.68
N ALA H 30 19.55 -29.04 -4.76
CA ALA H 30 18.41 -29.30 -3.88
C ALA H 30 17.70 -30.58 -4.28
N ASP H 31 17.82 -30.99 -5.54
CA ASP H 31 17.32 -32.30 -5.94
C ASP H 31 18.09 -33.41 -5.26
N SER H 32 19.41 -33.29 -5.19
CA SER H 32 20.24 -34.38 -4.67
C SER H 32 20.13 -34.49 -3.17
N VAL H 33 19.64 -33.46 -2.49
CA VAL H 33 19.39 -33.58 -1.06
C VAL H 33 18.20 -34.48 -0.82
N ALA H 34 17.15 -34.32 -1.62
CA ALA H 34 15.93 -35.07 -1.40
C ALA H 34 16.09 -36.53 -1.78
N ARG H 35 16.95 -36.83 -2.75
CA ARG H 35 17.07 -38.21 -3.19
C ARG H 35 17.99 -39.03 -2.29
N MET H 36 18.46 -38.46 -1.19
CA MET H 36 19.27 -39.27 -0.28
C MET H 36 18.41 -40.22 0.53
N GLY H 37 17.34 -39.73 1.14
CA GLY H 37 16.58 -40.55 2.04
C GLY H 37 15.36 -41.22 1.45
N LEU H 38 14.59 -40.51 0.63
CA LEU H 38 13.25 -40.95 0.27
C LEU H 38 13.21 -41.87 -0.94
N ALA H 39 14.14 -41.67 -1.87
CA ALA H 39 14.17 -42.36 -3.17
C ALA H 39 12.85 -42.23 -3.90
N HIS H 40 12.30 -41.03 -3.87
CA HIS H 40 11.08 -40.76 -4.58
C HIS H 40 11.26 -39.51 -5.43
N PRO H 41 10.74 -39.53 -6.63
CA PRO H 41 10.62 -38.30 -7.40
C PRO H 41 9.55 -37.39 -6.85
N TRP H 42 9.16 -36.42 -7.62
CA TRP H 42 8.18 -35.48 -7.14
C TRP H 42 6.78 -36.02 -7.44
N GLY H 43 5.73 -35.22 -7.18
CA GLY H 43 4.36 -35.70 -7.29
C GLY H 43 3.32 -34.59 -7.27
N VAL H 44 2.20 -34.79 -6.56
CA VAL H 44 1.14 -33.79 -6.48
C VAL H 44 0.92 -33.41 -5.03
N VAL H 45 1.02 -32.11 -4.73
CA VAL H 45 0.75 -31.59 -3.41
C VAL H 45 -0.74 -31.32 -3.22
N ALA H 46 -1.34 -30.56 -4.12
CA ALA H 46 -2.77 -30.23 -4.04
C ALA H 46 -3.29 -29.89 -5.42
N ALA H 47 -4.48 -30.40 -5.73
CA ALA H 47 -5.10 -30.12 -7.02
C ALA H 47 -6.60 -30.09 -6.79
N GLU H 48 -7.16 -28.88 -6.76
CA GLU H 48 -8.56 -28.66 -6.42
C GLU H 48 -9.23 -27.96 -7.59
N PHE H 49 -10.32 -28.52 -8.09
CA PHE H 49 -11.01 -27.96 -9.24
C PHE H 49 -12.33 -27.31 -8.81
N ASP H 50 -13.12 -26.90 -9.81
CA ASP H 50 -14.40 -26.26 -9.57
C ASP H 50 -15.50 -27.22 -10.01
N ASP H 51 -16.36 -27.60 -9.07
CA ASP H 51 -17.42 -28.55 -9.33
C ASP H 51 -18.67 -27.93 -9.93
N SER H 52 -18.88 -26.62 -9.75
CA SER H 52 -20.12 -26.01 -10.19
C SER H 52 -20.21 -25.85 -11.69
N LEU H 53 -19.09 -25.92 -12.40
CA LEU H 53 -19.06 -25.68 -13.83
C LEU H 53 -19.23 -26.95 -14.65
N LEU H 54 -19.32 -28.11 -14.00
CA LEU H 54 -19.28 -29.38 -14.73
C LEU H 54 -20.51 -29.66 -15.59
N PRO H 55 -21.76 -29.50 -15.15
CA PRO H 55 -22.87 -29.80 -16.06
C PRO H 55 -23.11 -28.77 -17.16
N LEU H 56 -22.31 -27.71 -17.23
CA LEU H 56 -22.44 -26.72 -18.29
C LEU H 56 -21.15 -26.71 -19.11
N SER H 57 -20.72 -27.91 -19.50
CA SER H 57 -19.33 -28.36 -19.47
C SER H 57 -18.24 -27.37 -19.86
N ARG H 58 -17.43 -27.03 -18.88
CA ARG H 58 -16.07 -26.53 -19.04
C ARG H 58 -15.26 -27.22 -17.96
N LEU H 59 -14.04 -26.75 -17.74
CA LEU H 59 -13.24 -27.22 -16.62
C LEU H 59 -12.27 -26.13 -16.22
N ASN H 60 -12.40 -25.65 -14.99
CA ASN H 60 -11.53 -24.62 -14.45
C ASN H 60 -10.77 -25.18 -13.26
N ALA H 61 -9.50 -24.79 -13.15
CA ALA H 61 -8.71 -25.16 -12.00
C ALA H 61 -8.64 -23.99 -11.03
N THR H 62 -8.32 -24.30 -9.78
CA THR H 62 -8.14 -23.27 -8.76
C THR H 62 -6.73 -23.26 -8.19
N ARG H 63 -6.24 -24.41 -7.72
CA ARG H 63 -4.92 -24.49 -7.09
C ARG H 63 -4.23 -25.72 -7.64
N LEU H 64 -3.05 -25.53 -8.21
CA LEU H 64 -2.28 -26.64 -8.79
C LEU H 64 -0.84 -26.57 -8.31
N ILE H 65 -0.55 -27.13 -7.15
CA ILE H 65 0.83 -27.29 -6.72
C ILE H 65 1.25 -28.67 -7.15
N VAL H 66 1.72 -28.79 -8.38
CA VAL H 66 2.12 -30.06 -8.97
C VAL H 66 3.62 -30.04 -9.09
N ARG H 67 4.26 -31.15 -8.74
CA ARG H 67 5.71 -31.23 -8.71
C ARG H 67 6.20 -32.27 -9.72
N PHE H 68 7.09 -31.85 -10.60
CA PHE H 68 7.49 -32.61 -11.78
C PHE H 68 8.74 -33.43 -11.51
N PRO H 69 8.94 -34.53 -12.27
CA PRO H 69 10.04 -35.46 -11.95
C PRO H 69 11.44 -34.88 -12.04
N ASP H 70 11.68 -33.83 -12.81
CA ASP H 70 13.02 -33.29 -12.94
C ASP H 70 13.45 -32.46 -11.73
N GLY H 71 12.49 -31.91 -11.00
CA GLY H 71 12.79 -31.05 -9.86
C GLY H 71 12.16 -29.67 -9.91
N THR H 72 11.21 -29.44 -10.81
CA THR H 72 10.66 -28.11 -11.01
C THR H 72 9.47 -27.89 -10.09
N LEU H 73 9.38 -26.69 -9.54
CA LEU H 73 8.28 -26.32 -8.65
C LEU H 73 7.28 -25.43 -9.38
N ILE H 74 6.08 -25.95 -9.56
CA ILE H 74 4.94 -25.19 -10.07
C ILE H 74 4.10 -24.81 -8.87
N ASP H 75 3.81 -23.53 -8.72
CA ASP H 75 2.97 -23.06 -7.63
C ASP H 75 2.04 -22.00 -8.19
N THR H 76 0.78 -22.01 -7.78
CA THR H 76 -0.20 -21.11 -8.36
C THR H 76 -0.51 -19.91 -7.49
N GLU H 77 -0.24 -19.97 -6.19
CA GLU H 77 -0.44 -18.78 -5.37
C GLU H 77 0.78 -17.87 -5.35
N ARG H 78 1.96 -18.43 -5.62
CA ARG H 78 3.18 -17.64 -5.54
C ARG H 78 3.89 -17.51 -6.88
N ALA H 79 3.31 -18.01 -7.98
CA ALA H 79 3.92 -17.73 -9.27
C ALA H 79 2.90 -17.46 -10.37
N ASP H 80 1.59 -17.39 -10.07
CA ASP H 80 0.52 -16.87 -10.92
C ASP H 80 0.41 -17.63 -12.25
N ASN H 81 0.10 -18.91 -12.12
CA ASN H 81 0.08 -19.84 -13.24
C ASN H 81 -1.24 -20.59 -13.22
N LEU H 82 -2.13 -20.28 -14.16
CA LEU H 82 -3.29 -21.14 -14.37
C LEU H 82 -3.42 -21.48 -15.84
N PRO H 83 -3.73 -22.73 -16.18
CA PRO H 83 -3.89 -23.08 -17.57
C PRO H 83 -5.18 -22.50 -18.11
N PRO H 84 -5.32 -22.39 -19.43
CA PRO H 84 -6.61 -22.01 -20.00
C PRO H 84 -7.66 -23.09 -19.77
N VAL H 85 -8.92 -22.70 -19.96
CA VAL H 85 -10.03 -23.56 -19.59
C VAL H 85 -10.15 -24.71 -20.56
N CYS H 86 -10.14 -25.94 -20.02
CA CYS H 86 -10.24 -27.12 -20.86
C CYS H 86 -11.67 -27.33 -21.32
N ASP H 87 -11.85 -27.53 -22.63
CA ASP H 87 -13.15 -27.84 -23.18
C ASP H 87 -13.47 -29.32 -23.00
N LEU H 88 -14.76 -29.64 -22.95
CA LEU H 88 -15.23 -31.02 -22.95
C LEU H 88 -16.21 -31.30 -24.08
N SER H 89 -16.54 -30.30 -24.89
CA SER H 89 -17.45 -30.51 -26.01
C SER H 89 -16.77 -31.18 -27.19
N THR H 90 -15.46 -31.38 -27.12
CA THR H 90 -14.76 -32.13 -28.15
C THR H 90 -14.79 -33.63 -27.91
N VAL H 91 -15.37 -34.08 -26.81
CA VAL H 91 -15.47 -35.50 -26.50
C VAL H 91 -16.95 -35.86 -26.37
N SER H 92 -17.40 -36.80 -27.17
CA SER H 92 -18.72 -37.39 -27.01
C SER H 92 -18.68 -38.84 -26.57
N ASP H 93 -17.49 -39.44 -26.52
CA ASP H 93 -17.32 -40.77 -25.95
C ASP H 93 -17.48 -40.66 -24.44
N ARG H 94 -18.64 -41.04 -23.94
CA ARG H 94 -19.02 -40.79 -22.54
C ARG H 94 -18.59 -41.91 -21.61
N SER H 95 -17.64 -42.74 -22.01
CA SER H 95 -17.21 -43.83 -21.15
C SER H 95 -16.54 -43.31 -19.90
N LEU H 96 -15.37 -42.69 -20.08
CA LEU H 96 -14.61 -41.94 -19.08
C LEU H 96 -13.41 -41.34 -19.80
N VAL H 97 -12.93 -40.23 -19.26
CA VAL H 97 -11.79 -39.53 -19.82
C VAL H 97 -10.88 -39.17 -18.64
N ASP H 98 -9.58 -39.05 -18.90
CA ASP H 98 -8.62 -38.69 -17.87
C ASP H 98 -7.97 -37.36 -18.22
N ILE H 99 -7.87 -36.49 -17.22
CA ILE H 99 -7.27 -35.19 -17.38
C ILE H 99 -5.90 -35.18 -16.74
N VAL H 100 -4.90 -34.78 -17.50
CA VAL H 100 -3.51 -34.85 -17.08
C VAL H 100 -2.80 -33.54 -17.44
N LEU H 101 -2.08 -32.97 -16.48
CA LEU H 101 -1.36 -31.72 -16.65
C LEU H 101 -0.04 -31.98 -17.35
N ALA H 102 0.35 -31.07 -18.26
CA ALA H 102 1.51 -31.30 -19.09
C ALA H 102 2.40 -30.08 -19.13
N LEU H 103 3.62 -30.27 -19.62
CA LEU H 103 4.63 -29.22 -19.79
C LEU H 103 5.72 -29.71 -20.73
N PRO H 104 6.10 -28.91 -21.72
CA PRO H 104 7.14 -29.34 -22.66
C PRO H 104 8.52 -29.33 -22.05
N LEU H 105 9.50 -29.80 -22.84
CA LEU H 105 10.87 -29.94 -22.35
C LEU H 105 11.94 -29.34 -23.25
N LEU H 106 11.75 -29.35 -24.57
CA LEU H 106 12.86 -29.30 -25.54
C LEU H 106 13.49 -27.92 -25.57
N ASN H 107 14.56 -27.76 -24.79
CA ASN H 107 15.32 -26.52 -24.76
C ASN H 107 16.80 -26.82 -24.96
N ALA H 108 17.11 -27.69 -25.93
CA ALA H 108 18.50 -28.06 -26.17
C ALA H 108 19.22 -27.01 -27.00
N ASN H 109 18.50 -26.36 -27.92
CA ASN H 109 19.07 -25.35 -28.80
C ASN H 109 18.22 -24.09 -28.83
N GLY H 110 17.52 -23.82 -27.74
CA GLY H 110 16.57 -22.73 -27.64
C GLY H 110 15.15 -23.20 -27.45
N GLY H 111 14.75 -23.29 -26.19
CA GLY H 111 13.37 -23.43 -25.78
C GLY H 111 13.04 -22.19 -25.01
N ASN H 112 12.27 -21.31 -25.64
CA ASN H 112 12.21 -19.90 -25.28
C ASN H 112 10.83 -19.40 -25.65
N LEU H 113 10.65 -18.08 -25.72
CA LEU H 113 9.40 -17.62 -26.30
C LEU H 113 9.70 -16.59 -27.37
N ASP H 114 9.30 -16.91 -28.59
CA ASP H 114 9.40 -16.02 -29.73
C ASP H 114 8.01 -15.96 -30.34
N ASN H 115 7.23 -14.96 -29.94
CA ASN H 115 5.86 -14.87 -30.41
C ASN H 115 5.75 -14.51 -31.88
N GLY H 116 6.80 -13.96 -32.48
CA GLY H 116 6.86 -13.73 -33.90
C GLY H 116 7.21 -14.94 -34.74
N SER H 117 7.21 -16.14 -34.17
CA SER H 117 7.45 -17.37 -34.91
C SER H 117 6.49 -18.45 -34.45
N GLU H 118 6.20 -19.38 -35.36
CA GLU H 118 5.40 -20.55 -35.05
C GLU H 118 6.28 -21.79 -35.17
N SER H 119 5.92 -22.84 -34.45
CA SER H 119 6.62 -24.12 -34.54
C SER H 119 5.72 -25.21 -34.03
N GLU H 120 5.92 -26.42 -34.55
CA GLU H 120 5.26 -27.61 -34.05
C GLU H 120 5.95 -28.19 -32.82
N ARG H 121 7.02 -27.56 -32.35
CA ARG H 121 7.60 -27.91 -31.08
C ARG H 121 7.08 -26.96 -30.02
N PRO H 122 6.60 -27.46 -28.89
CA PRO H 122 6.11 -26.57 -27.84
C PRO H 122 7.26 -25.90 -27.12
N ARG H 123 6.96 -24.96 -26.24
CA ARG H 123 7.99 -24.22 -25.53
C ARG H 123 7.55 -24.02 -24.09
N ARG H 124 8.51 -24.03 -23.18
CA ARG H 124 8.16 -24.06 -21.76
C ARG H 124 8.35 -22.73 -21.05
N TRP H 125 8.83 -21.69 -21.72
CA TRP H 125 9.00 -20.39 -21.07
C TRP H 125 8.16 -19.32 -21.75
N LYS H 126 7.73 -18.35 -20.95
CA LYS H 126 7.05 -17.14 -21.41
C LYS H 126 7.54 -15.95 -20.60
N SER H 127 7.12 -14.75 -20.99
CA SER H 127 7.59 -13.51 -20.39
C SER H 127 6.41 -12.61 -20.02
N GLU H 128 6.44 -12.03 -18.83
CA GLU H 128 5.40 -11.11 -18.39
C GLU H 128 6.00 -9.93 -17.65
N ARG H 129 5.34 -8.78 -17.77
CA ARG H 129 5.79 -7.51 -17.22
C ARG H 129 4.87 -7.11 -16.07
N VAL H 130 5.42 -6.99 -14.87
CA VAL H 130 4.68 -6.44 -13.74
C VAL H 130 5.53 -5.38 -13.07
N ASN H 131 4.97 -4.76 -12.04
CA ASN H 131 5.64 -3.70 -11.30
C ASN H 131 5.86 -4.19 -9.88
N VAL H 132 7.08 -4.61 -9.59
CA VAL H 132 7.41 -5.27 -8.34
C VAL H 132 8.09 -4.27 -7.42
N GLN H 133 7.63 -4.19 -6.18
CA GLN H 133 8.19 -3.24 -5.24
C GLN H 133 9.53 -3.72 -4.72
N GLU H 134 10.51 -2.82 -4.72
CA GLU H 134 11.75 -3.04 -4.01
C GLU H 134 11.48 -3.28 -2.54
N LEU H 135 12.27 -4.15 -1.92
CA LEU H 135 12.14 -4.39 -0.49
C LEU H 135 13.12 -3.56 0.33
N ALA H 136 13.34 -2.31 -0.08
CA ALA H 136 14.16 -1.38 0.70
C ALA H 136 13.46 -0.07 0.98
N GLY H 137 12.20 0.08 0.59
CA GLY H 137 11.40 1.24 0.95
C GLY H 137 11.12 2.25 -0.15
N HIS H 138 11.26 1.86 -1.42
CA HIS H 138 11.28 2.78 -2.54
C HIS H 138 10.08 2.56 -3.46
N GLU H 139 10.13 3.18 -4.63
CA GLU H 139 9.13 3.07 -5.67
C GLU H 139 9.43 1.87 -6.56
N GLN H 140 8.37 1.24 -7.06
CA GLN H 140 8.55 0.11 -7.94
C GLN H 140 8.80 0.56 -9.37
N SER H 141 9.26 -0.36 -10.18
CA SER H 141 9.38 -0.16 -11.62
C SER H 141 9.08 -1.49 -12.29
N GLU H 142 9.23 -1.51 -13.61
CA GLU H 142 8.78 -2.64 -14.43
C GLU H 142 9.92 -3.63 -14.61
N VAL H 143 9.66 -4.90 -14.34
CA VAL H 143 10.63 -5.95 -14.61
C VAL H 143 10.00 -6.90 -15.62
N ALA H 144 10.70 -7.98 -15.98
CA ALA H 144 10.17 -8.99 -16.89
C ALA H 144 10.32 -10.34 -16.22
N VAL H 145 9.23 -10.92 -15.74
CA VAL H 145 9.27 -12.18 -15.02
C VAL H 145 8.84 -13.30 -15.96
N LEU H 146 9.08 -14.54 -15.54
CA LEU H 146 8.78 -15.69 -16.36
C LEU H 146 7.58 -16.46 -15.82
N ARG H 147 6.83 -17.06 -16.74
CA ARG H 147 5.69 -17.90 -16.39
C ARG H 147 5.78 -19.17 -17.21
N HIS H 148 5.57 -20.31 -16.56
CA HIS H 148 5.63 -21.58 -17.28
C HIS H 148 4.42 -21.72 -18.20
N ASN H 149 4.63 -22.39 -19.33
CA ASN H 149 3.58 -22.53 -20.33
C ASN H 149 2.83 -23.84 -20.09
N LEU H 150 2.02 -23.82 -19.03
CA LEU H 150 1.23 -24.99 -18.67
C LEU H 150 0.04 -25.16 -19.59
N THR H 151 -0.49 -26.39 -19.61
CA THR H 151 -1.65 -26.75 -20.41
C THR H 151 -2.23 -28.04 -19.88
N LEU H 152 -3.52 -28.24 -20.15
CA LEU H 152 -4.22 -29.47 -19.78
C LEU H 152 -4.55 -30.25 -21.05
N ARG H 153 -4.14 -31.51 -21.09
CA ARG H 153 -4.40 -32.40 -22.20
C ARG H 153 -5.05 -33.66 -21.68
N MET H 154 -5.48 -34.52 -22.59
CA MET H 154 -6.16 -35.75 -22.25
C MET H 154 -5.22 -36.92 -22.47
N ALA H 155 -5.46 -38.00 -21.72
CA ALA H 155 -4.54 -39.13 -21.74
C ALA H 155 -4.60 -39.90 -23.05
N HIS H 156 -5.72 -39.84 -23.76
CA HIS H 156 -5.83 -40.57 -25.01
C HIS H 156 -5.43 -39.74 -26.23
N GLN H 157 -4.81 -38.58 -26.03
CA GLN H 157 -4.18 -37.87 -27.13
C GLN H 157 -2.73 -38.34 -27.26
N GLU H 158 -1.92 -37.62 -28.02
CA GLU H 158 -0.50 -37.90 -28.10
C GLU H 158 0.25 -36.98 -27.14
N ASN H 159 1.17 -37.57 -26.36
CA ASN H 159 1.84 -36.85 -25.29
C ASN H 159 3.34 -37.12 -25.34
N ALA H 160 3.91 -36.98 -26.52
CA ALA H 160 5.33 -37.27 -26.68
C ALA H 160 6.18 -36.11 -26.20
N ALA H 161 5.87 -34.90 -26.65
CA ALA H 161 6.72 -33.75 -26.41
C ALA H 161 6.65 -33.24 -24.98
N TRP H 162 5.63 -33.60 -24.22
CA TRP H 162 5.40 -33.00 -22.92
C TRP H 162 5.90 -33.92 -21.80
N LEU H 163 5.80 -33.40 -20.59
CA LEU H 163 6.20 -34.10 -19.37
C LEU H 163 5.01 -34.07 -18.42
N THR H 164 4.38 -35.21 -18.22
CA THR H 164 3.02 -35.26 -17.71
C THR H 164 2.95 -35.74 -16.27
N CYS H 165 1.79 -35.48 -15.65
CA CYS H 165 1.42 -35.97 -14.32
C CYS H 165 -0.10 -35.90 -14.17
N PRO H 166 -0.78 -37.00 -13.84
CA PRO H 166 -2.24 -37.00 -13.89
C PRO H 166 -2.85 -36.37 -12.65
N VAL H 167 -3.97 -35.69 -12.83
CA VAL H 167 -4.58 -34.97 -11.71
C VAL H 167 -6.02 -35.39 -11.40
N THR H 168 -6.80 -35.80 -12.40
CA THR H 168 -8.19 -36.17 -12.11
C THR H 168 -8.74 -37.11 -13.17
N ARG H 169 -9.89 -37.69 -12.85
CA ARG H 169 -10.61 -38.66 -13.66
C ARG H 169 -12.05 -38.23 -13.77
N LEU H 170 -12.60 -38.20 -14.98
CA LEU H 170 -13.98 -37.80 -15.18
C LEU H 170 -14.83 -38.98 -15.61
N VAL H 171 -15.96 -39.16 -14.96
CA VAL H 171 -16.94 -40.15 -15.39
C VAL H 171 -18.21 -39.44 -15.82
N ARG H 172 -19.12 -40.17 -16.45
CA ARG H 172 -20.37 -39.62 -16.93
C ARG H 172 -21.51 -40.22 -16.13
N ASP H 173 -22.52 -39.40 -15.85
CA ASP H 173 -23.53 -39.71 -14.85
C ASP H 173 -24.79 -40.20 -15.55
N ALA H 174 -25.78 -40.60 -14.75
CA ALA H 174 -26.98 -41.25 -15.28
C ALA H 174 -27.83 -40.30 -16.11
N GLN H 175 -27.77 -39.00 -15.81
CA GLN H 175 -28.57 -38.02 -16.54
C GLN H 175 -27.84 -37.44 -17.73
N GLY H 176 -26.69 -37.99 -18.10
CA GLY H 176 -25.89 -37.41 -19.15
C GLY H 176 -25.01 -36.27 -18.71
N GLN H 177 -24.66 -36.20 -17.44
CA GLN H 177 -23.83 -35.13 -16.92
C GLN H 177 -22.45 -35.69 -16.58
N TRP H 178 -21.50 -34.80 -16.37
CA TRP H 178 -20.17 -35.23 -15.94
C TRP H 178 -20.07 -35.16 -14.42
N CYS H 179 -19.27 -36.06 -13.85
CA CYS H 179 -18.93 -35.97 -12.44
C CYS H 179 -17.61 -36.67 -12.22
N ARG H 180 -17.13 -36.64 -10.98
CA ARG H 180 -15.78 -37.05 -10.64
C ARG H 180 -15.78 -38.28 -9.74
N ASP H 181 -14.90 -39.23 -10.02
CA ASP H 181 -14.73 -40.33 -9.10
C ASP H 181 -13.98 -39.87 -7.86
N PRO H 182 -14.33 -40.37 -6.68
CA PRO H 182 -13.47 -40.23 -5.51
C PRO H 182 -12.51 -41.40 -5.30
N ARG H 183 -12.46 -42.35 -6.23
CA ARG H 183 -11.73 -43.59 -5.99
C ARG H 183 -10.26 -43.53 -6.35
N PHE H 184 -9.89 -42.73 -7.35
CA PHE H 184 -8.50 -42.70 -7.78
C PHE H 184 -7.64 -41.91 -6.80
N ILE H 185 -6.34 -42.07 -6.93
CA ILE H 185 -5.35 -41.25 -6.22
C ILE H 185 -4.23 -40.86 -7.17
N PRO H 186 -3.85 -39.58 -7.21
CA PRO H 186 -2.66 -39.19 -7.95
C PRO H 186 -1.42 -39.58 -7.20
N PRO H 187 -0.24 -39.54 -7.81
CA PRO H 187 0.99 -39.78 -7.05
C PRO H 187 1.26 -38.65 -6.06
N LEU H 188 1.30 -39.00 -4.78
CA LEU H 188 1.22 -38.05 -3.70
C LEU H 188 2.60 -37.73 -3.15
N LEU H 189 2.92 -36.45 -3.05
CA LEU H 189 3.96 -36.04 -2.13
C LEU H 189 3.41 -35.79 -0.74
N THR H 190 2.10 -35.77 -0.60
CA THR H 190 1.48 -35.55 0.69
C THR H 190 0.10 -36.17 0.71
N LEU H 191 -0.35 -36.51 1.91
CA LEU H 191 -1.65 -37.12 2.07
C LEU H 191 -2.79 -36.13 1.96
N SER H 192 -2.49 -34.82 1.96
CA SER H 192 -3.54 -33.82 1.98
C SER H 192 -4.30 -33.73 0.68
N ALA H 193 -3.67 -34.06 -0.44
CA ALA H 193 -4.42 -34.24 -1.65
C ALA H 193 -5.18 -35.56 -1.60
N SER H 194 -6.24 -35.65 -2.42
CA SER H 194 -7.18 -36.78 -2.48
C SER H 194 -7.77 -37.10 -1.12
N PRO H 195 -8.73 -36.31 -0.63
CA PRO H 195 -9.21 -36.48 0.76
C PRO H 195 -9.99 -37.77 0.98
N SER H 196 -10.32 -38.51 -0.07
CA SER H 196 -10.95 -39.82 0.10
C SER H 196 -9.99 -40.79 0.77
N LEU H 197 -8.69 -40.64 0.51
CA LEU H 197 -7.71 -41.52 1.13
C LEU H 197 -7.58 -41.23 2.61
N MET H 198 -7.66 -39.95 3.00
CA MET H 198 -7.65 -39.61 4.41
C MET H 198 -8.93 -40.05 5.10
N THR H 199 -10.00 -40.23 4.33
CA THR H 199 -11.25 -40.69 4.92
C THR H 199 -11.16 -42.16 5.33
N GLU H 200 -10.55 -42.99 4.48
CA GLU H 200 -10.45 -44.40 4.79
C GLU H 200 -9.41 -44.66 5.86
N LEU H 201 -8.30 -43.93 5.82
CA LEU H 201 -7.20 -44.21 6.74
C LEU H 201 -7.53 -43.79 8.16
N LEU H 202 -8.40 -42.79 8.32
CA LEU H 202 -8.81 -42.45 9.67
C LEU H 202 -9.78 -43.48 10.22
N GLU H 203 -10.75 -43.91 9.40
CA GLU H 203 -11.73 -44.87 9.88
C GLU H 203 -11.14 -46.26 10.03
N LEU H 204 -9.95 -46.48 9.46
CA LEU H 204 -9.21 -47.68 9.80
C LEU H 204 -8.74 -47.63 11.26
N LEU H 205 -8.25 -46.47 11.69
CA LEU H 205 -7.72 -46.37 13.04
C LEU H 205 -8.83 -46.37 14.07
N HIS H 206 -9.99 -45.80 13.76
CA HIS H 206 -11.10 -45.88 14.70
C HIS H 206 -11.62 -47.30 14.79
N HIS H 207 -11.49 -48.05 13.70
CA HIS H 207 -11.79 -49.48 13.75
C HIS H 207 -10.78 -50.23 14.61
N LEU H 208 -9.56 -49.72 14.68
CA LEU H 208 -8.51 -50.43 15.43
C LEU H 208 -8.70 -50.26 16.92
N GLN H 209 -9.09 -49.07 17.34
CA GLN H 209 -9.34 -48.81 18.75
C GLN H 209 -10.58 -49.51 19.27
N ALA H 210 -11.49 -49.92 18.39
CA ALA H 210 -12.66 -50.67 18.81
C ALA H 210 -12.27 -52.06 19.29
N ARG H 211 -11.26 -52.66 18.65
CA ARG H 211 -10.93 -54.05 18.93
C ARG H 211 -10.20 -54.18 20.25
N ARG H 212 -9.46 -53.14 20.65
CA ARG H 212 -8.62 -53.21 21.83
C ARG H 212 -9.45 -53.29 23.11
N GLN H 213 -10.49 -52.47 23.20
CA GLN H 213 -11.17 -52.28 24.47
C GLN H 213 -12.01 -53.49 24.84
N ARG H 214 -12.42 -54.27 23.84
CA ARG H 214 -13.06 -55.54 24.13
C ARG H 214 -12.05 -56.57 24.61
N LEU H 215 -10.86 -56.58 24.00
CA LEU H 215 -9.86 -57.58 24.36
C LEU H 215 -9.24 -57.29 25.72
N MET H 216 -9.12 -56.02 26.09
CA MET H 216 -8.69 -55.71 27.45
C MET H 216 -9.74 -56.14 28.45
N SER H 217 -11.02 -56.11 28.06
CA SER H 217 -12.07 -56.61 28.92
C SER H 217 -12.07 -58.13 28.97
N MET H 218 -11.65 -58.78 27.88
CA MET H 218 -11.58 -60.24 27.89
C MET H 218 -10.39 -60.74 28.68
N ARG H 219 -9.31 -59.95 28.76
CA ARG H 219 -8.29 -60.21 29.76
C ARG H 219 -8.84 -60.02 31.16
N ARG H 220 -9.69 -59.01 31.36
CA ARG H 220 -10.40 -58.79 32.61
C ARG H 220 -11.49 -59.81 32.87
N GLU H 221 -11.84 -60.62 31.87
CA GLU H 221 -12.85 -61.66 32.01
C GLU H 221 -12.27 -62.96 32.53
N ASN H 222 -10.94 -63.11 32.48
CA ASN H 222 -10.25 -64.20 33.15
C ASN H 222 -9.32 -63.73 34.26
N ASN H 223 -8.85 -62.48 34.20
CA ASN H 223 -7.95 -61.84 35.18
C ASN H 223 -6.64 -62.64 35.29
N ALA H 224 -5.99 -62.76 34.14
CA ALA H 224 -4.84 -63.66 33.95
C ALA H 224 -3.59 -63.06 34.59
N ARG H 225 -3.51 -63.22 35.91
CA ARG H 225 -2.35 -62.81 36.69
C ARG H 225 -1.47 -63.99 37.07
N LEU H 226 -1.59 -65.09 36.35
CA LEU H 226 -1.10 -66.39 36.80
C LEU H 226 -0.98 -67.30 35.57
N ALA H 227 -0.78 -68.59 35.82
CA ALA H 227 -0.63 -69.56 34.75
C ALA H 227 -1.99 -70.06 34.28
N ASP H 228 -2.29 -69.82 33.01
CA ASP H 228 -3.53 -70.28 32.43
C ASP H 228 -3.42 -71.65 31.78
N PHE H 229 -2.28 -71.95 31.15
CA PHE H 229 -1.99 -73.23 30.50
C PHE H 229 -3.05 -73.56 29.45
N ALA H 230 -3.10 -72.74 28.41
CA ALA H 230 -4.01 -72.92 27.30
C ALA H 230 -3.45 -72.16 26.11
N VAL H 231 -4.14 -72.29 24.98
CA VAL H 231 -3.84 -71.43 23.85
C VAL H 231 -4.63 -70.12 23.96
N ALA H 232 -5.68 -70.10 24.79
CA ALA H 232 -6.60 -68.97 24.87
C ALA H 232 -5.93 -67.69 25.36
N ASP H 233 -4.86 -67.79 26.14
CA ASP H 233 -4.14 -66.58 26.53
C ASP H 233 -2.96 -66.28 25.63
N VAL H 234 -2.35 -67.30 25.04
CA VAL H 234 -1.11 -67.06 24.32
C VAL H 234 -1.39 -66.40 22.98
N SER H 235 -2.62 -66.57 22.46
CA SER H 235 -3.04 -65.73 21.34
C SER H 235 -3.52 -64.38 21.86
N LEU H 236 -4.05 -64.35 23.08
CA LEU H 236 -4.60 -63.13 23.64
C LEU H 236 -3.50 -62.15 24.00
N PHE H 237 -2.44 -62.61 24.66
CA PHE H 237 -1.31 -61.73 24.97
C PHE H 237 -0.57 -61.36 23.70
N TRP H 238 -0.61 -62.23 22.69
CA TRP H 238 0.04 -61.93 21.44
C TRP H 238 -0.69 -60.86 20.64
N LEU H 239 -2.01 -60.98 20.52
CA LEU H 239 -2.78 -60.09 19.67
C LEU H 239 -2.78 -58.67 20.20
N LEU H 240 -2.65 -58.51 21.52
CA LEU H 240 -2.47 -57.17 22.07
C LEU H 240 -1.12 -56.58 21.67
N ASN H 241 -0.09 -57.40 21.57
CA ASN H 241 1.24 -56.89 21.23
C ASN H 241 1.31 -56.40 19.81
N ALA H 242 0.52 -56.98 18.91
CA ALA H 242 0.44 -56.42 17.58
C ALA H 242 -0.35 -55.12 17.58
N LEU H 243 -1.26 -54.95 18.54
CA LEU H 243 -2.13 -53.79 18.54
C LEU H 243 -1.60 -52.67 19.42
N ASN H 244 -0.92 -52.98 20.51
CA ASN H 244 -0.39 -51.92 21.36
C ASN H 244 0.75 -51.16 20.71
N SER H 245 1.49 -51.76 19.79
CA SER H 245 2.61 -51.04 19.19
C SER H 245 2.17 -50.08 18.11
N ALA H 246 1.29 -50.51 17.21
CA ALA H 246 1.02 -49.76 16.00
C ALA H 246 0.17 -48.52 16.23
N GLU H 247 -0.56 -48.46 17.34
CA GLU H 247 -1.44 -47.31 17.56
C GLU H 247 -0.70 -46.03 17.90
N PRO H 248 0.29 -45.98 18.81
CA PRO H 248 1.00 -44.71 18.99
C PRO H 248 2.02 -44.40 17.91
N VAL H 249 2.08 -45.19 16.84
CA VAL H 249 2.88 -44.83 15.68
C VAL H 249 2.00 -44.26 14.58
N LEU H 250 0.90 -44.95 14.28
CA LEU H 250 -0.03 -44.52 13.24
C LEU H 250 -0.90 -43.35 13.67
N LYS H 251 -0.72 -42.82 14.87
CA LYS H 251 -1.51 -41.67 15.26
C LYS H 251 -0.91 -40.39 14.72
N GLU H 252 0.38 -40.16 14.96
CA GLU H 252 1.04 -38.92 14.57
C GLU H 252 1.12 -38.74 13.07
N LEU H 253 1.20 -39.82 12.30
CA LEU H 253 1.26 -39.67 10.86
C LEU H 253 -0.07 -39.24 10.30
N LEU H 254 -1.17 -39.80 10.82
CA LEU H 254 -2.50 -39.41 10.38
C LEU H 254 -3.06 -38.26 11.18
N ASP H 255 -2.27 -37.66 12.06
CA ASP H 255 -2.62 -36.32 12.54
C ASP H 255 -2.23 -35.29 11.51
N MET H 256 -1.26 -35.58 10.73
CA MET H 256 -0.72 -34.49 9.96
C MET H 256 -0.83 -34.74 8.47
N PRO H 257 -0.83 -33.67 7.67
CA PRO H 257 -0.50 -33.81 6.26
C PRO H 257 1.00 -33.86 6.09
N TYR H 258 1.47 -33.74 4.85
CA TYR H 258 2.82 -33.29 4.53
C TYR H 258 3.89 -34.32 4.85
N ARG H 259 3.51 -35.49 5.34
CA ARG H 259 4.40 -36.62 5.30
C ARG H 259 4.42 -37.16 3.88
N HIS H 260 5.44 -37.92 3.58
CA HIS H 260 5.45 -38.67 2.34
C HIS H 260 4.63 -39.95 2.54
N PRO H 261 4.09 -40.54 1.49
CA PRO H 261 3.39 -41.83 1.65
C PRO H 261 4.28 -42.97 2.06
N GLU H 262 5.59 -42.87 1.86
CA GLU H 262 6.48 -43.98 2.18
C GLU H 262 6.58 -44.23 3.67
N LEU H 263 6.47 -43.17 4.48
CA LEU H 263 6.51 -43.35 5.92
C LEU H 263 5.27 -44.07 6.42
N LEU H 264 4.14 -43.84 5.74
CA LEU H 264 2.92 -44.53 6.09
C LEU H 264 2.91 -45.94 5.53
N TYR H 265 3.61 -46.17 4.42
CA TYR H 265 3.58 -47.49 3.80
C TYR H 265 4.32 -48.51 4.65
N ARG H 266 5.37 -48.08 5.37
CA ARG H 266 6.16 -49.07 6.09
C ARG H 266 5.43 -49.59 7.32
N GLU H 267 4.64 -48.77 7.97
CA GLU H 267 3.95 -49.23 9.16
C GLU H 267 2.79 -50.14 8.81
N LEU H 268 2.11 -49.84 7.70
CA LEU H 268 1.05 -50.72 7.24
C LEU H 268 1.62 -52.00 6.66
N ALA H 269 2.85 -51.96 6.15
CA ALA H 269 3.47 -53.20 5.70
C ALA H 269 4.01 -54.01 6.86
N ARG H 270 4.34 -53.35 7.97
CA ARG H 270 4.84 -54.10 9.12
C ARG H 270 3.69 -54.70 9.93
N LEU H 271 2.61 -53.95 10.10
CA LEU H 271 1.49 -54.44 10.90
C LEU H 271 0.80 -55.62 10.23
N ALA H 272 0.53 -55.51 8.93
CA ALA H 272 -0.08 -56.62 8.21
C ALA H 272 0.89 -57.78 8.07
N GLY H 273 2.18 -57.51 8.22
CA GLY H 273 3.14 -58.59 8.25
C GLY H 273 3.14 -59.36 9.55
N SER H 274 2.56 -58.79 10.61
CA SER H 274 2.59 -59.47 11.90
C SER H 274 1.28 -60.16 12.21
N LEU H 275 0.19 -59.71 11.64
CA LEU H 275 -1.10 -60.36 11.81
C LEU H 275 -1.35 -61.48 10.82
N LEU H 276 -0.48 -61.62 9.82
CA LEU H 276 -0.73 -62.58 8.75
C LEU H 276 -0.48 -64.01 9.18
N THR H 277 0.25 -64.22 10.27
CA THR H 277 0.83 -65.51 10.64
C THR H 277 -0.19 -66.59 10.95
N PHE H 278 -1.42 -66.25 11.28
CA PHE H 278 -2.23 -67.20 12.04
C PHE H 278 -3.64 -67.39 11.49
N SER H 279 -4.12 -66.53 10.61
CA SER H 279 -5.50 -66.60 10.17
C SER H 279 -5.66 -66.96 8.71
N LEU H 280 -5.10 -66.17 7.81
CA LEU H 280 -5.37 -66.35 6.40
C LEU H 280 -4.57 -67.49 5.82
N GLU H 281 -5.15 -68.09 4.80
CA GLU H 281 -4.49 -69.00 3.89
C GLU H 281 -3.55 -68.30 2.93
N HIS H 282 -3.56 -66.97 2.92
CA HIS H 282 -2.75 -66.19 2.01
C HIS H 282 -1.28 -66.29 2.37
N ASN H 283 -0.43 -66.11 1.38
CA ASN H 283 0.99 -66.01 1.61
C ASN H 283 1.31 -64.53 1.88
N VAL H 284 2.58 -64.15 1.84
CA VAL H 284 2.96 -62.75 2.04
C VAL H 284 2.77 -62.00 0.73
N ASP H 285 2.46 -62.74 -0.34
CA ASP H 285 2.19 -62.14 -1.65
C ASP H 285 0.97 -61.24 -1.64
N ALA H 286 0.05 -61.47 -0.70
CA ALA H 286 -1.14 -60.64 -0.61
C ALA H 286 -0.82 -59.21 -0.21
N VAL H 287 0.22 -59.01 0.60
CA VAL H 287 0.67 -57.67 0.97
C VAL H 287 1.45 -57.09 -0.22
N PRO H 288 0.97 -56.02 -0.84
CA PRO H 288 1.51 -55.62 -2.14
C PRO H 288 2.68 -54.65 -2.04
N ALA H 289 3.27 -54.38 -3.20
CA ALA H 289 4.47 -53.57 -3.27
C ALA H 289 4.12 -52.13 -3.63
N TYR H 290 5.05 -51.23 -3.32
CA TYR H 290 4.82 -49.81 -3.51
C TYR H 290 5.15 -49.40 -4.93
N HIS H 291 4.25 -48.65 -5.57
CA HIS H 291 4.28 -48.39 -7.00
C HIS H 291 3.99 -46.92 -7.31
N HIS H 292 4.79 -46.01 -6.75
CA HIS H 292 4.54 -44.58 -6.87
C HIS H 292 4.59 -43.98 -8.27
N GLU H 293 4.84 -44.80 -9.29
CA GLU H 293 4.55 -44.39 -10.67
C GLU H 293 3.08 -44.09 -10.83
N THR H 294 2.23 -45.10 -10.62
CA THR H 294 0.78 -44.94 -10.55
C THR H 294 0.32 -45.74 -9.36
N PRO H 295 -0.29 -45.11 -8.36
CA PRO H 295 -0.73 -45.87 -7.19
C PRO H 295 -2.09 -46.51 -7.37
N GLU H 296 -2.29 -47.15 -8.53
CA GLU H 296 -3.52 -47.88 -8.83
C GLU H 296 -3.51 -49.18 -8.06
N ASN H 297 -4.26 -49.18 -6.95
CA ASN H 297 -4.41 -50.32 -6.04
C ASN H 297 -3.06 -50.76 -5.47
N VAL H 298 -2.47 -49.84 -4.73
CA VAL H 298 -1.48 -50.20 -3.72
C VAL H 298 -2.07 -50.02 -2.32
N PHE H 299 -2.82 -48.96 -2.08
CA PHE H 299 -3.55 -48.73 -0.83
C PHE H 299 -4.91 -49.42 -0.70
N PRO H 300 -5.82 -49.45 -1.69
CA PRO H 300 -7.14 -50.06 -1.45
C PRO H 300 -7.11 -51.57 -1.21
N PRO H 301 -6.26 -52.38 -1.87
CA PRO H 301 -6.20 -53.79 -1.42
C PRO H 301 -5.49 -53.96 -0.10
N LEU H 302 -4.53 -53.09 0.21
CA LEU H 302 -3.84 -53.17 1.49
C LEU H 302 -4.80 -52.87 2.64
N LEU H 303 -5.71 -51.92 2.44
CA LEU H 303 -6.71 -51.66 3.46
C LEU H 303 -7.76 -52.76 3.50
N SER H 304 -8.11 -53.31 2.33
CA SER H 304 -9.09 -54.39 2.28
C SER H 304 -8.54 -55.66 2.89
N LEU H 305 -7.22 -55.84 2.84
CA LEU H 305 -6.62 -56.98 3.50
C LEU H 305 -6.65 -56.82 5.01
N LEU H 306 -6.56 -55.58 5.48
CA LEU H 306 -6.49 -55.36 6.92
C LEU H 306 -7.83 -55.59 7.60
N ASN H 307 -8.92 -55.28 6.90
CA ASN H 307 -10.21 -55.43 7.55
C ASN H 307 -10.62 -56.88 7.69
N ARG H 308 -10.17 -57.74 6.78
CA ARG H 308 -10.49 -59.16 6.93
C ARG H 308 -9.66 -59.80 8.03
N LEU H 309 -8.50 -59.24 8.36
CA LEU H 309 -7.72 -59.77 9.47
C LEU H 309 -8.31 -59.41 10.82
N LEU H 310 -9.18 -58.42 10.89
CA LEU H 310 -9.61 -57.92 12.17
C LEU H 310 -10.87 -58.59 12.71
N GLU H 311 -11.16 -59.82 12.29
CA GLU H 311 -12.16 -60.62 13.01
C GLU H 311 -11.48 -61.57 13.99
N ALA H 312 -10.68 -62.51 13.47
CA ALA H 312 -9.58 -63.18 14.17
C ALA H 312 -9.93 -63.84 15.51
N SER H 313 -10.80 -64.85 15.50
CA SER H 313 -11.17 -65.50 16.75
C SER H 313 -10.02 -66.34 17.30
N LEU H 314 -10.14 -66.71 18.57
CA LEU H 314 -9.07 -67.38 19.30
C LEU H 314 -9.42 -68.85 19.46
N PRO H 315 -8.78 -69.76 18.72
CA PRO H 315 -9.32 -71.11 18.56
C PRO H 315 -9.01 -72.11 19.68
N SER H 316 -9.81 -72.09 20.74
CA SER H 316 -10.00 -73.26 21.61
C SER H 316 -11.52 -73.37 21.71
N ARG H 317 -12.12 -74.00 20.72
CA ARG H 317 -13.52 -73.75 20.39
C ARG H 317 -14.31 -75.06 20.48
N VAL H 318 -15.57 -74.97 20.08
CA VAL H 318 -16.49 -76.10 20.08
C VAL H 318 -17.53 -75.83 18.99
N VAL H 319 -17.80 -76.85 18.19
CA VAL H 319 -18.56 -76.64 16.97
C VAL H 319 -20.05 -76.52 17.27
N PHE H 320 -20.67 -75.53 16.64
CA PHE H 320 -22.09 -75.23 16.78
C PHE H 320 -22.75 -75.40 15.43
N ILE H 321 -23.28 -76.59 15.15
CA ILE H 321 -23.77 -76.93 13.81
C ILE H 321 -25.27 -77.21 13.91
N GLU H 322 -26.03 -76.69 12.96
CA GLU H 322 -27.48 -76.83 12.96
C GLU H 322 -27.87 -78.10 12.20
N LEU H 323 -28.68 -78.93 12.85
CA LEU H 323 -29.00 -80.27 12.35
C LEU H 323 -30.24 -80.18 11.45
N LYS H 324 -30.03 -80.29 10.15
CA LYS H 324 -31.07 -80.02 9.14
C LYS H 324 -31.46 -81.29 8.40
N GLN H 325 -32.72 -81.69 8.56
CA GLN H 325 -33.32 -82.77 7.79
C GLN H 325 -34.82 -82.51 7.72
N LYS H 326 -35.40 -82.75 6.55
CA LYS H 326 -36.80 -82.41 6.31
C LYS H 326 -37.74 -83.27 7.15
N GLY H 327 -37.34 -84.50 7.42
CA GLY H 327 -38.10 -85.37 8.29
C GLY H 327 -37.92 -85.01 9.76
N VAL H 328 -38.54 -85.82 10.61
CA VAL H 328 -38.45 -85.58 12.04
C VAL H 328 -37.14 -86.07 12.64
N MET H 329 -36.28 -86.68 11.83
CA MET H 329 -34.96 -87.13 12.27
C MET H 329 -33.93 -86.13 11.76
N TRP H 330 -33.76 -85.04 12.50
CA TRP H 330 -32.87 -83.97 12.08
C TRP H 330 -31.42 -84.42 12.12
N GLU H 331 -30.56 -83.75 11.33
CA GLU H 331 -29.25 -84.31 11.04
C GLU H 331 -28.31 -83.22 10.53
N GLY H 332 -27.07 -83.26 10.98
CA GLY H 332 -26.04 -82.37 10.46
C GLY H 332 -24.93 -83.13 9.76
N ALA H 333 -23.80 -82.48 9.50
CA ALA H 333 -22.70 -83.09 8.80
C ALA H 333 -21.40 -82.39 9.17
N LEU H 334 -20.35 -82.67 8.37
CA LEU H 334 -19.05 -82.00 8.39
C LEU H 334 -18.37 -82.14 9.76
N HIS H 335 -18.07 -83.39 10.11
CA HIS H 335 -17.30 -83.66 11.30
C HIS H 335 -15.81 -83.53 11.01
N ASP H 336 -15.11 -82.83 11.89
CA ASP H 336 -13.67 -82.65 11.79
C ASP H 336 -12.98 -83.96 12.13
N ALA H 337 -12.00 -84.35 11.32
CA ALA H 337 -11.21 -85.54 11.60
C ALA H 337 -10.24 -85.33 12.76
N ARG H 338 -10.01 -84.07 13.14
CA ARG H 338 -9.25 -83.76 14.36
C ARG H 338 -9.98 -84.25 15.61
N LEU H 339 -11.31 -84.33 15.55
CA LEU H 339 -12.12 -84.59 16.73
C LEU H 339 -12.08 -86.03 17.22
N ARG H 340 -11.30 -86.91 16.57
CA ARG H 340 -11.07 -88.21 17.19
C ARG H 340 -9.94 -88.18 18.21
N GLU H 341 -9.31 -87.02 18.41
CA GLU H 341 -8.35 -86.86 19.48
C GLU H 341 -9.05 -86.85 20.85
N GLY H 342 -9.92 -85.88 21.06
CA GLY H 342 -10.45 -85.58 22.38
C GLY H 342 -11.95 -85.45 22.45
N ALA H 343 -12.68 -86.35 21.78
CA ALA H 343 -14.12 -86.20 21.58
C ALA H 343 -14.90 -86.21 22.89
N ASP H 344 -15.92 -85.35 22.96
CA ASP H 344 -16.77 -85.25 24.12
C ASP H 344 -18.09 -84.64 23.67
N PHE H 345 -19.20 -85.18 24.16
CA PHE H 345 -20.53 -84.86 23.64
C PHE H 345 -21.40 -84.28 24.74
N TRP H 346 -21.84 -83.05 24.56
CA TRP H 346 -22.79 -82.41 25.48
C TRP H 346 -23.88 -81.71 24.67
N LEU H 347 -24.46 -82.42 23.71
CA LEU H 347 -25.42 -81.82 22.78
C LEU H 347 -26.69 -81.38 23.52
N SER H 348 -27.44 -80.49 22.87
CA SER H 348 -28.49 -79.76 23.56
C SER H 348 -29.68 -79.53 22.64
N VAL H 349 -30.81 -79.17 23.26
CA VAL H 349 -31.97 -78.64 22.56
C VAL H 349 -32.41 -77.38 23.28
N ARG H 350 -33.52 -76.80 22.82
CA ARG H 350 -34.16 -75.69 23.50
C ARG H 350 -35.67 -75.84 23.36
N SER H 351 -36.34 -76.22 24.44
CA SER H 351 -37.70 -76.77 24.37
C SER H 351 -38.65 -75.86 25.11
N SER H 352 -39.89 -76.35 25.29
CA SER H 352 -40.95 -75.63 25.99
C SER H 352 -41.65 -76.53 27.01
N MET H 353 -40.88 -77.39 27.67
CA MET H 353 -41.54 -78.14 28.73
C MET H 353 -41.47 -77.36 30.03
N PRO H 354 -42.61 -77.17 30.72
CA PRO H 354 -42.62 -76.36 31.94
C PRO H 354 -41.92 -76.98 33.15
N GLY H 355 -41.52 -78.24 33.07
CA GLY H 355 -40.84 -78.86 34.18
C GLY H 355 -39.84 -79.88 33.70
N HIS H 356 -39.26 -80.61 34.65
CA HIS H 356 -38.30 -81.65 34.32
C HIS H 356 -38.95 -83.00 34.10
N GLU H 357 -40.22 -83.02 33.69
CA GLU H 357 -40.83 -84.24 33.17
C GLU H 357 -40.52 -84.47 31.69
N LEU H 358 -39.76 -83.57 31.05
CA LEU H 358 -39.32 -83.78 29.68
C LEU H 358 -38.32 -84.93 29.58
N GLN H 359 -37.69 -85.30 30.71
CA GLN H 359 -36.90 -86.52 30.81
C GLN H 359 -37.67 -87.73 30.31
N THR H 360 -38.78 -88.05 30.96
CA THR H 360 -39.70 -89.09 30.52
C THR H 360 -40.34 -88.79 29.18
N LYS H 361 -40.67 -87.54 28.91
CA LYS H 361 -41.29 -87.14 27.65
C LYS H 361 -40.28 -86.90 26.55
N PHE H 362 -39.00 -87.10 26.83
CA PHE H 362 -38.08 -87.48 25.77
C PHE H 362 -38.02 -89.00 25.86
N PRO H 363 -38.87 -89.71 25.10
CA PRO H 363 -39.08 -91.15 25.39
C PRO H 363 -37.93 -92.01 24.95
N GLN H 364 -37.19 -91.62 23.92
CA GLN H 364 -36.01 -92.35 23.48
C GLN H 364 -34.75 -91.79 24.13
N LEU H 365 -34.74 -91.67 25.45
CA LEU H 365 -33.61 -91.03 26.13
C LEU H 365 -32.50 -92.06 26.41
N CYS H 366 -32.17 -92.80 25.34
CA CYS H 366 -31.09 -93.77 25.24
C CYS H 366 -31.00 -94.14 23.76
N LYS H 367 -29.76 -94.21 23.25
CA LYS H 367 -29.45 -94.72 21.92
C LYS H 367 -30.12 -93.91 20.79
N ALA H 368 -29.71 -92.65 20.68
CA ALA H 368 -29.99 -91.88 19.49
C ALA H 368 -29.01 -92.23 18.39
N GLY H 369 -29.45 -92.08 17.14
CA GLY H 369 -28.68 -92.58 16.01
C GLY H 369 -27.45 -91.77 15.62
N SER H 370 -26.26 -92.34 15.80
CA SER H 370 -25.02 -91.80 15.26
C SER H 370 -24.74 -92.12 13.77
N PRO H 371 -24.74 -93.41 13.27
CA PRO H 371 -24.03 -93.68 12.01
C PRO H 371 -24.75 -93.17 10.75
N ASP H 372 -24.19 -93.45 9.58
CA ASP H 372 -24.78 -92.95 8.34
C ASP H 372 -25.95 -93.81 7.88
N ASP H 373 -26.15 -94.96 8.49
CA ASP H 373 -27.22 -95.87 8.12
C ASP H 373 -28.27 -96.03 9.23
N VAL H 374 -28.61 -94.93 9.90
CA VAL H 374 -29.82 -94.86 10.72
C VAL H 374 -30.79 -93.87 10.07
N SER H 375 -32.02 -94.33 9.82
CA SER H 375 -33.04 -93.51 9.20
C SER H 375 -34.07 -93.00 10.20
N GLU H 376 -34.50 -93.84 11.13
CA GLU H 376 -35.28 -93.42 12.27
C GLU H 376 -34.67 -94.04 13.52
N VAL H 377 -34.91 -93.40 14.66
CA VAL H 377 -34.30 -93.87 15.91
C VAL H 377 -35.24 -94.83 16.62
N VAL H 378 -36.55 -94.73 16.39
CA VAL H 378 -37.51 -95.61 17.05
C VAL H 378 -37.41 -97.06 16.55
N ASN H 379 -36.78 -97.29 15.41
CA ASN H 379 -36.48 -98.64 14.94
C ASN H 379 -35.00 -98.95 14.83
N VAL H 380 -34.16 -97.95 14.49
CA VAL H 380 -32.72 -98.17 14.38
C VAL H 380 -31.99 -97.40 15.46
N ALA H 381 -31.38 -98.12 16.39
CA ALA H 381 -30.60 -97.53 17.47
C ALA H 381 -29.21 -98.15 17.52
N LEU H 382 -28.40 -97.65 18.44
CA LEU H 382 -27.03 -98.12 18.63
C LEU H 382 -27.02 -99.25 19.66
N SER H 383 -25.82 -99.56 20.16
CA SER H 383 -25.69 -100.48 21.29
C SER H 383 -24.53 -99.95 22.13
N GLY H 384 -24.86 -99.31 23.26
CA GLY H 384 -23.82 -98.72 24.09
C GLY H 384 -23.93 -97.22 24.26
N VAL H 385 -25.14 -96.69 24.27
CA VAL H 385 -25.38 -95.26 24.47
C VAL H 385 -26.26 -95.07 25.69
N ILE H 386 -25.75 -94.31 26.66
CA ILE H 386 -26.51 -93.92 27.85
C ILE H 386 -26.63 -92.40 27.83
N ILE H 387 -27.85 -91.91 27.67
CA ILE H 387 -28.10 -90.48 27.59
C ILE H 387 -28.42 -89.98 29.01
N ARG H 388 -27.48 -89.24 29.60
CA ARG H 388 -27.63 -88.73 30.95
C ARG H 388 -28.32 -87.38 30.91
N PRO H 389 -29.39 -87.16 31.66
CA PRO H 389 -29.91 -85.80 31.80
C PRO H 389 -28.97 -84.96 32.63
N VAL H 390 -28.58 -83.82 32.09
CA VAL H 390 -27.61 -82.95 32.74
C VAL H 390 -28.36 -81.75 33.30
N THR H 391 -28.44 -81.66 34.63
CA THR H 391 -29.01 -80.50 35.30
C THR H 391 -27.98 -79.69 36.06
N HIS H 392 -26.81 -80.25 36.34
CA HIS H 392 -25.69 -79.52 36.89
C HIS H 392 -24.66 -79.36 35.78
N VAL H 393 -24.54 -78.16 35.26
CA VAL H 393 -23.88 -77.90 33.99
C VAL H 393 -22.46 -77.45 34.25
N PRO H 394 -21.46 -78.11 33.67
CA PRO H 394 -20.08 -77.63 33.79
C PRO H 394 -19.86 -76.35 32.99
N ALA H 395 -18.73 -75.72 33.25
CA ALA H 395 -18.41 -74.43 32.68
C ALA H 395 -17.90 -74.57 31.25
N ALA H 396 -17.33 -73.47 30.74
CA ALA H 396 -16.76 -73.27 29.41
C ALA H 396 -17.77 -73.44 28.28
N ILE H 397 -19.07 -73.46 28.59
CA ILE H 397 -20.11 -73.60 27.58
C ILE H 397 -20.98 -72.34 27.62
N PRO H 398 -20.85 -71.45 26.64
CA PRO H 398 -21.59 -70.18 26.70
C PRO H 398 -23.05 -70.36 26.33
N LEU H 399 -23.81 -69.27 26.50
CA LEU H 399 -25.23 -69.17 26.12
C LEU H 399 -26.08 -70.20 26.84
N ARG H 400 -25.72 -70.48 28.09
CA ARG H 400 -26.19 -71.71 28.72
C ARG H 400 -27.61 -71.57 29.25
N LEU H 401 -28.41 -72.63 29.04
CA LEU H 401 -29.77 -72.75 29.53
C LEU H 401 -29.89 -74.12 30.19
N GLU H 402 -30.18 -74.14 31.48
CA GLU H 402 -30.36 -75.40 32.19
C GLU H 402 -31.75 -75.96 31.90
N ASN H 403 -31.94 -77.23 32.32
CA ASN H 403 -33.12 -78.05 32.02
C ASN H 403 -33.36 -78.16 30.51
N GLN H 404 -32.28 -78.14 29.73
CA GLN H 404 -32.31 -78.40 28.30
C GLN H 404 -31.13 -79.27 27.89
N TYR H 405 -30.33 -79.73 28.84
CA TYR H 405 -29.01 -80.27 28.56
C TYR H 405 -28.96 -81.76 28.89
N PHE H 406 -28.10 -82.44 28.15
CA PHE H 406 -27.96 -83.89 28.24
C PHE H 406 -26.62 -84.29 27.64
N ALA H 407 -26.14 -85.48 28.00
CA ALA H 407 -24.88 -85.99 27.52
C ALA H 407 -25.11 -87.19 26.61
N LEU H 408 -24.09 -87.52 25.82
CA LEU H 408 -24.16 -88.60 24.83
C LEU H 408 -22.91 -89.47 24.95
N ASP H 409 -23.06 -90.65 25.55
CA ASP H 409 -21.98 -91.62 25.64
C ASP H 409 -22.10 -92.59 24.48
N LEU H 410 -20.95 -93.11 24.02
CA LEU H 410 -20.95 -94.11 22.96
C LEU H 410 -19.95 -95.22 23.25
N SER H 411 -19.74 -96.10 22.27
CA SER H 411 -18.70 -97.12 22.35
C SER H 411 -17.36 -96.52 21.92
N THR H 412 -16.38 -97.42 21.71
CA THR H 412 -15.14 -96.99 21.08
C THR H 412 -15.21 -97.18 19.58
N ASP H 413 -16.06 -98.11 19.13
CA ASP H 413 -16.25 -98.31 17.70
C ASP H 413 -17.34 -97.40 17.17
N ALA H 414 -18.37 -97.14 17.99
CA ALA H 414 -19.50 -96.33 17.57
C ALA H 414 -19.11 -94.87 17.38
N ALA H 415 -18.11 -94.40 18.12
CA ALA H 415 -17.63 -93.04 17.95
C ALA H 415 -16.84 -92.89 16.65
N ARG H 416 -16.18 -93.96 16.22
CA ARG H 416 -15.33 -93.88 15.03
C ARG H 416 -16.15 -94.00 13.76
N ALA H 417 -17.19 -94.83 13.76
CA ALA H 417 -18.03 -94.98 12.57
C ALA H 417 -18.88 -93.75 12.31
N MET H 418 -19.21 -93.00 13.37
CA MET H 418 -19.90 -91.72 13.18
C MET H 418 -18.96 -90.70 12.55
N LEU H 419 -17.73 -90.59 13.08
CA LEU H 419 -16.76 -89.62 12.57
C LEU H 419 -16.32 -89.95 11.17
N ASP H 420 -16.19 -91.23 10.83
CA ASP H 420 -15.88 -91.60 9.46
C ASP H 420 -17.06 -91.33 8.53
N ALA H 421 -18.28 -91.36 9.08
CA ALA H 421 -19.44 -90.89 8.35
C ALA H 421 -19.52 -89.37 8.36
N GLY H 422 -19.39 -88.76 9.53
CA GLY H 422 -19.49 -87.33 9.68
C GLY H 422 -20.87 -86.81 10.06
N ARG H 423 -21.88 -87.67 10.04
CA ARG H 423 -23.26 -87.28 10.24
C ARG H 423 -23.81 -88.02 11.46
N CYS H 424 -24.96 -87.55 11.95
CA CYS H 424 -25.60 -88.05 13.16
C CYS H 424 -27.02 -87.50 13.23
N THR H 425 -27.93 -88.27 13.84
CA THR H 425 -29.33 -87.88 13.86
C THR H 425 -29.87 -87.80 15.30
N PHE H 426 -31.16 -87.46 15.40
CA PHE H 426 -31.81 -87.10 16.66
C PHE H 426 -33.01 -88.02 16.91
N TYR H 427 -33.37 -88.19 18.19
CA TYR H 427 -34.12 -89.38 18.59
C TYR H 427 -35.64 -89.19 18.61
N THR H 428 -36.16 -88.11 19.19
CA THR H 428 -37.61 -88.03 19.32
C THR H 428 -38.23 -87.46 18.05
N PRO H 429 -39.30 -88.07 17.53
CA PRO H 429 -39.97 -87.52 16.34
C PRO H 429 -40.72 -86.22 16.59
N ALA H 430 -40.84 -85.77 17.83
CA ALA H 430 -41.48 -84.50 18.16
C ALA H 430 -40.52 -83.29 18.10
N SER H 431 -39.43 -83.38 17.31
CA SER H 431 -38.50 -82.27 17.14
C SER H 431 -39.09 -81.10 16.38
N LEU H 432 -40.22 -81.28 15.71
CA LEU H 432 -40.94 -80.21 15.04
C LEU H 432 -41.85 -79.42 15.98
N GLY H 433 -41.74 -79.62 17.29
CA GLY H 433 -42.47 -78.82 18.25
C GLY H 433 -41.76 -77.51 18.53
N ASP H 434 -41.75 -77.08 19.79
CA ASP H 434 -41.04 -75.85 20.14
C ASP H 434 -39.60 -76.16 20.57
N VAL H 435 -38.90 -76.93 19.73
CA VAL H 435 -37.59 -77.49 20.07
C VAL H 435 -36.59 -77.05 19.02
N LYS H 436 -35.48 -76.44 19.48
CA LYS H 436 -34.39 -76.04 18.61
C LYS H 436 -33.09 -76.69 19.06
N LEU H 437 -32.44 -77.39 18.13
CA LEU H 437 -31.32 -78.26 18.42
C LEU H 437 -29.98 -77.57 18.17
N GLU H 438 -28.93 -78.09 18.79
CA GLU H 438 -27.57 -77.61 18.61
C GLU H 438 -26.64 -78.82 18.53
N LEU H 439 -25.37 -78.55 18.20
CA LEU H 439 -24.34 -79.57 18.22
C LEU H 439 -23.24 -79.14 19.18
N PHE H 440 -22.43 -80.10 19.59
CA PHE H 440 -21.41 -79.84 20.60
C PHE H 440 -20.35 -80.92 20.52
N ALA H 441 -19.08 -80.50 20.47
CA ALA H 441 -17.96 -81.43 20.53
C ALA H 441 -16.75 -80.66 21.05
N VAL H 442 -16.46 -80.80 22.34
CA VAL H 442 -15.38 -80.07 22.97
C VAL H 442 -14.16 -80.97 23.04
N LEU H 443 -12.98 -80.37 23.10
CA LEU H 443 -11.71 -81.10 23.12
C LEU H 443 -11.47 -81.64 24.52
N ARG H 444 -10.89 -82.84 24.61
CA ARG H 444 -10.41 -83.38 25.88
C ARG H 444 -8.90 -83.18 26.03
N MET I 1 34.28 -20.46 9.46
CA MET I 1 34.63 -19.24 8.74
C MET I 1 33.65 -18.11 9.00
N LYS I 2 33.75 -17.08 8.18
CA LYS I 2 32.78 -15.99 8.18
C LYS I 2 32.15 -15.93 6.80
N ILE I 3 30.85 -16.18 6.73
CA ILE I 3 30.11 -16.21 5.49
C ILE I 3 29.06 -15.12 5.56
N TYR I 4 29.01 -14.26 4.55
CA TYR I 4 28.28 -13.02 4.61
C TYR I 4 27.13 -13.01 3.61
N ARG I 5 26.08 -12.23 3.91
CA ARG I 5 24.99 -12.08 2.95
C ARG I 5 25.10 -10.73 2.25
N PRO I 6 24.79 -10.65 0.96
CA PRO I 6 24.81 -9.35 0.28
C PRO I 6 23.49 -8.62 0.49
N LEU I 7 23.51 -7.32 0.20
CA LEU I 7 22.31 -6.49 0.30
C LEU I 7 22.18 -5.74 -1.03
N TRP I 8 21.05 -5.91 -1.70
CA TRP I 8 20.89 -5.34 -3.04
C TRP I 8 20.17 -3.98 -2.96
N GLU I 9 20.80 -3.07 -2.22
CA GLU I 9 20.35 -1.69 -2.16
C GLU I 9 20.53 -1.02 -3.51
N ASP I 10 19.60 -0.15 -3.86
CA ASP I 10 19.76 0.67 -5.04
C ASP I 10 20.79 1.76 -4.76
N GLY I 11 21.70 1.96 -5.70
CA GLY I 11 22.82 2.86 -5.47
C GLY I 11 23.97 2.18 -4.76
N ALA I 12 24.07 0.88 -4.89
CA ALA I 12 25.22 0.11 -4.42
C ALA I 12 25.82 -0.75 -5.54
N PHE I 13 27.04 -0.45 -5.96
CA PHE I 13 27.43 -0.63 -7.35
C PHE I 13 27.49 -2.07 -7.87
N LEU I 14 28.66 -2.67 -7.75
CA LEU I 14 28.94 -4.02 -8.24
C LEU I 14 30.29 -4.45 -7.73
N MET I 15 30.39 -5.55 -7.01
CA MET I 15 31.69 -6.14 -6.72
C MET I 15 31.62 -7.65 -6.91
N PRO I 16 32.61 -8.27 -7.58
CA PRO I 16 32.60 -9.73 -7.74
C PRO I 16 32.93 -10.47 -6.46
N GLN I 17 33.28 -9.71 -5.43
CA GLN I 17 33.44 -10.29 -4.12
C GLN I 17 32.08 -10.60 -3.49
N GLN I 18 31.03 -9.93 -3.99
CA GLN I 18 29.68 -10.18 -3.48
C GLN I 18 29.13 -11.53 -3.92
N PHE I 19 29.19 -11.81 -5.22
CA PHE I 19 28.50 -12.97 -5.79
C PHE I 19 29.10 -14.27 -5.28
N GLN I 20 30.36 -14.25 -4.90
CA GLN I 20 30.99 -15.40 -4.29
C GLN I 20 30.42 -15.69 -2.91
N GLN I 21 29.98 -14.64 -2.22
CA GLN I 21 29.48 -14.83 -0.86
C GLN I 21 28.08 -15.43 -0.87
N GLN I 22 27.22 -14.96 -1.76
CA GLN I 22 25.85 -15.47 -1.79
C GLN I 22 25.82 -16.91 -2.27
N ALA I 23 26.58 -17.21 -3.32
CA ALA I 23 26.65 -18.56 -3.86
C ALA I 23 27.26 -19.55 -2.88
N ALA I 24 28.14 -19.12 -1.99
CA ALA I 24 28.56 -19.98 -0.90
C ALA I 24 27.75 -19.73 0.36
N TRP I 25 26.43 -19.66 0.20
CA TRP I 25 25.53 -19.63 1.34
C TRP I 25 24.38 -20.61 1.25
N ASP I 26 23.79 -20.81 0.08
CA ASP I 26 22.77 -21.85 -0.08
C ASP I 26 23.38 -23.23 0.00
N VAL I 27 24.67 -23.34 -0.33
CA VAL I 27 25.44 -24.56 -0.04
C VAL I 27 25.43 -24.84 1.45
N HIS I 28 25.55 -23.79 2.27
CA HIS I 28 25.41 -23.99 3.70
C HIS I 28 23.95 -24.25 4.08
N LEU I 29 23.01 -23.70 3.31
CA LEU I 29 21.60 -24.03 3.53
C LEU I 29 21.29 -25.47 3.17
N ALA I 30 22.08 -26.06 2.27
CA ALA I 30 21.82 -27.44 1.88
C ALA I 30 22.20 -28.40 3.01
N ASP I 31 23.17 -28.03 3.84
CA ASP I 31 23.58 -28.93 4.92
C ASP I 31 22.58 -28.95 6.05
N SER I 32 22.07 -27.78 6.44
CA SER I 32 21.10 -27.72 7.54
C SER I 32 19.80 -28.43 7.19
N VAL I 33 19.46 -28.47 5.90
CA VAL I 33 18.41 -29.37 5.46
C VAL I 33 18.85 -30.82 5.62
N ALA I 34 20.09 -31.11 5.24
CA ALA I 34 20.54 -32.50 5.21
C ALA I 34 20.95 -33.01 6.58
N ARG I 35 21.40 -32.14 7.48
CA ARG I 35 21.88 -32.61 8.78
C ARG I 35 20.76 -32.87 9.76
N MET I 36 19.54 -33.04 9.31
CA MET I 36 18.48 -33.55 10.14
C MET I 36 18.32 -35.06 9.97
N GLY I 37 19.16 -35.67 9.12
CA GLY I 37 19.14 -37.08 8.81
C GLY I 37 20.51 -37.75 8.66
N LEU I 38 21.51 -37.30 9.42
CA LEU I 38 22.89 -37.75 9.23
C LEU I 38 23.58 -38.02 10.55
N ALA I 39 24.32 -39.13 10.59
CA ALA I 39 25.35 -39.31 11.62
C ALA I 39 26.71 -38.75 11.19
N HIS I 40 27.27 -39.25 10.10
CA HIS I 40 28.70 -39.08 9.87
C HIS I 40 29.00 -38.71 8.41
N PRO I 41 30.05 -37.90 8.17
CA PRO I 41 30.25 -37.24 6.86
C PRO I 41 30.41 -38.16 5.65
N TRP I 42 30.16 -37.60 4.48
CA TRP I 42 29.58 -38.30 3.35
C TRP I 42 30.59 -39.09 2.55
N GLY I 43 30.15 -39.64 1.42
CA GLY I 43 30.89 -40.65 0.70
C GLY I 43 30.70 -40.64 -0.80
N VAL I 44 30.49 -41.83 -1.38
CA VAL I 44 30.60 -42.05 -2.82
C VAL I 44 29.23 -42.39 -3.37
N VAL I 45 28.82 -41.68 -4.41
CA VAL I 45 27.61 -42.08 -5.11
C VAL I 45 27.92 -43.15 -6.14
N ALA I 46 28.95 -42.95 -6.95
CA ALA I 46 29.35 -43.91 -7.96
C ALA I 46 30.81 -43.67 -8.33
N ALA I 47 31.47 -44.73 -8.78
CA ALA I 47 32.88 -44.64 -9.17
C ALA I 47 33.19 -45.82 -10.08
N GLU I 48 33.65 -45.55 -11.29
CA GLU I 48 33.97 -46.59 -12.26
C GLU I 48 35.32 -46.31 -12.90
N PHE I 49 36.07 -47.38 -13.15
CA PHE I 49 37.46 -47.29 -13.60
C PHE I 49 37.66 -48.01 -14.92
N ASP I 50 38.86 -47.82 -15.48
CA ASP I 50 39.29 -48.48 -16.72
C ASP I 50 40.59 -49.22 -16.40
N ASP I 51 40.51 -50.53 -16.39
CA ASP I 51 41.59 -51.39 -15.96
C ASP I 51 42.45 -51.92 -17.09
N SER I 52 42.34 -51.37 -18.30
CA SER I 52 43.12 -51.85 -19.43
C SER I 52 44.60 -51.48 -19.30
N LEU I 53 44.91 -50.35 -18.68
CA LEU I 53 46.29 -49.92 -18.51
C LEU I 53 46.94 -50.50 -17.28
N LEU I 54 46.37 -51.54 -16.70
CA LEU I 54 47.02 -52.23 -15.58
C LEU I 54 48.29 -53.01 -15.95
N PRO I 55 48.39 -53.75 -17.08
CA PRO I 55 49.69 -54.37 -17.39
C PRO I 55 50.76 -53.38 -17.83
N LEU I 56 50.42 -52.11 -18.00
CA LEU I 56 51.34 -51.09 -18.48
C LEU I 56 51.35 -49.97 -17.46
N SER I 57 51.62 -50.32 -16.20
CA SER I 57 50.87 -49.89 -15.02
C SER I 57 50.47 -48.42 -14.97
N ARG I 58 49.17 -48.19 -15.13
CA ARG I 58 48.52 -46.91 -15.08
C ARG I 58 47.11 -47.13 -14.58
N LEU I 59 46.50 -46.10 -14.02
CA LEU I 59 45.14 -46.22 -13.50
C LEU I 59 44.39 -44.94 -13.82
N ASN I 60 43.27 -45.07 -14.52
CA ASN I 60 42.47 -43.92 -14.91
C ASN I 60 40.99 -44.29 -14.85
N ALA I 61 40.13 -43.26 -14.72
CA ALA I 61 38.73 -43.47 -14.43
C ALA I 61 37.86 -43.28 -15.66
N THR I 62 36.57 -43.60 -15.52
CA THR I 62 35.58 -43.40 -16.56
C THR I 62 34.40 -42.56 -16.11
N ARG I 63 33.98 -42.71 -14.86
CA ARG I 63 32.76 -42.10 -14.35
C ARG I 63 32.87 -42.00 -12.83
N LEU I 64 32.60 -40.81 -12.30
CA LEU I 64 32.95 -40.52 -10.91
C LEU I 64 32.04 -39.43 -10.38
N ILE I 65 31.28 -39.72 -9.31
CA ILE I 65 30.44 -38.72 -8.63
C ILE I 65 30.61 -38.92 -7.13
N VAL I 66 31.19 -37.93 -6.46
CA VAL I 66 31.48 -38.01 -5.01
C VAL I 66 31.04 -36.70 -4.37
N ARG I 67 30.43 -36.77 -3.19
CA ARG I 67 30.11 -35.63 -2.36
C ARG I 67 31.16 -35.53 -1.25
N PHE I 68 31.41 -34.32 -0.76
CA PHE I 68 32.47 -34.03 0.20
C PHE I 68 31.91 -33.40 1.48
N PRO I 69 32.58 -33.57 2.62
CA PRO I 69 31.97 -33.19 3.90
C PRO I 69 31.81 -31.69 4.15
N ASP I 70 32.13 -30.80 3.23
CA ASP I 70 31.82 -29.39 3.41
C ASP I 70 30.70 -28.92 2.50
N GLY I 71 29.90 -29.83 1.98
CA GLY I 71 28.89 -29.44 1.02
C GLY I 71 29.38 -29.30 -0.40
N THR I 72 30.51 -29.91 -0.74
CA THR I 72 31.00 -29.86 -2.12
C THR I 72 30.56 -31.11 -2.85
N LEU I 73 29.94 -30.92 -4.01
CA LEU I 73 29.54 -32.01 -4.89
C LEU I 73 30.44 -32.02 -6.11
N ILE I 74 30.89 -33.20 -6.51
CA ILE I 74 31.73 -33.37 -7.68
C ILE I 74 30.99 -34.26 -8.66
N ASP I 75 30.74 -33.74 -9.85
CA ASP I 75 30.04 -34.47 -10.89
C ASP I 75 30.88 -34.43 -12.15
N THR I 76 31.17 -35.61 -12.70
CA THR I 76 31.91 -35.71 -13.94
C THR I 76 31.03 -35.99 -15.14
N GLU I 77 29.73 -36.15 -14.93
CA GLU I 77 28.82 -36.19 -16.05
C GLU I 77 28.29 -34.82 -16.42
N ARG I 78 28.27 -33.88 -15.49
CA ARG I 78 27.66 -32.59 -15.73
C ARG I 78 28.55 -31.41 -15.43
N ALA I 79 29.41 -31.48 -14.44
CA ALA I 79 30.04 -30.28 -13.91
C ALA I 79 31.56 -30.24 -13.98
N ASP I 80 32.27 -31.35 -13.90
CA ASP I 80 33.71 -31.29 -13.71
C ASP I 80 34.42 -32.20 -14.70
N ASN I 81 35.74 -32.04 -14.75
CA ASN I 81 36.61 -32.84 -15.59
C ASN I 81 37.18 -34.02 -14.80
N LEU I 82 37.69 -34.99 -15.54
CA LEU I 82 38.25 -36.18 -14.93
C LEU I 82 39.59 -35.88 -14.27
N PRO I 83 39.96 -36.63 -13.23
CA PRO I 83 41.28 -36.46 -12.65
C PRO I 83 42.35 -37.00 -13.59
N PRO I 84 43.56 -36.48 -13.53
CA PRO I 84 44.64 -36.99 -14.38
C PRO I 84 45.09 -38.38 -13.97
N VAL I 85 45.76 -39.04 -14.91
CA VAL I 85 46.05 -40.47 -14.76
C VAL I 85 47.18 -40.68 -13.76
N CYS I 86 47.04 -41.72 -12.94
CA CYS I 86 47.97 -42.01 -11.85
C CYS I 86 49.09 -42.92 -12.32
N ASP I 87 50.25 -42.80 -11.67
CA ASP I 87 51.43 -43.60 -11.97
C ASP I 87 51.79 -44.40 -10.73
N LEU I 88 51.93 -45.71 -10.89
CA LEU I 88 52.30 -46.61 -9.79
C LEU I 88 53.79 -46.88 -9.73
N SER I 89 54.58 -46.11 -10.48
CA SER I 89 55.97 -46.47 -10.76
C SER I 89 56.86 -46.43 -9.54
N THR I 90 56.68 -45.48 -8.64
CA THR I 90 57.47 -45.41 -7.42
C THR I 90 57.09 -46.47 -6.41
N VAL I 91 55.93 -47.10 -6.59
CA VAL I 91 55.41 -48.09 -5.65
C VAL I 91 55.34 -49.38 -6.45
N SER I 92 56.29 -49.56 -7.35
CA SER I 92 56.28 -50.74 -8.22
C SER I 92 56.59 -52.02 -7.45
N ASP I 93 57.19 -51.92 -6.26
CA ASP I 93 57.39 -53.10 -5.43
C ASP I 93 56.88 -52.80 -4.02
N ARG I 94 55.56 -52.91 -3.86
CA ARG I 94 54.86 -53.06 -2.58
C ARG I 94 53.68 -54.00 -2.85
N SER I 95 52.76 -54.10 -1.89
CA SER I 95 51.64 -55.02 -2.03
C SER I 95 50.27 -54.36 -2.01
N LEU I 96 50.02 -53.41 -1.12
CA LEU I 96 48.69 -52.83 -0.93
C LEU I 96 48.80 -51.32 -0.93
N VAL I 97 48.08 -50.66 -1.83
CA VAL I 97 47.99 -49.22 -1.82
C VAL I 97 46.52 -48.85 -1.73
N ASP I 98 46.21 -47.93 -0.83
CA ASP I 98 44.85 -47.39 -0.71
C ASP I 98 44.80 -46.06 -1.43
N ILE I 99 43.86 -45.92 -2.35
CA ILE I 99 43.79 -44.75 -3.22
C ILE I 99 42.62 -43.88 -2.81
N VAL I 100 42.92 -42.63 -2.48
CA VAL I 100 41.89 -41.66 -2.14
C VAL I 100 41.89 -40.56 -3.18
N LEU I 101 40.74 -39.90 -3.33
CA LEU I 101 40.64 -38.72 -4.15
C LEU I 101 40.88 -37.52 -3.25
N ALA I 102 41.30 -36.40 -3.85
CA ALA I 102 41.67 -35.26 -3.02
C ALA I 102 41.28 -33.94 -3.67
N LEU I 103 40.76 -33.05 -2.85
CA LEU I 103 40.71 -31.62 -3.05
C LEU I 103 41.48 -30.94 -1.93
N PRO I 104 42.17 -29.84 -2.22
CA PRO I 104 42.92 -29.16 -1.17
C PRO I 104 42.01 -28.41 -0.21
N LEU I 105 42.55 -28.16 0.98
CA LEU I 105 41.88 -27.30 1.93
C LEU I 105 41.94 -25.86 1.44
N LEU I 106 41.04 -25.03 1.96
CA LEU I 106 40.89 -23.66 1.50
C LEU I 106 41.15 -22.70 2.65
N ASN I 107 42.01 -21.72 2.41
CA ASN I 107 42.27 -20.66 3.37
C ASN I 107 41.51 -19.40 2.97
N ALA I 108 41.41 -18.49 3.94
CA ALA I 108 40.65 -17.26 3.79
C ALA I 108 41.52 -16.09 3.33
N ASN I 109 42.57 -16.35 2.54
CA ASN I 109 43.37 -15.26 2.02
C ASN I 109 43.73 -15.43 0.55
N GLY I 110 43.52 -16.63 0.00
CA GLY I 110 44.06 -16.94 -1.31
C GLY I 110 43.07 -17.01 -2.44
N GLY I 111 42.72 -18.22 -2.85
CA GLY I 111 41.84 -18.43 -3.97
C GLY I 111 42.36 -19.56 -4.83
N ASN I 112 42.33 -19.34 -6.14
CA ASN I 112 42.79 -20.34 -7.08
C ASN I 112 44.31 -20.39 -7.16
N LEU I 113 44.80 -21.22 -8.05
CA LEU I 113 46.24 -21.43 -8.21
C LEU I 113 46.69 -20.76 -9.51
N ASP I 114 47.69 -19.88 -9.40
CA ASP I 114 48.21 -19.11 -10.53
C ASP I 114 49.26 -19.96 -11.27
N ASN I 115 48.75 -20.85 -12.13
CA ASN I 115 49.50 -21.50 -13.21
C ASN I 115 50.63 -22.38 -12.70
N GLY I 116 50.54 -22.84 -11.45
CA GLY I 116 51.60 -23.62 -10.85
C GLY I 116 52.84 -22.85 -10.49
N SER I 117 52.82 -21.52 -10.61
CA SER I 117 54.01 -20.71 -10.38
C SER I 117 54.34 -20.58 -8.90
N GLU I 118 53.37 -20.82 -8.02
CA GLU I 118 53.52 -20.67 -6.58
C GLU I 118 53.12 -21.96 -5.88
N SER I 119 53.78 -23.06 -6.27
CA SER I 119 53.38 -24.42 -5.92
C SER I 119 53.71 -24.84 -4.48
N GLU I 120 54.05 -23.89 -3.59
CA GLU I 120 54.12 -24.18 -2.17
C GLU I 120 52.74 -24.41 -1.57
N ARG I 121 51.69 -23.90 -2.20
CA ARG I 121 50.35 -23.97 -1.67
C ARG I 121 49.48 -24.69 -2.68
N PRO I 122 48.99 -25.89 -2.38
CA PRO I 122 48.08 -26.56 -3.33
C PRO I 122 46.72 -25.90 -3.37
N ARG I 123 46.31 -25.41 -4.54
CA ARG I 123 45.07 -24.66 -4.66
C ARG I 123 44.22 -25.20 -5.79
N ARG I 124 42.92 -25.13 -5.60
CA ARG I 124 41.88 -25.62 -6.51
C ARG I 124 41.43 -24.50 -7.45
N TRP I 125 40.26 -24.68 -8.07
CA TRP I 125 39.62 -23.74 -9.01
C TRP I 125 40.46 -23.49 -10.26
N LYS I 126 40.60 -24.50 -11.09
CA LYS I 126 41.08 -24.25 -12.44
C LYS I 126 39.96 -23.66 -13.30
N SER I 127 40.35 -22.79 -14.23
CA SER I 127 39.42 -22.13 -15.14
C SER I 127 39.50 -22.75 -16.53
N GLU I 128 38.48 -22.49 -17.33
CA GLU I 128 38.36 -23.02 -18.68
C GLU I 128 37.34 -22.19 -19.43
N ARG I 129 37.56 -21.93 -20.71
CA ARG I 129 36.73 -21.01 -21.47
C ARG I 129 35.95 -21.76 -22.55
N VAL I 130 34.68 -22.04 -22.27
CA VAL I 130 33.81 -22.83 -23.13
C VAL I 130 32.63 -21.96 -23.52
N ASN I 131 32.15 -22.12 -24.76
CA ASN I 131 31.07 -21.29 -25.30
C ASN I 131 29.74 -22.06 -25.36
N VAL I 132 28.87 -21.82 -24.37
CA VAL I 132 27.55 -22.42 -24.33
C VAL I 132 26.55 -21.33 -23.97
N GLN I 133 25.64 -21.03 -24.90
CA GLN I 133 24.77 -19.86 -24.77
C GLN I 133 23.33 -20.05 -25.25
N GLU I 134 22.93 -21.25 -25.63
CA GLU I 134 21.89 -21.50 -26.61
C GLU I 134 20.46 -21.43 -26.08
N LEU I 135 20.17 -20.72 -24.98
CA LEU I 135 18.80 -20.71 -24.46
C LEU I 135 17.95 -19.56 -24.97
N ALA I 136 18.38 -18.86 -26.02
CA ALA I 136 17.57 -17.81 -26.62
C ALA I 136 17.55 -17.88 -28.15
N GLY I 137 18.56 -18.50 -28.76
CA GLY I 137 18.64 -18.54 -30.21
C GLY I 137 20.04 -18.34 -30.77
N HIS I 138 21.06 -18.25 -29.92
CA HIS I 138 22.42 -18.10 -30.39
C HIS I 138 23.38 -18.69 -29.34
N GLU I 139 24.64 -18.89 -29.76
CA GLU I 139 25.56 -19.74 -29.02
C GLU I 139 26.92 -19.08 -28.79
N GLN I 140 27.12 -17.85 -29.29
CA GLN I 140 28.44 -17.42 -29.74
C GLN I 140 29.49 -17.24 -28.63
N SER I 141 29.28 -16.29 -27.72
CA SER I 141 30.39 -15.80 -26.93
C SER I 141 30.75 -16.78 -25.81
N GLU I 142 31.77 -16.40 -25.06
CA GLU I 142 32.60 -17.33 -24.30
C GLU I 142 32.77 -16.82 -22.88
N VAL I 143 32.57 -17.69 -21.90
CA VAL I 143 32.66 -17.30 -20.50
C VAL I 143 33.66 -18.19 -19.79
N ALA I 144 33.96 -17.83 -18.54
CA ALA I 144 34.96 -18.52 -17.73
C ALA I 144 34.29 -19.45 -16.75
N VAL I 145 34.51 -20.75 -16.94
CA VAL I 145 33.85 -21.79 -16.17
C VAL I 145 34.82 -22.29 -15.11
N LEU I 146 34.33 -22.55 -13.91
CA LEU I 146 35.18 -23.12 -12.88
C LEU I 146 35.27 -24.62 -13.07
N ARG I 147 36.44 -25.17 -12.77
CA ARG I 147 36.70 -26.61 -12.81
C ARG I 147 37.53 -26.96 -11.58
N HIS I 148 37.18 -28.07 -10.93
CA HIS I 148 37.92 -28.42 -9.73
C HIS I 148 39.24 -29.10 -10.08
N ASN I 149 40.14 -29.10 -9.10
CA ASN I 149 41.51 -29.58 -9.28
C ASN I 149 41.71 -30.84 -8.44
N LEU I 150 41.46 -31.98 -9.08
CA LEU I 150 41.52 -33.27 -8.40
C LEU I 150 42.85 -33.98 -8.65
N THR I 151 43.32 -34.71 -7.63
CA THR I 151 44.51 -35.54 -7.70
C THR I 151 44.15 -36.96 -7.33
N LEU I 152 45.17 -37.82 -7.25
CA LEU I 152 45.06 -39.17 -6.74
C LEU I 152 46.32 -39.53 -5.96
N ARG I 153 46.21 -39.56 -4.64
CA ARG I 153 47.37 -39.75 -3.78
C ARG I 153 47.37 -41.18 -3.27
N MET I 154 48.55 -41.80 -3.24
CA MET I 154 48.56 -43.26 -3.26
C MET I 154 49.13 -43.93 -2.02
N ALA I 155 50.36 -43.65 -1.63
CA ALA I 155 51.00 -44.42 -0.56
C ALA I 155 51.40 -43.60 0.64
N HIS I 156 51.61 -42.30 0.48
CA HIS I 156 51.89 -41.39 1.57
C HIS I 156 50.94 -40.21 1.52
N GLN I 157 49.64 -40.54 1.37
CA GLN I 157 48.52 -39.62 1.39
C GLN I 157 48.20 -39.10 2.78
N GLU I 158 48.91 -39.57 3.81
CA GLU I 158 48.83 -39.03 5.16
C GLU I 158 49.56 -37.71 5.30
N ASN I 159 50.11 -37.18 4.21
CA ASN I 159 50.79 -35.90 4.17
C ASN I 159 49.86 -34.79 3.72
N ALA I 160 48.60 -34.88 4.12
CA ALA I 160 47.53 -34.19 3.42
C ALA I 160 47.20 -32.85 4.04
N ALA I 161 47.38 -31.79 3.24
CA ALA I 161 46.57 -30.58 3.34
C ALA I 161 45.42 -30.68 2.34
N TRP I 162 44.72 -31.81 2.44
CA TRP I 162 43.77 -32.25 1.44
C TRP I 162 42.62 -32.93 2.17
N LEU I 163 41.41 -32.74 1.68
CA LEU I 163 40.32 -33.60 2.11
C LEU I 163 40.37 -34.87 1.28
N THR I 164 40.19 -36.02 1.93
CA THR I 164 40.35 -37.30 1.30
C THR I 164 39.06 -38.10 1.36
N CYS I 165 38.87 -38.97 0.36
CA CYS I 165 37.76 -39.88 0.33
C CYS I 165 38.22 -41.08 -0.49
N PRO I 166 38.22 -42.28 0.08
CA PRO I 166 38.82 -43.44 -0.62
C PRO I 166 37.91 -43.95 -1.72
N VAL I 167 38.52 -44.55 -2.76
CA VAL I 167 37.73 -45.10 -3.86
C VAL I 167 38.06 -46.55 -4.18
N THR I 168 39.30 -47.00 -3.94
CA THR I 168 39.71 -48.32 -4.42
C THR I 168 40.94 -48.79 -3.68
N ARG I 169 41.19 -50.11 -3.79
CA ARG I 169 42.19 -50.80 -2.98
C ARG I 169 42.88 -51.79 -3.90
N LEU I 170 44.19 -51.62 -4.09
CA LEU I 170 44.94 -52.46 -5.03
C LEU I 170 45.72 -53.54 -4.31
N VAL I 171 45.67 -54.75 -4.88
CA VAL I 171 46.32 -55.93 -4.31
C VAL I 171 47.21 -56.52 -5.40
N ARG I 172 48.28 -57.20 -4.97
CA ARG I 172 49.13 -57.92 -5.90
C ARG I 172 48.57 -59.31 -6.13
N ASP I 173 48.41 -59.69 -7.39
CA ASP I 173 48.09 -61.07 -7.72
C ASP I 173 49.39 -61.88 -7.71
N ALA I 174 49.24 -63.21 -7.63
CA ALA I 174 50.38 -64.10 -7.52
C ALA I 174 51.26 -64.12 -8.76
N GLN I 175 50.73 -63.69 -9.91
CA GLN I 175 51.53 -63.42 -11.09
C GLN I 175 52.03 -61.99 -11.13
N GLY I 176 52.11 -61.32 -9.98
CA GLY I 176 52.68 -60.00 -9.88
C GLY I 176 51.78 -58.86 -10.31
N GLN I 177 50.65 -59.15 -10.94
CA GLN I 177 49.82 -58.12 -11.51
C GLN I 177 48.99 -57.44 -10.43
N TRP I 178 48.91 -56.12 -10.51
CA TRP I 178 47.93 -55.40 -9.71
C TRP I 178 46.53 -55.66 -10.24
N CYS I 179 45.58 -55.84 -9.33
CA CYS I 179 44.19 -56.08 -9.69
C CYS I 179 43.28 -55.43 -8.66
N ARG I 180 42.05 -55.11 -9.08
CA ARG I 180 41.09 -54.55 -8.15
C ARG I 180 40.56 -55.62 -7.20
N ASP I 181 40.52 -55.29 -5.93
CA ASP I 181 40.06 -56.23 -4.92
C ASP I 181 38.58 -56.09 -4.71
N PRO I 182 37.80 -57.17 -4.80
CA PRO I 182 36.37 -57.11 -4.41
C PRO I 182 36.16 -57.22 -2.89
N ARG I 183 36.50 -56.15 -2.19
CA ARG I 183 36.33 -56.11 -0.74
C ARG I 183 35.52 -54.89 -0.36
N PHE I 184 35.52 -54.56 0.95
CA PHE I 184 34.64 -53.54 1.52
C PHE I 184 34.85 -52.18 0.89
N ILE I 185 33.74 -51.50 0.61
CA ILE I 185 33.71 -50.32 -0.25
C ILE I 185 33.70 -49.09 0.64
N PRO I 186 34.50 -48.08 0.33
CA PRO I 186 34.48 -46.82 1.09
C PRO I 186 33.14 -46.14 0.98
N PRO I 187 32.74 -45.33 1.98
CA PRO I 187 31.34 -45.27 2.39
C PRO I 187 30.40 -44.66 1.35
N LEU I 188 29.11 -44.87 1.57
CA LEU I 188 28.10 -44.83 0.52
C LEU I 188 27.04 -43.79 0.80
N LEU I 189 26.55 -43.16 -0.26
CA LEU I 189 25.26 -42.48 -0.27
C LEU I 189 24.25 -43.19 -1.14
N THR I 190 24.38 -44.52 -1.24
CA THR I 190 23.55 -45.34 -2.10
C THR I 190 23.75 -46.78 -1.73
N LEU I 191 23.11 -47.65 -2.49
CA LEU I 191 23.56 -49.01 -2.62
C LEU I 191 23.90 -49.35 -4.06
N SER I 192 23.91 -48.36 -4.95
CA SER I 192 24.26 -48.62 -6.34
C SER I 192 25.77 -48.63 -6.56
N ALA I 193 26.55 -48.15 -5.60
CA ALA I 193 28.00 -48.06 -5.77
C ALA I 193 28.73 -49.29 -5.33
N SER I 194 28.05 -50.43 -5.17
CA SER I 194 28.70 -51.64 -4.66
C SER I 194 28.03 -52.85 -5.26
N PRO I 195 28.49 -53.28 -6.43
CA PRO I 195 27.89 -54.47 -7.06
C PRO I 195 28.17 -55.75 -6.31
N SER I 196 29.15 -55.74 -5.39
CA SER I 196 29.31 -56.88 -4.50
C SER I 196 28.20 -56.90 -3.45
N LEU I 197 27.83 -55.72 -2.93
CA LEU I 197 26.81 -55.66 -1.89
C LEU I 197 25.42 -55.98 -2.44
N MET I 198 25.11 -55.47 -3.63
CA MET I 198 23.85 -55.81 -4.28
C MET I 198 23.79 -57.29 -4.61
N THR I 199 24.94 -57.89 -4.92
CA THR I 199 24.98 -59.34 -5.09
C THR I 199 24.81 -60.05 -3.76
N GLU I 200 25.39 -59.50 -2.69
CA GLU I 200 25.41 -60.23 -1.44
C GLU I 200 24.08 -60.12 -0.70
N LEU I 201 23.40 -58.97 -0.80
CA LEU I 201 22.16 -58.79 -0.08
C LEU I 201 21.02 -59.58 -0.68
N LEU I 202 21.10 -59.91 -1.97
CA LEU I 202 20.12 -60.80 -2.56
C LEU I 202 20.25 -62.21 -2.00
N GLU I 203 21.49 -62.63 -1.69
CA GLU I 203 21.70 -63.97 -1.14
C GLU I 203 21.21 -64.05 0.30
N LEU I 204 21.14 -62.92 0.99
CA LEU I 204 20.48 -62.89 2.29
C LEU I 204 18.98 -63.13 2.14
N LEU I 205 18.32 -62.29 1.35
CA LEU I 205 16.86 -62.26 1.31
C LEU I 205 16.30 -63.49 0.63
N HIS I 206 16.95 -63.97 -0.43
CA HIS I 206 16.47 -65.17 -1.11
C HIS I 206 16.64 -66.40 -0.23
N HIS I 207 17.64 -66.37 0.64
CA HIS I 207 17.73 -67.41 1.66
C HIS I 207 16.65 -67.23 2.71
N LEU I 208 16.21 -65.99 2.91
CA LEU I 208 15.25 -65.71 3.98
C LEU I 208 13.84 -66.16 3.59
N GLN I 209 13.50 -66.06 2.30
CA GLN I 209 12.15 -66.37 1.87
C GLN I 209 11.89 -67.88 1.87
N ALA I 210 12.95 -68.67 1.80
CA ALA I 210 12.77 -70.11 1.67
C ALA I 210 12.60 -70.79 3.02
N ARG I 211 13.25 -70.25 4.06
CA ARG I 211 13.04 -70.78 5.40
C ARG I 211 11.62 -70.48 5.87
N ARG I 212 11.07 -69.33 5.49
CA ARG I 212 9.67 -69.03 5.74
C ARG I 212 8.75 -70.01 5.01
N GLN I 213 9.10 -70.34 3.76
CA GLN I 213 8.33 -71.29 2.97
C GLN I 213 8.30 -72.67 3.61
N ARG I 214 9.44 -73.11 4.13
CA ARG I 214 9.54 -74.42 4.75
C ARG I 214 8.80 -74.46 6.08
N LEU I 215 8.79 -73.34 6.81
CA LEU I 215 8.02 -73.25 8.04
C LEU I 215 6.53 -73.23 7.76
N MET I 216 6.14 -72.66 6.62
CA MET I 216 4.72 -72.48 6.30
C MET I 216 4.05 -73.82 6.03
N SER I 217 4.74 -74.73 5.32
CA SER I 217 4.13 -76.00 4.97
C SER I 217 4.16 -76.98 6.13
N MET I 218 4.86 -76.65 7.21
CA MET I 218 4.79 -77.49 8.39
C MET I 218 3.43 -77.36 9.07
N ARG I 219 2.95 -76.14 9.24
CA ARG I 219 1.89 -75.92 10.21
C ARG I 219 0.52 -75.69 9.60
N ARG I 220 0.46 -74.92 8.50
CA ARG I 220 -0.83 -74.63 7.86
C ARG I 220 -1.47 -75.89 7.27
N GLU I 221 -0.68 -76.91 6.96
CA GLU I 221 -1.22 -78.17 6.46
C GLU I 221 -1.93 -78.99 7.53
N ASN I 222 -1.83 -78.61 8.80
CA ASN I 222 -2.46 -79.34 9.90
C ASN I 222 -3.27 -78.36 10.72
N ASN I 223 -4.59 -78.53 10.73
CA ASN I 223 -5.45 -77.58 11.45
C ASN I 223 -5.33 -77.72 12.97
N ALA I 224 -4.81 -78.85 13.45
CA ALA I 224 -4.52 -78.98 14.87
C ALA I 224 -3.32 -78.15 15.27
N ARG I 225 -2.32 -78.04 14.39
CA ARG I 225 -1.09 -77.32 14.69
C ARG I 225 -1.26 -75.81 14.61
N LEU I 226 -2.41 -75.32 14.12
CA LEU I 226 -2.71 -73.90 14.08
C LEU I 226 -2.82 -73.28 15.48
N ALA I 227 -3.20 -74.07 16.49
CA ALA I 227 -3.26 -73.53 17.84
C ALA I 227 -2.73 -74.50 18.90
N ASP I 228 -1.79 -75.38 18.58
CA ASP I 228 -1.32 -76.35 19.56
C ASP I 228 -0.36 -75.70 20.54
N PHE I 229 -0.17 -76.37 21.68
CA PHE I 229 0.75 -75.91 22.73
C PHE I 229 1.95 -76.85 22.84
N ALA I 230 2.40 -77.41 21.73
CA ALA I 230 3.61 -78.22 21.75
C ALA I 230 4.83 -77.32 21.91
N VAL I 231 5.89 -77.86 22.51
CA VAL I 231 7.07 -77.06 22.85
C VAL I 231 7.85 -76.68 21.60
N ALA I 232 7.65 -77.42 20.51
CA ALA I 232 8.17 -76.98 19.22
C ALA I 232 7.26 -75.93 18.59
N ASP I 233 5.95 -76.07 18.76
CA ASP I 233 5.01 -75.23 18.03
C ASP I 233 4.92 -73.83 18.63
N VAL I 234 5.16 -73.70 19.93
CA VAL I 234 5.14 -72.38 20.56
C VAL I 234 6.33 -71.56 20.09
N SER I 235 7.50 -72.18 20.02
CA SER I 235 8.66 -71.52 19.42
C SER I 235 8.44 -71.28 17.94
N LEU I 236 7.78 -72.21 17.26
CA LEU I 236 7.60 -72.05 15.82
C LEU I 236 6.54 -71.01 15.52
N PHE I 237 5.53 -70.85 16.38
CA PHE I 237 4.61 -69.74 16.17
C PHE I 237 5.28 -68.41 16.45
N TRP I 238 6.15 -68.38 17.47
CA TRP I 238 6.88 -67.16 17.77
C TRP I 238 7.86 -66.83 16.65
N LEU I 239 8.46 -67.86 16.05
CA LEU I 239 9.48 -67.61 15.04
C LEU I 239 8.85 -67.16 13.73
N LEU I 240 7.63 -67.60 13.44
CA LEU I 240 6.92 -67.05 12.29
C LEU I 240 6.53 -65.61 12.51
N ASN I 241 6.40 -65.18 13.75
CA ASN I 241 6.10 -63.77 14.01
C ASN I 241 7.30 -62.91 13.65
N ALA I 242 8.50 -63.48 13.76
CA ALA I 242 9.70 -62.69 13.47
C ALA I 242 9.92 -62.54 11.97
N LEU I 243 9.77 -63.63 11.22
CA LEU I 243 10.13 -63.58 9.81
C LEU I 243 9.05 -62.89 8.99
N ASN I 244 7.79 -63.14 9.29
CA ASN I 244 6.70 -62.53 8.54
C ASN I 244 6.61 -61.04 8.79
N SER I 245 7.09 -60.58 9.95
CA SER I 245 7.08 -59.15 10.24
C SER I 245 8.07 -58.37 9.41
N ALA I 246 9.36 -58.64 9.54
CA ALA I 246 10.36 -57.78 8.96
C ALA I 246 10.68 -58.11 7.51
N GLU I 247 9.89 -58.97 6.86
CA GLU I 247 10.18 -59.25 5.45
C GLU I 247 9.80 -58.13 4.49
N PRO I 248 8.54 -57.64 4.43
CA PRO I 248 8.18 -56.76 3.30
C PRO I 248 8.84 -55.40 3.37
N VAL I 249 9.35 -55.00 4.53
CA VAL I 249 10.14 -53.79 4.61
C VAL I 249 11.45 -53.98 3.86
N LEU I 250 12.08 -55.15 4.02
CA LEU I 250 13.37 -55.38 3.41
C LEU I 250 13.24 -55.59 1.90
N LYS I 251 12.13 -56.18 1.45
CA LYS I 251 11.93 -56.36 0.02
C LYS I 251 11.70 -55.02 -0.67
N GLU I 252 11.14 -54.04 0.05
CA GLU I 252 11.07 -52.69 -0.47
C GLU I 252 12.45 -52.09 -0.63
N LEU I 253 13.31 -52.26 0.37
CA LEU I 253 14.61 -51.60 0.34
C LEU I 253 15.59 -52.26 -0.60
N LEU I 254 15.35 -53.50 -1.02
CA LEU I 254 16.29 -54.22 -1.86
C LEU I 254 15.88 -54.31 -3.30
N ASP I 255 14.61 -54.01 -3.63
CA ASP I 255 14.19 -53.83 -5.02
C ASP I 255 14.23 -52.37 -5.41
N MET I 256 15.17 -51.62 -4.85
CA MET I 256 15.21 -50.18 -4.91
C MET I 256 16.61 -49.71 -5.30
N PRO I 257 16.70 -48.65 -6.08
CA PRO I 257 17.97 -47.95 -6.26
C PRO I 257 18.40 -47.18 -5.03
N TYR I 258 19.31 -46.23 -5.28
CA TYR I 258 19.97 -45.37 -4.29
C TYR I 258 19.07 -44.86 -3.18
N ARG I 259 19.60 -44.94 -1.96
CA ARG I 259 19.00 -44.58 -0.69
C ARG I 259 20.11 -44.68 0.35
N HIS I 260 20.13 -43.77 1.31
CA HIS I 260 21.25 -43.70 2.23
C HIS I 260 21.27 -44.93 3.14
N PRO I 261 22.45 -45.54 3.36
CA PRO I 261 22.46 -46.90 3.91
C PRO I 261 22.15 -47.01 5.39
N GLU I 262 22.03 -45.89 6.11
CA GLU I 262 21.69 -46.00 7.53
C GLU I 262 20.26 -46.45 7.71
N LEU I 263 19.40 -46.13 6.75
CA LEU I 263 18.01 -46.57 6.83
C LEU I 263 17.91 -48.08 6.67
N LEU I 264 18.82 -48.66 5.90
CA LEU I 264 18.92 -50.11 5.85
C LEU I 264 19.41 -50.66 7.18
N TYR I 265 20.29 -49.93 7.86
CA TYR I 265 20.87 -50.45 9.09
C TYR I 265 19.84 -50.55 10.21
N ARG I 266 18.87 -49.63 10.23
CA ARG I 266 17.86 -49.75 11.27
C ARG I 266 16.85 -50.86 10.99
N GLU I 267 16.90 -51.48 9.81
CA GLU I 267 15.98 -52.58 9.56
C GLU I 267 16.66 -53.92 9.73
N LEU I 268 17.96 -53.97 9.49
CA LEU I 268 18.68 -55.22 9.73
C LEU I 268 18.95 -55.41 11.21
N ALA I 269 19.00 -54.33 11.98
CA ALA I 269 19.33 -54.44 13.40
C ALA I 269 18.18 -55.05 14.18
N ARG I 270 16.94 -54.77 13.78
CA ARG I 270 15.80 -55.37 14.46
C ARG I 270 15.74 -56.86 14.20
N LEU I 271 15.93 -57.27 12.95
CA LEU I 271 15.86 -58.67 12.61
C LEU I 271 17.00 -59.44 13.26
N ALA I 272 18.16 -58.81 13.38
CA ALA I 272 19.23 -59.39 14.17
C ALA I 272 18.86 -59.38 15.65
N GLY I 273 18.35 -58.25 16.14
CA GLY I 273 18.03 -58.13 17.55
C GLY I 273 16.86 -58.96 18.00
N SER I 274 16.00 -59.35 17.07
CA SER I 274 14.89 -60.24 17.42
C SER I 274 15.39 -61.68 17.55
N LEU I 275 16.11 -62.15 16.54
CA LEU I 275 16.49 -63.55 16.46
C LEU I 275 17.61 -63.92 17.41
N LEU I 276 18.27 -62.95 18.03
CA LEU I 276 19.53 -63.22 18.69
C LEU I 276 19.35 -63.98 19.98
N THR I 277 18.40 -63.57 20.82
CA THR I 277 18.22 -64.19 22.12
C THR I 277 17.15 -65.28 22.08
N PHE I 278 17.04 -65.95 20.94
CA PHE I 278 16.06 -67.00 20.74
C PHE I 278 16.70 -68.36 20.53
N SER I 279 17.85 -68.42 19.88
CA SER I 279 18.47 -69.70 19.54
C SER I 279 19.94 -69.76 19.89
N LEU I 280 20.41 -69.01 20.87
CA LEU I 280 21.83 -69.01 21.19
C LEU I 280 22.09 -69.14 22.68
N GLU I 281 23.37 -68.99 23.00
CA GLU I 281 23.90 -68.91 24.36
C GLU I 281 25.01 -67.87 24.45
N HIS I 282 25.00 -66.89 23.56
CA HIS I 282 26.12 -65.98 23.34
C HIS I 282 25.76 -64.57 23.78
N ASN I 283 26.68 -63.64 23.55
CA ASN I 283 26.51 -62.29 24.00
C ASN I 283 25.60 -61.50 23.05
N VAL I 284 24.98 -60.45 23.60
CA VAL I 284 24.21 -59.52 22.80
C VAL I 284 25.13 -58.63 21.97
N ASP I 285 26.40 -58.52 22.36
CA ASP I 285 27.40 -57.73 21.64
C ASP I 285 27.80 -58.33 20.30
N ALA I 286 27.15 -59.38 19.83
CA ALA I 286 27.33 -59.85 18.47
C ALA I 286 26.85 -58.83 17.44
N VAL I 287 25.90 -57.98 17.80
CA VAL I 287 25.44 -56.92 16.89
C VAL I 287 26.44 -55.78 16.90
N PRO I 288 27.09 -55.50 15.77
CA PRO I 288 28.16 -54.49 15.79
C PRO I 288 27.60 -53.09 15.70
N ALA I 289 28.30 -52.16 16.33
CA ALA I 289 27.93 -50.75 16.29
C ALA I 289 28.35 -50.15 14.96
N TYR I 290 27.50 -49.28 14.44
CA TYR I 290 27.71 -48.69 13.13
C TYR I 290 28.82 -47.66 13.16
N HIS I 291 29.77 -47.76 12.24
CA HIS I 291 30.88 -46.84 12.13
C HIS I 291 31.02 -46.42 10.67
N HIS I 292 30.60 -45.19 10.37
CA HIS I 292 30.55 -44.75 8.99
C HIS I 292 31.86 -44.15 8.51
N GLU I 293 32.61 -43.48 9.40
CA GLU I 293 33.88 -42.90 8.99
C GLU I 293 34.93 -43.97 8.74
N THR I 294 34.77 -45.15 9.32
CA THR I 294 35.60 -46.29 8.97
C THR I 294 35.17 -46.79 7.60
N PRO I 295 35.97 -47.63 6.94
CA PRO I 295 35.46 -48.24 5.71
C PRO I 295 34.60 -49.47 5.94
N GLU I 296 33.74 -49.43 6.95
CA GLU I 296 32.60 -50.33 7.12
C GLU I 296 33.03 -51.80 7.20
N ASN I 297 33.75 -52.10 8.27
CA ASN I 297 33.87 -53.49 8.72
C ASN I 297 32.77 -53.82 9.73
N VAL I 298 31.55 -53.46 9.38
CA VAL I 298 30.37 -53.62 10.20
C VAL I 298 29.36 -54.36 9.37
N PHE I 299 29.15 -53.87 8.16
CA PHE I 299 28.15 -54.34 7.22
C PHE I 299 28.45 -55.75 6.67
N PRO I 300 29.69 -56.18 6.41
CA PRO I 300 29.90 -57.62 6.11
C PRO I 300 29.88 -58.54 7.33
N PRO I 301 30.42 -58.18 8.52
CA PRO I 301 30.22 -59.11 9.64
C PRO I 301 28.81 -59.11 10.20
N LEU I 302 27.97 -58.14 9.85
CA LEU I 302 26.57 -58.22 10.23
C LEU I 302 25.86 -59.30 9.42
N LEU I 303 26.14 -59.36 8.12
CA LEU I 303 25.52 -60.36 7.26
C LEU I 303 25.98 -61.77 7.61
N SER I 304 27.21 -61.93 8.07
CA SER I 304 27.67 -63.25 8.48
C SER I 304 27.03 -63.67 9.80
N LEU I 305 26.58 -62.71 10.59
CA LEU I 305 25.88 -63.04 11.82
C LEU I 305 24.50 -63.58 11.54
N LEU I 306 23.81 -63.00 10.56
CA LEU I 306 22.45 -63.43 10.25
C LEU I 306 22.41 -64.82 9.61
N ASN I 307 23.36 -65.11 8.71
CA ASN I 307 23.25 -66.29 7.87
C ASN I 307 23.41 -67.58 8.66
N ARG I 308 24.07 -67.51 9.81
CA ARG I 308 24.21 -68.69 10.64
C ARG I 308 22.97 -68.91 11.50
N LEU I 309 22.24 -67.83 11.80
CA LEU I 309 21.04 -67.95 12.60
C LEU I 309 19.90 -68.59 11.85
N LEU I 310 19.84 -68.37 10.53
CA LEU I 310 18.68 -68.77 9.74
C LEU I 310 18.65 -70.26 9.40
N GLU I 311 19.46 -71.08 10.04
CA GLU I 311 19.52 -72.48 9.70
C GLU I 311 19.87 -73.33 10.91
#